data_7QBA
#
_entry.id   7QBA
#
_cell.length_a   1.00
_cell.length_b   1.00
_cell.length_c   1.00
_cell.angle_alpha   90.00
_cell.angle_beta   90.00
_cell.angle_gamma   90.00
#
_symmetry.space_group_name_H-M   'P 1'
#
loop_
_entity.id
_entity.type
_entity.pdbx_description
1 polymer 'Probable ABC transporter binding protein NosD'
2 polymer 'Probable ABC transporter ATP-binding protein NosF'
3 polymer 'Probable ABC transporter permease protein NosY'
4 polymer 'Nitrous-oxide reductase'
5 non-polymer 'MAGNESIUM ION'
6 non-polymer "ADENOSINE-5'-TRIPHOSPHATE"
7 non-polymer 'CALCIUM ION'
#
loop_
_entity_poly.entity_id
_entity_poly.type
_entity_poly.pdbx_seq_one_letter_code
_entity_poly.pdbx_strand_id
1 'polypeptide(L)'
;MFKAQATFSRYSAAVSLLLLFSGAAQAAPQSITTLPLQPDGENRWRLPAGEYQGQFTIEQPMQLRCEPGAVIQSQGQGSS
LLISAPDVLVEGCTLYEWGSDLTAMDSAVFILPAAERAQISNNRMRGPGFGVFVDGTRDVQVIGNEIDGDAGVRSQDRGN
GIHLFAVSGARVLHNHVRNARDGIYIDTSNGNHLEGNVIEDVRYGVHYMFANENSLIDNVTRRTRTGYALMQSRKLTVTG
NRSEQDQNYGILMNYITYSTITGNFVSDVQRGDTGGDSMISGGEGKALFIYNSLFNTIENNHFEKSSLGIHLTAGSEDNR
ISGNAFVGNQQQVKYVASRTQEWSVDGRGNYWSDYLGWDRNNDGLGDIAYEPNDNVDRLLWLYPQVRLLMNSPSIEVLRW
VQRAFPVIKSPGVQDSHPLMKLPTEKLLTEKQEPTS
;
A
2 'polypeptide(L)'
;HHHHHHNAVEIQGVSQRYGSMTVLHDLNLNLGEGEVLGLFGHNGAGKTTSMKLILGLLSPSEGQVKVLGRAPNDPQVRRQ
LGYLPENVTFYPQLSGRETLRHFARLKGAALTQVDELLEQVGLAHAADRRVKTYSKGMRQRLGLAQALLGEPRLLLLDQP
TVGLDPIATQDLYLLIDRLRQRGTSIILCSHVLPGVEAHINRAAILAKGCLQAVGSLSQLRAEAGLPVRIRASGISERDS
WLQRWTDAGHSARGLSESSIEVVAVNGHKLVLLRQLLGEGEPEDIEIHQPSLEDLYRYYMERAGDVRAQEGRL
;
B,C
3 'polypeptide(L)'
;MNQVWNIARKELSDGLRNRWLLAISLLFAVLAVGIAWLGAAASGQLGFTSIPATIASLASLATFLMPLIALLLAYDAIVG
EDEGGTLMLLLTYPLGRGQILLGKFVGHGLILALAVLIGFGCAALAIALLVEGVELGMLFWAFGRFMISSTLLGWVFLAF
AYVLSGKVNEKSSAAGLALGVWFLFVLVFDLVLLALLVLSEGKFNPELLPWLLLLNPTDIYRLINLSGFEGSGSAMGVLS
LGADLPVPAAVLWLCLLAWIGVSLLLAYAIFRRRLT
;
D,E
4 'polypeptide(L)'
;MSDKDSKNTPQVPEKLGLSRRGFLGASAVTGAAVAATALGGAVMTRESWAQAVKESKQKIHVGPGELDDYYGFWSGGHQG
EVRVLGVPSMRELMRIPVFNVDSATGWGLTNESRHIMGDSAKFLNGDCHHPHISMTDGKYDGKYLFINDKANSRVARIRL
DIMKCDKMITVPNVQAIHGLRLQKVPHTKYVFANAEFIIPHPNDGKVFDLQDENSYTMYNAIDAETMEMAFQVIVDGNLD
NTDADYTGRFAAATCYNSEKAFDLGGMMRNERDWVVVFDIHAVEAAVKAGDFITLGDSKTPVLDGRKKDGKDSKFTRYVP
VPKNPHGCNTSSDGKYFIAAGKLSPTCSMIAIDKLPDLFAGKLADPRDVIVGEPELGLGPLHTTFDGRGNAYTTLFIDSQ
VVKWNMEEAVRAYKGEKVNYIKQKLDVHYQPGHLHASLCETNEADGKWLVALSKFSKDRFLPVGPLHPENDQLIDISGDE
MKLVHDGPTFAEPHDCIMARRDQIKTKKIWDRNDPFFAPTVEMAKKDGINLDTDNKVIRDGNKVRVYMTSMAPAFGVQEF
TVKQGDEVTVTITNIDQIEDVSHGFVVVNHGVSMEISPQQTSSITFVADKPGLHWYYCSWFCHALHMEMVGRMMVEPAWS
HPQFEK
;
H,I
#
loop_
_chem_comp.id
_chem_comp.type
_chem_comp.name
_chem_comp.formula
ATP non-polymer ADENOSINE-5'-TRIPHOSPHATE 'C10 H16 N5 O13 P3'
CA non-polymer 'CALCIUM ION' 'Ca 2'
MG non-polymer 'MAGNESIUM ION' 'Mg 2'
#
# COMPACT_ATOMS: atom_id res chain seq x y z
N ALA A 28 70.43 -7.03 21.85
CA ALA A 28 69.37 -6.53 22.72
C ALA A 28 69.83 -6.49 24.18
N PRO A 29 70.57 -5.43 24.54
CA PRO A 29 71.03 -5.30 25.93
C PRO A 29 69.86 -5.10 26.88
N GLN A 30 70.06 -5.54 28.12
CA GLN A 30 69.02 -5.49 29.14
C GLN A 30 69.03 -4.13 29.84
N SER A 31 68.05 -3.94 30.71
CA SER A 31 67.99 -2.72 31.52
C SER A 31 69.03 -2.71 32.64
N ILE A 32 69.71 -3.82 32.89
CA ILE A 32 70.86 -3.81 33.79
C ILE A 32 71.94 -2.89 33.26
N THR A 33 71.92 -2.62 31.95
CA THR A 33 72.84 -1.70 31.30
C THR A 33 72.28 -0.29 31.53
N THR A 34 72.78 0.73 30.83
CA THR A 34 72.47 2.14 31.07
C THR A 34 72.62 2.53 32.54
N LEU A 35 71.77 3.45 33.00
CA LEU A 35 71.99 4.18 34.25
C LEU A 35 70.86 3.87 35.23
N PRO A 36 71.05 2.88 36.10
CA PRO A 36 69.95 2.45 36.98
C PRO A 36 69.51 3.48 38.01
N LEU A 37 70.44 4.06 38.76
CA LEU A 37 70.10 5.00 39.84
C LEU A 37 68.99 4.43 40.73
N GLN A 38 69.30 3.34 41.43
CA GLN A 38 68.28 2.52 42.07
C GLN A 38 67.70 3.22 43.31
N PRO A 39 66.39 3.41 43.40
CA PRO A 39 65.77 3.73 44.68
C PRO A 39 65.64 2.48 45.54
N ASP A 40 65.49 2.70 46.84
CA ASP A 40 65.50 1.59 47.78
C ASP A 40 64.20 0.79 47.69
N GLY A 41 64.27 -0.45 48.16
CA GLY A 41 63.18 -1.40 48.07
C GLY A 41 63.42 -2.47 47.04
N GLU A 42 64.28 -2.20 46.07
CA GLU A 42 64.80 -3.12 45.05
C GLU A 42 63.72 -3.47 44.04
N ASN A 43 62.46 -3.25 44.36
CA ASN A 43 61.46 -3.16 43.30
C ASN A 43 61.31 -1.73 42.85
N ARG A 44 62.42 -1.09 42.48
CA ARG A 44 62.48 0.32 42.07
C ARG A 44 63.76 0.59 41.30
N TRP A 45 63.65 1.01 40.05
CA TRP A 45 64.82 1.41 39.28
C TRP A 45 64.43 2.65 38.47
N ARG A 46 64.90 3.82 38.92
CA ARG A 46 64.60 5.05 38.19
C ARG A 46 65.41 5.10 36.91
N LEU A 47 65.24 6.18 36.14
CA LEU A 47 65.94 6.31 34.89
C LEU A 47 66.12 7.79 34.53
N PRO A 48 67.36 8.28 34.51
CA PRO A 48 67.58 9.70 34.18
C PRO A 48 67.34 9.98 32.71
N ALA A 49 67.33 11.27 32.37
CA ALA A 49 67.04 11.70 31.03
C ALA A 49 68.18 11.35 30.07
N GLY A 50 67.87 11.34 28.78
CA GLY A 50 68.89 11.25 27.77
C GLY A 50 68.44 10.46 26.56
N GLU A 51 69.38 10.32 25.63
CA GLU A 51 69.19 9.65 24.34
C GLU A 51 69.71 8.22 24.41
N TYR A 52 68.95 7.35 25.08
CA TYR A 52 69.35 5.95 25.14
C TYR A 52 68.95 5.24 23.86
N GLN A 53 69.94 4.87 23.06
CA GLN A 53 69.70 4.37 21.71
C GLN A 53 69.94 2.87 21.65
N GLY A 54 68.91 2.14 21.22
CA GLY A 54 69.00 0.70 21.06
C GLY A 54 67.72 0.04 21.54
N GLN A 55 67.77 -1.29 21.65
CA GLN A 55 66.67 -2.09 22.15
C GLN A 55 66.92 -2.48 23.61
N PHE A 56 65.89 -3.03 24.25
CA PHE A 56 65.99 -3.33 25.67
C PHE A 56 65.12 -4.52 26.04
N THR A 57 65.62 -5.35 26.95
CA THR A 57 64.91 -6.51 27.44
C THR A 57 64.83 -6.47 28.95
N ILE A 58 63.65 -6.73 29.50
CA ILE A 58 63.41 -6.78 30.94
C ILE A 58 63.34 -8.25 31.33
N GLU A 59 64.27 -8.70 32.18
CA GLU A 59 64.29 -10.09 32.59
C GLU A 59 64.25 -10.26 34.11
N GLN A 60 64.00 -9.20 34.86
CA GLN A 60 63.85 -9.28 36.31
C GLN A 60 62.66 -8.44 36.74
N PRO A 61 62.01 -8.81 37.84
CA PRO A 61 60.96 -7.95 38.40
C PRO A 61 61.47 -6.54 38.67
N MET A 62 60.89 -5.55 38.01
CA MET A 62 61.39 -4.19 38.02
C MET A 62 60.22 -3.22 38.07
N GLN A 63 60.49 -2.00 38.54
CA GLN A 63 59.57 -0.88 38.37
C GLN A 63 60.39 0.27 37.79
N LEU A 64 60.50 0.31 36.47
CA LEU A 64 61.31 1.31 35.80
C LEU A 64 60.48 2.58 35.65
N ARG A 65 60.69 3.54 36.54
CA ARG A 65 60.01 4.82 36.51
C ARG A 65 61.03 5.89 36.13
N CYS A 66 60.81 6.56 35.01
CA CYS A 66 61.81 7.50 34.52
C CYS A 66 61.35 8.95 34.69
N GLU A 67 62.28 9.86 34.44
CA GLU A 67 62.09 11.30 34.58
C GLU A 67 61.14 11.81 33.50
N PRO A 68 60.72 13.08 33.53
CA PRO A 68 59.72 13.52 32.55
C PRO A 68 60.14 13.32 31.10
N GLY A 69 61.38 13.60 30.73
CA GLY A 69 61.80 13.30 29.38
C GLY A 69 63.02 12.42 29.27
N ALA A 70 62.85 11.17 28.87
CA ALA A 70 63.92 10.30 28.42
C ALA A 70 63.48 9.60 27.16
N VAL A 71 64.39 9.43 26.20
CA VAL A 71 64.00 8.88 24.90
C VAL A 71 64.82 7.63 24.60
N ILE A 72 64.12 6.52 24.39
CA ILE A 72 64.73 5.27 23.94
C ILE A 72 64.56 5.22 22.43
N GLN A 73 65.64 5.53 21.71
CA GLN A 73 65.61 5.62 20.26
C GLN A 73 66.13 4.32 19.67
N SER A 74 65.18 3.42 19.37
CA SER A 74 65.56 2.18 18.65
C SER A 74 65.77 2.66 17.23
N GLN A 75 66.91 2.38 16.66
CA GLN A 75 67.20 3.01 15.36
C GLN A 75 66.08 2.65 14.39
N GLY A 76 65.61 1.42 14.43
CA GLY A 76 64.58 0.96 13.49
C GLY A 76 64.37 -0.52 13.69
N GLN A 77 65.40 -1.23 14.12
CA GLN A 77 65.18 -2.63 14.44
C GLN A 77 64.21 -2.77 15.61
N GLY A 78 63.30 -3.73 15.48
CA GLY A 78 62.18 -3.83 16.38
C GLY A 78 62.53 -4.37 17.76
N SER A 79 61.49 -4.62 18.54
CA SER A 79 61.58 -5.12 19.91
C SER A 79 62.28 -4.12 20.83
N SER A 80 61.69 -2.93 20.97
CA SER A 80 62.27 -1.91 21.82
C SER A 80 62.34 -2.37 23.27
N LEU A 81 61.24 -2.90 23.79
CA LEU A 81 61.22 -3.46 25.14
C LEU A 81 60.58 -4.84 25.08
N LEU A 82 61.35 -5.86 25.48
CA LEU A 82 60.86 -7.24 25.58
C LEU A 82 60.76 -7.56 27.07
N ILE A 83 59.56 -7.42 27.63
CA ILE A 83 59.33 -7.74 29.04
C ILE A 83 59.13 -9.24 29.18
N SER A 84 60.08 -9.91 29.82
CA SER A 84 60.07 -11.36 29.97
C SER A 84 60.04 -11.82 31.43
N ALA A 85 59.63 -10.94 32.34
CA ALA A 85 59.62 -11.30 33.76
C ALA A 85 58.37 -10.74 34.40
N PRO A 86 57.85 -11.42 35.42
CA PRO A 86 56.62 -10.95 36.07
C PRO A 86 56.81 -9.65 36.84
N ASP A 87 55.70 -8.96 37.06
CA ASP A 87 55.66 -7.77 37.91
C ASP A 87 56.63 -6.69 37.46
N VAL A 88 56.42 -6.14 36.27
CA VAL A 88 57.23 -5.04 35.76
C VAL A 88 56.31 -3.84 35.53
N LEU A 89 56.77 -2.67 35.96
CA LEU A 89 55.98 -1.44 35.88
C LEU A 89 56.83 -0.37 35.18
N VAL A 90 56.46 -0.03 33.96
CA VAL A 90 57.17 0.95 33.15
C VAL A 90 56.33 2.22 33.09
N GLU A 91 56.87 3.33 33.61
CA GLU A 91 56.17 4.60 33.62
C GLU A 91 57.05 5.70 33.01
N GLY A 92 56.44 6.55 32.20
CA GLY A 92 57.05 7.77 31.73
C GLY A 92 57.89 7.66 30.48
N CYS A 93 58.25 6.45 30.07
CA CYS A 93 59.20 6.29 28.97
C CYS A 93 58.63 6.81 27.65
N THR A 94 59.53 7.30 26.80
CA THR A 94 59.19 7.72 25.46
C THR A 94 59.96 6.87 24.47
N LEU A 95 59.25 6.34 23.47
CA LEU A 95 59.82 5.41 22.52
C LEU A 95 59.58 5.90 21.09
N TYR A 96 60.63 5.84 20.26
CA TYR A 96 60.58 6.34 18.90
C TYR A 96 61.10 5.30 17.92
N GLU A 97 60.39 5.15 16.80
CA GLU A 97 60.87 4.41 15.63
C GLU A 97 61.34 3.01 15.99
N TRP A 98 60.58 2.31 16.82
CA TRP A 98 61.04 1.01 17.30
C TRP A 98 61.20 0.02 16.16
N GLY A 99 60.17 -0.16 15.33
CA GLY A 99 60.33 -1.12 14.25
C GLY A 99 59.42 -0.95 13.05
N SER A 100 59.59 -1.81 12.06
CA SER A 100 58.75 -1.78 10.87
C SER A 100 58.25 -3.17 10.48
N ASP A 101 59.01 -4.20 10.84
CA ASP A 101 58.73 -5.56 10.36
C ASP A 101 57.57 -6.16 11.13
N LEU A 102 56.44 -6.32 10.46
CA LEU A 102 55.28 -6.97 11.07
C LEU A 102 55.46 -8.48 11.19
N THR A 103 56.30 -9.08 10.35
CA THR A 103 56.42 -10.53 10.33
C THR A 103 56.96 -11.05 11.65
N ALA A 104 57.93 -10.36 12.24
CA ALA A 104 58.47 -10.72 13.54
C ALA A 104 57.74 -10.03 14.69
N MET A 105 56.53 -9.51 14.42
CA MET A 105 55.70 -8.77 15.36
C MET A 105 56.51 -7.83 16.24
N ASP A 106 57.44 -7.10 15.62
CA ASP A 106 58.22 -6.12 16.36
C ASP A 106 57.31 -5.06 16.95
N SER A 107 57.52 -4.74 18.23
CA SER A 107 56.68 -3.75 18.89
C SER A 107 57.53 -2.83 19.75
N ALA A 108 56.87 -1.91 20.47
CA ALA A 108 57.55 -1.10 21.46
C ALA A 108 57.55 -1.76 22.82
N VAL A 109 56.46 -2.42 23.19
CA VAL A 109 56.36 -3.24 24.38
C VAL A 109 55.85 -4.61 23.98
N PHE A 110 56.63 -5.65 24.27
CA PHE A 110 56.28 -7.03 23.90
C PHE A 110 56.30 -7.88 25.16
N ILE A 111 55.20 -7.85 25.91
CA ILE A 111 55.07 -8.64 27.13
C ILE A 111 54.93 -10.13 26.79
N LEU A 112 55.92 -10.92 27.21
CA LEU A 112 55.92 -12.36 26.99
C LEU A 112 54.87 -13.02 27.90
N PRO A 113 54.46 -14.24 27.59
CA PRO A 113 53.37 -14.87 28.37
C PRO A 113 53.66 -15.03 29.84
N ALA A 114 54.93 -15.08 30.26
CA ALA A 114 55.27 -15.32 31.66
C ALA A 114 55.49 -14.04 32.45
N ALA A 115 55.29 -12.88 31.84
CA ALA A 115 55.44 -11.60 32.52
C ALA A 115 54.09 -11.14 33.09
N GLU A 116 53.56 -11.96 34.00
CA GLU A 116 52.25 -11.71 34.57
C GLU A 116 52.26 -10.46 35.46
N ARG A 117 51.09 -9.84 35.58
CA ARG A 117 50.87 -8.66 36.41
C ARG A 117 51.75 -7.48 36.01
N ALA A 118 52.18 -7.42 34.75
CA ALA A 118 52.95 -6.28 34.27
C ALA A 118 52.06 -5.05 34.17
N GLN A 119 52.69 -3.87 34.28
CA GLN A 119 51.99 -2.60 34.21
C GLN A 119 52.75 -1.68 33.26
N ILE A 120 52.06 -1.15 32.25
CA ILE A 120 52.64 -0.24 31.28
C ILE A 120 51.84 1.06 31.36
N SER A 121 52.38 2.06 32.06
CA SER A 121 51.63 3.27 32.39
C SER A 121 52.34 4.52 31.88
N ASN A 122 51.53 5.48 31.38
CA ASN A 122 51.98 6.84 31.10
C ASN A 122 53.22 6.89 30.20
N ASN A 123 53.20 6.11 29.13
CA ASN A 123 54.28 6.12 28.16
C ASN A 123 53.82 6.68 26.83
N ARG A 124 54.73 7.36 26.14
CA ARG A 124 54.48 7.93 24.82
C ARG A 124 55.27 7.13 23.79
N MET A 125 54.59 6.74 22.71
CA MET A 125 55.16 5.82 21.74
C MET A 125 54.77 6.26 20.33
N ARG A 126 55.78 6.52 19.50
CA ARG A 126 55.57 6.89 18.10
C ARG A 126 56.47 6.04 17.22
N GLY A 127 55.91 5.07 16.52
CA GLY A 127 56.67 4.19 15.67
C GLY A 127 55.80 3.43 14.69
N PRO A 128 56.40 2.95 13.60
CA PRO A 128 55.64 2.24 12.55
C PRO A 128 55.44 0.76 12.87
N GLY A 129 54.66 0.48 13.89
CA GLY A 129 54.46 -0.89 14.31
C GLY A 129 53.64 -0.96 15.58
N PHE A 130 53.64 -2.15 16.19
CA PHE A 130 52.83 -2.39 17.37
C PHE A 130 53.33 -1.54 18.53
N GLY A 131 52.40 -0.95 19.27
CA GLY A 131 52.77 -0.15 20.42
C GLY A 131 52.93 -0.97 21.69
N VAL A 132 51.86 -1.65 22.08
CA VAL A 132 51.87 -2.58 23.20
C VAL A 132 51.38 -3.91 22.68
N PHE A 133 52.09 -4.98 23.03
CA PHE A 133 51.70 -6.33 22.62
C PHE A 133 51.70 -7.23 23.85
N VAL A 134 50.52 -7.68 24.27
CA VAL A 134 50.41 -8.64 25.36
C VAL A 134 50.11 -10.00 24.72
N ASP A 135 51.00 -10.96 24.95
CA ASP A 135 50.89 -12.29 24.36
C ASP A 135 50.54 -13.29 25.46
N GLY A 136 49.24 -13.46 25.70
CA GLY A 136 48.78 -14.48 26.64
C GLY A 136 49.29 -14.33 28.05
N THR A 137 49.46 -13.09 28.52
CA THR A 137 49.94 -12.81 29.87
C THR A 137 48.81 -12.16 30.66
N ARG A 138 48.45 -12.78 31.79
CA ARG A 138 47.24 -12.39 32.49
C ARG A 138 47.50 -11.30 33.53
N ASP A 139 46.44 -10.55 33.83
CA ASP A 139 46.45 -9.50 34.85
C ASP A 139 47.42 -8.37 34.52
N VAL A 140 47.51 -8.02 33.24
CA VAL A 140 48.37 -6.94 32.78
C VAL A 140 47.57 -5.64 32.77
N GLN A 141 48.25 -4.53 33.05
CA GLN A 141 47.62 -3.21 33.15
C GLN A 141 48.31 -2.26 32.17
N VAL A 142 47.61 -1.86 31.12
CA VAL A 142 48.08 -0.84 30.19
C VAL A 142 47.23 0.40 30.42
N ILE A 143 47.82 1.43 31.03
CA ILE A 143 47.08 2.58 31.52
C ILE A 143 47.70 3.87 30.98
N GLY A 144 46.85 4.75 30.46
CA GLY A 144 47.25 6.12 30.18
C GLY A 144 48.41 6.31 29.24
N ASN A 145 48.50 5.51 28.19
CA ASN A 145 49.59 5.59 27.24
C ASN A 145 49.12 6.26 25.96
N GLU A 146 49.86 7.26 25.49
CA GLU A 146 49.56 7.94 24.24
C GLU A 146 50.40 7.32 23.13
N ILE A 147 49.74 6.57 22.24
CA ILE A 147 50.41 5.83 21.18
C ILE A 147 50.14 6.54 19.86
N ASP A 148 51.21 6.84 19.11
CA ASP A 148 51.11 7.48 17.82
C ASP A 148 51.81 6.62 16.78
N GLY A 149 51.40 6.77 15.53
CA GLY A 149 52.02 6.06 14.44
C GLY A 149 52.31 6.99 13.27
N ASP A 150 53.38 6.67 12.56
CA ASP A 150 53.77 7.49 11.41
C ASP A 150 52.76 7.34 10.28
N ALA A 151 52.56 8.42 9.55
CA ALA A 151 51.66 8.42 8.40
C ALA A 151 52.36 8.11 7.08
N GLY A 152 53.69 7.94 7.10
CA GLY A 152 54.40 7.61 5.88
C GLY A 152 54.02 6.25 5.32
N VAL A 153 53.95 5.24 6.19
CA VAL A 153 53.61 3.89 5.76
C VAL A 153 52.12 3.81 5.43
N ARG A 154 51.77 2.88 4.56
CA ARG A 154 50.37 2.68 4.21
C ARG A 154 49.62 2.07 5.38
N SER A 155 48.30 2.27 5.39
CA SER A 155 47.48 1.85 6.51
C SER A 155 47.56 0.35 6.75
N GLN A 156 47.80 -0.43 5.68
CA GLN A 156 47.89 -1.87 5.83
C GLN A 156 49.11 -2.27 6.65
N ASP A 157 50.21 -1.53 6.53
CA ASP A 157 51.48 -1.91 7.11
C ASP A 157 51.85 -1.02 8.31
N ARG A 158 50.88 -0.29 8.87
CA ARG A 158 51.20 0.57 10.01
C ARG A 158 51.53 -0.23 11.26
N GLY A 159 50.89 -1.38 11.44
CA GLY A 159 51.07 -2.12 12.68
C GLY A 159 50.03 -1.74 13.70
N ASN A 160 49.48 -2.73 14.39
CA ASN A 160 48.39 -2.51 15.31
C ASN A 160 48.85 -1.69 16.51
N GLY A 161 47.90 -1.36 17.37
CA GLY A 161 48.22 -0.74 18.66
C GLY A 161 47.46 -1.43 19.77
N ILE A 162 48.16 -1.65 20.89
CA ILE A 162 47.59 -2.36 22.03
C ILE A 162 46.97 -3.66 21.57
N HIS A 163 47.79 -4.54 20.99
CA HIS A 163 47.36 -5.86 20.55
C HIS A 163 47.34 -6.81 21.74
N LEU A 164 46.22 -7.52 21.89
CA LEU A 164 45.98 -8.43 23.00
C LEU A 164 45.72 -9.82 22.44
N PHE A 165 46.50 -10.80 22.87
CA PHE A 165 46.33 -12.19 22.45
C PHE A 165 46.22 -13.09 23.67
N ALA A 166 45.15 -13.87 23.73
CA ALA A 166 44.94 -14.87 24.78
C ALA A 166 45.05 -14.29 26.20
N VAL A 167 44.96 -12.97 26.31
CA VAL A 167 45.12 -12.30 27.60
C VAL A 167 43.88 -12.51 28.46
N SER A 168 44.05 -12.45 29.77
CA SER A 168 42.92 -12.54 30.70
C SER A 168 43.22 -11.67 31.92
N GLY A 169 42.16 -11.20 32.56
CA GLY A 169 42.31 -10.34 33.72
C GLY A 169 42.84 -8.95 33.43
N ALA A 170 43.10 -8.63 32.17
CA ALA A 170 43.77 -7.38 31.83
C ALA A 170 42.82 -6.19 31.97
N ARG A 171 43.42 -5.01 32.09
CA ARG A 171 42.69 -3.76 32.21
C ARG A 171 43.37 -2.72 31.32
N VAL A 172 42.67 -2.27 30.30
CA VAL A 172 43.17 -1.25 29.38
C VAL A 172 42.34 0.01 29.61
N LEU A 173 42.92 0.99 30.32
CA LEU A 173 42.21 2.19 30.71
C LEU A 173 42.91 3.43 30.17
N HIS A 174 42.14 4.29 29.49
CA HIS A 174 42.54 5.67 29.18
C HIS A 174 43.82 5.74 28.34
N ASN A 175 43.94 4.86 27.36
CA ASN A 175 45.09 4.86 26.47
C ASN A 175 44.73 5.56 25.18
N HIS A 176 45.48 6.61 24.84
CA HIS A 176 45.33 7.27 23.55
C HIS A 176 46.14 6.53 22.50
N VAL A 177 45.48 6.11 21.42
CA VAL A 177 46.16 5.48 20.30
C VAL A 177 45.72 6.20 19.03
N ARG A 178 46.70 6.64 18.24
CA ARG A 178 46.43 7.42 17.05
C ARG A 178 47.32 6.96 15.91
N ASN A 179 46.75 6.94 14.70
CA ASN A 179 47.49 6.66 13.47
C ASN A 179 48.17 5.29 13.51
N ALA A 180 47.45 4.29 14.01
CA ALA A 180 47.96 2.92 14.02
C ALA A 180 46.79 2.01 13.72
N ARG A 181 46.91 1.21 12.65
CA ARG A 181 45.76 0.50 12.11
C ARG A 181 45.09 -0.35 13.18
N ASP A 182 43.77 -0.49 13.04
CA ASP A 182 42.97 -1.40 13.85
C ASP A 182 42.94 -0.98 15.32
N GLY A 183 43.16 0.30 15.60
CA GLY A 183 42.96 0.84 16.94
C GLY A 183 43.59 0.00 18.02
N ILE A 184 42.76 -0.62 18.85
CA ILE A 184 43.19 -1.66 19.78
C ILE A 184 42.52 -2.97 19.36
N TYR A 185 43.25 -4.06 19.52
CA TYR A 185 42.87 -5.35 18.96
C TYR A 185 42.85 -6.37 20.08
N ILE A 186 41.75 -7.10 20.21
CA ILE A 186 41.61 -8.16 21.21
C ILE A 186 41.33 -9.47 20.49
N ASP A 187 42.07 -10.51 20.87
CA ASP A 187 41.95 -11.81 20.22
C ASP A 187 41.96 -12.92 21.25
N THR A 188 40.95 -13.78 21.20
CA THR A 188 40.90 -15.02 21.97
C THR A 188 41.15 -14.75 23.45
N SER A 189 40.56 -13.67 23.95
CA SER A 189 40.78 -13.23 25.32
C SER A 189 39.45 -13.17 26.07
N ASN A 190 39.48 -13.46 27.36
CA ASN A 190 38.24 -13.46 28.11
C ASN A 190 38.22 -12.37 29.19
N GLY A 191 39.21 -12.39 30.07
CA GLY A 191 39.28 -11.44 31.16
C GLY A 191 39.80 -10.07 30.80
N ASN A 192 39.03 -9.26 30.09
CA ASN A 192 39.47 -7.90 29.80
C ASN A 192 38.46 -6.88 30.31
N HIS A 193 38.98 -5.75 30.75
CA HIS A 193 38.17 -4.60 31.14
C HIS A 193 38.75 -3.38 30.44
N LEU A 194 37.95 -2.77 29.57
CA LEU A 194 38.40 -1.65 28.74
C LEU A 194 37.63 -0.40 29.11
N GLU A 195 38.35 0.72 29.22
CA GLU A 195 37.69 1.95 29.63
C GLU A 195 38.49 3.16 29.16
N GLY A 196 37.79 4.14 28.61
CA GLY A 196 38.37 5.46 28.41
C GLY A 196 39.28 5.61 27.21
N ASN A 197 39.45 4.59 26.39
CA ASN A 197 40.37 4.69 25.26
C ASN A 197 39.92 5.77 24.29
N VAL A 198 40.86 6.61 23.87
CA VAL A 198 40.61 7.64 22.88
C VAL A 198 41.34 7.22 21.61
N ILE A 199 40.59 6.60 20.70
CA ILE A 199 41.15 6.05 19.47
C ILE A 199 40.83 7.02 18.33
N GLU A 200 41.87 7.44 17.61
CA GLU A 200 41.72 8.42 16.55
C GLU A 200 42.53 7.99 15.34
N ASP A 201 42.00 8.30 14.16
CA ASP A 201 42.67 8.10 12.87
C ASP A 201 43.30 6.70 12.77
N VAL A 202 42.44 5.68 12.87
CA VAL A 202 42.86 4.29 12.77
C VAL A 202 41.89 3.59 11.83
N ARG A 203 42.30 2.43 11.31
CA ARG A 203 41.40 1.69 10.43
C ARG A 203 40.17 1.22 11.18
N TYR A 204 40.36 0.54 12.31
CA TYR A 204 39.24 0.02 13.10
C TYR A 204 39.38 0.51 14.53
N GLY A 205 38.28 0.94 15.13
CA GLY A 205 38.34 1.43 16.49
C GLY A 205 38.81 0.36 17.45
N VAL A 206 37.99 -0.64 17.70
CA VAL A 206 38.38 -1.82 18.46
C VAL A 206 38.15 -3.04 17.57
N HIS A 207 39.22 -3.59 17.03
CA HIS A 207 39.10 -4.88 16.38
C HIS A 207 39.05 -5.95 17.46
N TYR A 208 38.08 -6.84 17.38
CA TYR A 208 37.72 -7.62 18.55
C TYR A 208 37.17 -8.96 18.09
N MET A 209 37.98 -10.01 18.16
CA MET A 209 37.65 -11.32 17.63
C MET A 209 37.67 -12.36 18.74
N PHE A 210 36.62 -13.19 18.77
CA PHE A 210 36.56 -14.37 19.65
C PHE A 210 36.97 -14.05 21.08
N ALA A 211 36.38 -12.99 21.63
CA ALA A 211 36.74 -12.51 22.95
C ALA A 211 35.49 -12.54 23.83
N ASN A 212 35.40 -13.54 24.69
CA ASN A 212 34.21 -13.78 25.49
C ASN A 212 34.30 -13.05 26.83
N GLU A 213 33.13 -12.68 27.36
CA GLU A 213 33.00 -12.19 28.74
C GLU A 213 33.91 -10.99 29.03
N ASN A 214 34.01 -10.07 28.07
CA ASN A 214 34.81 -8.87 28.24
C ASN A 214 33.93 -7.70 28.67
N SER A 215 34.48 -6.48 28.61
CA SER A 215 33.73 -5.29 28.98
C SER A 215 34.41 -4.07 28.35
N LEU A 216 33.61 -3.25 27.66
CA LEU A 216 34.07 -2.01 27.06
C LEU A 216 33.21 -0.86 27.58
N ILE A 217 33.85 0.15 28.17
CA ILE A 217 33.15 1.31 28.73
C ILE A 217 33.86 2.59 28.33
N ASP A 218 33.07 3.60 27.96
CA ASP A 218 33.57 4.97 27.79
C ASP A 218 34.68 5.09 26.76
N ASN A 219 34.72 4.20 25.78
CA ASN A 219 35.69 4.31 24.71
C ASN A 219 35.29 5.41 23.74
N VAL A 220 36.27 5.96 23.03
CA VAL A 220 36.05 7.06 22.09
C VAL A 220 36.81 6.74 20.81
N THR A 221 36.07 6.49 19.73
CA THR A 221 36.64 6.22 18.42
C THR A 221 36.26 7.35 17.48
N ARG A 222 37.26 7.98 16.87
CA ARG A 222 37.04 9.09 15.95
C ARG A 222 37.78 8.85 14.65
N ARG A 223 37.12 9.22 13.55
CA ARG A 223 37.73 9.24 12.22
C ARG A 223 38.38 7.90 11.88
N THR A 224 37.56 6.85 11.93
CA THR A 224 38.01 5.49 11.69
C THR A 224 37.29 4.93 10.48
N ARG A 225 37.49 3.65 10.21
CA ARG A 225 36.77 2.95 9.15
C ARG A 225 35.91 1.82 9.70
N THR A 226 35.97 1.56 11.01
CA THR A 226 34.94 0.81 11.72
C THR A 226 35.06 1.11 13.20
N GLY A 227 34.07 1.77 13.78
CA GLY A 227 34.22 2.25 15.14
C GLY A 227 34.38 1.13 16.15
N TYR A 228 33.54 0.11 16.07
CA TYR A 228 33.56 -0.99 17.03
C TYR A 228 33.22 -2.28 16.27
N ALA A 229 34.21 -3.14 16.09
CA ALA A 229 34.03 -4.42 15.42
C ALA A 229 33.87 -5.49 16.49
N LEU A 230 32.64 -5.73 16.91
CA LEU A 230 32.34 -6.73 17.94
C LEU A 230 32.04 -8.05 17.24
N MET A 231 33.07 -8.87 17.12
CA MET A 231 33.02 -10.06 16.28
C MET A 231 32.97 -11.32 17.12
N GLN A 232 32.04 -12.21 16.75
CA GLN A 232 32.08 -13.62 17.09
C GLN A 232 32.41 -13.86 18.56
N SER A 233 31.58 -13.39 19.48
CA SER A 233 31.96 -13.40 20.89
C SER A 233 30.71 -13.69 21.73
N ARG A 234 30.84 -13.50 23.04
CA ARG A 234 29.78 -13.87 23.96
C ARG A 234 29.87 -13.01 25.21
N LYS A 235 28.73 -12.88 25.89
CA LYS A 235 28.61 -12.30 27.23
C LYS A 235 29.51 -11.11 27.50
N LEU A 236 29.50 -10.10 26.63
CA LEU A 236 30.28 -8.90 26.89
C LEU A 236 29.35 -7.74 27.23
N THR A 237 29.95 -6.70 27.79
CA THR A 237 29.24 -5.46 28.10
C THR A 237 29.93 -4.32 27.39
N VAL A 238 29.17 -3.57 26.60
CA VAL A 238 29.70 -2.51 25.77
C VAL A 238 29.03 -1.22 26.25
N THR A 239 28.74 -1.16 27.55
CA THR A 239 28.01 -0.04 28.12
C THR A 239 28.85 1.23 28.08
N GLY A 240 28.19 2.35 27.78
CA GLY A 240 28.79 3.66 27.96
C GLY A 240 29.77 4.11 26.91
N ASN A 241 29.96 3.36 25.85
CA ASN A 241 30.94 3.74 24.84
C ASN A 241 30.42 4.90 24.00
N ARG A 242 31.25 5.36 23.07
CA ARG A 242 30.96 6.56 22.30
C ARG A 242 31.75 6.59 21.00
N SER A 243 31.05 6.58 19.87
CA SER A 243 31.69 6.60 18.56
C SER A 243 31.39 7.92 17.85
N GLU A 244 32.45 8.64 17.48
CA GLU A 244 32.32 9.88 16.73
C GLU A 244 32.45 9.63 15.23
N GLN A 245 32.73 10.69 14.47
CA GLN A 245 32.63 10.70 13.01
C GLN A 245 33.50 9.59 12.42
N ASP A 246 32.96 8.38 12.44
CA ASP A 246 33.59 7.18 11.88
C ASP A 246 33.28 7.04 10.41
N GLN A 247 33.54 5.87 9.83
CA GLN A 247 33.27 5.68 8.41
C GLN A 247 32.97 4.21 8.15
N ASN A 248 31.98 3.98 7.30
CA ASN A 248 31.55 2.68 6.77
C ASN A 248 30.87 1.78 7.80
N TYR A 249 30.99 2.09 9.09
CA TYR A 249 30.35 1.29 10.13
C TYR A 249 30.43 2.05 11.45
N GLY A 250 29.39 1.89 12.27
CA GLY A 250 29.47 2.40 13.62
C GLY A 250 29.70 1.35 14.69
N ILE A 251 28.86 0.32 14.70
CA ILE A 251 28.93 -0.78 15.66
C ILE A 251 28.68 -2.05 14.86
N LEU A 252 29.73 -2.76 14.49
CA LEU A 252 29.57 -3.99 13.72
C LEU A 252 29.59 -5.17 14.68
N MET A 253 28.46 -5.86 14.78
CA MET A 253 28.29 -6.99 15.69
C MET A 253 28.01 -8.25 14.89
N ASN A 254 28.93 -9.22 14.95
CA ASN A 254 28.70 -10.54 14.39
C ASN A 254 28.62 -11.57 15.50
N TYR A 255 27.57 -12.38 15.44
CA TYR A 255 27.31 -13.48 16.37
C TYR A 255 27.68 -13.07 17.79
N ILE A 256 27.09 -11.99 18.27
CA ILE A 256 27.38 -11.43 19.58
C ILE A 256 26.20 -11.78 20.47
N THR A 257 26.37 -12.75 21.36
CA THR A 257 25.23 -13.27 22.11
C THR A 257 25.37 -12.99 23.59
N TYR A 258 24.23 -12.93 24.27
CA TYR A 258 24.15 -12.81 25.72
C TYR A 258 24.83 -11.55 26.22
N SER A 259 24.61 -10.44 25.51
CA SER A 259 25.33 -9.20 25.78
C SER A 259 24.39 -8.12 26.29
N THR A 260 24.97 -7.02 26.74
CA THR A 260 24.25 -5.94 27.40
C THR A 260 24.65 -4.63 26.72
N ILE A 261 24.52 -4.59 25.40
CA ILE A 261 24.85 -3.39 24.64
C ILE A 261 23.99 -2.23 25.15
N THR A 262 24.63 -1.22 25.72
CA THR A 262 23.93 -0.04 26.22
C THR A 262 24.84 1.17 26.12
N GLY A 263 24.22 2.36 26.13
CA GLY A 263 24.94 3.59 26.34
C GLY A 263 25.73 4.10 25.16
N ASN A 264 25.79 3.38 24.05
CA ASN A 264 26.63 3.80 22.95
C ASN A 264 26.06 5.02 22.26
N PHE A 265 26.92 5.74 21.56
CA PHE A 265 26.53 6.93 20.81
C PHE A 265 27.31 6.93 19.51
N VAL A 266 26.61 6.85 18.39
CA VAL A 266 27.22 6.76 17.07
C VAL A 266 26.72 7.93 16.23
N SER A 267 27.65 8.68 15.63
CA SER A 267 27.30 9.88 14.89
C SER A 267 28.09 9.96 13.60
N ASP A 268 27.42 10.40 12.54
CA ASP A 268 28.02 10.71 11.25
C ASP A 268 28.99 9.63 10.77
N VAL A 269 28.48 8.44 10.50
CA VAL A 269 29.31 7.36 9.93
C VAL A 269 29.27 7.55 8.42
N GLN A 270 30.23 8.32 7.92
CA GLN A 270 30.32 8.66 6.51
C GLN A 270 30.48 7.40 5.67
N ARG A 271 30.31 7.51 4.35
CA ARG A 271 30.40 6.38 3.44
C ARG A 271 31.80 6.32 2.82
N GLY A 272 31.99 5.40 1.88
CA GLY A 272 33.23 5.30 1.15
C GLY A 272 33.27 6.21 -0.06
N ASP A 273 33.38 7.51 0.18
CA ASP A 273 33.36 8.53 -0.86
C ASP A 273 34.64 9.35 -0.79
N THR A 274 35.67 8.90 -1.50
CA THR A 274 36.88 9.68 -1.71
C THR A 274 37.20 9.69 -3.19
N GLY A 275 37.38 10.88 -3.76
CA GLY A 275 37.63 11.00 -5.18
C GLY A 275 36.35 11.01 -6.00
N GLY A 276 36.55 10.95 -7.32
CA GLY A 276 35.44 10.94 -8.26
C GLY A 276 34.84 9.56 -8.47
N ASP A 277 34.05 9.09 -7.51
CA ASP A 277 33.49 7.74 -7.58
C ASP A 277 32.16 7.72 -6.88
N SER A 278 31.37 6.70 -7.20
CA SER A 278 30.12 6.41 -6.49
C SER A 278 29.97 4.90 -6.38
N MET A 279 29.89 4.39 -5.16
CA MET A 279 29.67 2.96 -4.92
C MET A 279 28.18 2.68 -5.01
N ILE A 280 27.69 2.49 -6.22
CA ILE A 280 26.26 2.26 -6.45
C ILE A 280 25.78 1.09 -5.60
N SER A 281 24.74 1.32 -4.82
CA SER A 281 24.10 0.27 -4.00
C SER A 281 25.11 -0.42 -3.09
N GLY A 282 26.03 0.36 -2.53
CA GLY A 282 27.00 -0.17 -1.59
C GLY A 282 27.73 0.95 -0.90
N GLY A 283 28.55 0.58 0.07
CA GLY A 283 29.36 1.54 0.79
C GLY A 283 28.59 2.43 1.76
N GLU A 284 27.29 2.23 1.90
CA GLU A 284 26.47 3.05 2.78
C GLU A 284 26.85 2.82 4.23
N GLY A 285 27.13 3.90 4.95
CA GLY A 285 27.47 3.83 6.36
C GLY A 285 26.36 3.21 7.19
N LYS A 286 26.70 2.67 8.35
CA LYS A 286 25.74 1.97 9.18
C LYS A 286 26.05 2.25 10.64
N ALA A 287 25.04 2.70 11.39
CA ALA A 287 25.25 3.00 12.79
C ALA A 287 25.39 1.73 13.62
N LEU A 288 24.44 0.80 13.45
CA LEU A 288 24.50 -0.51 14.09
C LEU A 288 24.32 -1.57 13.02
N PHE A 289 25.36 -2.36 12.80
CA PHE A 289 25.26 -3.54 11.94
C PHE A 289 25.14 -4.75 12.87
N ILE A 290 23.91 -5.13 13.15
CA ILE A 290 23.62 -6.23 14.06
C ILE A 290 23.31 -7.47 13.24
N TYR A 291 24.09 -8.53 13.49
CA TYR A 291 24.19 -9.67 12.59
C TYR A 291 24.29 -10.94 13.41
N ASN A 292 23.36 -11.87 13.22
CA ASN A 292 23.37 -13.21 13.79
C ASN A 292 23.29 -13.23 15.31
N SER A 293 23.17 -12.06 15.96
CA SER A 293 23.25 -11.96 17.41
C SER A 293 21.87 -12.18 18.01
N LEU A 294 21.58 -13.44 18.34
CA LEU A 294 20.24 -13.78 18.81
C LEU A 294 19.89 -13.06 20.11
N PHE A 295 20.77 -13.12 21.10
CA PHE A 295 20.44 -12.64 22.45
C PHE A 295 21.34 -11.46 22.82
N ASN A 296 20.74 -10.28 22.91
CA ASN A 296 21.41 -9.11 23.46
C ASN A 296 20.41 -8.38 24.36
N THR A 297 20.86 -7.27 24.94
CA THR A 297 20.01 -6.42 25.76
C THR A 297 20.23 -4.97 25.31
N ILE A 298 20.19 -4.75 23.99
CA ILE A 298 20.42 -3.42 23.45
C ILE A 298 19.34 -2.47 23.95
N GLU A 299 19.77 -1.40 24.61
CA GLU A 299 18.85 -0.39 25.12
C GLU A 299 19.64 0.86 25.47
N ASN A 300 18.98 2.00 25.39
CA ASN A 300 19.56 3.29 25.75
C ASN A 300 20.82 3.56 24.91
N ASN A 301 20.64 3.59 23.58
CA ASN A 301 21.70 3.95 22.65
C ASN A 301 21.21 5.06 21.74
N HIS A 302 22.12 5.95 21.34
CA HIS A 302 21.82 7.07 20.46
C HIS A 302 22.57 6.88 19.15
N PHE A 303 21.83 6.66 18.07
CA PHE A 303 22.40 6.50 16.74
C PHE A 303 21.92 7.67 15.88
N GLU A 304 22.84 8.52 15.42
CA GLU A 304 22.45 9.75 14.77
C GLU A 304 23.24 9.98 13.50
N LYS A 305 22.67 10.82 12.63
CA LYS A 305 23.28 11.32 11.40
C LYS A 305 24.03 10.23 10.63
N SER A 306 23.47 9.03 10.59
CA SER A 306 24.07 7.92 9.87
C SER A 306 23.44 7.80 8.48
N SER A 307 24.05 6.95 7.67
CA SER A 307 23.45 6.60 6.39
C SER A 307 22.51 5.43 6.48
N LEU A 308 22.47 4.75 7.64
CA LEU A 308 21.54 3.67 7.91
C LEU A 308 21.74 3.25 9.36
N GLY A 309 20.73 2.64 9.94
CA GLY A 309 20.80 2.19 11.32
C GLY A 309 20.18 0.82 11.48
N ILE A 310 20.66 0.10 12.50
CA ILE A 310 20.07 -1.16 12.95
C ILE A 310 19.92 -2.14 11.80
N HIS A 311 20.85 -2.13 10.86
CA HIS A 311 20.87 -3.17 9.85
C HIS A 311 20.79 -4.54 10.49
N LEU A 312 19.73 -5.28 10.17
CA LEU A 312 19.42 -6.53 10.84
C LEU A 312 19.28 -7.62 9.79
N THR A 313 20.23 -8.54 9.76
CA THR A 313 20.23 -9.66 8.84
C THR A 313 20.42 -10.94 9.65
N ALA A 314 20.61 -12.05 8.96
CA ALA A 314 20.65 -13.36 9.58
C ALA A 314 19.43 -13.54 10.48
N GLY A 315 19.62 -14.15 11.64
CA GLY A 315 18.54 -14.28 12.59
C GLY A 315 18.93 -13.63 13.90
N SER A 316 18.10 -12.72 14.41
CA SER A 316 18.37 -12.07 15.69
C SER A 316 17.16 -12.09 16.61
N GLU A 317 16.28 -13.07 16.44
CA GLU A 317 15.11 -13.20 17.30
C GLU A 317 15.53 -13.38 18.76
N ASP A 318 14.62 -13.03 19.66
CA ASP A 318 14.75 -13.04 21.12
C ASP A 318 15.62 -11.86 21.61
N ASN A 319 16.17 -11.06 20.72
CA ASN A 319 16.90 -9.86 21.15
C ASN A 319 15.93 -8.82 21.71
N ARG A 320 16.35 -8.13 22.76
CA ARG A 320 15.54 -7.13 23.44
C ARG A 320 16.08 -5.75 23.09
N ILE A 321 15.34 -5.00 22.27
CA ILE A 321 15.70 -3.65 21.86
C ILE A 321 14.65 -2.68 22.38
N SER A 322 15.10 -1.63 23.07
CA SER A 322 14.17 -0.64 23.62
C SER A 322 14.93 0.62 23.97
N GLY A 323 14.20 1.74 24.03
CA GLY A 323 14.74 2.97 24.54
C GLY A 323 15.86 3.60 23.73
N ASN A 324 16.04 3.17 22.49
CA ASN A 324 17.10 3.73 21.67
C ASN A 324 16.67 5.07 21.08
N ALA A 325 17.58 5.71 20.36
CA ALA A 325 17.31 6.99 19.71
C ALA A 325 17.92 6.96 18.31
N PHE A 326 17.08 7.14 17.30
CA PHE A 326 17.52 7.21 15.90
C PHE A 326 17.07 8.55 15.33
N VAL A 327 18.01 9.46 15.16
CA VAL A 327 17.70 10.81 14.68
C VAL A 327 18.50 11.09 13.42
N GLY A 328 17.83 11.70 12.44
CA GLY A 328 18.50 12.16 11.24
C GLY A 328 19.17 11.08 10.41
N ASN A 329 18.54 9.92 10.30
CA ASN A 329 19.07 8.83 9.49
C ASN A 329 18.45 8.85 8.10
N GLN A 330 19.28 8.58 7.09
CA GLN A 330 18.75 8.46 5.73
C GLN A 330 17.76 7.31 5.62
N GLN A 331 18.04 6.19 6.30
CA GLN A 331 17.09 5.09 6.38
C GLN A 331 17.34 4.39 7.72
N GLN A 332 16.33 4.41 8.59
CA GLN A 332 16.57 4.06 9.98
C GLN A 332 16.76 2.57 10.20
N VAL A 333 16.17 1.72 9.37
CA VAL A 333 16.29 0.28 9.56
C VAL A 333 16.24 -0.44 8.21
N LYS A 334 16.93 -1.59 8.15
CA LYS A 334 16.98 -2.44 6.95
C LYS A 334 16.70 -3.89 7.34
N TYR A 335 15.65 -4.11 8.13
CA TYR A 335 15.26 -5.46 8.51
C TYR A 335 14.94 -6.29 7.28
N VAL A 336 15.43 -7.53 7.26
CA VAL A 336 15.30 -8.39 6.09
C VAL A 336 14.64 -9.72 6.38
N ALA A 337 14.60 -10.17 7.63
CA ALA A 337 14.11 -11.51 7.94
C ALA A 337 12.61 -11.61 7.69
N SER A 338 12.16 -12.83 7.40
CA SER A 338 10.75 -13.09 7.14
C SER A 338 9.99 -13.50 8.39
N ARG A 339 10.48 -13.03 9.53
CA ARG A 339 9.75 -13.32 10.76
C ARG A 339 9.35 -11.98 11.39
N THR A 340 8.40 -11.95 12.32
CA THR A 340 7.95 -10.73 12.98
C THR A 340 8.63 -10.59 14.33
N GLN A 341 9.21 -9.42 14.57
CA GLN A 341 9.96 -9.16 15.80
C GLN A 341 9.65 -7.74 16.27
N GLU A 342 9.19 -7.61 17.51
CA GLU A 342 8.81 -6.33 18.08
C GLU A 342 9.95 -5.79 18.94
N TRP A 343 10.45 -4.62 18.59
CA TRP A 343 11.53 -3.99 19.36
C TRP A 343 10.95 -3.09 20.47
N SER A 344 10.02 -3.67 21.24
CA SER A 344 9.42 -2.89 22.33
C SER A 344 9.20 -3.83 23.52
N VAL A 345 10.17 -3.87 24.43
CA VAL A 345 10.03 -4.67 25.63
C VAL A 345 9.36 -3.83 26.72
N ASP A 346 8.29 -4.36 27.30
CA ASP A 346 7.56 -3.73 28.41
C ASP A 346 7.14 -2.30 28.06
N GLY A 347 6.53 -2.17 26.88
CA GLY A 347 5.96 -0.90 26.48
C GLY A 347 6.95 0.23 26.33
N ARG A 348 8.13 -0.05 25.78
CA ARG A 348 9.14 0.98 25.54
C ARG A 348 9.77 0.73 24.18
N GLY A 349 9.62 1.69 23.28
CA GLY A 349 10.13 1.58 21.92
C GLY A 349 11.39 2.39 21.71
N ASN A 350 11.44 3.10 20.59
CA ASN A 350 12.59 3.90 20.22
C ASN A 350 12.11 5.27 19.74
N TYR A 351 13.01 6.25 19.77
CA TYR A 351 12.58 7.63 19.56
C TYR A 351 12.07 7.85 18.14
N TRP A 352 12.68 7.18 17.15
CA TRP A 352 12.14 7.14 15.79
C TRP A 352 11.78 8.49 15.21
N SER A 353 12.78 9.30 14.86
CA SER A 353 12.53 10.64 14.33
C SER A 353 11.54 10.63 13.18
N ASP A 354 11.52 9.55 12.38
CA ASP A 354 10.60 9.51 11.25
C ASP A 354 9.16 9.34 11.69
N TYR A 355 8.91 8.89 12.92
CA TYR A 355 7.54 8.63 13.38
C TYR A 355 6.67 9.86 13.15
N LEU A 356 5.52 9.66 12.52
CA LEU A 356 4.69 10.74 12.00
C LEU A 356 3.46 10.92 12.90
N GLY A 357 3.61 11.73 13.94
CA GLY A 357 2.46 12.26 14.63
C GLY A 357 1.95 11.33 15.72
N TRP A 358 0.84 11.73 16.36
CA TRP A 358 0.05 10.82 17.25
C TRP A 358 0.57 10.51 18.64
N ASP A 359 0.35 11.39 19.62
CA ASP A 359 0.65 11.08 21.04
C ASP A 359 -0.58 11.62 21.77
N ARG A 360 -1.79 11.17 21.41
CA ARG A 360 -3.00 11.81 21.96
C ARG A 360 -3.13 11.66 23.48
N ASN A 361 -2.91 10.48 24.07
CA ASN A 361 -2.93 10.35 25.55
C ASN A 361 -1.71 11.16 25.99
N ASN A 362 -1.66 11.68 27.21
CA ASN A 362 -0.49 12.55 27.46
C ASN A 362 0.78 11.73 27.41
N ASP A 363 0.77 10.57 28.04
CA ASP A 363 2.04 9.82 28.09
C ASP A 363 1.93 8.50 27.34
N GLY A 364 0.77 8.21 26.77
CA GLY A 364 0.74 7.00 25.95
C GLY A 364 1.86 7.23 24.98
N LEU A 365 2.84 6.33 24.95
CA LEU A 365 4.06 6.59 24.16
C LEU A 365 3.72 6.84 22.70
N GLY A 366 2.74 6.11 22.17
CA GLY A 366 2.31 6.28 20.80
C GLY A 366 1.17 5.35 20.49
N ASP A 367 0.34 5.77 19.54
CA ASP A 367 -0.80 4.97 19.11
C ASP A 367 -0.52 4.20 17.82
N ILE A 368 0.17 4.82 16.87
CA ILE A 368 0.58 4.15 15.66
C ILE A 368 1.88 3.39 15.90
N ALA A 369 1.92 2.13 15.47
CA ALA A 369 3.15 1.37 15.53
C ALA A 369 4.05 1.79 14.39
N TYR A 370 5.33 2.00 14.69
CA TYR A 370 6.27 2.54 13.72
C TYR A 370 6.63 1.43 12.72
N GLU A 371 5.81 1.32 11.68
CA GLU A 371 6.14 0.43 10.58
C GLU A 371 7.06 1.16 9.61
N PRO A 372 8.33 0.76 9.53
CA PRO A 372 9.29 1.53 8.73
C PRO A 372 9.03 1.42 7.24
N ASN A 373 9.04 2.57 6.58
CA ASN A 373 9.05 2.63 5.13
C ASN A 373 10.32 3.33 4.69
N ASP A 374 11.07 2.70 3.79
CA ASP A 374 12.35 3.25 3.36
C ASP A 374 12.16 4.57 2.61
N ASN A 375 11.12 4.67 1.79
CA ASN A 375 10.92 5.86 0.98
C ASN A 375 10.62 7.08 1.84
N VAL A 376 9.69 6.94 2.80
CA VAL A 376 9.33 8.09 3.63
C VAL A 376 10.51 8.54 4.48
N ASP A 377 11.39 7.61 4.85
CA ASP A 377 12.59 7.97 5.60
C ASP A 377 13.48 8.91 4.79
N ARG A 378 13.62 8.64 3.49
CA ARG A 378 14.42 9.50 2.63
C ARG A 378 13.82 10.89 2.52
N LEU A 379 12.49 10.97 2.39
CA LEU A 379 11.83 12.27 2.32
C LEU A 379 11.98 13.05 3.62
N LEU A 380 11.77 12.39 4.76
CA LEU A 380 11.80 13.07 6.05
C LEU A 380 13.19 13.51 6.46
N TRP A 381 14.23 13.08 5.74
CA TRP A 381 15.59 13.55 6.02
C TRP A 381 16.01 14.67 5.08
N LEU A 382 15.91 14.45 3.77
CA LEU A 382 16.28 15.49 2.82
C LEU A 382 15.39 16.71 2.97
N TYR A 383 14.06 16.50 2.90
CA TYR A 383 13.08 17.57 3.08
C TYR A 383 12.52 17.46 4.49
N PRO A 384 13.03 18.21 5.46
CA PRO A 384 12.57 18.04 6.84
C PRO A 384 11.22 18.67 7.13
N GLN A 385 10.71 19.50 6.22
CA GLN A 385 9.41 20.13 6.41
C GLN A 385 8.26 19.22 6.02
N VAL A 386 8.54 18.09 5.38
CA VAL A 386 7.49 17.20 4.88
C VAL A 386 6.63 16.65 6.00
N ARG A 387 7.16 16.59 7.22
CA ARG A 387 6.33 16.20 8.36
C ARG A 387 5.12 17.09 8.48
N LEU A 388 5.32 18.41 8.38
CA LEU A 388 4.19 19.34 8.35
C LEU A 388 3.23 18.97 7.24
N LEU A 389 3.77 18.74 6.03
CA LEU A 389 2.94 18.42 4.89
C LEU A 389 2.17 17.13 5.12
N MET A 390 2.71 16.22 5.93
CA MET A 390 2.04 14.97 6.20
C MET A 390 1.30 14.97 7.53
N ASN A 391 1.09 16.13 8.13
CA ASN A 391 0.18 16.24 9.26
C ASN A 391 -1.17 16.85 8.88
N SER A 392 -1.34 17.24 7.62
CA SER A 392 -2.62 17.72 7.14
C SER A 392 -3.69 16.64 7.34
N PRO A 393 -4.93 17.03 7.68
CA PRO A 393 -5.97 16.00 7.90
C PRO A 393 -6.23 15.12 6.70
N SER A 394 -6.09 15.65 5.49
CA SER A 394 -6.29 14.84 4.29
C SER A 394 -5.20 13.78 4.16
N ILE A 395 -3.93 14.21 4.23
CA ILE A 395 -2.84 13.24 4.21
C ILE A 395 -2.94 12.33 5.43
N GLU A 396 -3.45 12.85 6.54
CA GLU A 396 -3.62 12.02 7.73
C GLU A 396 -4.61 10.89 7.49
N VAL A 397 -5.74 11.19 6.84
CA VAL A 397 -6.71 10.12 6.59
C VAL A 397 -6.19 9.17 5.51
N LEU A 398 -5.44 9.69 4.52
CA LEU A 398 -4.79 8.80 3.57
C LEU A 398 -3.88 7.82 4.28
N ARG A 399 -3.03 8.31 5.19
CA ARG A 399 -2.18 7.41 5.96
C ARG A 399 -3.00 6.46 6.82
N TRP A 400 -4.12 6.94 7.37
CA TRP A 400 -5.00 6.07 8.16
C TRP A 400 -5.49 4.92 7.32
N VAL A 401 -5.65 5.14 6.01
CA VAL A 401 -6.09 4.10 5.09
C VAL A 401 -4.92 3.28 4.54
N GLN A 402 -3.70 3.80 4.67
CA GLN A 402 -2.52 3.04 4.25
C GLN A 402 -1.89 2.23 5.36
N ARG A 403 -2.31 2.44 6.60
CA ARG A 403 -1.94 1.57 7.72
C ARG A 403 -3.04 0.55 8.03
N ALA A 404 -4.12 0.54 7.26
CA ALA A 404 -5.20 -0.41 7.42
C ALA A 404 -5.23 -1.42 6.28
N PHE A 405 -5.20 -0.95 5.04
CA PHE A 405 -5.01 -1.78 3.86
C PHE A 405 -3.55 -1.69 3.44
N PRO A 406 -2.72 -2.66 3.82
CA PRO A 406 -1.27 -2.53 3.64
C PRO A 406 -0.87 -2.17 2.21
N VAL A 407 -0.08 -1.11 2.09
CA VAL A 407 0.57 -0.74 0.84
C VAL A 407 2.06 -0.65 1.15
N ILE A 408 2.89 -1.30 0.32
CA ILE A 408 4.29 -1.60 0.60
C ILE A 408 4.31 -2.75 1.60
N LYS A 409 4.79 -3.92 1.16
CA LYS A 409 4.83 -5.08 2.04
C LYS A 409 5.62 -4.77 3.31
N SER A 410 5.09 -5.26 4.42
CA SER A 410 5.63 -4.94 5.76
C SER A 410 7.09 -5.30 5.92
N PRO A 411 8.00 -4.34 6.07
CA PRO A 411 9.35 -4.70 6.43
C PRO A 411 8.87 -5.13 7.82
N GLY A 412 9.29 -6.27 8.30
CA GLY A 412 8.66 -6.81 9.53
C GLY A 412 8.75 -5.94 10.76
N VAL A 413 9.84 -5.23 10.95
CA VAL A 413 10.00 -4.56 12.25
C VAL A 413 8.84 -3.64 12.52
N GLN A 414 8.41 -3.60 13.77
CA GLN A 414 7.22 -2.83 14.14
C GLN A 414 7.33 -2.62 15.62
N ASP A 415 7.37 -1.39 16.05
CA ASP A 415 7.41 -1.03 17.47
C ASP A 415 6.01 -0.66 17.89
N SER A 416 5.39 -1.54 18.69
CA SER A 416 4.02 -1.29 19.14
C SER A 416 3.93 -0.02 19.97
N HIS A 417 5.00 0.33 20.69
CA HIS A 417 5.00 1.46 21.61
C HIS A 417 6.18 2.39 21.33
N PRO A 418 6.14 3.13 20.23
CA PRO A 418 7.23 4.08 19.94
C PRO A 418 7.25 5.22 20.96
N LEU A 419 8.29 6.03 20.88
CA LEU A 419 8.54 7.08 21.85
C LEU A 419 8.46 8.45 21.20
N MET A 420 7.76 9.37 21.84
CA MET A 420 7.67 10.76 21.42
C MET A 420 8.69 11.66 22.10
N LYS A 421 8.94 11.44 23.39
CA LYS A 421 10.04 12.13 24.05
C LYS A 421 11.36 11.58 23.53
N LEU A 422 12.39 12.41 23.58
CA LEU A 422 13.68 11.95 23.10
C LEU A 422 14.53 11.48 24.27
N PRO A 423 14.74 10.18 24.41
CA PRO A 423 15.61 9.68 25.49
C PRO A 423 17.07 9.87 25.13
N THR A 424 17.97 9.34 25.97
CA THR A 424 19.42 9.47 25.78
C THR A 424 19.84 10.93 25.73
N GLU A 425 19.15 11.79 26.48
CA GLU A 425 19.54 13.19 26.54
C GLU A 425 20.77 13.38 27.40
N LYS A 426 20.99 12.48 28.37
CA LYS A 426 22.16 12.59 29.24
C LYS A 426 23.46 12.46 28.46
N LEU A 427 23.47 11.60 27.44
CA LEU A 427 24.70 11.23 26.75
C LEU A 427 24.87 11.95 25.41
N LEU A 428 24.06 12.97 25.13
CA LEU A 428 24.17 13.70 23.88
C LEU A 428 25.57 14.31 23.73
N THR A 429 25.92 15.24 24.63
CA THR A 429 27.26 15.80 24.70
C THR A 429 27.76 15.67 26.14
N GLU A 430 28.93 15.05 26.30
CA GLU A 430 29.46 14.81 27.64
C GLU A 430 30.93 15.20 27.72
N ASN B 7 -28.50 72.85 -16.74
CA ASN B 7 -27.61 73.51 -15.78
C ASN B 7 -26.94 72.51 -14.86
N ALA B 8 -27.72 71.55 -14.35
CA ALA B 8 -27.25 70.57 -13.39
C ALA B 8 -26.92 69.25 -14.07
N VAL B 9 -27.86 68.65 -14.78
CA VAL B 9 -27.65 67.38 -15.46
C VAL B 9 -27.55 67.68 -16.95
N GLU B 10 -26.36 67.49 -17.52
CA GLU B 10 -26.11 67.71 -18.94
C GLU B 10 -25.75 66.38 -19.58
N ILE B 11 -26.75 65.76 -20.22
CA ILE B 11 -26.54 64.60 -21.08
C ILE B 11 -26.25 65.15 -22.47
N GLN B 12 -24.99 65.14 -22.88
CA GLN B 12 -24.59 65.66 -24.18
C GLN B 12 -23.94 64.55 -24.98
N GLY B 13 -24.53 64.25 -26.15
CA GLY B 13 -23.91 63.36 -27.12
C GLY B 13 -23.46 62.02 -26.58
N VAL B 14 -24.39 61.17 -26.18
CA VAL B 14 -24.05 59.87 -25.61
C VAL B 14 -24.92 58.78 -26.24
N SER B 15 -24.44 57.55 -26.10
CA SER B 15 -25.16 56.36 -26.53
C SER B 15 -24.63 55.19 -25.73
N GLN B 16 -25.45 54.16 -25.57
CA GLN B 16 -25.06 53.01 -24.78
C GLN B 16 -25.46 51.73 -25.50
N ARG B 17 -24.59 50.72 -25.37
CA ARG B 17 -24.85 49.43 -26.02
C ARG B 17 -24.56 48.31 -25.01
N TYR B 18 -25.34 47.24 -24.95
CA TYR B 18 -24.97 46.12 -24.05
C TYR B 18 -23.82 45.34 -24.71
N GLY B 19 -23.98 44.04 -24.98
CA GLY B 19 -22.89 43.40 -25.75
C GLY B 19 -22.94 43.64 -27.26
N SER B 20 -24.10 43.42 -27.88
CA SER B 20 -24.21 43.50 -29.36
C SER B 20 -25.44 44.33 -29.72
N MET B 21 -26.07 44.94 -28.72
CA MET B 21 -27.32 45.65 -29.03
C MET B 21 -27.20 47.07 -28.53
N THR B 22 -27.62 48.00 -29.36
CA THR B 22 -27.55 49.42 -29.01
C THR B 22 -28.83 49.81 -28.28
N VAL B 23 -28.76 50.02 -26.97
CA VAL B 23 -30.01 50.32 -26.21
C VAL B 23 -30.31 51.81 -26.28
N LEU B 24 -29.28 52.66 -26.27
CA LEU B 24 -29.51 54.09 -26.27
C LEU B 24 -28.74 54.70 -27.41
N HIS B 25 -29.41 55.53 -28.22
CA HIS B 25 -28.83 56.09 -29.43
C HIS B 25 -28.92 57.61 -29.41
N ASP B 26 -27.77 58.28 -29.34
CA ASP B 26 -27.66 59.73 -29.48
C ASP B 26 -28.65 60.48 -28.59
N LEU B 27 -28.49 60.37 -27.28
CA LEU B 27 -29.36 61.05 -26.32
C LEU B 27 -28.73 62.36 -25.90
N ASN B 28 -29.46 63.46 -26.12
CA ASN B 28 -29.05 64.79 -25.67
C ASN B 28 -30.17 65.33 -24.79
N LEU B 29 -29.92 65.38 -23.47
CA LEU B 29 -30.90 65.86 -22.51
C LEU B 29 -30.23 66.86 -21.58
N ASN B 30 -30.80 68.06 -21.49
CA ASN B 30 -30.25 69.14 -20.67
C ASN B 30 -31.34 69.65 -19.74
N LEU B 31 -31.13 69.50 -18.44
CA LEU B 31 -32.04 70.03 -17.42
C LEU B 31 -31.29 70.95 -16.49
N GLY B 32 -32.04 71.68 -15.65
CA GLY B 32 -31.47 72.62 -14.72
C GLY B 32 -32.13 72.52 -13.36
N GLU B 33 -31.77 73.45 -12.49
CA GLU B 33 -32.30 73.46 -11.13
C GLU B 33 -33.81 73.68 -11.15
N GLY B 34 -34.51 72.93 -10.31
CA GLY B 34 -35.96 73.08 -10.20
C GLY B 34 -36.69 72.88 -11.51
N GLU B 35 -36.28 71.88 -12.28
CA GLU B 35 -36.85 71.60 -13.60
C GLU B 35 -37.39 70.18 -13.59
N VAL B 36 -38.71 70.05 -13.52
CA VAL B 36 -39.33 68.74 -13.41
C VAL B 36 -39.35 68.09 -14.79
N LEU B 37 -38.36 67.24 -15.06
CA LEU B 37 -38.29 66.61 -16.36
C LEU B 37 -38.97 65.24 -16.31
N GLY B 38 -39.41 64.78 -17.47
CA GLY B 38 -40.06 63.47 -17.56
C GLY B 38 -39.54 62.62 -18.70
N LEU B 39 -39.32 61.33 -18.44
CA LEU B 39 -38.86 60.37 -19.44
C LEU B 39 -40.00 59.40 -19.74
N PHE B 40 -40.69 59.64 -20.85
CA PHE B 40 -41.82 58.82 -21.25
C PHE B 40 -41.44 58.04 -22.51
N GLY B 41 -41.92 56.81 -22.61
CA GLY B 41 -41.56 56.03 -23.77
C GLY B 41 -42.20 54.66 -23.76
N HIS B 42 -41.89 53.90 -24.81
CA HIS B 42 -42.48 52.55 -24.94
C HIS B 42 -41.84 51.61 -23.95
N ASN B 43 -42.47 50.45 -23.72
CA ASN B 43 -41.96 49.53 -22.70
C ASN B 43 -40.66 48.99 -23.25
N GLY B 44 -39.54 49.41 -22.68
CA GLY B 44 -38.22 48.98 -23.17
C GLY B 44 -37.70 49.93 -24.22
N ALA B 45 -37.53 51.18 -23.85
CA ALA B 45 -37.13 52.17 -24.85
C ALA B 45 -35.86 52.84 -24.39
N GLY B 46 -35.39 52.46 -23.21
CA GLY B 46 -34.12 52.99 -22.71
C GLY B 46 -34.34 54.02 -21.64
N LYS B 47 -35.55 54.09 -21.10
CA LYS B 47 -35.80 55.18 -20.16
C LYS B 47 -34.96 54.93 -18.92
N THR B 48 -35.00 53.70 -18.41
CA THR B 48 -34.31 53.36 -17.14
C THR B 48 -32.80 53.34 -17.35
N THR B 49 -32.35 52.69 -18.42
CA THR B 49 -30.90 52.64 -18.73
C THR B 49 -30.39 54.06 -18.81
N SER B 50 -31.21 55.00 -19.29
CA SER B 50 -30.69 56.37 -19.26
C SER B 50 -30.74 56.94 -17.85
N MET B 51 -31.80 56.63 -17.11
CA MET B 51 -31.93 57.06 -15.73
C MET B 51 -30.75 56.56 -14.90
N LYS B 52 -30.37 55.30 -15.11
CA LYS B 52 -29.18 54.76 -14.46
C LYS B 52 -27.93 55.47 -14.94
N LEU B 53 -27.87 55.79 -16.23
CA LEU B 53 -26.73 56.52 -16.78
C LEU B 53 -26.55 57.86 -16.10
N ILE B 54 -27.65 58.47 -15.63
CA ILE B 54 -27.55 59.67 -14.81
C ILE B 54 -26.63 59.42 -13.63
N LEU B 55 -26.60 58.18 -13.14
CA LEU B 55 -25.81 57.80 -11.98
C LEU B 55 -24.51 57.14 -12.45
N GLY B 56 -23.74 56.64 -11.49
CA GLY B 56 -22.52 55.91 -11.77
C GLY B 56 -22.70 54.43 -11.97
N LEU B 57 -23.95 53.95 -11.97
CA LEU B 57 -24.21 52.52 -12.13
C LEU B 57 -23.76 52.02 -13.50
N LEU B 58 -23.92 52.85 -14.53
CA LEU B 58 -23.60 52.47 -15.89
C LEU B 58 -22.54 53.42 -16.44
N SER B 59 -21.63 52.87 -17.23
CA SER B 59 -20.62 53.74 -17.83
C SER B 59 -20.99 54.06 -19.27
N PRO B 60 -20.93 55.34 -19.67
CA PRO B 60 -21.38 55.70 -21.02
C PRO B 60 -20.38 55.21 -22.06
N SER B 61 -20.87 54.37 -22.98
CA SER B 61 -20.01 53.83 -24.02
C SER B 61 -19.48 54.94 -24.93
N GLU B 62 -20.32 55.91 -25.27
CA GLU B 62 -19.93 57.04 -26.09
C GLU B 62 -20.32 58.33 -25.40
N GLY B 63 -19.44 59.32 -25.47
CA GLY B 63 -19.73 60.61 -24.89
C GLY B 63 -19.53 60.65 -23.38
N GLN B 64 -20.07 61.69 -22.76
CA GLN B 64 -19.98 61.89 -21.33
C GLN B 64 -21.31 62.41 -20.81
N VAL B 65 -21.53 62.21 -19.50
CA VAL B 65 -22.77 62.63 -18.86
C VAL B 65 -22.43 63.51 -17.66
N LYS B 66 -22.39 64.82 -17.86
CA LYS B 66 -22.03 65.71 -16.77
C LYS B 66 -23.17 65.81 -15.77
N VAL B 67 -22.85 65.65 -14.48
CA VAL B 67 -23.82 65.83 -13.42
C VAL B 67 -23.24 66.77 -12.38
N LEU B 68 -23.99 67.82 -12.03
CA LEU B 68 -23.53 68.88 -11.14
C LEU B 68 -22.17 69.43 -11.57
N GLY B 69 -21.86 69.33 -12.86
CA GLY B 69 -20.60 69.82 -13.38
C GLY B 69 -19.41 68.92 -13.15
N ARG B 70 -19.62 67.73 -12.60
CA ARG B 70 -18.53 66.82 -12.28
C ARG B 70 -18.86 65.42 -12.77
N ALA B 71 -17.83 64.57 -12.83
CA ALA B 71 -18.02 63.20 -13.26
C ALA B 71 -18.97 62.48 -12.31
N PRO B 72 -20.00 61.80 -12.82
CA PRO B 72 -20.99 61.18 -11.93
C PRO B 72 -20.43 60.05 -11.07
N ASN B 73 -19.19 59.61 -11.32
CA ASN B 73 -18.61 58.53 -10.54
C ASN B 73 -18.00 59.01 -9.22
N ASP B 74 -17.95 60.32 -8.98
CA ASP B 74 -17.32 60.86 -7.79
C ASP B 74 -18.27 60.80 -6.62
N PRO B 75 -17.87 60.21 -5.48
CA PRO B 75 -18.74 60.17 -4.29
C PRO B 75 -19.38 61.51 -3.95
N GLN B 76 -18.69 62.61 -4.28
CA GLN B 76 -19.23 63.94 -4.03
C GLN B 76 -20.53 64.14 -4.79
N VAL B 77 -20.57 63.72 -6.06
CA VAL B 77 -21.76 63.92 -6.88
C VAL B 77 -22.94 63.15 -6.31
N ARG B 78 -22.73 61.91 -5.89
CA ARG B 78 -23.84 61.12 -5.35
C ARG B 78 -24.32 61.66 -4.01
N ARG B 79 -23.48 62.41 -3.30
CA ARG B 79 -23.88 62.92 -1.99
C ARG B 79 -25.08 63.84 -2.10
N GLN B 80 -25.09 64.72 -3.10
CA GLN B 80 -26.22 65.62 -3.35
C GLN B 80 -27.11 65.02 -4.44
N LEU B 81 -27.72 63.89 -4.11
CA LEU B 81 -28.56 63.19 -5.08
C LEU B 81 -29.45 62.20 -4.33
N GLY B 82 -30.55 61.83 -4.96
CA GLY B 82 -31.43 60.80 -4.44
C GLY B 82 -31.99 59.93 -5.53
N TYR B 83 -32.16 58.63 -5.27
CA TYR B 83 -32.62 57.68 -6.27
C TYR B 83 -33.72 56.79 -5.71
N LEU B 84 -34.87 56.79 -6.36
CA LEU B 84 -35.91 55.80 -6.12
C LEU B 84 -35.96 54.84 -7.30
N PRO B 85 -35.43 53.63 -7.19
CA PRO B 85 -35.39 52.73 -8.34
C PRO B 85 -36.72 52.03 -8.56
N GLU B 86 -37.06 51.77 -9.82
CA GLU B 86 -38.27 50.97 -10.10
C GLU B 86 -38.01 49.62 -9.48
N ASN B 87 -39.04 48.86 -9.18
CA ASN B 87 -38.88 47.58 -8.45
C ASN B 87 -37.93 47.86 -7.29
N VAL B 88 -38.38 48.66 -6.33
CA VAL B 88 -37.53 48.88 -5.16
C VAL B 88 -37.54 47.62 -4.31
N THR B 89 -36.35 47.15 -3.98
CA THR B 89 -36.17 45.90 -3.24
C THR B 89 -35.30 46.17 -2.02
N PHE B 90 -35.78 45.75 -0.86
CA PHE B 90 -35.13 46.05 0.41
C PHE B 90 -34.77 44.75 1.12
N TYR B 91 -33.76 44.82 1.98
CA TYR B 91 -33.39 43.67 2.78
C TYR B 91 -34.60 43.25 3.60
N PRO B 92 -35.19 42.09 3.33
CA PRO B 92 -36.49 41.74 3.94
C PRO B 92 -36.35 40.91 5.22
N GLN B 93 -35.53 41.40 6.15
CA GLN B 93 -35.53 40.79 7.48
C GLN B 93 -35.42 41.81 8.60
N LEU B 94 -34.95 43.02 8.27
CA LEU B 94 -34.80 44.07 9.26
C LEU B 94 -35.87 45.14 9.04
N SER B 95 -36.39 45.67 10.13
CA SER B 95 -37.61 46.48 10.09
C SER B 95 -37.37 47.79 9.33
N GLY B 96 -38.49 48.46 9.03
CA GLY B 96 -38.42 49.70 8.26
C GLY B 96 -37.64 50.79 8.97
N ARG B 97 -37.84 50.91 10.28
CA ARG B 97 -37.04 51.85 11.07
C ARG B 97 -35.56 51.55 10.89
N GLU B 98 -35.18 50.27 10.99
CA GLU B 98 -33.78 49.90 10.83
C GLU B 98 -33.27 50.25 9.44
N THR B 99 -34.07 49.98 8.40
CA THR B 99 -33.64 50.26 7.04
C THR B 99 -33.43 51.76 6.83
N LEU B 100 -34.38 52.57 7.29
CA LEU B 100 -34.23 54.01 7.12
C LEU B 100 -33.03 54.54 7.90
N ARG B 101 -32.83 54.06 9.13
CA ARG B 101 -31.66 54.47 9.88
C ARG B 101 -30.38 54.10 9.14
N HIS B 102 -30.33 52.90 8.59
CA HIS B 102 -29.13 52.43 7.92
C HIS B 102 -28.83 53.29 6.69
N PHE B 103 -29.83 53.48 5.82
CA PHE B 103 -29.62 54.26 4.61
C PHE B 103 -29.27 55.70 4.93
N ALA B 104 -29.90 56.28 5.96
CA ALA B 104 -29.55 57.64 6.36
C ALA B 104 -28.13 57.70 6.88
N ARG B 105 -27.69 56.65 7.59
CA ARG B 105 -26.32 56.62 8.09
C ARG B 105 -25.32 56.61 6.93
N LEU B 106 -25.62 55.86 5.86
CA LEU B 106 -24.76 55.97 4.69
C LEU B 106 -24.96 57.29 3.95
N LYS B 107 -26.17 57.86 4.02
CA LYS B 107 -26.45 59.10 3.30
C LYS B 107 -25.94 60.31 4.07
N GLY B 108 -26.23 60.37 5.36
CA GLY B 108 -25.91 61.52 6.18
C GLY B 108 -27.16 62.25 6.60
N ALA B 109 -27.59 62.04 7.83
CA ALA B 109 -28.82 62.63 8.33
C ALA B 109 -28.67 62.91 9.82
N ALA B 110 -29.56 63.76 10.33
CA ALA B 110 -29.56 64.06 11.76
C ALA B 110 -29.98 62.86 12.60
N LEU B 111 -30.53 61.81 11.99
CA LEU B 111 -31.12 60.63 12.60
C LEU B 111 -32.48 60.99 13.19
N THR B 112 -32.83 62.28 13.23
CA THR B 112 -34.16 62.72 13.61
C THR B 112 -35.05 62.96 12.41
N GLN B 113 -34.47 63.28 11.26
CA GLN B 113 -35.24 63.33 10.02
C GLN B 113 -35.84 61.96 9.68
N VAL B 114 -35.23 60.89 10.19
CA VAL B 114 -35.72 59.55 9.89
C VAL B 114 -37.13 59.37 10.44
N ASP B 115 -37.35 59.70 11.71
CA ASP B 115 -38.66 59.56 12.30
C ASP B 115 -39.66 60.53 11.68
N GLU B 116 -39.21 61.75 11.38
CA GLU B 116 -40.08 62.72 10.73
C GLU B 116 -40.57 62.21 9.39
N LEU B 117 -39.68 61.64 8.60
CA LEU B 117 -40.08 61.06 7.32
C LEU B 117 -40.98 59.86 7.52
N LEU B 118 -40.67 59.01 8.50
CA LEU B 118 -41.44 57.79 8.70
C LEU B 118 -42.87 58.10 9.08
N GLU B 119 -43.08 59.09 9.96
CA GLU B 119 -44.44 59.52 10.28
C GLU B 119 -45.05 60.30 9.12
N GLN B 120 -44.24 61.06 8.40
CA GLN B 120 -44.73 61.87 7.29
C GLN B 120 -45.28 61.01 6.17
N VAL B 121 -44.60 59.91 5.85
CA VAL B 121 -45.00 59.06 4.74
C VAL B 121 -46.13 58.10 5.12
N GLY B 122 -46.51 58.07 6.40
CA GLY B 122 -47.60 57.22 6.81
C GLY B 122 -47.22 55.79 7.11
N LEU B 123 -45.96 55.53 7.44
CA LEU B 123 -45.50 54.21 7.83
C LEU B 123 -45.25 54.10 9.32
N ALA B 124 -45.74 55.06 10.11
CA ALA B 124 -45.44 55.08 11.54
C ALA B 124 -45.96 53.82 12.24
N HIS B 125 -47.19 53.42 11.93
CA HIS B 125 -47.73 52.20 12.54
C HIS B 125 -46.98 50.97 12.06
N ALA B 126 -46.52 51.00 10.81
CA ALA B 126 -45.91 49.81 10.20
C ALA B 126 -44.47 49.59 10.65
N ALA B 127 -43.83 50.59 11.24
CA ALA B 127 -42.46 50.44 11.71
C ALA B 127 -42.33 49.29 12.69
N ASP B 128 -41.15 48.72 12.75
CA ASP B 128 -40.87 47.57 13.66
C ASP B 128 -41.44 46.30 13.04
N ARG B 129 -42.30 46.40 12.04
CA ARG B 129 -42.94 45.16 11.54
C ARG B 129 -42.05 44.30 10.63
N ARG B 130 -40.98 44.85 10.01
CA ARG B 130 -40.01 44.12 9.12
C ARG B 130 -40.45 44.22 7.66
N VAL B 131 -39.51 44.33 6.72
CA VAL B 131 -39.90 44.57 5.31
C VAL B 131 -40.61 43.36 4.72
N LYS B 132 -40.25 42.14 5.07
CA LYS B 132 -40.95 41.02 4.40
C LYS B 132 -42.44 41.21 4.67
N THR B 133 -42.81 41.49 5.91
CA THR B 133 -44.27 41.57 6.18
C THR B 133 -44.85 42.81 5.48
N TYR B 134 -44.02 43.76 5.03
CA TYR B 134 -44.52 44.93 4.32
C TYR B 134 -45.15 44.50 3.00
N SER B 135 -45.98 45.42 2.48
CA SER B 135 -46.71 45.20 1.20
C SER B 135 -46.07 46.01 0.07
N LYS B 136 -46.54 45.84 -1.16
CA LYS B 136 -45.82 46.51 -2.28
C LYS B 136 -45.94 47.99 -2.06
N GLY B 137 -47.03 48.42 -1.47
CA GLY B 137 -47.16 49.87 -1.37
C GLY B 137 -46.23 50.42 -0.33
N MET B 138 -46.41 49.97 0.89
CA MET B 138 -45.58 50.47 1.98
C MET B 138 -44.12 50.30 1.53
N ARG B 139 -43.76 49.25 0.81
CA ARG B 139 -42.37 49.17 0.36
C ARG B 139 -42.02 50.36 -0.50
N GLN B 140 -42.92 50.73 -1.42
CA GLN B 140 -42.65 51.88 -2.27
C GLN B 140 -42.67 53.17 -1.47
N ARG B 141 -43.53 53.25 -0.46
CA ARG B 141 -43.51 54.41 0.43
C ARG B 141 -42.21 54.50 1.22
N LEU B 142 -41.67 53.37 1.67
CA LEU B 142 -40.41 53.41 2.40
C LEU B 142 -39.27 53.79 1.47
N GLY B 143 -39.33 53.32 0.22
CA GLY B 143 -38.34 53.77 -0.74
C GLY B 143 -38.40 55.27 -0.98
N LEU B 144 -39.61 55.81 -1.10
CA LEU B 144 -39.76 57.26 -1.27
C LEU B 144 -39.25 58.01 -0.04
N ALA B 145 -39.54 57.49 1.15
CA ALA B 145 -39.06 58.11 2.38
C ALA B 145 -37.55 58.12 2.42
N GLN B 146 -36.92 57.03 1.98
CA GLN B 146 -35.47 57.02 1.83
C GLN B 146 -35.03 58.06 0.82
N ALA B 147 -35.76 58.19 -0.29
CA ALA B 147 -35.39 59.16 -1.32
C ALA B 147 -35.38 60.58 -0.76
N LEU B 148 -36.25 60.85 0.21
CA LEU B 148 -36.35 62.20 0.77
C LEU B 148 -35.51 62.40 2.02
N LEU B 149 -34.38 61.69 2.15
CA LEU B 149 -33.46 61.88 3.28
C LEU B 149 -32.38 62.88 2.88
N GLY B 150 -32.23 63.93 3.68
CA GLY B 150 -31.28 64.98 3.36
C GLY B 150 -31.91 66.10 2.55
N GLU B 151 -31.05 66.85 1.86
CA GLU B 151 -31.51 67.80 0.86
C GLU B 151 -31.35 67.16 -0.53
N PRO B 152 -32.42 66.79 -1.19
CA PRO B 152 -32.27 66.18 -2.51
C PRO B 152 -32.02 67.20 -3.60
N ARG B 153 -30.81 67.76 -3.68
CA ARG B 153 -30.49 68.69 -4.76
C ARG B 153 -30.91 68.14 -6.11
N LEU B 154 -30.57 66.89 -6.39
CA LEU B 154 -30.95 66.22 -7.63
C LEU B 154 -31.64 64.91 -7.28
N LEU B 155 -32.97 64.93 -7.26
CA LEU B 155 -33.72 63.71 -7.07
C LEU B 155 -34.00 63.03 -8.40
N LEU B 156 -34.19 61.72 -8.34
CA LEU B 156 -34.29 60.87 -9.52
C LEU B 156 -35.41 59.86 -9.37
N LEU B 157 -36.57 60.28 -8.86
CA LEU B 157 -37.66 59.35 -8.66
C LEU B 157 -38.03 58.66 -9.96
N ASP B 158 -37.89 57.32 -10.05
CA ASP B 158 -38.24 56.54 -11.26
C ASP B 158 -39.52 55.76 -11.01
N GLN B 159 -40.36 55.59 -12.03
CA GLN B 159 -41.70 54.94 -11.88
C GLN B 159 -42.11 55.05 -10.41
N PRO B 160 -42.34 56.25 -9.82
CA PRO B 160 -42.55 56.27 -8.37
C PRO B 160 -43.99 56.02 -7.93
N THR B 161 -44.97 56.10 -8.83
CA THR B 161 -46.36 56.10 -8.44
C THR B 161 -46.95 54.70 -8.34
N VAL B 162 -46.20 53.69 -8.74
CA VAL B 162 -46.72 52.32 -8.76
C VAL B 162 -46.98 51.85 -7.34
N GLY B 163 -48.10 51.20 -7.10
CA GLY B 163 -48.32 50.61 -5.78
C GLY B 163 -48.88 51.56 -4.76
N LEU B 164 -49.19 52.80 -5.14
CA LEU B 164 -49.66 53.78 -4.18
C LEU B 164 -51.14 54.09 -4.35
N ASP B 165 -51.76 54.50 -3.25
CA ASP B 165 -53.16 54.91 -3.27
C ASP B 165 -53.33 56.12 -4.17
N PRO B 166 -54.52 56.31 -4.75
CA PRO B 166 -54.79 57.58 -5.45
C PRO B 166 -54.56 58.79 -4.58
N ILE B 167 -54.97 58.73 -3.31
CA ILE B 167 -54.65 59.79 -2.37
C ILE B 167 -53.14 59.83 -2.13
N ALA B 168 -52.51 58.65 -2.07
CA ALA B 168 -51.07 58.61 -1.84
C ALA B 168 -50.30 59.17 -3.04
N THR B 169 -50.72 58.84 -4.26
CA THR B 169 -50.03 59.39 -5.43
C THR B 169 -50.32 60.89 -5.57
N GLN B 170 -51.51 61.33 -5.17
CA GLN B 170 -51.79 62.76 -5.15
C GLN B 170 -50.87 63.48 -4.17
N ASP B 171 -50.67 62.89 -2.98
CA ASP B 171 -49.75 63.46 -2.01
C ASP B 171 -48.32 63.46 -2.55
N LEU B 172 -47.93 62.41 -3.26
CA LEU B 172 -46.59 62.37 -3.85
C LEU B 172 -46.42 63.48 -4.89
N TYR B 173 -47.45 63.71 -5.71
CA TYR B 173 -47.37 64.80 -6.67
C TYR B 173 -47.30 66.16 -5.96
N LEU B 174 -48.04 66.31 -4.87
CA LEU B 174 -47.95 67.55 -4.09
C LEU B 174 -46.55 67.72 -3.51
N LEU B 175 -45.92 66.62 -3.10
CA LEU B 175 -44.54 66.68 -2.60
C LEU B 175 -43.58 67.07 -3.73
N ILE B 176 -43.82 66.56 -4.94
CA ILE B 176 -43.04 66.99 -6.09
C ILE B 176 -43.18 68.49 -6.29
N ASP B 177 -44.41 69.00 -6.15
CA ASP B 177 -44.63 70.44 -6.30
C ASP B 177 -43.87 71.22 -5.22
N ARG B 178 -43.93 70.74 -3.97
CA ARG B 178 -43.22 71.41 -2.88
C ARG B 178 -41.72 71.44 -3.13
N LEU B 179 -41.17 70.32 -3.61
CA LEU B 179 -39.74 70.27 -3.90
C LEU B 179 -39.38 71.18 -5.06
N ARG B 180 -40.24 71.23 -6.09
CA ARG B 180 -40.06 72.18 -7.18
C ARG B 180 -40.11 73.62 -6.69
N GLN B 181 -40.79 73.87 -5.56
CA GLN B 181 -40.81 75.21 -5.02
C GLN B 181 -39.46 75.61 -4.43
N ARG B 182 -38.75 74.66 -3.82
CA ARG B 182 -37.45 74.93 -3.20
C ARG B 182 -36.29 74.57 -4.11
N GLY B 183 -36.52 74.50 -5.42
CA GLY B 183 -35.45 74.36 -6.38
C GLY B 183 -34.65 73.06 -6.31
N THR B 184 -35.33 71.92 -6.32
CA THR B 184 -34.69 70.62 -6.36
C THR B 184 -35.11 69.90 -7.64
N SER B 185 -34.14 69.53 -8.47
CA SER B 185 -34.44 68.85 -9.72
C SER B 185 -35.11 67.51 -9.45
N ILE B 186 -35.98 67.12 -10.39
CA ILE B 186 -36.63 65.81 -10.35
C ILE B 186 -36.73 65.27 -11.77
N ILE B 187 -36.02 64.17 -12.05
CA ILE B 187 -36.13 63.50 -13.33
C ILE B 187 -37.19 62.42 -13.22
N LEU B 188 -38.45 62.79 -13.40
CA LEU B 188 -39.54 61.83 -13.27
C LEU B 188 -39.53 60.87 -14.46
N CYS B 189 -40.03 59.66 -14.23
CA CYS B 189 -40.10 58.67 -15.29
C CYS B 189 -41.38 57.84 -15.23
N SER B 190 -42.28 58.12 -14.27
CA SER B 190 -43.50 57.36 -14.07
C SER B 190 -44.25 57.12 -15.37
N HIS B 191 -44.82 55.94 -15.59
CA HIS B 191 -45.61 55.74 -16.82
C HIS B 191 -47.06 56.18 -16.58
N VAL B 192 -47.54 56.25 -15.32
CA VAL B 192 -48.90 56.72 -15.17
C VAL B 192 -49.00 58.08 -15.84
N LEU B 193 -49.73 58.13 -16.95
CA LEU B 193 -49.75 59.32 -17.79
C LEU B 193 -50.71 60.39 -17.27
N PRO B 194 -51.95 60.05 -16.90
CA PRO B 194 -52.89 61.11 -16.47
C PRO B 194 -52.42 61.83 -15.22
N GLY B 195 -52.35 63.15 -15.31
CA GLY B 195 -52.14 64.00 -14.16
C GLY B 195 -50.71 64.39 -13.87
N VAL B 196 -49.72 63.71 -14.49
CA VAL B 196 -48.34 64.12 -14.28
C VAL B 196 -48.07 65.45 -14.97
N GLU B 197 -48.65 65.65 -16.16
CA GLU B 197 -48.27 66.76 -17.02
C GLU B 197 -48.42 68.10 -16.33
N ALA B 198 -49.38 68.21 -15.40
CA ALA B 198 -49.56 69.45 -14.66
C ALA B 198 -48.30 69.80 -13.87
N HIS B 199 -47.70 68.81 -13.22
CA HIS B 199 -46.50 69.03 -12.44
C HIS B 199 -45.21 68.95 -13.25
N ILE B 200 -45.30 68.61 -14.54
CA ILE B 200 -44.12 68.44 -15.39
C ILE B 200 -43.76 69.78 -16.00
N ASN B 201 -42.60 70.32 -15.62
CA ASN B 201 -42.10 71.52 -16.27
C ASN B 201 -41.71 71.24 -17.72
N ARG B 202 -40.94 70.17 -17.94
CA ARG B 202 -40.50 69.76 -19.26
C ARG B 202 -40.69 68.26 -19.41
N ALA B 203 -41.29 67.84 -20.52
CA ALA B 203 -41.59 66.43 -20.74
C ALA B 203 -40.86 65.95 -21.98
N ALA B 204 -40.33 64.73 -21.90
CA ALA B 204 -39.52 64.16 -22.97
C ALA B 204 -40.02 62.76 -23.28
N ILE B 205 -40.61 62.58 -24.45
CA ILE B 205 -41.08 61.27 -24.90
C ILE B 205 -40.01 60.69 -25.82
N LEU B 206 -39.32 59.65 -25.36
CA LEU B 206 -38.30 58.98 -26.14
C LEU B 206 -38.72 57.53 -26.36
N ALA B 207 -38.81 57.12 -27.63
CA ALA B 207 -39.10 55.74 -27.98
C ALA B 207 -37.80 54.97 -28.12
N LYS B 208 -37.85 53.76 -28.67
CA LYS B 208 -36.66 52.92 -28.78
C LYS B 208 -35.53 53.63 -29.50
N GLY B 209 -35.85 54.46 -30.49
CA GLY B 209 -34.81 55.08 -31.29
C GLY B 209 -34.02 56.13 -30.51
N CYS B 210 -34.68 57.19 -30.08
CA CYS B 210 -33.99 58.33 -29.47
C CYS B 210 -34.96 59.30 -28.83
N LEU B 211 -34.44 60.43 -28.36
CA LEU B 211 -35.24 61.46 -27.70
C LEU B 211 -35.96 62.30 -28.75
N GLN B 212 -36.90 61.69 -29.46
CA GLN B 212 -37.60 62.34 -30.57
C GLN B 212 -38.59 63.40 -30.11
N ALA B 213 -38.63 63.69 -28.81
CA ALA B 213 -39.54 64.71 -28.30
C ALA B 213 -39.02 65.21 -26.97
N VAL B 214 -38.90 66.54 -26.84
CA VAL B 214 -38.45 67.16 -25.59
C VAL B 214 -39.01 68.58 -25.53
N GLY B 215 -39.46 68.99 -24.36
CA GLY B 215 -39.98 70.32 -24.17
C GLY B 215 -41.04 70.32 -23.08
N SER B 216 -41.61 71.50 -22.86
CA SER B 216 -42.72 71.62 -21.93
C SER B 216 -44.00 71.07 -22.56
N LEU B 217 -44.96 70.75 -21.70
CA LEU B 217 -46.24 70.25 -22.20
C LEU B 217 -46.94 71.29 -23.06
N SER B 218 -46.88 72.56 -22.66
CA SER B 218 -47.48 73.61 -23.47
C SER B 218 -46.70 73.82 -24.76
N GLN B 219 -45.38 73.65 -24.69
CA GLN B 219 -44.52 73.82 -25.89
C GLN B 219 -44.76 72.64 -26.83
N LEU B 220 -44.83 71.43 -26.29
CA LEU B 220 -45.05 70.22 -27.12
C LEU B 220 -46.43 70.37 -27.72
N ARG B 221 -47.38 70.87 -26.93
CA ARG B 221 -48.77 70.96 -27.44
C ARG B 221 -48.75 71.91 -28.63
N ALA B 222 -47.97 72.98 -28.55
CA ALA B 222 -47.86 73.90 -29.72
C ALA B 222 -47.19 73.20 -30.91
N GLU B 223 -46.08 72.49 -30.69
CA GLU B 223 -45.32 71.91 -31.83
C GLU B 223 -46.21 70.99 -32.64
N ALA B 224 -47.39 70.66 -32.15
CA ALA B 224 -48.20 69.68 -32.84
C ALA B 224 -49.68 69.97 -32.64
N GLY B 225 -50.42 70.02 -33.74
CA GLY B 225 -51.85 70.24 -33.69
C GLY B 225 -52.61 69.00 -33.24
N LEU B 226 -53.39 69.12 -32.17
CA LEU B 226 -54.10 68.00 -31.61
C LEU B 226 -55.58 68.35 -31.46
N PRO B 227 -56.49 67.48 -31.87
CA PRO B 227 -57.92 67.79 -31.74
C PRO B 227 -58.36 67.76 -30.28
N VAL B 228 -59.42 68.50 -29.99
CA VAL B 228 -60.02 68.51 -28.66
C VAL B 228 -61.05 67.38 -28.58
N ARG B 229 -61.28 66.89 -27.37
CA ARG B 229 -62.13 65.73 -27.14
C ARG B 229 -63.46 66.18 -26.55
N ILE B 230 -64.55 65.74 -27.17
CA ILE B 230 -65.91 66.00 -26.68
C ILE B 230 -66.63 64.66 -26.58
N ARG B 231 -67.21 64.39 -25.41
CA ARG B 231 -67.85 63.12 -25.13
C ARG B 231 -69.29 63.35 -24.68
N ALA B 232 -70.16 62.40 -25.02
CA ALA B 232 -71.56 62.44 -24.62
C ALA B 232 -72.07 61.01 -24.50
N SER B 233 -73.17 60.85 -23.76
CA SER B 233 -73.78 59.53 -23.53
C SER B 233 -75.30 59.72 -23.49
N GLY B 234 -75.95 59.50 -24.62
CA GLY B 234 -77.39 59.57 -24.70
C GLY B 234 -77.94 60.95 -24.42
N ILE B 235 -77.66 61.91 -25.31
CA ILE B 235 -78.08 63.30 -25.08
C ILE B 235 -79.45 63.55 -25.69
N SER B 236 -79.54 63.53 -27.03
CA SER B 236 -80.81 63.78 -27.70
C SER B 236 -81.27 62.58 -28.53
N GLU B 237 -80.47 62.13 -29.49
CA GLU B 237 -80.83 61.04 -30.39
C GLU B 237 -79.53 60.45 -30.94
N ARG B 238 -79.69 59.39 -31.74
CA ARG B 238 -78.55 58.70 -32.33
C ARG B 238 -78.25 59.16 -33.75
N ASP B 239 -79.27 59.47 -34.54
CA ASP B 239 -79.11 59.79 -35.94
C ASP B 239 -79.08 61.29 -36.23
N SER B 240 -79.89 62.08 -35.49
CA SER B 240 -79.97 63.50 -35.77
C SER B 240 -78.63 64.21 -35.57
N TRP B 241 -77.95 63.90 -34.47
CA TRP B 241 -76.63 64.47 -34.22
C TRP B 241 -75.65 64.09 -35.32
N LEU B 242 -75.68 62.82 -35.74
CA LEU B 242 -74.77 62.36 -36.78
C LEU B 242 -75.00 63.11 -38.08
N GLN B 243 -76.24 63.17 -38.55
CA GLN B 243 -76.52 63.83 -39.82
C GLN B 243 -76.31 65.33 -39.73
N ARG B 244 -76.48 65.92 -38.55
CA ARG B 244 -76.29 67.36 -38.41
C ARG B 244 -74.81 67.75 -38.37
N TRP B 245 -73.96 66.90 -37.79
CA TRP B 245 -72.56 67.28 -37.61
C TRP B 245 -71.61 66.72 -38.66
N THR B 246 -71.93 65.60 -39.31
CA THR B 246 -71.05 65.10 -40.35
C THR B 246 -71.03 66.01 -41.58
N ASP B 247 -72.20 66.52 -41.98
CA ASP B 247 -72.28 67.34 -43.18
C ASP B 247 -71.82 68.78 -42.95
N ALA B 248 -71.71 69.22 -41.70
CA ALA B 248 -71.30 70.58 -41.40
C ALA B 248 -69.79 70.71 -41.22
N GLY B 249 -69.03 70.17 -42.18
CA GLY B 249 -67.60 70.33 -42.22
C GLY B 249 -66.85 69.97 -40.95
N HIS B 250 -67.18 68.84 -40.34
CA HIS B 250 -66.55 68.43 -39.09
C HIS B 250 -66.38 66.92 -39.06
N SER B 251 -65.43 66.48 -38.25
CA SER B 251 -65.14 65.05 -38.08
C SER B 251 -65.93 64.54 -36.88
N ALA B 252 -67.08 63.93 -37.15
CA ALA B 252 -67.98 63.44 -36.11
C ALA B 252 -67.77 61.93 -35.96
N ARG B 253 -67.17 61.54 -34.84
CA ARG B 253 -66.98 60.12 -34.52
C ARG B 253 -68.33 59.55 -34.11
N GLY B 254 -68.96 58.81 -35.02
CA GLY B 254 -70.30 58.31 -34.81
C GLY B 254 -70.36 57.04 -33.98
N LEU B 255 -70.18 57.16 -32.66
CA LEU B 255 -70.31 56.01 -31.78
C LEU B 255 -71.76 55.50 -31.78
N SER B 256 -71.91 54.21 -31.52
CA SER B 256 -73.19 53.53 -31.65
C SER B 256 -74.01 53.50 -30.35
N GLU B 257 -73.51 54.07 -29.27
CA GLU B 257 -74.24 54.06 -28.00
C GLU B 257 -75.15 55.27 -27.85
N SER B 258 -76.00 55.50 -28.86
CA SER B 258 -77.02 56.55 -28.83
C SER B 258 -76.41 57.92 -28.57
N SER B 259 -75.23 58.16 -29.15
CA SER B 259 -74.56 59.44 -29.00
C SER B 259 -73.53 59.59 -30.11
N ILE B 260 -73.37 60.81 -30.60
CA ILE B 260 -72.42 61.12 -31.66
C ILE B 260 -71.42 62.11 -31.06
N GLU B 261 -70.29 61.58 -30.58
CA GLU B 261 -69.24 62.41 -30.00
C GLU B 261 -68.45 63.03 -31.14
N VAL B 262 -68.63 64.33 -31.33
CA VAL B 262 -68.03 65.06 -32.45
C VAL B 262 -66.69 65.62 -31.98
N VAL B 263 -65.64 65.36 -32.76
CA VAL B 263 -64.30 65.81 -32.44
C VAL B 263 -63.97 67.00 -33.33
N ALA B 264 -63.68 68.15 -32.71
CA ALA B 264 -63.41 69.37 -33.43
C ALA B 264 -61.94 69.43 -33.85
N VAL B 265 -61.56 70.54 -34.49
CA VAL B 265 -60.17 70.77 -34.89
C VAL B 265 -59.34 71.34 -33.76
N ASN B 266 -59.97 71.62 -32.61
CA ASN B 266 -59.54 72.27 -31.36
C ASN B 266 -59.53 73.79 -31.50
N GLY B 267 -59.92 74.34 -32.66
CA GLY B 267 -60.01 75.77 -32.82
C GLY B 267 -61.41 76.23 -33.13
N HIS B 268 -62.21 75.37 -33.77
CA HIS B 268 -63.59 75.71 -34.09
C HIS B 268 -64.50 75.64 -32.87
N LYS B 269 -64.09 74.93 -31.82
CA LYS B 269 -64.96 74.75 -30.66
C LYS B 269 -65.39 76.09 -30.07
N LEU B 270 -64.53 77.11 -30.16
CA LEU B 270 -64.86 78.43 -29.63
C LEU B 270 -66.15 78.96 -30.26
N VAL B 271 -66.36 78.71 -31.56
CA VAL B 271 -67.61 79.08 -32.20
C VAL B 271 -68.58 77.91 -32.27
N LEU B 272 -68.15 76.69 -31.92
CA LEU B 272 -69.06 75.56 -31.94
C LEU B 272 -70.00 75.56 -30.74
N LEU B 273 -69.56 76.12 -29.61
CA LEU B 273 -70.37 76.13 -28.40
C LEU B 273 -71.72 76.80 -28.64
N ARG B 274 -71.75 77.82 -29.49
CA ARG B 274 -73.01 78.49 -29.80
C ARG B 274 -74.02 77.53 -30.38
N GLN B 275 -73.58 76.61 -31.25
CA GLN B 275 -74.47 75.56 -31.72
C GLN B 275 -74.86 74.62 -30.58
N LEU B 276 -73.90 74.29 -29.71
CA LEU B 276 -74.16 73.33 -28.64
C LEU B 276 -75.23 73.83 -27.69
N LEU B 277 -75.21 75.12 -27.37
CA LEU B 277 -76.25 75.68 -26.52
C LEU B 277 -77.58 75.81 -27.27
N GLY B 278 -77.54 75.88 -28.59
CA GLY B 278 -78.75 76.06 -29.38
C GLY B 278 -79.76 74.93 -29.25
N GLU B 279 -79.44 73.77 -29.81
CA GLU B 279 -80.32 72.61 -29.74
C GLU B 279 -79.77 71.49 -28.86
N GLY B 280 -78.48 71.52 -28.54
CA GLY B 280 -77.83 70.46 -27.81
C GLY B 280 -78.04 70.52 -26.31
N GLU B 281 -79.22 70.11 -25.86
CA GLU B 281 -79.52 70.10 -24.43
C GLU B 281 -78.46 69.30 -23.68
N PRO B 282 -77.94 69.80 -22.55
CA PRO B 282 -76.85 69.11 -21.87
C PRO B 282 -77.28 67.99 -20.92
N GLU B 283 -77.80 66.88 -21.45
CA GLU B 283 -77.98 65.70 -20.60
C GLU B 283 -76.64 65.14 -20.14
N ASP B 284 -75.64 65.15 -21.03
CA ASP B 284 -74.29 64.74 -20.67
C ASP B 284 -73.28 65.32 -21.65
N ILE B 285 -72.41 66.19 -21.16
CA ILE B 285 -71.39 66.84 -21.97
C ILE B 285 -70.06 66.77 -21.24
N GLU B 286 -69.03 66.26 -21.92
CA GLU B 286 -67.69 66.17 -21.36
C GLU B 286 -66.74 66.86 -22.32
N ILE B 287 -65.97 67.82 -21.81
CA ILE B 287 -64.97 68.52 -22.59
C ILE B 287 -63.60 68.18 -22.01
N HIS B 288 -62.74 67.58 -22.84
CA HIS B 288 -61.39 67.21 -22.42
C HIS B 288 -60.43 67.73 -23.48
N GLN B 289 -59.57 68.67 -23.10
CA GLN B 289 -58.56 69.16 -24.01
C GLN B 289 -57.60 68.03 -24.35
N PRO B 290 -56.94 68.10 -25.51
CA PRO B 290 -55.98 67.02 -25.86
C PRO B 290 -54.89 66.93 -24.81
N SER B 291 -54.94 65.86 -24.03
CA SER B 291 -54.12 65.71 -22.85
C SER B 291 -52.80 65.05 -23.22
N LEU B 292 -52.03 64.68 -22.21
CA LEU B 292 -50.72 64.09 -22.44
C LEU B 292 -50.84 62.70 -23.07
N GLU B 293 -51.98 62.04 -22.87
CA GLU B 293 -52.25 60.79 -23.57
C GLU B 293 -52.25 61.00 -25.08
N ASP B 294 -52.97 62.03 -25.54
CA ASP B 294 -53.03 62.30 -26.97
C ASP B 294 -51.67 62.67 -27.53
N LEU B 295 -50.92 63.51 -26.81
CA LEU B 295 -49.58 63.88 -27.25
C LEU B 295 -48.67 62.65 -27.34
N TYR B 296 -48.76 61.77 -26.34
CA TYR B 296 -47.94 60.56 -26.34
C TYR B 296 -48.28 59.67 -27.53
N ARG B 297 -49.57 59.44 -27.78
CA ARG B 297 -49.95 58.62 -28.92
C ARG B 297 -49.49 59.24 -30.24
N TYR B 298 -49.76 60.54 -30.42
CA TYR B 298 -49.32 61.27 -31.60
C TYR B 298 -47.84 61.05 -31.85
N TYR B 299 -47.02 61.44 -30.87
CA TYR B 299 -45.57 61.39 -31.05
C TYR B 299 -45.10 59.96 -31.30
N MET B 300 -45.61 58.99 -30.53
CA MET B 300 -45.15 57.62 -30.66
C MET B 300 -45.49 57.06 -32.05
N GLU B 301 -46.76 57.17 -32.46
CA GLU B 301 -47.18 56.53 -33.70
C GLU B 301 -46.58 57.24 -34.92
N ARG B 302 -46.69 58.56 -34.98
CA ARG B 302 -46.26 59.26 -36.19
C ARG B 302 -44.75 59.15 -36.39
N ALA B 303 -43.97 59.28 -35.32
CA ALA B 303 -42.52 59.32 -35.44
C ALA B 303 -41.85 57.98 -35.17
N GLY B 304 -42.57 57.01 -34.61
CA GLY B 304 -41.99 55.71 -34.33
C GLY B 304 -42.35 54.65 -35.34
N ASN C 7 -70.82 32.84 -9.92
CA ASN C 7 -70.54 31.71 -9.04
C ASN C 7 -69.08 31.29 -9.14
N ALA C 8 -68.18 32.27 -9.22
CA ALA C 8 -66.77 31.97 -9.39
C ALA C 8 -66.06 31.89 -8.04
N VAL C 9 -66.07 32.98 -7.27
CA VAL C 9 -65.55 32.97 -5.91
C VAL C 9 -66.67 33.35 -4.95
N GLU C 10 -66.86 32.55 -3.91
CA GLU C 10 -67.83 32.82 -2.85
C GLU C 10 -67.09 32.84 -1.54
N ILE C 11 -67.00 34.03 -0.94
CA ILE C 11 -66.26 34.23 0.30
C ILE C 11 -67.27 34.44 1.43
N GLN C 12 -67.15 33.64 2.48
CA GLN C 12 -68.10 33.65 3.59
C GLN C 12 -67.47 34.37 4.77
N GLY C 13 -67.53 35.70 4.75
CA GLY C 13 -67.09 36.54 5.85
C GLY C 13 -65.75 36.17 6.44
N VAL C 14 -64.70 36.16 5.62
CA VAL C 14 -63.40 35.72 6.08
C VAL C 14 -62.78 36.78 6.99
N SER C 15 -62.20 36.33 8.09
CA SER C 15 -61.34 37.16 8.93
C SER C 15 -59.98 36.49 9.00
N GLN C 16 -58.94 37.25 8.65
CA GLN C 16 -57.58 36.72 8.62
C GLN C 16 -56.72 37.49 9.61
N ARG C 17 -55.89 36.75 10.33
CA ARG C 17 -54.99 37.31 11.32
C ARG C 17 -53.55 37.02 10.94
N TYR C 18 -52.71 38.04 11.01
CA TYR C 18 -51.26 37.84 10.75
C TYR C 18 -50.59 38.09 12.09
N GLY C 19 -50.14 37.03 12.73
CA GLY C 19 -49.65 37.21 14.10
C GLY C 19 -50.80 37.75 14.94
N SER C 20 -50.53 38.78 15.72
CA SER C 20 -51.58 39.33 16.61
C SER C 20 -52.34 40.43 15.86
N MET C 21 -51.94 40.70 14.62
CA MET C 21 -52.54 41.85 13.92
C MET C 21 -53.64 41.38 12.97
N THR C 22 -54.90 41.71 13.28
CA THR C 22 -55.91 41.39 12.27
C THR C 22 -55.69 42.24 11.02
N VAL C 23 -55.90 41.64 9.85
CA VAL C 23 -55.73 42.39 8.57
C VAL C 23 -57.08 42.38 7.85
N LEU C 24 -57.88 41.36 8.09
CA LEU C 24 -59.21 41.30 7.50
C LEU C 24 -60.21 40.90 8.59
N HIS C 25 -61.38 41.52 8.57
CA HIS C 25 -62.45 41.18 9.49
C HIS C 25 -63.78 41.16 8.75
N ASP C 26 -64.46 40.02 8.78
CA ASP C 26 -65.76 39.81 8.15
C ASP C 26 -65.81 40.40 6.74
N LEU C 27 -64.88 39.97 5.91
CA LEU C 27 -64.84 40.39 4.50
C LEU C 27 -65.66 39.40 3.70
N ASN C 28 -66.93 39.69 3.49
CA ASN C 28 -67.82 38.84 2.71
C ASN C 28 -67.94 39.43 1.31
N LEU C 29 -67.41 38.71 0.32
CA LEU C 29 -67.38 39.16 -1.06
C LEU C 29 -67.83 38.03 -1.96
N ASN C 30 -68.36 38.38 -3.13
CA ASN C 30 -68.84 37.39 -4.07
C ASN C 30 -68.60 37.89 -5.50
N LEU C 31 -68.47 36.94 -6.42
CA LEU C 31 -68.28 37.24 -7.83
C LEU C 31 -69.08 36.28 -8.69
N GLY C 32 -69.55 36.77 -9.83
CA GLY C 32 -70.23 35.93 -10.80
C GLY C 32 -69.24 35.19 -11.69
N GLU C 33 -69.76 34.18 -12.40
CA GLU C 33 -68.89 33.35 -13.23
C GLU C 33 -68.25 34.16 -14.34
N GLY C 34 -68.99 35.09 -14.94
CA GLY C 34 -68.45 35.96 -15.96
C GLY C 34 -68.28 37.41 -15.56
N GLU C 35 -68.48 37.75 -14.29
CA GLU C 35 -68.38 39.13 -13.85
C GLU C 35 -66.92 39.52 -13.59
N VAL C 36 -66.62 40.80 -13.75
CA VAL C 36 -65.29 41.34 -13.48
C VAL C 36 -65.42 42.32 -12.32
N LEU C 37 -64.66 42.06 -11.25
CA LEU C 37 -64.76 42.81 -10.01
C LEU C 37 -63.43 43.52 -9.74
N GLY C 38 -63.49 44.84 -9.67
CA GLY C 38 -62.34 45.66 -9.36
C GLY C 38 -62.19 45.96 -7.89
N LEU C 39 -61.25 45.28 -7.22
CA LEU C 39 -60.93 45.62 -5.85
C LEU C 39 -60.09 46.88 -5.79
N PHE C 40 -60.48 47.83 -4.94
CA PHE C 40 -59.66 49.01 -4.67
C PHE C 40 -59.65 49.26 -3.18
N GLY C 41 -58.61 49.94 -2.71
CA GLY C 41 -58.51 50.23 -1.29
C GLY C 41 -57.22 50.93 -0.97
N HIS C 42 -57.06 51.21 0.33
CA HIS C 42 -55.86 51.87 0.89
C HIS C 42 -54.61 51.03 0.62
N ASN C 43 -53.43 51.59 0.82
CA ASN C 43 -52.19 50.86 0.49
C ASN C 43 -52.04 49.70 1.45
N GLY C 44 -52.50 49.84 2.68
CA GLY C 44 -52.26 48.76 3.64
C GLY C 44 -53.52 48.01 4.00
N ALA C 45 -54.56 48.14 3.19
CA ALA C 45 -55.86 47.53 3.52
C ALA C 45 -55.72 46.03 3.51
N GLY C 46 -55.84 45.46 2.33
CA GLY C 46 -55.80 44.01 2.26
C GLY C 46 -55.97 43.53 0.85
N LYS C 47 -55.65 44.37 -0.12
CA LYS C 47 -55.94 43.94 -1.49
C LYS C 47 -55.16 42.65 -1.77
N THR C 48 -53.83 42.67 -1.64
CA THR C 48 -53.03 41.48 -2.05
C THR C 48 -53.39 40.31 -1.13
N THR C 49 -53.50 40.53 0.18
CA THR C 49 -53.73 39.39 1.09
C THR C 49 -55.04 38.74 0.74
N SER C 50 -56.05 39.50 0.36
CA SER C 50 -57.32 38.88 -0.04
C SER C 50 -57.13 38.03 -1.28
N MET C 51 -56.36 38.52 -2.26
CA MET C 51 -56.07 37.70 -3.42
C MET C 51 -55.31 36.44 -3.03
N LYS C 52 -54.36 36.56 -2.10
CA LYS C 52 -53.60 35.39 -1.65
C LYS C 52 -54.53 34.38 -0.99
N LEU C 53 -55.51 34.85 -0.23
CA LEU C 53 -56.52 33.95 0.32
C LEU C 53 -57.30 33.26 -0.79
N ILE C 54 -57.64 34.00 -1.84
CA ILE C 54 -58.37 33.41 -2.95
C ILE C 54 -57.55 32.30 -3.61
N LEU C 55 -56.28 32.57 -3.89
CA LEU C 55 -55.39 31.54 -4.44
C LEU C 55 -55.38 30.28 -3.59
N GLY C 56 -55.49 30.43 -2.28
CA GLY C 56 -55.26 29.34 -1.37
C GLY C 56 -53.87 29.27 -0.80
N LEU C 57 -53.07 30.33 -0.95
CA LEU C 57 -51.75 30.36 -0.33
C LEU C 57 -51.87 30.28 1.19
N LEU C 58 -52.81 31.01 1.77
CA LEU C 58 -53.10 30.96 3.19
C LEU C 58 -54.52 30.46 3.43
N SER C 59 -54.70 29.78 4.55
CA SER C 59 -56.00 29.24 4.92
C SER C 59 -56.68 30.20 5.88
N PRO C 60 -57.84 30.75 5.53
CA PRO C 60 -58.52 31.68 6.43
C PRO C 60 -58.82 31.04 7.77
N SER C 61 -58.46 31.75 8.85
CA SER C 61 -58.74 31.26 10.19
C SER C 61 -60.24 31.17 10.44
N GLU C 62 -61.00 32.18 10.01
CA GLU C 62 -62.44 32.22 10.20
C GLU C 62 -63.08 32.54 8.85
N GLY C 63 -63.35 31.51 8.06
CA GLY C 63 -64.04 31.68 6.79
C GLY C 63 -63.79 30.54 5.82
N GLN C 64 -64.84 30.08 5.15
CA GLN C 64 -64.73 29.01 4.17
C GLN C 64 -64.89 29.61 2.78
N VAL C 65 -63.76 29.95 2.15
CA VAL C 65 -63.78 30.49 0.79
C VAL C 65 -64.05 29.36 -0.20
N LYS C 66 -64.86 29.63 -1.21
CA LYS C 66 -65.12 28.71 -2.30
C LYS C 66 -64.52 29.29 -3.57
N VAL C 67 -63.49 28.64 -4.10
CA VAL C 67 -62.79 29.09 -5.30
C VAL C 67 -63.21 28.19 -6.45
N LEU C 68 -63.85 28.79 -7.45
CA LEU C 68 -64.37 28.08 -8.62
C LEU C 68 -65.27 26.92 -8.16
N GLY C 69 -66.14 27.23 -7.18
CA GLY C 69 -67.06 26.25 -6.66
C GLY C 69 -66.40 25.07 -5.98
N ARG C 70 -65.14 25.20 -5.59
CA ARG C 70 -64.40 24.11 -4.95
C ARG C 70 -63.48 24.70 -3.89
N ALA C 71 -62.97 23.83 -3.02
CA ALA C 71 -62.04 24.26 -2.00
C ALA C 71 -60.72 24.68 -2.63
N PRO C 72 -60.07 25.72 -2.12
CA PRO C 72 -58.83 26.21 -2.75
C PRO C 72 -57.63 25.30 -2.53
N ASN C 73 -57.69 24.34 -1.62
CA ASN C 73 -56.58 23.42 -1.43
C ASN C 73 -56.43 22.47 -2.61
N ASP C 74 -57.54 22.11 -3.24
CA ASP C 74 -57.49 21.17 -4.35
C ASP C 74 -56.71 21.78 -5.52
N PRO C 75 -55.75 21.05 -6.09
CA PRO C 75 -55.04 21.56 -7.27
C PRO C 75 -55.85 21.53 -8.55
N GLN C 76 -57.00 20.86 -8.58
CA GLN C 76 -57.85 20.91 -9.77
C GLN C 76 -58.36 22.32 -10.02
N VAL C 77 -58.56 23.11 -8.97
CA VAL C 77 -58.91 24.52 -9.13
C VAL C 77 -57.80 25.25 -9.87
N ARG C 78 -56.56 25.03 -9.44
CA ARG C 78 -55.42 25.74 -10.01
C ARG C 78 -55.17 25.32 -11.46
N ARG C 79 -55.74 24.19 -11.90
CA ARG C 79 -55.60 23.78 -13.29
C ARG C 79 -56.02 24.88 -14.25
N GLN C 80 -57.22 25.42 -14.08
CA GLN C 80 -57.77 26.43 -14.98
C GLN C 80 -57.89 27.79 -14.30
N LEU C 81 -56.98 28.10 -13.38
CA LEU C 81 -56.94 29.38 -12.70
C LEU C 81 -55.55 29.98 -12.88
N GLY C 82 -55.50 31.23 -13.29
CA GLY C 82 -54.23 31.92 -13.52
C GLY C 82 -54.13 33.12 -12.60
N TYR C 83 -52.91 33.43 -12.17
CA TYR C 83 -52.68 34.52 -11.23
C TYR C 83 -51.42 35.28 -11.62
N LEU C 84 -51.52 36.61 -11.65
CA LEU C 84 -50.38 37.48 -11.92
C LEU C 84 -50.00 38.19 -10.62
N PRO C 85 -48.81 37.87 -10.04
CA PRO C 85 -48.36 38.51 -8.82
C PRO C 85 -47.69 39.87 -8.99
N GLU C 86 -47.85 40.74 -8.00
CA GLU C 86 -47.16 42.04 -8.06
C GLU C 86 -45.67 41.75 -7.86
N ASN C 87 -44.80 42.71 -8.18
CA ASN C 87 -43.33 42.53 -8.04
C ASN C 87 -43.04 41.17 -8.62
N VAL C 88 -43.63 40.89 -9.79
CA VAL C 88 -43.47 39.56 -10.42
C VAL C 88 -42.00 39.39 -10.71
N THR C 89 -41.33 38.66 -9.84
CA THR C 89 -39.93 38.39 -10.09
C THR C 89 -39.79 36.98 -10.65
N PHE C 90 -38.83 36.81 -11.55
CA PHE C 90 -38.65 35.55 -12.26
C PHE C 90 -37.24 35.06 -12.03
N TYR C 91 -37.00 33.81 -12.41
CA TYR C 91 -35.64 33.30 -12.39
C TYR C 91 -34.78 34.15 -13.33
N PRO C 92 -33.72 34.77 -12.85
CA PRO C 92 -33.00 35.77 -13.64
C PRO C 92 -31.98 35.24 -14.62
N GLN C 93 -31.79 33.92 -14.72
CA GLN C 93 -30.87 33.35 -15.69
C GLN C 93 -31.55 32.37 -16.62
N LEU C 94 -32.87 32.40 -16.71
CA LEU C 94 -33.60 31.63 -17.69
C LEU C 94 -34.04 32.54 -18.83
N SER C 95 -34.03 32.00 -20.05
CA SER C 95 -34.51 32.76 -21.19
C SER C 95 -36.01 32.99 -21.08
N GLY C 96 -36.46 34.17 -21.51
CA GLY C 96 -37.87 34.48 -21.43
C GLY C 96 -38.73 33.47 -22.17
N ARG C 97 -38.34 33.11 -23.39
CA ARG C 97 -38.99 32.02 -24.08
C ARG C 97 -38.88 30.73 -23.28
N GLU C 98 -37.68 30.44 -22.76
CA GLU C 98 -37.49 29.22 -21.99
C GLU C 98 -38.27 29.26 -20.68
N THR C 99 -38.31 30.42 -20.03
CA THR C 99 -39.09 30.56 -18.81
C THR C 99 -40.57 30.29 -19.06
N LEU C 100 -41.11 30.88 -20.13
CA LEU C 100 -42.53 30.71 -20.39
C LEU C 100 -42.84 29.30 -20.85
N ARG C 101 -41.92 28.67 -21.59
CA ARG C 101 -42.11 27.27 -21.96
C ARG C 101 -42.11 26.37 -20.74
N HIS C 102 -41.21 26.61 -19.79
CA HIS C 102 -41.21 25.84 -18.55
C HIS C 102 -42.50 26.04 -17.78
N PHE C 103 -43.00 27.28 -17.74
CA PHE C 103 -44.25 27.54 -17.04
C PHE C 103 -45.42 26.83 -17.71
N ALA C 104 -45.44 26.81 -19.04
CA ALA C 104 -46.47 26.06 -19.77
C ALA C 104 -46.36 24.57 -19.48
N ARG C 105 -45.15 24.04 -19.46
CA ARG C 105 -44.94 22.64 -19.09
C ARG C 105 -45.51 22.35 -17.71
N LEU C 106 -45.36 23.30 -16.79
CA LEU C 106 -45.99 23.15 -15.47
C LEU C 106 -47.50 23.14 -15.59
N LYS C 107 -48.06 24.04 -16.41
CA LYS C 107 -49.51 24.17 -16.52
C LYS C 107 -50.13 23.20 -17.51
N GLY C 108 -49.34 22.56 -18.36
CA GLY C 108 -49.85 21.58 -19.31
C GLY C 108 -50.22 22.14 -20.66
N ALA C 109 -50.12 23.45 -20.86
CA ALA C 109 -50.52 24.05 -22.12
C ALA C 109 -49.62 23.57 -23.25
N ALA C 110 -50.17 23.56 -24.46
CA ALA C 110 -49.45 23.03 -25.61
C ALA C 110 -48.30 23.95 -26.00
N LEU C 111 -47.23 23.34 -26.52
CA LEU C 111 -46.06 24.09 -26.96
C LEU C 111 -46.36 25.00 -28.14
N THR C 112 -47.46 24.78 -28.85
CA THR C 112 -47.84 25.70 -29.93
C THR C 112 -48.26 27.05 -29.39
N GLN C 113 -48.82 27.07 -28.18
CA GLN C 113 -49.39 28.31 -27.63
C GLN C 113 -48.30 29.30 -27.24
N VAL C 114 -47.13 28.80 -26.81
CA VAL C 114 -46.16 29.67 -26.13
C VAL C 114 -45.66 30.78 -27.06
N ASP C 115 -45.24 30.43 -28.27
CA ASP C 115 -44.65 31.42 -29.17
C ASP C 115 -45.71 32.40 -29.66
N GLU C 116 -46.89 31.88 -30.00
CA GLU C 116 -47.98 32.76 -30.42
C GLU C 116 -48.36 33.73 -29.33
N LEU C 117 -48.37 33.28 -28.07
CA LEU C 117 -48.75 34.14 -26.95
C LEU C 117 -47.64 35.15 -26.65
N LEU C 118 -46.38 34.75 -26.82
CA LEU C 118 -45.28 35.71 -26.69
C LEU C 118 -45.39 36.80 -27.73
N GLU C 119 -45.78 36.44 -28.96
CA GLU C 119 -46.04 37.46 -29.96
C GLU C 119 -47.23 38.32 -29.57
N GLN C 120 -48.26 37.70 -28.99
CA GLN C 120 -49.49 38.42 -28.67
C GLN C 120 -49.25 39.52 -27.64
N VAL C 121 -48.47 39.23 -26.59
CA VAL C 121 -48.22 40.24 -25.55
C VAL C 121 -47.39 41.39 -26.11
N GLY C 122 -46.40 41.08 -26.94
CA GLY C 122 -45.55 42.10 -27.51
C GLY C 122 -44.11 41.99 -27.05
N LEU C 123 -43.67 40.77 -26.79
CA LEU C 123 -42.34 40.52 -26.28
C LEU C 123 -41.51 39.60 -27.17
N ALA C 124 -42.12 39.01 -28.20
CA ALA C 124 -41.40 38.07 -29.06
C ALA C 124 -40.16 38.72 -29.69
N HIS C 125 -40.22 40.03 -29.93
CA HIS C 125 -39.08 40.72 -30.54
C HIS C 125 -37.83 40.59 -29.67
N ALA C 126 -37.99 40.69 -28.35
CA ALA C 126 -36.88 40.63 -27.42
C ALA C 126 -36.81 39.30 -26.67
N ALA C 127 -37.48 38.27 -27.18
CA ALA C 127 -37.40 36.96 -26.58
C ALA C 127 -36.01 36.35 -26.82
N ASP C 128 -35.75 35.24 -26.13
CA ASP C 128 -34.53 34.44 -26.16
C ASP C 128 -33.40 35.11 -25.37
N ARG C 129 -33.66 36.27 -24.77
CA ARG C 129 -32.63 36.89 -23.89
C ARG C 129 -33.07 36.69 -22.44
N ARG C 130 -32.17 36.37 -21.51
CA ARG C 130 -32.44 36.07 -20.11
C ARG C 130 -33.24 37.15 -19.41
N VAL C 131 -34.03 36.75 -18.40
CA VAL C 131 -34.94 37.67 -17.71
C VAL C 131 -34.17 38.82 -17.06
N LYS C 132 -32.90 38.60 -16.81
CA LYS C 132 -32.18 39.65 -16.06
C LYS C 132 -32.07 40.83 -16.99
N THR C 133 -31.90 40.55 -18.27
CA THR C 133 -31.70 41.68 -19.19
C THR C 133 -33.00 42.45 -19.30
N TYR C 134 -34.16 41.78 -19.23
CA TYR C 134 -35.42 42.49 -19.42
C TYR C 134 -35.53 43.67 -18.48
N SER C 135 -36.46 44.57 -18.78
CA SER C 135 -36.70 45.77 -17.95
C SER C 135 -37.91 45.56 -17.06
N LYS C 136 -38.32 46.58 -16.31
CA LYS C 136 -39.44 46.40 -15.37
C LYS C 136 -40.70 46.17 -16.18
N GLY C 137 -40.68 46.63 -17.41
CA GLY C 137 -41.87 46.47 -18.24
C GLY C 137 -41.89 45.08 -18.78
N MET C 138 -40.82 44.68 -19.45
CA MET C 138 -40.87 43.35 -20.08
C MET C 138 -41.10 42.30 -19.01
N ARG C 139 -40.58 42.50 -17.80
CA ARG C 139 -40.90 41.49 -16.79
C ARG C 139 -42.38 41.49 -16.45
N GLN C 140 -43.00 42.67 -16.41
CA GLN C 140 -44.44 42.74 -16.20
C GLN C 140 -45.18 42.07 -17.35
N ARG C 141 -44.69 42.27 -18.58
CA ARG C 141 -45.33 41.62 -19.73
C ARG C 141 -45.15 40.11 -19.69
N LEU C 142 -43.99 39.63 -19.21
CA LEU C 142 -43.82 38.20 -19.01
C LEU C 142 -44.79 37.67 -17.96
N GLY C 143 -45.01 38.43 -16.89
CA GLY C 143 -46.01 38.04 -15.92
C GLY C 143 -47.40 37.98 -16.51
N LEU C 144 -47.74 38.98 -17.34
CA LEU C 144 -49.02 38.98 -18.02
C LEU C 144 -49.16 37.80 -18.98
N ALA C 145 -48.07 37.41 -19.62
CA ALA C 145 -48.05 36.23 -20.47
C ALA C 145 -48.28 34.97 -19.64
N GLN C 146 -47.66 34.92 -18.46
CA GLN C 146 -47.93 33.85 -17.51
C GLN C 146 -49.40 33.79 -17.15
N ALA C 147 -50.03 34.95 -16.93
CA ALA C 147 -51.44 34.95 -16.55
C ALA C 147 -52.31 34.36 -17.65
N LEU C 148 -52.06 34.77 -18.90
CA LEU C 148 -52.88 34.32 -20.02
C LEU C 148 -52.48 32.95 -20.53
N LEU C 149 -51.50 32.31 -19.90
CA LEU C 149 -51.06 30.99 -20.32
C LEU C 149 -52.15 29.95 -20.08
N GLY C 150 -52.33 29.05 -21.03
CA GLY C 150 -53.32 28.01 -20.91
C GLY C 150 -54.73 28.54 -21.09
N GLU C 151 -55.70 27.72 -20.68
CA GLU C 151 -57.11 28.13 -20.71
C GLU C 151 -57.52 28.61 -19.32
N PRO C 152 -57.45 29.92 -19.04
CA PRO C 152 -57.80 30.40 -17.70
C PRO C 152 -59.30 30.64 -17.50
N ARG C 153 -59.94 29.79 -16.68
CA ARG C 153 -61.34 30.06 -16.34
C ARG C 153 -61.47 31.24 -15.41
N LEU C 154 -60.55 31.36 -14.44
CA LEU C 154 -60.59 32.43 -13.45
C LEU C 154 -59.20 33.05 -13.40
N LEU C 155 -59.12 34.35 -13.66
CA LEU C 155 -57.85 35.05 -13.80
C LEU C 155 -57.76 36.14 -12.74
N LEU C 156 -56.79 36.01 -11.84
CA LEU C 156 -56.57 36.92 -10.72
C LEU C 156 -55.37 37.79 -11.04
N LEU C 157 -55.61 39.08 -11.29
CA LEU C 157 -54.53 40.03 -11.54
C LEU C 157 -54.29 40.84 -10.29
N ASP C 158 -53.01 41.05 -9.94
CA ASP C 158 -52.65 41.95 -8.81
C ASP C 158 -52.06 43.18 -9.47
N GLN C 159 -52.17 44.36 -8.86
CA GLN C 159 -51.66 45.64 -9.44
C GLN C 159 -51.07 45.35 -10.82
N PRO C 160 -51.84 45.15 -11.91
CA PRO C 160 -51.26 44.69 -13.17
C PRO C 160 -50.75 45.66 -14.23
N THR C 161 -51.02 46.93 -14.07
CA THR C 161 -50.60 47.91 -15.10
C THR C 161 -49.27 48.48 -14.63
N VAL C 162 -48.74 47.91 -13.56
CA VAL C 162 -47.51 48.53 -13.03
C VAL C 162 -46.44 48.27 -14.07
N GLY C 163 -45.88 49.33 -14.65
CA GLY C 163 -44.75 49.16 -15.56
C GLY C 163 -45.11 49.20 -17.02
N LEU C 164 -46.39 49.09 -17.35
CA LEU C 164 -46.72 48.97 -18.78
C LEU C 164 -46.91 50.35 -19.39
N ASP C 165 -46.88 50.40 -20.71
CA ASP C 165 -47.09 51.68 -21.43
C ASP C 165 -48.58 52.01 -21.54
N PRO C 166 -49.02 53.27 -21.74
CA PRO C 166 -50.43 53.58 -21.99
C PRO C 166 -51.01 52.76 -23.13
N ILE C 167 -50.25 52.58 -24.21
CA ILE C 167 -50.67 51.67 -25.27
C ILE C 167 -50.77 50.24 -24.73
N ALA C 168 -49.76 49.81 -23.98
CA ALA C 168 -49.82 48.47 -23.40
C ALA C 168 -50.96 48.36 -22.40
N THR C 169 -51.18 49.40 -21.60
CA THR C 169 -52.26 49.37 -20.63
C THR C 169 -53.63 49.25 -21.31
N GLN C 170 -53.85 50.04 -22.36
CA GLN C 170 -55.14 49.96 -23.05
C GLN C 170 -55.28 48.65 -23.80
N ASP C 171 -54.19 48.11 -24.34
CA ASP C 171 -54.25 46.80 -24.98
C ASP C 171 -54.64 45.72 -23.99
N LEU C 172 -54.05 45.75 -22.79
CA LEU C 172 -54.46 44.85 -21.73
C LEU C 172 -55.91 45.06 -21.34
N TYR C 173 -56.38 46.31 -21.36
CA TYR C 173 -57.76 46.57 -21.00
C TYR C 173 -58.72 45.95 -22.01
N LEU C 174 -58.41 46.10 -23.30
CA LEU C 174 -59.18 45.42 -24.34
C LEU C 174 -59.09 43.91 -24.20
N LEU C 175 -57.93 43.39 -23.81
CA LEU C 175 -57.79 41.96 -23.58
C LEU C 175 -58.71 41.49 -22.46
N ILE C 176 -58.78 42.26 -21.37
CA ILE C 176 -59.66 41.91 -20.25
C ILE C 176 -61.12 41.95 -20.69
N ASP C 177 -61.49 42.97 -21.47
CA ASP C 177 -62.86 43.04 -21.98
C ASP C 177 -63.18 41.83 -22.85
N ARG C 178 -62.27 41.48 -23.75
CA ARG C 178 -62.46 40.31 -24.61
C ARG C 178 -62.61 39.04 -23.78
N LEU C 179 -61.78 38.88 -22.75
CA LEU C 179 -61.87 37.70 -21.91
C LEU C 179 -63.19 37.67 -21.15
N ARG C 180 -63.73 38.85 -20.78
CA ARG C 180 -65.07 38.90 -20.23
C ARG C 180 -66.10 38.43 -21.26
N GLN C 181 -65.93 38.83 -22.52
CA GLN C 181 -66.81 38.37 -23.58
C GLN C 181 -66.74 36.85 -23.72
N ARG C 182 -65.53 36.29 -23.61
CA ARG C 182 -65.34 34.84 -23.70
C ARG C 182 -65.90 34.10 -22.48
N GLY C 183 -66.33 34.83 -21.44
CA GLY C 183 -66.93 34.20 -20.28
C GLY C 183 -65.99 33.89 -19.14
N THR C 184 -64.74 34.36 -19.19
CA THR C 184 -63.80 34.14 -18.11
C THR C 184 -64.05 35.11 -16.97
N SER C 185 -63.58 34.74 -15.79
CA SER C 185 -63.77 35.53 -14.57
C SER C 185 -62.49 36.26 -14.22
N ILE C 186 -62.62 37.54 -13.88
CA ILE C 186 -61.48 38.42 -13.63
C ILE C 186 -61.68 39.10 -12.27
N ILE C 187 -60.68 38.99 -11.40
CA ILE C 187 -60.58 39.83 -10.22
C ILE C 187 -59.37 40.73 -10.45
N LEU C 188 -59.62 41.99 -10.78
CA LEU C 188 -58.57 42.95 -11.09
C LEU C 188 -58.51 43.99 -9.97
N CYS C 189 -57.35 44.11 -9.35
CA CYS C 189 -57.10 45.18 -8.39
C CYS C 189 -56.08 46.13 -8.98
N SER C 190 -56.33 47.42 -8.85
CA SER C 190 -55.46 48.40 -9.49
C SER C 190 -55.45 49.67 -8.66
N HIS C 191 -54.50 50.53 -8.97
CA HIS C 191 -54.38 51.82 -8.25
C HIS C 191 -54.50 52.95 -9.27
N VAL C 192 -54.40 52.66 -10.56
CA VAL C 192 -54.67 53.66 -11.59
C VAL C 192 -56.17 53.61 -11.82
N LEU C 193 -56.91 54.42 -11.05
CA LEU C 193 -58.36 54.47 -11.21
C LEU C 193 -58.78 55.02 -12.57
N PRO C 194 -58.16 56.07 -13.11
CA PRO C 194 -58.47 56.47 -14.48
C PRO C 194 -58.35 55.28 -15.43
N GLY C 195 -59.31 55.19 -16.35
CA GLY C 195 -59.26 54.21 -17.41
C GLY C 195 -59.82 52.84 -17.08
N VAL C 196 -60.21 52.58 -15.83
CA VAL C 196 -60.77 51.29 -15.49
C VAL C 196 -62.29 51.34 -15.30
N GLU C 197 -62.90 52.52 -15.41
CA GLU C 197 -64.35 52.60 -15.27
C GLU C 197 -65.06 51.89 -16.41
N ALA C 198 -64.52 52.00 -17.62
CA ALA C 198 -65.19 51.40 -18.78
C ALA C 198 -65.09 49.88 -18.77
N HIS C 199 -63.94 49.33 -18.37
CA HIS C 199 -63.65 47.91 -18.52
C HIS C 199 -63.96 47.11 -17.26
N ILE C 200 -64.51 47.74 -16.23
CA ILE C 200 -64.85 47.06 -14.98
C ILE C 200 -66.36 47.11 -14.80
N ASN C 201 -66.98 45.94 -14.62
CA ASN C 201 -68.42 45.93 -14.38
C ASN C 201 -68.72 46.17 -12.90
N ARG C 202 -68.34 45.23 -12.05
CA ARG C 202 -68.56 45.40 -10.62
C ARG C 202 -67.29 45.91 -9.94
N ALA C 203 -67.47 46.69 -8.88
CA ALA C 203 -66.33 47.24 -8.15
C ALA C 203 -66.57 47.08 -6.66
N ALA C 204 -65.46 47.04 -5.92
CA ALA C 204 -65.51 46.93 -4.47
C ALA C 204 -64.44 47.83 -3.88
N ILE C 205 -64.79 48.51 -2.79
CA ILE C 205 -63.87 49.36 -2.05
C ILE C 205 -63.81 48.87 -0.62
N LEU C 206 -62.60 48.64 -0.13
CA LEU C 206 -62.39 48.21 1.25
C LEU C 206 -61.33 49.09 1.90
N ALA C 207 -61.60 49.53 3.12
CA ALA C 207 -60.64 50.30 3.90
C ALA C 207 -60.42 49.58 5.23
N LYS C 208 -59.16 49.57 5.68
CA LYS C 208 -58.74 48.78 6.83
C LYS C 208 -59.20 47.35 6.57
N GLY C 209 -59.91 46.70 7.48
CA GLY C 209 -60.39 45.36 7.24
C GLY C 209 -61.80 45.31 6.69
N CYS C 210 -62.71 46.07 7.30
CA CYS C 210 -64.10 46.06 6.90
C CYS C 210 -64.26 46.44 5.43
N LEU C 211 -65.14 45.71 4.74
CA LEU C 211 -65.46 46.01 3.35
C LEU C 211 -66.40 47.20 3.29
N GLN C 212 -65.94 48.30 2.71
CA GLN C 212 -66.74 49.53 2.72
C GLN C 212 -68.00 49.38 1.88
N ALA C 213 -67.88 48.90 0.65
CA ALA C 213 -69.03 48.78 -0.25
C ALA C 213 -68.66 47.86 -1.39
N VAL C 214 -69.67 47.43 -2.14
CA VAL C 214 -69.48 46.60 -3.32
C VAL C 214 -70.65 46.82 -4.26
N GLY C 215 -70.38 46.71 -5.55
CA GLY C 215 -71.42 46.81 -6.56
C GLY C 215 -70.85 47.35 -7.85
N SER C 216 -71.71 47.37 -8.87
CA SER C 216 -71.30 47.93 -10.15
C SER C 216 -71.18 49.44 -10.03
N LEU C 217 -70.64 50.06 -11.09
CA LEU C 217 -70.38 51.49 -11.05
C LEU C 217 -71.65 52.30 -10.82
N SER C 218 -72.77 51.88 -11.41
CA SER C 218 -73.98 52.70 -11.35
C SER C 218 -74.50 52.84 -9.93
N GLN C 219 -74.70 51.72 -9.23
CA GLN C 219 -75.23 51.81 -7.86
C GLN C 219 -74.24 52.49 -6.93
N LEU C 220 -72.95 52.22 -7.11
CA LEU C 220 -71.94 52.85 -6.26
C LEU C 220 -71.94 54.37 -6.44
N ARG C 221 -72.07 54.82 -7.69
CA ARG C 221 -72.17 56.26 -7.96
C ARG C 221 -73.44 56.85 -7.37
N ALA C 222 -74.57 56.16 -7.55
CA ALA C 222 -75.86 56.76 -7.18
C ALA C 222 -75.97 57.00 -5.68
N GLU C 223 -75.57 56.02 -4.87
CA GLU C 223 -75.74 56.14 -3.43
C GLU C 223 -74.87 57.25 -2.85
N ALA C 224 -73.65 57.41 -3.38
CA ALA C 224 -72.75 58.45 -2.87
C ALA C 224 -73.31 59.84 -3.15
N GLY C 225 -73.90 60.05 -4.33
CA GLY C 225 -74.35 61.36 -4.74
C GLY C 225 -73.22 62.37 -4.78
N LEU C 226 -72.11 61.99 -5.39
CA LEU C 226 -70.91 62.80 -5.37
C LEU C 226 -71.02 63.95 -6.38
N PRO C 227 -70.72 65.18 -5.96
CA PRO C 227 -70.94 66.33 -6.83
C PRO C 227 -69.91 66.41 -7.96
N VAL C 228 -70.31 67.08 -9.03
CA VAL C 228 -69.48 67.22 -10.22
C VAL C 228 -68.58 68.44 -10.08
N ARG C 229 -67.38 68.35 -10.66
CA ARG C 229 -66.39 69.42 -10.65
C ARG C 229 -66.27 70.01 -12.05
N ILE C 230 -66.19 71.33 -12.12
CA ILE C 230 -66.15 72.07 -13.39
C ILE C 230 -65.00 73.06 -13.32
N ARG C 231 -63.89 72.73 -13.98
CA ARG C 231 -62.82 73.70 -14.17
C ARG C 231 -63.19 74.69 -15.27
N ALA C 232 -62.97 75.98 -14.99
CA ALA C 232 -63.29 77.04 -15.92
C ALA C 232 -62.22 78.12 -15.85
N SER C 233 -62.13 78.91 -16.92
CA SER C 233 -61.15 79.99 -16.99
C SER C 233 -61.71 81.09 -17.88
N GLY C 234 -62.20 82.16 -17.26
CA GLY C 234 -62.71 83.31 -18.00
C GLY C 234 -64.03 83.05 -18.68
N ILE C 235 -65.07 82.76 -17.91
CA ILE C 235 -66.39 82.50 -18.50
C ILE C 235 -67.01 83.80 -19.00
N SER C 236 -67.24 84.75 -18.10
CA SER C 236 -67.74 86.06 -18.50
C SER C 236 -66.91 87.21 -17.94
N GLU C 237 -66.51 87.14 -16.68
CA GLU C 237 -65.74 88.17 -15.99
C GLU C 237 -65.01 87.50 -14.83
N ARG C 238 -64.32 88.30 -14.02
CA ARG C 238 -63.62 87.76 -12.86
C ARG C 238 -64.60 87.42 -11.73
N ASP C 239 -65.62 88.26 -11.52
CA ASP C 239 -66.55 88.07 -10.42
C ASP C 239 -68.01 88.03 -10.88
N SER C 240 -68.27 87.96 -12.19
CA SER C 240 -69.65 87.90 -12.66
C SER C 240 -70.30 86.57 -12.25
N TRP C 241 -69.56 85.47 -12.33
CA TRP C 241 -70.11 84.15 -12.09
C TRP C 241 -69.94 83.68 -10.65
N LEU C 242 -69.18 84.43 -9.84
CA LEU C 242 -68.94 84.03 -8.46
C LEU C 242 -70.13 84.37 -7.56
N GLN C 243 -70.53 85.64 -7.57
CA GLN C 243 -71.58 86.11 -6.67
C GLN C 243 -72.98 85.62 -7.04
N ARG C 244 -73.14 85.05 -8.24
CA ARG C 244 -74.41 84.43 -8.60
C ARG C 244 -74.56 83.02 -8.03
N TRP C 245 -73.49 82.46 -7.46
CA TRP C 245 -73.54 81.15 -6.82
C TRP C 245 -73.14 81.17 -5.35
N THR C 246 -72.37 82.16 -4.91
CA THR C 246 -72.04 82.25 -3.49
C THR C 246 -73.30 82.45 -2.65
N ASP C 247 -74.21 83.30 -3.11
CA ASP C 247 -75.49 83.49 -2.44
C ASP C 247 -76.52 82.41 -2.78
N ALA C 248 -76.26 81.60 -3.79
CA ALA C 248 -77.18 80.55 -4.21
C ALA C 248 -76.95 79.24 -3.47
N GLY C 249 -76.22 79.25 -2.36
CA GLY C 249 -76.00 78.04 -1.59
C GLY C 249 -75.14 77.00 -2.27
N HIS C 250 -74.22 77.42 -3.15
CA HIS C 250 -73.33 76.51 -3.84
C HIS C 250 -71.89 76.94 -3.62
N SER C 251 -71.01 75.95 -3.42
CA SER C 251 -69.61 76.25 -3.18
C SER C 251 -68.93 76.65 -4.48
N ALA C 252 -68.26 77.81 -4.45
CA ALA C 252 -67.55 78.31 -5.63
C ALA C 252 -66.39 79.17 -5.15
N ARG C 253 -65.17 78.70 -5.39
CA ARG C 253 -63.96 79.47 -5.04
C ARG C 253 -63.43 80.14 -6.30
N GLY C 254 -63.20 81.45 -6.21
CA GLY C 254 -62.76 82.24 -7.34
C GLY C 254 -61.27 82.51 -7.36
N LEU C 255 -60.55 81.86 -8.27
CA LEU C 255 -59.13 82.12 -8.41
C LEU C 255 -58.89 83.53 -8.94
N SER C 256 -57.76 84.11 -8.53
CA SER C 256 -57.45 85.48 -8.90
C SER C 256 -57.21 85.66 -10.40
N GLU C 257 -56.85 84.60 -11.11
CA GLU C 257 -56.53 84.72 -12.53
C GLU C 257 -57.78 84.62 -13.39
N SER C 258 -58.81 85.38 -13.02
CA SER C 258 -60.05 85.51 -13.80
C SER C 258 -60.65 84.15 -14.13
N SER C 259 -60.79 83.32 -13.10
CA SER C 259 -61.35 81.98 -13.27
C SER C 259 -62.20 81.62 -12.05
N ILE C 260 -63.35 81.00 -12.32
CA ILE C 260 -64.27 80.56 -11.28
C ILE C 260 -64.44 79.05 -11.41
N GLU C 261 -64.25 78.34 -10.29
CA GLU C 261 -64.41 76.88 -10.25
C GLU C 261 -65.66 76.57 -9.42
N VAL C 262 -66.74 76.23 -10.09
CA VAL C 262 -68.01 75.91 -9.44
C VAL C 262 -68.15 74.39 -9.37
N VAL C 263 -68.79 73.92 -8.31
CA VAL C 263 -69.05 72.50 -8.10
C VAL C 263 -70.55 72.30 -8.06
N ALA C 264 -71.09 71.66 -9.10
CA ALA C 264 -72.50 71.31 -9.16
C ALA C 264 -72.70 69.89 -8.62
N VAL C 265 -73.96 69.49 -8.49
CA VAL C 265 -74.26 68.17 -7.93
C VAL C 265 -74.45 67.11 -9.01
N ASN C 266 -74.90 67.50 -10.20
CA ASN C 266 -75.09 66.61 -11.34
C ASN C 266 -76.11 65.50 -11.09
N GLY C 267 -76.90 65.61 -10.03
CA GLY C 267 -77.88 64.60 -9.73
C GLY C 267 -79.27 64.93 -10.24
N HIS C 268 -79.72 66.17 -9.99
CA HIS C 268 -81.02 66.62 -10.41
C HIS C 268 -80.99 67.93 -11.18
N LYS C 269 -79.90 68.70 -11.08
CA LYS C 269 -79.82 70.02 -11.70
C LYS C 269 -79.29 69.94 -13.13
N LEU C 270 -79.47 68.79 -13.78
CA LEU C 270 -79.03 68.63 -15.16
C LEU C 270 -79.61 69.72 -16.07
N VAL C 271 -80.79 70.22 -15.74
CA VAL C 271 -81.37 71.32 -16.52
C VAL C 271 -80.53 72.57 -16.35
N LEU C 272 -80.01 72.81 -15.15
CA LEU C 272 -79.19 73.98 -14.90
C LEU C 272 -77.88 73.96 -15.68
N LEU C 273 -77.48 72.80 -16.20
CA LEU C 273 -76.28 72.74 -17.03
C LEU C 273 -76.43 73.57 -18.30
N ARG C 274 -77.67 73.70 -18.80
CA ARG C 274 -77.91 74.58 -19.94
C ARG C 274 -77.63 76.02 -19.59
N GLN C 275 -78.06 76.47 -18.41
CA GLN C 275 -77.77 77.83 -17.97
C GLN C 275 -76.29 78.00 -17.63
N LEU C 276 -75.60 76.91 -17.28
CA LEU C 276 -74.21 77.01 -16.84
C LEU C 276 -73.31 77.62 -17.93
N LEU C 277 -73.50 77.21 -19.17
CA LEU C 277 -72.67 77.67 -20.29
C LEU C 277 -73.43 78.56 -21.26
N GLY C 278 -74.39 79.36 -20.79
CA GLY C 278 -75.22 80.10 -21.71
C GLY C 278 -75.33 81.60 -21.51
N GLU C 279 -74.61 82.16 -20.54
CA GLU C 279 -74.63 83.61 -20.35
C GLU C 279 -73.68 84.31 -21.33
N GLY C 280 -72.39 84.00 -21.25
CA GLY C 280 -71.40 84.67 -22.06
C GLY C 280 -70.48 83.66 -22.73
N GLU C 281 -69.82 84.13 -23.78
CA GLU C 281 -68.88 83.28 -24.50
C GLU C 281 -67.70 82.94 -23.61
N PRO C 282 -67.43 81.67 -23.36
CA PRO C 282 -66.31 81.31 -22.48
C PRO C 282 -65.00 81.05 -23.21
N GLU C 283 -63.88 81.50 -22.62
CA GLU C 283 -62.58 81.25 -23.23
C GLU C 283 -62.19 79.78 -23.14
N ASP C 284 -62.35 79.17 -21.97
CA ASP C 284 -61.95 77.79 -21.75
C ASP C 284 -62.85 77.15 -20.71
N ILE C 285 -63.39 75.98 -21.03
CA ILE C 285 -64.21 75.19 -20.11
C ILE C 285 -63.66 73.77 -20.07
N GLU C 286 -63.60 73.20 -18.86
CA GLU C 286 -63.14 71.83 -18.66
C GLU C 286 -64.02 71.21 -17.58
N ILE C 287 -65.02 70.43 -18.00
CA ILE C 287 -65.97 69.80 -17.09
C ILE C 287 -65.55 68.35 -16.91
N HIS C 288 -65.29 67.96 -15.67
CA HIS C 288 -64.95 66.59 -15.32
C HIS C 288 -66.10 66.01 -14.50
N GLN C 289 -66.69 64.93 -14.99
CA GLN C 289 -67.82 64.30 -14.31
C GLN C 289 -67.30 63.54 -13.10
N PRO C 290 -68.17 63.16 -12.17
CA PRO C 290 -67.71 62.45 -10.96
C PRO C 290 -67.02 61.15 -11.34
N SER C 291 -65.71 61.09 -11.05
CA SER C 291 -64.86 60.00 -11.48
C SER C 291 -64.67 59.01 -10.33
N LEU C 292 -64.48 57.74 -10.70
CA LEU C 292 -64.34 56.69 -9.69
C LEU C 292 -63.15 56.93 -8.78
N GLU C 293 -62.16 57.73 -9.20
CA GLU C 293 -61.11 58.12 -8.27
C GLU C 293 -61.63 59.10 -7.23
N ASP C 294 -62.48 60.04 -7.65
CA ASP C 294 -63.17 60.88 -6.67
C ASP C 294 -64.09 60.05 -5.79
N LEU C 295 -64.68 58.99 -6.35
CA LEU C 295 -65.46 58.07 -5.54
C LEU C 295 -64.58 57.40 -4.48
N TYR C 296 -63.38 57.01 -4.87
CA TYR C 296 -62.43 56.42 -3.92
C TYR C 296 -62.10 57.42 -2.82
N ARG C 297 -61.85 58.68 -3.18
CA ARG C 297 -61.54 59.69 -2.17
C ARG C 297 -62.73 59.88 -1.23
N TYR C 298 -63.94 59.89 -1.77
CA TYR C 298 -65.14 60.06 -0.95
C TYR C 298 -65.27 58.91 0.04
N TYR C 299 -65.14 57.67 -0.44
CA TYR C 299 -65.34 56.52 0.45
C TYR C 299 -64.20 56.41 1.47
N MET C 300 -62.99 56.80 1.11
CA MET C 300 -61.94 56.86 2.11
C MET C 300 -62.23 57.92 3.16
N GLU C 301 -62.79 59.07 2.75
CA GLU C 301 -63.24 60.04 3.73
C GLU C 301 -64.41 59.53 4.57
N ARG C 302 -65.13 58.53 4.08
CA ARG C 302 -66.18 57.91 4.91
C ARG C 302 -65.57 57.01 5.99
N ALA C 303 -64.50 56.30 5.66
CA ALA C 303 -63.83 55.41 6.61
C ALA C 303 -62.72 56.19 7.29
N GLY C 304 -63.07 56.85 8.39
CA GLY C 304 -62.11 57.62 9.15
C GLY C 304 -62.60 59.00 9.53
N ASN D 2 -44.65 12.50 -12.22
CA ASN D 2 -45.83 13.34 -12.51
C ASN D 2 -45.31 14.67 -13.05
N GLN D 3 -45.84 15.79 -12.56
CA GLN D 3 -45.31 17.12 -12.95
C GLN D 3 -43.96 17.22 -12.27
N VAL D 4 -43.64 16.23 -11.47
CA VAL D 4 -42.36 16.15 -10.78
C VAL D 4 -41.22 16.23 -11.80
N TRP D 5 -41.39 15.53 -12.93
CA TRP D 5 -40.34 15.51 -13.94
C TRP D 5 -40.08 16.90 -14.52
N ASN D 6 -41.10 17.74 -14.60
CA ASN D 6 -40.89 19.10 -15.10
C ASN D 6 -39.95 19.88 -14.18
N ILE D 7 -40.18 19.80 -12.87
CA ILE D 7 -39.32 20.51 -11.92
C ILE D 7 -37.92 19.90 -11.92
N ALA D 8 -37.82 18.58 -12.01
CA ALA D 8 -36.50 17.97 -12.13
C ALA D 8 -35.80 18.43 -13.40
N ARG D 9 -36.56 18.61 -14.48
CA ARG D 9 -35.98 19.07 -15.74
C ARG D 9 -35.43 20.49 -15.60
N LYS D 10 -36.19 21.37 -14.94
CA LYS D 10 -35.68 22.73 -14.76
C LYS D 10 -34.45 22.73 -13.85
N GLU D 11 -34.42 21.84 -12.86
CA GLU D 11 -33.23 21.75 -12.01
C GLU D 11 -32.01 21.27 -12.79
N LEU D 12 -32.18 20.25 -13.64
CA LEU D 12 -31.08 19.82 -14.50
C LEU D 12 -30.64 20.93 -15.44
N SER D 13 -31.60 21.70 -15.97
CA SER D 13 -31.23 22.83 -16.83
C SER D 13 -30.42 23.87 -16.04
N ASP D 14 -30.81 24.12 -14.79
CA ASP D 14 -29.99 24.96 -13.91
C ASP D 14 -28.60 24.37 -13.75
N GLY D 15 -28.51 23.04 -13.68
CA GLY D 15 -27.22 22.40 -13.51
C GLY D 15 -26.27 22.71 -14.65
N LEU D 16 -26.77 22.68 -15.89
CA LEU D 16 -25.93 23.02 -17.03
C LEU D 16 -25.65 24.52 -17.10
N ARG D 17 -26.68 25.35 -16.89
CA ARG D 17 -26.46 26.79 -16.95
C ARG D 17 -25.61 27.31 -15.80
N ASN D 18 -25.42 26.51 -14.76
CA ASN D 18 -24.53 26.83 -13.66
C ASN D 18 -23.25 26.04 -13.84
N ARG D 19 -22.13 26.62 -13.41
CA ARG D 19 -20.87 25.89 -13.43
C ARG D 19 -20.91 24.70 -12.48
N TRP D 20 -22.03 24.51 -11.76
CA TRP D 20 -22.11 23.43 -10.79
C TRP D 20 -21.78 22.07 -11.41
N LEU D 21 -22.46 21.72 -12.51
CA LEU D 21 -22.26 20.38 -13.07
C LEU D 21 -20.81 20.19 -13.51
N LEU D 22 -20.23 21.22 -14.14
CA LEU D 22 -18.81 21.18 -14.43
C LEU D 22 -17.98 21.14 -13.16
N ALA D 23 -18.33 22.00 -12.17
CA ALA D 23 -17.50 22.11 -10.98
C ALA D 23 -17.54 20.83 -10.15
N ILE D 24 -18.73 20.30 -9.90
CA ILE D 24 -18.85 19.08 -9.11
C ILE D 24 -18.12 17.92 -9.79
N SER D 25 -18.29 17.79 -11.11
CA SER D 25 -17.70 16.64 -11.80
C SER D 25 -16.20 16.83 -11.95
N LEU D 26 -15.74 18.04 -12.29
CA LEU D 26 -14.31 18.27 -12.45
C LEU D 26 -13.58 18.04 -11.13
N LEU D 27 -14.06 18.64 -10.04
CA LEU D 27 -13.35 18.49 -8.77
C LEU D 27 -13.47 17.07 -8.24
N PHE D 28 -14.61 16.42 -8.45
CA PHE D 28 -14.79 15.07 -7.95
C PHE D 28 -13.89 14.09 -8.71
N ALA D 29 -13.74 14.31 -10.02
CA ALA D 29 -12.82 13.51 -10.82
C ALA D 29 -11.37 13.80 -10.45
N VAL D 30 -11.04 15.05 -10.11
CA VAL D 30 -9.70 15.35 -9.62
C VAL D 30 -9.43 14.60 -8.33
N LEU D 31 -10.40 14.60 -7.41
CA LEU D 31 -10.35 13.72 -6.25
C LEU D 31 -10.03 12.28 -6.63
N ALA D 32 -10.83 11.70 -7.54
CA ALA D 32 -10.69 10.29 -7.86
C ALA D 32 -9.32 9.99 -8.48
N VAL D 33 -8.89 10.80 -9.44
CA VAL D 33 -7.63 10.54 -10.13
C VAL D 33 -6.45 10.79 -9.19
N GLY D 34 -6.54 11.83 -8.37
CA GLY D 34 -5.43 12.15 -7.48
C GLY D 34 -5.14 11.04 -6.48
N ILE D 35 -6.20 10.40 -5.97
CA ILE D 35 -6.00 9.32 -5.01
C ILE D 35 -5.31 8.14 -5.66
N ALA D 36 -5.52 7.93 -6.96
CA ALA D 36 -4.95 6.75 -7.59
C ALA D 36 -3.49 6.96 -7.98
N TRP D 37 -3.17 8.06 -8.66
CA TRP D 37 -1.79 8.30 -9.06
C TRP D 37 -1.06 9.19 -8.05
N LEU D 38 -1.54 10.41 -7.84
CA LEU D 38 -0.93 11.29 -6.86
C LEU D 38 -1.09 10.76 -5.45
N GLY D 39 -2.14 9.98 -5.21
CA GLY D 39 -2.32 9.35 -3.91
C GLY D 39 -1.36 8.20 -3.70
N ALA D 40 -1.36 7.69 -2.48
CA ALA D 40 -0.43 6.69 -1.97
C ALA D 40 0.98 7.23 -1.86
N ALA D 41 1.20 8.52 -2.13
CA ALA D 41 2.49 9.15 -1.95
C ALA D 41 2.76 9.48 -0.49
N ALA D 42 1.77 9.27 0.39
CA ALA D 42 2.01 9.43 1.82
C ALA D 42 3.04 8.42 2.31
N SER D 43 3.12 7.25 1.67
CA SER D 43 4.10 6.24 2.01
C SER D 43 5.35 6.32 1.14
N GLY D 44 5.36 7.16 0.11
CA GLY D 44 6.49 7.29 -0.77
C GLY D 44 6.38 6.49 -2.04
N GLN D 45 5.53 5.46 -2.07
CA GLN D 45 5.25 4.73 -3.29
C GLN D 45 4.29 5.56 -4.13
N LEU D 46 4.82 6.21 -5.17
CA LEU D 46 4.07 7.27 -5.84
C LEU D 46 2.83 6.73 -6.53
N GLY D 47 3.01 5.90 -7.55
CA GLY D 47 1.88 5.54 -8.36
C GLY D 47 1.57 4.06 -8.44
N PHE D 48 0.39 3.69 -7.93
CA PHE D 48 -0.16 2.36 -8.10
C PHE D 48 -1.66 2.48 -7.86
N THR D 49 -2.40 1.50 -8.38
CA THR D 49 -3.85 1.57 -8.39
C THR D 49 -4.43 0.26 -7.83
N SER D 50 -3.91 -0.14 -6.67
CA SER D 50 -4.50 -1.26 -5.95
C SER D 50 -5.96 -0.94 -5.64
N ILE D 51 -6.90 -1.71 -6.18
CA ILE D 51 -8.33 -1.34 -6.04
C ILE D 51 -8.76 -1.29 -4.59
N PRO D 52 -8.36 -2.19 -3.70
CA PRO D 52 -8.78 -2.05 -2.33
C PRO D 52 -8.35 -0.71 -1.72
N ALA D 53 -7.15 -0.21 -1.99
CA ALA D 53 -6.75 1.05 -1.32
C ALA D 53 -7.59 2.22 -1.82
N THR D 54 -7.53 2.52 -3.12
CA THR D 54 -8.24 3.68 -3.71
C THR D 54 -9.70 3.65 -3.26
N ILE D 55 -10.39 2.53 -3.29
CA ILE D 55 -11.83 2.62 -2.92
C ILE D 55 -11.98 2.77 -1.41
N ALA D 56 -10.88 2.76 -0.63
CA ALA D 56 -11.05 3.08 0.81
C ALA D 56 -10.59 4.50 1.13
N SER D 57 -9.42 4.91 0.70
CA SER D 57 -9.02 6.30 0.95
C SER D 57 -9.96 7.25 0.24
N LEU D 58 -10.20 7.00 -1.05
CA LEU D 58 -11.20 7.76 -1.80
C LEU D 58 -12.55 7.72 -1.11
N ALA D 59 -12.88 6.58 -0.48
CA ALA D 59 -14.15 6.48 0.24
C ALA D 59 -14.22 7.46 1.40
N SER D 60 -13.14 7.60 2.17
CA SER D 60 -13.16 8.54 3.29
C SER D 60 -13.17 9.98 2.81
N LEU D 61 -12.35 10.29 1.80
CA LEU D 61 -12.39 11.65 1.27
C LEU D 61 -13.76 11.97 0.69
N ALA D 62 -14.46 10.95 0.17
CA ALA D 62 -15.82 11.16 -0.33
C ALA D 62 -16.80 11.34 0.81
N THR D 63 -16.68 10.55 1.87
CA THR D 63 -17.63 10.71 2.98
C THR D 63 -17.47 12.07 3.63
N PHE D 64 -16.40 12.78 3.30
CA PHE D 64 -16.28 14.17 3.79
C PHE D 64 -16.81 15.09 2.71
N LEU D 65 -16.34 14.93 1.48
CA LEU D 65 -16.69 15.89 0.44
C LEU D 65 -18.18 15.85 0.08
N MET D 66 -18.71 14.67 -0.20
CA MET D 66 -20.04 14.55 -0.79
C MET D 66 -21.15 15.13 0.08
N PRO D 67 -21.20 14.89 1.39
CA PRO D 67 -22.24 15.56 2.20
C PRO D 67 -22.19 17.06 2.09
N LEU D 68 -20.99 17.64 2.09
CA LEU D 68 -20.86 19.08 1.98
C LEU D 68 -21.36 19.59 0.63
N ILE D 69 -21.02 18.88 -0.45
CA ILE D 69 -21.47 19.27 -1.77
C ILE D 69 -23.00 19.21 -1.86
N ALA D 70 -23.58 18.12 -1.35
CA ALA D 70 -25.03 18.00 -1.38
C ALA D 70 -25.70 19.11 -0.59
N LEU D 71 -25.16 19.42 0.59
CA LEU D 71 -25.73 20.49 1.40
C LEU D 71 -25.63 21.83 0.69
N LEU D 72 -24.49 22.11 0.05
CA LEU D 72 -24.33 23.36 -0.67
C LEU D 72 -25.30 23.44 -1.84
N LEU D 73 -25.51 22.33 -2.54
CA LEU D 73 -26.50 22.34 -3.62
C LEU D 73 -27.89 22.63 -3.10
N ALA D 74 -28.29 21.98 -2.00
CA ALA D 74 -29.71 21.91 -1.68
C ALA D 74 -30.18 22.84 -0.55
N TYR D 75 -29.29 23.54 0.17
CA TYR D 75 -29.76 24.28 1.33
C TYR D 75 -30.72 25.39 0.92
N ASP D 76 -30.53 25.96 -0.27
CA ASP D 76 -31.31 27.10 -0.73
C ASP D 76 -32.39 26.70 -1.73
N ALA D 77 -32.75 25.42 -1.77
CA ALA D 77 -33.82 25.00 -2.67
C ALA D 77 -35.16 25.60 -2.26
N ILE D 78 -35.45 25.63 -0.97
CA ILE D 78 -36.72 26.13 -0.45
C ILE D 78 -36.61 27.57 0.00
N VAL D 79 -35.63 27.87 0.87
CA VAL D 79 -35.47 29.24 1.35
C VAL D 79 -35.04 30.16 0.23
N GLY D 80 -34.23 29.66 -0.69
CA GLY D 80 -33.76 30.49 -1.80
C GLY D 80 -34.90 30.94 -2.70
N GLU D 81 -35.86 30.07 -2.96
CA GLU D 81 -37.01 30.44 -3.76
C GLU D 81 -37.85 31.50 -3.04
N ASP D 82 -38.06 31.34 -1.73
CA ASP D 82 -38.85 32.31 -0.98
C ASP D 82 -38.19 33.68 -1.02
N GLU D 83 -36.88 33.74 -0.80
CA GLU D 83 -36.17 35.03 -0.87
C GLU D 83 -36.18 35.59 -2.28
N GLY D 84 -36.05 34.72 -3.28
CA GLY D 84 -36.08 35.19 -4.66
C GLY D 84 -37.42 35.80 -5.05
N GLY D 85 -38.50 35.35 -4.44
CA GLY D 85 -39.83 35.80 -4.78
C GLY D 85 -40.54 34.97 -5.81
N THR D 86 -39.95 33.85 -6.22
CA THR D 86 -40.57 32.93 -7.18
C THR D 86 -41.29 31.77 -6.51
N LEU D 87 -41.16 31.62 -5.18
CA LEU D 87 -41.84 30.52 -4.51
C LEU D 87 -43.34 30.75 -4.45
N MET D 88 -43.77 31.98 -4.12
CA MET D 88 -45.20 32.27 -4.03
C MET D 88 -45.88 32.07 -5.38
N LEU D 89 -45.18 32.38 -6.48
CA LEU D 89 -45.74 32.16 -7.80
C LEU D 89 -45.93 30.67 -8.08
N LEU D 90 -44.94 29.87 -7.71
CA LEU D 90 -44.97 28.44 -8.05
C LEU D 90 -46.14 27.73 -7.36
N LEU D 91 -46.40 28.07 -6.09
CA LEU D 91 -47.49 27.43 -5.37
C LEU D 91 -48.85 27.71 -6.01
N THR D 92 -48.97 28.81 -6.74
CA THR D 92 -50.22 29.12 -7.41
C THR D 92 -50.54 28.09 -8.48
N TYR D 93 -49.52 27.50 -9.08
CA TYR D 93 -49.69 26.46 -10.08
C TYR D 93 -50.33 25.23 -9.44
N PRO D 94 -50.88 24.29 -10.22
CA PRO D 94 -51.49 23.11 -9.61
C PRO D 94 -50.46 22.07 -9.20
N LEU D 95 -49.55 22.48 -8.31
CA LEU D 95 -48.50 21.61 -7.82
C LEU D 95 -48.59 21.50 -6.30
N GLY D 96 -48.61 20.27 -5.80
CA GLY D 96 -48.57 20.07 -4.36
C GLY D 96 -47.24 20.54 -3.79
N ARG D 97 -47.29 21.05 -2.55
CA ARG D 97 -46.07 21.45 -1.87
C ARG D 97 -45.09 20.28 -1.80
N GLY D 98 -45.58 19.11 -1.37
CA GLY D 98 -44.75 17.93 -1.40
C GLY D 98 -44.34 17.54 -2.80
N GLN D 99 -45.20 17.78 -3.78
CA GLN D 99 -44.86 17.45 -5.16
C GLN D 99 -43.67 18.28 -5.65
N ILE D 100 -43.66 19.58 -5.38
CA ILE D 100 -42.51 20.40 -5.76
C ILE D 100 -41.29 20.03 -4.94
N LEU D 101 -41.49 19.63 -3.68
CA LEU D 101 -40.36 19.22 -2.86
C LEU D 101 -39.69 17.98 -3.45
N LEU D 102 -40.48 16.97 -3.81
CA LEU D 102 -39.91 15.79 -4.45
C LEU D 102 -39.35 16.11 -5.82
N GLY D 103 -39.93 17.06 -6.54
CA GLY D 103 -39.34 17.46 -7.81
C GLY D 103 -37.96 18.06 -7.64
N LYS D 104 -37.80 18.95 -6.67
CA LYS D 104 -36.49 19.52 -6.39
C LYS D 104 -35.51 18.44 -5.92
N PHE D 105 -35.99 17.51 -5.08
CA PHE D 105 -35.13 16.43 -4.61
C PHE D 105 -34.62 15.59 -5.77
N VAL D 106 -35.52 15.15 -6.66
CA VAL D 106 -35.09 14.33 -7.78
C VAL D 106 -34.19 15.12 -8.72
N GLY D 107 -34.43 16.43 -8.86
CA GLY D 107 -33.58 17.21 -9.72
C GLY D 107 -32.15 17.30 -9.21
N HIS D 108 -32.00 17.67 -7.93
CA HIS D 108 -30.66 17.75 -7.35
C HIS D 108 -30.00 16.37 -7.28
N GLY D 109 -30.79 15.33 -6.97
CA GLY D 109 -30.23 14.00 -6.92
C GLY D 109 -29.72 13.54 -8.26
N LEU D 110 -30.47 13.80 -9.33
CA LEU D 110 -29.99 13.47 -10.66
C LEU D 110 -28.78 14.31 -11.03
N ILE D 111 -28.74 15.57 -10.58
CA ILE D 111 -27.55 16.39 -10.81
C ILE D 111 -26.32 15.70 -10.23
N LEU D 112 -26.39 15.33 -8.96
CA LEU D 112 -25.20 14.75 -8.32
C LEU D 112 -24.90 13.35 -8.86
N ALA D 113 -25.94 12.58 -9.20
CA ALA D 113 -25.72 11.23 -9.73
C ALA D 113 -25.06 11.28 -11.10
N LEU D 114 -25.60 12.09 -12.02
CA LEU D 114 -24.97 12.27 -13.31
C LEU D 114 -23.57 12.84 -13.14
N ALA D 115 -23.38 13.73 -12.16
CA ALA D 115 -22.07 14.32 -11.93
C ALA D 115 -21.05 13.28 -11.51
N VAL D 116 -21.38 12.46 -10.51
CA VAL D 116 -20.45 11.43 -10.04
C VAL D 116 -20.19 10.42 -11.16
N LEU D 117 -21.23 10.07 -11.92
CA LEU D 117 -21.05 9.16 -13.04
C LEU D 117 -20.07 9.73 -14.07
N ILE D 118 -20.23 11.01 -14.40
CA ILE D 118 -19.33 11.65 -15.36
C ILE D 118 -17.91 11.70 -14.81
N GLY D 119 -17.76 12.12 -13.56
CA GLY D 119 -16.46 12.31 -12.96
C GLY D 119 -15.67 11.03 -12.84
N PHE D 120 -16.30 9.97 -12.33
CA PHE D 120 -15.63 8.68 -12.28
C PHE D 120 -15.52 8.03 -13.65
N GLY D 121 -16.41 8.39 -14.58
CA GLY D 121 -16.27 7.90 -15.94
C GLY D 121 -14.97 8.33 -16.57
N CYS D 122 -14.53 9.55 -16.29
CA CYS D 122 -13.16 9.91 -16.63
C CYS D 122 -12.16 9.14 -15.80
N ALA D 123 -12.49 8.85 -14.54
CA ALA D 123 -11.60 8.09 -13.68
C ALA D 123 -11.55 6.62 -14.10
N ALA D 124 -12.72 6.01 -14.32
CA ALA D 124 -12.78 4.57 -14.57
C ALA D 124 -11.96 4.20 -15.80
N LEU D 125 -12.09 4.97 -16.87
CA LEU D 125 -11.20 4.81 -18.01
C LEU D 125 -9.76 5.13 -17.64
N ALA D 126 -9.55 6.15 -16.79
CA ALA D 126 -8.19 6.57 -16.46
C ALA D 126 -7.38 5.43 -15.87
N ILE D 127 -7.96 4.69 -14.93
CA ILE D 127 -7.29 3.48 -14.44
C ILE D 127 -7.17 2.44 -15.54
N ALA D 128 -8.32 1.96 -16.03
CA ALA D 128 -8.36 0.76 -16.87
C ALA D 128 -7.37 0.84 -18.02
N LEU D 129 -7.39 1.94 -18.75
CA LEU D 129 -6.51 2.07 -19.91
C LEU D 129 -5.05 2.17 -19.51
N LEU D 130 -4.74 2.94 -18.46
CA LEU D 130 -3.36 3.33 -18.17
C LEU D 130 -2.68 2.49 -17.10
N VAL D 131 -3.42 1.62 -16.40
CA VAL D 131 -2.80 0.82 -15.34
C VAL D 131 -2.22 -0.42 -15.99
N GLU D 132 -1.38 -1.15 -15.25
CA GLU D 132 -0.78 -2.39 -15.73
C GLU D 132 -1.42 -3.56 -15.00
N GLY D 133 -2.24 -4.33 -15.72
CA GLY D 133 -2.76 -5.59 -15.24
C GLY D 133 -3.63 -5.59 -13.99
N VAL D 134 -4.79 -4.94 -14.05
CA VAL D 134 -5.79 -5.05 -13.00
C VAL D 134 -6.89 -5.99 -13.47
N GLU D 135 -7.46 -6.75 -12.53
CA GLU D 135 -8.59 -7.62 -12.86
C GLU D 135 -9.83 -6.74 -12.98
N LEU D 136 -10.22 -6.42 -14.22
CA LEU D 136 -11.25 -5.41 -14.47
C LEU D 136 -12.55 -5.69 -13.71
N GLY D 137 -12.87 -6.97 -13.47
CA GLY D 137 -14.13 -7.29 -12.84
C GLY D 137 -14.25 -6.75 -11.42
N MET D 138 -13.20 -6.96 -10.61
CA MET D 138 -13.22 -6.47 -9.24
C MET D 138 -13.26 -4.95 -9.21
N LEU D 139 -12.44 -4.31 -10.05
CA LEU D 139 -12.51 -2.86 -10.21
C LEU D 139 -13.94 -2.41 -10.50
N PHE D 140 -14.58 -3.05 -11.48
CA PHE D 140 -15.92 -2.63 -11.87
C PHE D 140 -16.91 -2.76 -10.73
N TRP D 141 -16.95 -3.92 -10.05
CA TRP D 141 -17.98 -4.05 -9.02
C TRP D 141 -17.67 -3.17 -7.80
N ALA D 142 -16.38 -2.97 -7.50
CA ALA D 142 -16.02 -2.12 -6.38
C ALA D 142 -16.41 -0.67 -6.63
N PHE D 143 -16.01 -0.11 -7.78
CA PHE D 143 -16.43 1.24 -8.10
C PHE D 143 -17.94 1.33 -8.33
N GLY D 144 -18.59 0.23 -8.72
CA GLY D 144 -20.04 0.27 -8.80
C GLY D 144 -20.69 0.46 -7.43
N ARG D 145 -20.27 -0.35 -6.46
CA ARG D 145 -20.74 -0.14 -5.09
C ARG D 145 -20.38 1.24 -4.58
N PHE D 146 -19.23 1.76 -4.98
CA PHE D 146 -18.77 3.07 -4.51
C PHE D 146 -19.59 4.19 -5.13
N MET D 147 -19.89 4.09 -6.42
CA MET D 147 -20.74 5.06 -7.09
C MET D 147 -22.14 5.10 -6.47
N ILE D 148 -22.75 3.92 -6.29
CA ILE D 148 -24.11 3.89 -5.77
C ILE D 148 -24.14 4.35 -4.31
N SER D 149 -23.14 3.96 -3.52
CA SER D 149 -23.09 4.43 -2.14
C SER D 149 -22.89 5.94 -2.07
N SER D 150 -22.01 6.48 -2.92
CA SER D 150 -21.75 7.93 -2.89
C SER D 150 -22.98 8.71 -3.31
N THR D 151 -23.69 8.25 -4.35
CA THR D 151 -24.89 8.96 -4.77
C THR D 151 -26.01 8.82 -3.74
N LEU D 152 -26.07 7.69 -3.03
CA LEU D 152 -27.09 7.53 -2.00
C LEU D 152 -26.80 8.44 -0.81
N LEU D 153 -25.53 8.58 -0.44
CA LEU D 153 -25.15 9.53 0.60
C LEU D 153 -25.44 10.96 0.16
N GLY D 154 -25.19 11.26 -1.11
CA GLY D 154 -25.56 12.56 -1.63
C GLY D 154 -27.04 12.82 -1.49
N TRP D 155 -27.87 11.82 -1.79
CA TRP D 155 -29.31 11.97 -1.66
C TRP D 155 -29.74 12.19 -0.22
N VAL D 156 -29.14 11.43 0.72
CA VAL D 156 -29.57 11.58 2.11
C VAL D 156 -29.19 12.96 2.64
N PHE D 157 -28.02 13.46 2.27
CA PHE D 157 -27.66 14.81 2.71
C PHE D 157 -28.46 15.87 1.97
N LEU D 158 -28.86 15.62 0.72
CA LEU D 158 -29.84 16.48 0.07
C LEU D 158 -31.10 16.60 0.91
N ALA D 159 -31.64 15.45 1.33
CA ALA D 159 -32.87 15.46 2.12
C ALA D 159 -32.68 16.21 3.43
N PHE D 160 -31.51 16.05 4.07
CA PHE D 160 -31.21 16.84 5.26
C PHE D 160 -31.22 18.33 4.95
N ALA D 161 -30.66 18.70 3.80
CA ALA D 161 -30.67 20.10 3.40
C ALA D 161 -32.09 20.62 3.21
N TYR D 162 -32.95 19.81 2.60
CA TYR D 162 -34.34 20.23 2.43
C TYR D 162 -35.04 20.41 3.77
N VAL D 163 -34.83 19.49 4.73
CA VAL D 163 -35.52 19.65 6.01
C VAL D 163 -35.03 20.92 6.71
N LEU D 164 -33.72 21.15 6.72
CA LEU D 164 -33.21 22.35 7.39
C LEU D 164 -33.66 23.62 6.67
N SER D 165 -33.73 23.58 5.34
CA SER D 165 -34.20 24.75 4.58
C SER D 165 -35.66 25.04 4.87
N GLY D 166 -36.49 24.00 4.96
CA GLY D 166 -37.87 24.21 5.34
C GLY D 166 -38.02 24.76 6.74
N LYS D 167 -37.09 24.41 7.63
CA LYS D 167 -37.15 24.95 8.98
C LYS D 167 -36.75 26.42 9.03
N VAL D 168 -35.79 26.82 8.19
CA VAL D 168 -35.12 28.10 8.31
C VAL D 168 -35.92 29.22 7.66
N ASN D 169 -35.52 30.48 7.88
CA ASN D 169 -36.17 31.65 7.30
C ASN D 169 -35.32 32.43 6.32
N GLU D 170 -33.99 32.35 6.40
CA GLU D 170 -33.12 33.16 5.56
C GLU D 170 -31.98 32.28 5.04
N LYS D 171 -31.44 32.69 3.89
CA LYS D 171 -30.40 31.89 3.22
C LYS D 171 -29.18 31.68 4.11
N SER D 172 -28.69 32.75 4.73
CA SER D 172 -27.47 32.64 5.52
C SER D 172 -27.66 31.72 6.73
N SER D 173 -28.81 31.82 7.39
CA SER D 173 -29.08 30.93 8.52
C SER D 173 -29.23 29.49 8.03
N ALA D 174 -29.78 29.31 6.83
CA ALA D 174 -29.84 27.98 6.23
C ALA D 174 -28.43 27.42 6.04
N ALA D 175 -27.51 28.24 5.52
CA ALA D 175 -26.14 27.78 5.34
C ALA D 175 -25.49 27.45 6.68
N GLY D 176 -25.78 28.25 7.70
CA GLY D 176 -25.24 27.96 9.02
C GLY D 176 -25.72 26.63 9.58
N LEU D 177 -27.03 26.37 9.47
CA LEU D 177 -27.56 25.09 9.94
C LEU D 177 -27.03 23.93 9.10
N ALA D 178 -26.85 24.15 7.79
CA ALA D 178 -26.29 23.11 6.94
C ALA D 178 -24.86 22.78 7.35
N LEU D 179 -24.05 23.80 7.60
CA LEU D 179 -22.70 23.57 8.09
C LEU D 179 -22.71 22.84 9.42
N GLY D 180 -23.64 23.21 10.31
CA GLY D 180 -23.74 22.52 11.57
C GLY D 180 -24.08 21.04 11.41
N VAL D 181 -25.02 20.73 10.51
CA VAL D 181 -25.39 19.35 10.27
C VAL D 181 -24.24 18.58 9.62
N TRP D 182 -23.46 19.25 8.77
CA TRP D 182 -22.30 18.62 8.16
C TRP D 182 -21.25 18.27 9.21
N PHE D 183 -20.86 19.27 10.01
CA PHE D 183 -19.84 19.06 11.02
C PHE D 183 -20.27 18.00 12.03
N LEU D 184 -21.56 18.00 12.39
CA LEU D 184 -22.04 17.12 13.44
C LEU D 184 -21.80 15.65 13.11
N PHE D 185 -22.25 15.21 11.94
CA PHE D 185 -22.17 13.79 11.59
C PHE D 185 -20.73 13.31 11.49
N VAL D 186 -19.89 14.01 10.71
CA VAL D 186 -18.54 13.51 10.46
C VAL D 186 -17.70 13.58 11.72
N LEU D 187 -17.59 14.76 12.33
CA LEU D 187 -16.62 14.95 13.40
C LEU D 187 -17.16 14.64 14.79
N VAL D 188 -18.46 14.72 15.02
CA VAL D 188 -19.01 14.61 16.36
C VAL D 188 -19.74 13.29 16.60
N PHE D 189 -20.49 12.79 15.61
CA PHE D 189 -21.20 11.53 15.85
C PHE D 189 -20.22 10.38 15.99
N ASP D 190 -19.03 10.48 15.39
CA ASP D 190 -17.98 9.49 15.59
C ASP D 190 -17.31 9.69 16.95
N LEU D 191 -16.86 10.92 17.23
CA LEU D 191 -16.05 11.17 18.41
C LEU D 191 -16.84 10.91 19.68
N VAL D 192 -18.05 11.47 19.78
CA VAL D 192 -18.85 11.31 20.99
C VAL D 192 -19.22 9.84 21.18
N LEU D 193 -19.55 9.14 20.10
CA LEU D 193 -19.88 7.73 20.23
C LEU D 193 -18.69 6.92 20.70
N LEU D 194 -17.49 7.18 20.18
CA LEU D 194 -16.33 6.43 20.62
C LEU D 194 -16.00 6.73 22.08
N ALA D 195 -16.07 8.01 22.37
CA ALA D 195 -15.79 8.43 23.74
C ALA D 195 -16.79 7.69 24.57
N LEU D 196 -17.98 7.49 23.99
CA LEU D 196 -19.02 6.87 24.82
C LEU D 196 -18.46 5.53 25.21
N LEU D 197 -18.02 4.71 24.29
CA LEU D 197 -17.58 3.38 24.78
C LEU D 197 -16.46 3.58 25.78
N VAL D 198 -15.44 4.30 25.33
CA VAL D 198 -14.23 4.27 26.17
C VAL D 198 -14.49 4.63 27.61
N LEU D 199 -15.27 5.65 27.88
CA LEU D 199 -15.35 5.88 29.35
C LEU D 199 -16.72 5.62 29.93
N SER D 200 -17.73 5.87 29.12
CA SER D 200 -19.06 5.76 29.74
C SER D 200 -19.23 4.27 29.81
N GLU D 201 -18.48 3.62 28.91
CA GLU D 201 -18.79 2.20 28.91
C GLU D 201 -17.49 1.40 29.04
N GLY D 202 -17.06 1.18 30.27
CA GLY D 202 -16.08 0.13 30.52
C GLY D 202 -16.75 -1.23 30.61
N LYS D 203 -17.79 -1.32 31.45
CA LYS D 203 -18.68 -2.48 31.45
C LYS D 203 -20.13 -2.03 31.58
N PHE D 204 -20.42 -0.76 31.28
CA PHE D 204 -21.75 -0.19 31.54
C PHE D 204 -22.81 -0.88 30.68
N ASN D 205 -22.55 -1.01 29.38
CA ASN D 205 -23.43 -1.68 28.44
C ASN D 205 -22.67 -2.03 27.18
N PRO D 206 -21.88 -3.11 27.19
CA PRO D 206 -21.05 -3.42 26.01
C PRO D 206 -21.84 -3.71 24.75
N GLU D 207 -23.01 -4.34 24.89
CA GLU D 207 -23.72 -4.87 23.72
C GLU D 207 -24.26 -3.76 22.82
N LEU D 208 -24.62 -2.56 23.29
CA LEU D 208 -25.31 -1.57 22.38
C LEU D 208 -24.48 -0.80 21.31
N LEU D 209 -23.20 -0.51 21.56
CA LEU D 209 -22.42 0.40 20.67
C LEU D 209 -22.30 -0.03 19.20
N PRO D 210 -22.14 -1.31 18.82
CA PRO D 210 -21.98 -1.63 17.41
C PRO D 210 -23.19 -1.22 16.60
N TRP D 211 -24.38 -1.40 17.14
CA TRP D 211 -25.55 -1.12 16.27
C TRP D 211 -25.73 0.39 16.08
N LEU D 212 -25.57 1.23 17.11
CA LEU D 212 -25.89 2.68 16.98
C LEU D 212 -25.19 3.32 15.79
N LEU D 213 -24.16 2.70 15.19
CA LEU D 213 -23.40 3.38 14.10
C LEU D 213 -24.31 3.54 12.89
N LEU D 214 -25.45 2.86 12.91
CA LEU D 214 -26.44 3.03 11.82
C LEU D 214 -26.97 4.45 11.84
N LEU D 215 -27.21 5.03 13.02
CA LEU D 215 -27.83 6.38 12.99
C LEU D 215 -27.09 7.33 12.03
N ASN D 216 -25.77 7.33 12.02
CA ASN D 216 -24.97 8.23 11.19
C ASN D 216 -24.81 7.64 9.80
N PRO D 217 -25.30 8.30 8.75
CA PRO D 217 -25.07 7.80 7.39
C PRO D 217 -23.62 7.83 6.97
N THR D 218 -22.87 8.75 7.55
CA THR D 218 -21.43 8.84 7.22
C THR D 218 -20.73 7.57 7.69
N ASP D 219 -21.07 7.05 8.87
CA ASP D 219 -20.47 5.75 9.29
C ASP D 219 -20.96 4.61 8.42
N ILE D 220 -22.27 4.52 8.15
CA ILE D 220 -22.85 3.43 7.31
C ILE D 220 -22.09 3.42 5.98
N TYR D 221 -21.93 4.59 5.40
CA TYR D 221 -21.24 4.68 4.11
C TYR D 221 -19.82 4.14 4.21
N ARG D 222 -19.10 4.52 5.26
CA ARG D 222 -17.73 4.04 5.42
C ARG D 222 -17.69 2.52 5.58
N LEU D 223 -18.59 1.97 6.40
CA LEU D 223 -18.59 0.52 6.58
C LEU D 223 -18.93 -0.20 5.28
N ILE D 224 -19.91 0.31 4.53
CA ILE D 224 -20.29 -0.30 3.27
C ILE D 224 -19.11 -0.31 2.31
N ASN D 225 -18.38 0.79 2.22
CA ASN D 225 -17.32 0.86 1.22
C ASN D 225 -16.03 0.18 1.66
N LEU D 226 -15.75 0.09 2.96
CA LEU D 226 -14.55 -0.62 3.41
C LEU D 226 -14.78 -2.12 3.47
N SER D 227 -15.77 -2.57 4.26
CA SER D 227 -15.99 -3.99 4.47
C SER D 227 -16.11 -4.75 3.15
N GLY D 228 -17.16 -4.48 2.39
CA GLY D 228 -17.32 -5.01 1.04
C GLY D 228 -17.05 -6.49 0.89
N PHE D 229 -16.67 -6.89 -0.31
CA PHE D 229 -16.01 -8.17 -0.54
C PHE D 229 -14.49 -8.00 -0.55
N GLU D 230 -14.01 -6.82 -0.20
CA GLU D 230 -12.61 -6.47 -0.30
C GLU D 230 -11.76 -7.38 0.60
N GLY D 231 -10.68 -7.90 0.02
CA GLY D 231 -9.77 -8.75 0.78
C GLY D 231 -8.91 -7.94 1.73
N SER D 232 -8.21 -8.67 2.59
CA SER D 232 -7.43 -8.07 3.67
C SER D 232 -8.27 -7.08 4.45
N GLY D 233 -9.51 -7.46 4.77
CA GLY D 233 -10.45 -6.56 5.40
C GLY D 233 -10.23 -6.42 6.90
N SER D 234 -9.15 -5.75 7.28
CA SER D 234 -8.87 -5.44 8.67
C SER D 234 -9.27 -4.01 8.95
N ALA D 235 -10.23 -3.82 9.85
CA ALA D 235 -10.76 -2.50 10.17
C ALA D 235 -10.07 -1.95 11.40
N MET D 236 -9.67 -0.68 11.33
CA MET D 236 -9.05 0.01 12.45
C MET D 236 -10.15 0.45 13.43
N GLY D 237 -9.83 1.45 14.25
CA GLY D 237 -10.78 1.93 15.26
C GLY D 237 -12.12 2.40 14.70
N VAL D 238 -13.15 2.45 15.55
CA VAL D 238 -14.53 2.91 15.15
C VAL D 238 -15.18 1.85 14.29
N LEU D 239 -14.65 1.60 13.09
CA LEU D 239 -15.39 0.67 12.21
C LEU D 239 -15.29 -0.75 12.76
N SER D 240 -14.14 -1.16 13.32
CA SER D 240 -13.95 -2.55 13.71
C SER D 240 -15.04 -3.02 14.67
N LEU D 241 -15.51 -2.07 15.48
CA LEU D 241 -16.72 -2.37 16.28
C LEU D 241 -17.85 -2.21 15.26
N GLY D 242 -18.48 -3.30 14.86
CA GLY D 242 -19.55 -3.25 13.84
C GLY D 242 -19.01 -3.67 12.49
N ALA D 243 -17.69 -3.67 12.30
CA ALA D 243 -17.16 -4.24 11.04
C ALA D 243 -17.44 -5.74 11.11
N ASP D 244 -17.23 -6.30 12.30
CA ASP D 244 -17.43 -7.75 12.45
C ASP D 244 -18.89 -8.13 12.24
N LEU D 245 -19.86 -7.45 12.88
CA LEU D 245 -21.22 -7.99 12.73
C LEU D 245 -22.40 -7.12 13.12
N PRO D 246 -22.99 -6.29 12.23
CA PRO D 246 -24.27 -5.66 12.51
C PRO D 246 -25.23 -6.54 11.69
N VAL D 247 -24.79 -7.76 11.27
CA VAL D 247 -25.58 -8.76 10.48
C VAL D 247 -26.13 -8.26 9.13
N PRO D 248 -25.34 -7.67 8.21
CA PRO D 248 -25.90 -7.08 7.00
C PRO D 248 -25.75 -7.66 5.60
N ALA D 249 -25.13 -6.91 4.67
CA ALA D 249 -25.01 -7.22 3.24
C ALA D 249 -26.25 -6.78 2.46
N ALA D 250 -27.34 -6.45 3.17
CA ALA D 250 -28.38 -5.60 2.61
C ALA D 250 -28.97 -4.70 3.70
N VAL D 251 -28.59 -4.97 4.95
CA VAL D 251 -29.18 -4.25 6.07
C VAL D 251 -28.73 -2.80 6.09
N LEU D 252 -27.44 -2.57 5.80
CA LEU D 252 -26.93 -1.21 5.75
C LEU D 252 -27.57 -0.43 4.60
N TRP D 253 -27.76 -1.09 3.45
CA TRP D 253 -28.39 -0.42 2.33
C TRP D 253 -29.82 -0.04 2.65
N LEU D 254 -30.55 -0.96 3.29
CA LEU D 254 -31.92 -0.67 3.71
C LEU D 254 -31.94 0.46 4.73
N CYS D 255 -30.98 0.50 5.65
CA CYS D 255 -30.96 1.55 6.66
C CYS D 255 -30.66 2.91 6.03
N LEU D 256 -29.74 2.96 5.06
CA LEU D 256 -29.46 4.22 4.38
C LEU D 256 -30.67 4.71 3.60
N LEU D 257 -31.33 3.80 2.88
CA LEU D 257 -32.56 4.18 2.18
C LEU D 257 -33.64 4.61 3.16
N ALA D 258 -33.69 3.99 4.33
CA ALA D 258 -34.66 4.37 5.35
C ALA D 258 -34.38 5.77 5.89
N TRP D 259 -33.10 6.11 6.06
CA TRP D 259 -32.77 7.48 6.44
C TRP D 259 -33.24 8.47 5.39
N ILE D 260 -32.98 8.17 4.12
CA ILE D 260 -33.46 9.07 3.06
C ILE D 260 -34.98 9.18 3.11
N GLY D 261 -35.67 8.07 3.34
CA GLY D 261 -37.11 8.08 3.41
C GLY D 261 -37.66 8.93 4.54
N VAL D 262 -37.19 8.68 5.77
CA VAL D 262 -37.67 9.46 6.90
C VAL D 262 -37.33 10.92 6.73
N SER D 263 -36.18 11.23 6.12
CA SER D 263 -35.81 12.62 5.92
C SER D 263 -36.72 13.29 4.88
N LEU D 264 -37.09 12.56 3.82
CA LEU D 264 -38.01 13.13 2.85
C LEU D 264 -39.39 13.36 3.46
N LEU D 265 -39.86 12.43 4.29
CA LEU D 265 -41.12 12.64 4.99
C LEU D 265 -41.02 13.84 5.94
N LEU D 266 -39.89 13.99 6.62
CA LEU D 266 -39.69 15.15 7.49
C LEU D 266 -39.73 16.45 6.68
N ALA D 267 -39.12 16.44 5.50
CA ALA D 267 -39.13 17.64 4.66
C ALA D 267 -40.52 17.96 4.17
N TYR D 268 -41.28 16.93 3.78
CA TYR D 268 -42.67 17.16 3.39
C TYR D 268 -43.49 17.72 4.55
N ALA D 269 -43.25 17.23 5.76
CA ALA D 269 -43.98 17.72 6.92
C ALA D 269 -43.64 19.17 7.23
N ILE D 270 -42.34 19.50 7.27
CA ILE D 270 -41.93 20.86 7.61
C ILE D 270 -42.37 21.84 6.54
N PHE D 271 -42.19 21.48 5.27
CA PHE D 271 -42.50 22.40 4.17
C PHE D 271 -43.99 22.64 4.05
N ARG D 272 -44.81 21.70 4.51
CA ARG D 272 -46.25 21.89 4.48
C ARG D 272 -46.69 22.98 5.44
N ARG D 273 -46.07 23.06 6.61
CA ARG D 273 -46.41 24.06 7.62
C ARG D 273 -45.56 25.32 7.52
N ARG D 274 -44.70 25.43 6.51
CA ARG D 274 -43.74 26.52 6.41
C ARG D 274 -44.40 27.90 6.53
N LEU D 275 -45.29 28.22 5.59
CA LEU D 275 -45.82 29.58 5.48
C LEU D 275 -46.51 30.01 6.77
N THR D 276 -46.17 31.23 7.22
CA THR D 276 -46.71 31.81 8.44
C THR D 276 -46.56 30.88 9.65
N ASN E 2 -12.72 54.67 7.60
CA ASN E 2 -13.65 55.63 6.99
C ASN E 2 -15.07 55.40 7.51
N GLN E 3 -16.04 55.49 6.60
CA GLN E 3 -17.45 55.26 6.92
C GLN E 3 -17.93 53.88 6.52
N VAL E 4 -17.00 52.94 6.25
CA VAL E 4 -17.34 51.55 6.02
C VAL E 4 -17.95 50.96 7.29
N TRP E 5 -17.78 51.67 8.40
CA TRP E 5 -18.31 51.18 9.68
C TRP E 5 -19.81 50.94 9.61
N ASN E 6 -20.53 51.73 8.80
CA ASN E 6 -21.98 51.53 8.70
C ASN E 6 -22.30 50.16 8.11
N ILE E 7 -21.63 49.80 7.01
CA ILE E 7 -21.81 48.46 6.46
C ILE E 7 -21.35 47.40 7.46
N ALA E 8 -20.26 47.68 8.17
CA ALA E 8 -19.75 46.70 9.12
C ALA E 8 -20.79 46.39 10.19
N ARG E 9 -21.42 47.43 10.76
CA ARG E 9 -22.47 47.16 11.74
C ARG E 9 -23.68 46.54 11.09
N LYS E 10 -23.90 46.81 9.79
CA LYS E 10 -25.03 46.18 9.11
C LYS E 10 -24.89 44.66 9.10
N GLU E 11 -23.74 44.14 8.66
CA GLU E 11 -23.59 42.69 8.73
C GLU E 11 -23.34 42.19 10.16
N LEU E 12 -22.88 43.04 11.08
CA LEU E 12 -22.85 42.60 12.48
C LEU E 12 -24.26 42.33 12.98
N SER E 13 -25.20 43.23 12.68
CA SER E 13 -26.60 43.01 13.01
C SER E 13 -27.15 41.81 12.26
N ASP E 14 -26.71 41.61 11.02
CA ASP E 14 -27.16 40.45 10.26
C ASP E 14 -26.70 39.16 10.92
N GLY E 15 -25.46 39.14 11.41
CA GLY E 15 -24.96 37.96 12.09
C GLY E 15 -25.68 37.69 13.40
N LEU E 16 -25.96 38.75 14.17
CA LEU E 16 -26.65 38.54 15.44
C LEU E 16 -28.11 38.15 15.23
N ARG E 17 -28.80 38.80 14.29
CA ARG E 17 -30.18 38.45 13.99
C ARG E 17 -30.27 37.04 13.43
N ASN E 18 -29.33 36.67 12.56
CA ASN E 18 -29.29 35.32 12.01
C ASN E 18 -28.81 34.36 13.09
N ARG E 19 -28.58 33.11 12.70
CA ARG E 19 -28.19 32.08 13.67
C ARG E 19 -26.73 31.69 13.53
N TRP E 20 -25.92 32.47 12.81
CA TRP E 20 -24.49 32.16 12.73
C TRP E 20 -23.83 32.20 14.10
N LEU E 21 -24.00 33.29 14.84
CA LEU E 21 -23.23 33.49 16.05
C LEU E 21 -23.49 32.36 17.05
N LEU E 22 -24.75 31.93 17.14
CA LEU E 22 -25.07 30.77 17.96
C LEU E 22 -24.74 29.44 17.28
N ALA E 23 -24.38 29.46 15.99
CA ALA E 23 -23.97 28.24 15.30
C ALA E 23 -22.51 28.24 14.87
N ILE E 24 -21.81 29.36 14.98
CA ILE E 24 -20.37 29.40 14.74
C ILE E 24 -19.59 29.40 16.05
N SER E 25 -20.02 30.18 17.04
CA SER E 25 -19.36 30.15 18.34
C SER E 25 -19.65 28.84 19.07
N LEU E 26 -20.91 28.41 19.07
CA LEU E 26 -21.24 27.11 19.64
C LEU E 26 -20.65 25.97 18.83
N LEU E 27 -20.39 26.21 17.53
CA LEU E 27 -19.67 25.22 16.74
C LEU E 27 -18.30 24.94 17.33
N PHE E 28 -17.55 26.01 17.63
CA PHE E 28 -16.23 25.83 18.24
C PHE E 28 -16.36 25.32 19.67
N ALA E 29 -17.40 25.77 20.38
CA ALA E 29 -17.56 25.39 21.78
C ALA E 29 -17.72 23.89 21.93
N VAL E 30 -18.55 23.28 21.08
CA VAL E 30 -18.79 21.84 21.21
C VAL E 30 -17.55 21.04 20.81
N LEU E 31 -16.87 21.45 19.76
CA LEU E 31 -15.70 20.69 19.31
C LEU E 31 -14.51 20.89 20.25
N ALA E 32 -14.30 22.13 20.69
CA ALA E 32 -13.12 22.42 21.50
C ALA E 32 -13.15 21.65 22.81
N VAL E 33 -14.31 21.63 23.48
CA VAL E 33 -14.45 20.78 24.66
C VAL E 33 -14.39 19.31 24.25
N GLY E 34 -14.84 19.01 23.03
CA GLY E 34 -14.72 17.65 22.53
C GLY E 34 -13.28 17.24 22.32
N ILE E 35 -12.49 18.12 21.70
CA ILE E 35 -11.08 17.79 21.47
C ILE E 35 -10.28 17.82 22.77
N ALA E 36 -10.72 18.58 23.78
CA ALA E 36 -9.94 18.73 24.99
C ALA E 36 -10.24 17.65 26.03
N TRP E 37 -11.46 17.16 26.09
CA TRP E 37 -11.80 16.05 26.98
C TRP E 37 -12.15 14.77 26.27
N LEU E 38 -12.79 14.82 25.10
CA LEU E 38 -13.18 13.62 24.39
C LEU E 38 -12.25 13.32 23.22
N GLY E 39 -11.14 14.04 23.12
CA GLY E 39 -10.22 13.92 22.01
C GLY E 39 -9.11 12.92 22.18
N ALA E 40 -8.93 12.38 23.38
CA ALA E 40 -8.03 11.26 23.62
C ALA E 40 -8.80 9.96 23.81
N ALA E 41 -10.05 9.93 23.35
CA ALA E 41 -10.92 8.79 23.58
C ALA E 41 -10.38 7.52 22.93
N ALA E 42 -9.48 7.66 21.94
CA ALA E 42 -8.91 6.50 21.27
C ALA E 42 -8.34 5.50 22.27
N SER E 43 -7.49 5.97 23.17
CA SER E 43 -6.98 5.05 24.20
C SER E 43 -7.09 5.68 25.58
N GLY E 44 -8.30 5.69 26.15
CA GLY E 44 -8.50 6.26 27.49
C GLY E 44 -9.17 7.60 27.42
N GLN E 45 -10.48 7.61 27.69
CA GLN E 45 -11.25 8.88 27.63
C GLN E 45 -10.96 9.63 28.91
N LEU E 46 -10.53 10.89 28.82
CA LEU E 46 -10.16 11.63 30.03
C LEU E 46 -9.82 13.01 29.52
N GLY E 47 -9.42 13.92 30.40
CA GLY E 47 -9.32 15.30 29.93
C GLY E 47 -8.06 16.07 30.07
N PHE E 48 -7.97 17.16 29.32
CA PHE E 48 -6.82 18.08 29.37
C PHE E 48 -5.52 17.32 29.59
N THR E 49 -5.28 16.29 28.78
CA THR E 49 -3.98 15.65 28.82
C THR E 49 -2.86 16.66 28.98
N SER E 50 -2.81 17.67 28.10
CA SER E 50 -1.78 18.71 28.15
C SER E 50 -2.06 19.72 27.04
N ILE E 51 -1.81 20.99 27.38
CA ILE E 51 -2.21 22.09 26.46
C ILE E 51 -1.74 21.82 25.06
N PRO E 52 -0.45 21.58 24.75
CA PRO E 52 -0.06 21.45 23.36
C PRO E 52 -0.66 20.22 22.69
N ALA E 53 -1.18 19.28 23.46
CA ALA E 53 -1.87 18.14 22.82
C ALA E 53 -3.20 18.55 22.22
N THR E 54 -4.04 19.26 22.98
CA THR E 54 -5.41 19.60 22.51
C THR E 54 -5.31 20.72 21.50
N ILE E 55 -4.18 21.38 21.45
CA ILE E 55 -3.96 22.43 20.47
C ILE E 55 -3.66 21.84 19.10
N ALA E 56 -2.87 20.75 19.06
CA ALA E 56 -2.51 20.18 17.76
C ALA E 56 -3.72 19.65 17.02
N SER E 57 -4.55 18.83 17.68
CA SER E 57 -5.75 18.31 17.03
C SER E 57 -6.74 19.43 16.73
N LEU E 58 -6.83 20.41 17.64
CA LEU E 58 -7.73 21.54 17.42
C LEU E 58 -7.33 22.31 16.17
N ALA E 59 -6.03 22.55 15.98
CA ALA E 59 -5.56 23.22 14.77
C ALA E 59 -5.78 22.36 13.53
N SER E 60 -5.59 21.04 13.66
CA SER E 60 -5.77 20.18 12.51
C SER E 60 -7.21 20.20 12.03
N LEU E 61 -8.17 20.13 12.94
CA LEU E 61 -9.57 20.26 12.54
C LEU E 61 -9.92 21.69 12.12
N ALA E 62 -9.22 22.68 12.68
CA ALA E 62 -9.46 24.07 12.30
C ALA E 62 -9.11 24.30 10.84
N THR E 63 -8.01 23.71 10.37
CA THR E 63 -7.67 23.84 8.96
C THR E 63 -8.79 23.29 8.09
N PHE E 64 -9.36 22.15 8.48
CA PHE E 64 -10.40 21.53 7.68
C PHE E 64 -11.68 22.36 7.67
N LEU E 65 -12.03 22.96 8.81
CA LEU E 65 -13.36 23.54 8.94
C LEU E 65 -13.42 25.06 8.84
N MET E 66 -12.49 25.79 9.45
CA MET E 66 -12.58 27.26 9.44
C MET E 66 -12.51 27.85 8.04
N PRO E 67 -11.56 27.46 7.15
CA PRO E 67 -11.67 27.88 5.76
C PRO E 67 -13.05 27.62 5.18
N LEU E 68 -13.60 26.43 5.44
CA LEU E 68 -14.91 26.10 4.90
C LEU E 68 -15.99 27.03 5.43
N ILE E 69 -15.90 27.40 6.71
CA ILE E 69 -16.84 28.38 7.26
C ILE E 69 -16.70 29.71 6.52
N ALA E 70 -15.46 30.13 6.26
CA ALA E 70 -15.25 31.38 5.56
C ALA E 70 -15.86 31.35 4.16
N LEU E 71 -15.58 30.29 3.41
CA LEU E 71 -16.17 30.16 2.07
C LEU E 71 -17.68 30.06 2.10
N LEU E 72 -18.29 29.66 3.21
CA LEU E 72 -19.73 29.60 3.33
C LEU E 72 -20.33 30.85 3.94
N LEU E 73 -19.50 31.86 4.22
CA LEU E 73 -19.99 33.11 4.77
C LEU E 73 -19.91 34.27 3.79
N ALA E 74 -19.13 34.14 2.71
CA ALA E 74 -18.90 35.25 1.80
C ALA E 74 -18.91 34.82 0.35
N TYR E 75 -19.73 33.83 0.01
CA TYR E 75 -19.98 33.56 -1.41
C TYR E 75 -21.19 34.36 -1.89
N ASP E 76 -22.26 34.36 -1.11
CA ASP E 76 -23.43 35.18 -1.40
C ASP E 76 -23.22 36.65 -1.03
N ALA E 77 -22.06 37.02 -0.50
CA ALA E 77 -21.86 38.37 0.00
C ALA E 77 -22.05 39.41 -1.10
N ILE E 78 -21.52 39.16 -2.29
CA ILE E 78 -21.63 40.13 -3.37
C ILE E 78 -22.73 39.71 -4.35
N VAL E 79 -22.56 38.54 -4.97
CA VAL E 79 -23.51 38.02 -5.95
C VAL E 79 -24.91 37.93 -5.36
N GLY E 80 -25.00 37.68 -4.05
CA GLY E 80 -26.31 37.56 -3.42
C GLY E 80 -27.09 38.85 -3.45
N GLU E 81 -26.42 39.97 -3.15
CA GLU E 81 -27.09 41.27 -3.23
C GLU E 81 -27.49 41.57 -4.66
N ASP E 82 -26.64 41.21 -5.63
CA ASP E 82 -26.96 41.46 -7.03
C ASP E 82 -28.20 40.68 -7.44
N GLU E 83 -28.32 39.41 -7.02
CA GLU E 83 -29.54 38.67 -7.26
C GLU E 83 -30.73 39.32 -6.57
N GLY E 84 -30.54 39.78 -5.33
CA GLY E 84 -31.62 40.47 -4.64
C GLY E 84 -31.96 41.82 -5.24
N GLY E 85 -31.09 42.34 -6.11
CA GLY E 85 -31.31 43.64 -6.70
C GLY E 85 -31.07 44.79 -5.75
N THR E 86 -30.54 44.52 -4.57
CA THR E 86 -30.27 45.56 -3.58
C THR E 86 -28.88 46.15 -3.73
N LEU E 87 -27.95 45.43 -4.37
CA LEU E 87 -26.59 45.92 -4.50
C LEU E 87 -26.54 47.22 -5.28
N MET E 88 -27.32 47.32 -6.35
CA MET E 88 -27.28 48.50 -7.20
C MET E 88 -27.76 49.75 -6.46
N LEU E 89 -28.82 49.62 -5.67
CA LEU E 89 -29.30 50.76 -4.88
C LEU E 89 -28.23 51.21 -3.91
N LEU E 90 -27.50 50.27 -3.31
CA LEU E 90 -26.39 50.63 -2.44
C LEU E 90 -25.29 51.33 -3.23
N LEU E 91 -25.02 50.87 -4.45
CA LEU E 91 -24.02 51.49 -5.30
C LEU E 91 -24.45 52.87 -5.78
N THR E 92 -25.72 53.24 -5.61
CA THR E 92 -26.12 54.61 -5.89
C THR E 92 -25.58 55.59 -4.86
N TYR E 93 -25.49 55.16 -3.61
CA TYR E 93 -25.05 55.96 -2.48
C TYR E 93 -23.64 56.50 -2.66
N PRO E 94 -23.23 57.50 -1.88
CA PRO E 94 -21.84 58.01 -1.98
C PRO E 94 -20.85 57.14 -1.22
N LEU E 95 -20.70 55.90 -1.68
CA LEU E 95 -19.74 54.96 -1.10
C LEU E 95 -18.69 54.51 -2.09
N GLY E 96 -19.10 54.06 -3.28
CA GLY E 96 -18.16 53.57 -4.26
C GLY E 96 -17.97 52.07 -4.18
N ARG E 97 -17.26 51.55 -5.20
CA ARG E 97 -17.06 50.11 -5.29
C ARG E 97 -16.21 49.58 -4.14
N GLY E 98 -15.11 50.27 -3.84
CA GLY E 98 -14.17 49.75 -2.86
C GLY E 98 -14.73 49.70 -1.45
N GLN E 99 -15.40 50.78 -1.03
CA GLN E 99 -15.84 50.87 0.36
C GLN E 99 -16.87 49.82 0.70
N ILE E 100 -17.72 49.43 -0.27
CA ILE E 100 -18.71 48.39 -0.01
C ILE E 100 -18.01 47.08 0.33
N LEU E 101 -17.06 46.68 -0.51
CA LEU E 101 -16.33 45.43 -0.27
C LEU E 101 -15.55 45.48 1.02
N LEU E 102 -14.84 46.58 1.27
CA LEU E 102 -14.10 46.69 2.53
C LEU E 102 -15.02 46.63 3.74
N GLY E 103 -16.17 47.29 3.68
CA GLY E 103 -17.08 47.26 4.81
C GLY E 103 -17.64 45.87 5.06
N LYS E 104 -18.03 45.17 4.00
CA LYS E 104 -18.52 43.81 4.17
C LYS E 104 -17.43 42.90 4.72
N PHE E 105 -16.19 43.09 4.25
CA PHE E 105 -15.08 42.28 4.74
C PHE E 105 -14.84 42.53 6.22
N VAL E 106 -14.83 43.80 6.62
CA VAL E 106 -14.63 44.12 8.04
C VAL E 106 -15.75 43.54 8.89
N GLY E 107 -17.00 43.67 8.42
CA GLY E 107 -18.11 43.14 9.21
C GLY E 107 -18.03 41.62 9.37
N HIS E 108 -17.77 40.92 8.27
CA HIS E 108 -17.69 39.46 8.35
C HIS E 108 -16.47 39.02 9.15
N GLY E 109 -15.37 39.77 9.06
CA GLY E 109 -14.20 39.45 9.85
C GLY E 109 -14.44 39.65 11.33
N LEU E 110 -15.15 40.72 11.70
CA LEU E 110 -15.53 40.87 13.11
C LEU E 110 -16.49 39.78 13.54
N ILE E 111 -17.34 39.29 12.64
CA ILE E 111 -18.19 38.15 12.97
C ILE E 111 -17.33 36.94 13.33
N LEU E 112 -16.37 36.61 12.46
CA LEU E 112 -15.51 35.46 12.73
C LEU E 112 -14.66 35.66 13.98
N ALA E 113 -14.12 36.87 14.16
CA ALA E 113 -13.28 37.15 15.32
C ALA E 113 -14.06 37.04 16.62
N LEU E 114 -15.27 37.61 16.65
CA LEU E 114 -16.10 37.52 17.84
C LEU E 114 -16.50 36.06 18.11
N ALA E 115 -16.79 35.31 17.05
CA ALA E 115 -17.11 33.90 17.23
C ALA E 115 -15.95 33.14 17.83
N VAL E 116 -14.75 33.33 17.28
CA VAL E 116 -13.56 32.68 17.82
C VAL E 116 -13.37 33.05 19.28
N LEU E 117 -13.43 34.35 19.59
CA LEU E 117 -13.23 34.78 20.97
C LEU E 117 -14.24 34.13 21.90
N ILE E 118 -15.53 34.24 21.60
CA ILE E 118 -16.53 33.68 22.51
C ILE E 118 -16.39 32.17 22.66
N GLY E 119 -16.14 31.45 21.57
CA GLY E 119 -16.18 30.00 21.66
C GLY E 119 -14.92 29.41 22.27
N PHE E 120 -13.76 29.77 21.71
CA PHE E 120 -12.52 29.26 22.30
C PHE E 120 -12.26 29.86 23.68
N GLY E 121 -12.79 31.05 23.98
CA GLY E 121 -12.71 31.56 25.33
C GLY E 121 -13.57 30.77 26.30
N CYS E 122 -14.76 30.37 25.88
CA CYS E 122 -15.57 29.48 26.72
C CYS E 122 -14.84 28.16 26.93
N ALA E 123 -14.19 27.64 25.88
CA ALA E 123 -13.40 26.43 26.03
C ALA E 123 -12.24 26.63 26.99
N ALA E 124 -11.57 27.79 26.93
CA ALA E 124 -10.43 28.03 27.79
C ALA E 124 -10.84 28.17 29.26
N LEU E 125 -11.94 28.90 29.52
CA LEU E 125 -12.42 28.96 30.89
C LEU E 125 -12.90 27.61 31.37
N ALA E 126 -13.44 26.77 30.46
CA ALA E 126 -13.77 25.40 30.84
C ALA E 126 -12.51 24.62 31.21
N ILE E 127 -11.43 24.80 30.45
CA ILE E 127 -10.16 24.15 30.77
C ILE E 127 -9.68 24.58 32.15
N ALA E 128 -9.75 25.89 32.42
CA ALA E 128 -9.27 26.41 33.70
C ALA E 128 -10.10 25.88 34.86
N LEU E 129 -11.42 26.02 34.79
CA LEU E 129 -12.29 25.67 35.91
C LEU E 129 -12.36 24.15 36.09
N LEU E 130 -12.73 23.43 35.03
CA LEU E 130 -13.02 22.01 35.16
C LEU E 130 -11.78 21.21 35.54
N VAL E 131 -10.63 21.57 35.00
CA VAL E 131 -9.43 20.75 35.11
C VAL E 131 -8.51 21.39 36.14
N GLU E 132 -7.51 20.63 36.59
CA GLU E 132 -6.59 21.07 37.61
C GLU E 132 -5.74 22.24 37.12
N GLY E 133 -5.13 22.94 38.07
CA GLY E 133 -4.30 24.09 37.74
C GLY E 133 -2.98 23.70 37.13
N VAL E 134 -3.04 22.97 36.01
CA VAL E 134 -1.81 22.52 35.35
C VAL E 134 -0.97 23.70 34.92
N GLU E 135 -1.57 24.66 34.24
CA GLU E 135 -0.86 25.85 33.78
C GLU E 135 -1.89 26.89 33.38
N LEU E 136 -1.50 28.16 33.52
CA LEU E 136 -2.35 29.28 33.14
C LEU E 136 -1.65 30.28 32.23
N GLY E 137 -0.33 30.29 32.18
CA GLY E 137 0.39 31.19 31.30
C GLY E 137 0.64 30.58 29.93
N LEU E 139 -1.73 28.58 28.74
CA LEU E 139 -2.90 28.72 27.89
C LEU E 139 -2.89 30.02 27.11
N PHE E 140 -2.50 31.11 27.77
CA PHE E 140 -2.59 32.43 27.16
C PHE E 140 -1.80 32.51 25.86
N TRP E 141 -0.53 32.09 25.91
CA TRP E 141 0.28 32.11 24.69
C TRP E 141 -0.26 31.12 23.66
N ALA E 142 -0.61 29.91 24.10
CA ALA E 142 -1.09 28.90 23.16
C ALA E 142 -2.46 29.27 22.60
N PHE E 143 -3.44 29.46 23.49
CA PHE E 143 -4.79 29.74 23.03
C PHE E 143 -4.92 31.12 22.41
N GLY E 144 -4.18 32.11 22.92
CA GLY E 144 -4.23 33.43 22.30
C GLY E 144 -3.65 33.44 20.90
N ARG E 145 -2.52 32.74 20.72
CA ARG E 145 -1.97 32.59 19.37
C ARG E 145 -2.94 31.82 18.49
N PHE E 146 -3.65 30.85 19.06
CA PHE E 146 -4.69 30.16 18.31
C PHE E 146 -5.78 31.12 17.86
N MET E 147 -6.21 32.02 18.76
CA MET E 147 -7.20 33.02 18.38
C MET E 147 -6.73 33.83 17.19
N ILE E 148 -5.53 34.40 17.31
CA ILE E 148 -5.03 35.28 16.26
C ILE E 148 -4.85 34.52 14.95
N SER E 149 -4.27 33.32 15.01
CA SER E 149 -3.99 32.57 13.80
C SER E 149 -5.27 32.11 13.12
N SER E 150 -6.22 31.59 13.89
CA SER E 150 -7.49 31.16 13.32
C SER E 150 -8.26 32.32 12.74
N THR E 151 -8.25 33.48 13.42
CA THR E 151 -8.93 34.65 12.90
C THR E 151 -8.32 35.13 11.59
N LEU E 152 -6.99 35.17 11.51
CA LEU E 152 -6.36 35.59 10.25
C LEU E 152 -6.61 34.59 9.14
N LEU E 153 -6.62 33.30 9.45
CA LEU E 153 -6.96 32.30 8.42
C LEU E 153 -8.40 32.48 7.94
N GLY E 154 -9.32 32.72 8.87
CA GLY E 154 -10.69 33.01 8.48
C GLY E 154 -10.77 34.23 7.59
N TRP E 155 -10.02 35.28 7.92
CA TRP E 155 -10.02 36.48 7.10
C TRP E 155 -9.47 36.23 5.71
N VAL E 156 -8.40 35.45 5.60
CA VAL E 156 -7.82 35.24 4.27
C VAL E 156 -8.75 34.40 3.40
N PHE E 157 -9.41 33.40 3.98
CA PHE E 157 -10.35 32.65 3.15
C PHE E 157 -11.63 33.44 2.90
N LEU E 158 -11.98 34.35 3.80
CA LEU E 158 -13.08 35.29 3.56
C LEU E 158 -12.78 36.18 2.36
N ALA E 159 -11.53 36.65 2.27
CA ALA E 159 -11.11 37.47 1.13
C ALA E 159 -11.12 36.64 -0.15
N PHE E 160 -10.70 35.38 -0.08
CA PHE E 160 -10.82 34.52 -1.26
C PHE E 160 -12.27 34.36 -1.69
N ALA E 161 -13.18 34.22 -0.73
CA ALA E 161 -14.60 34.10 -1.06
C ALA E 161 -15.11 35.37 -1.73
N TYR E 162 -14.68 36.53 -1.26
CA TYR E 162 -15.00 37.78 -1.96
C TYR E 162 -14.42 37.79 -3.37
N VAL E 163 -13.20 37.26 -3.55
CA VAL E 163 -12.60 37.22 -4.87
C VAL E 163 -13.46 36.41 -5.83
N LEU E 164 -13.87 35.22 -5.41
CA LEU E 164 -14.64 34.35 -6.31
C LEU E 164 -16.05 34.91 -6.53
N SER E 165 -16.67 35.47 -5.49
CA SER E 165 -18.05 35.94 -5.61
C SER E 165 -18.17 37.07 -6.62
N GLY E 166 -17.22 38.00 -6.62
CA GLY E 166 -17.31 39.18 -7.47
C GLY E 166 -17.24 38.90 -8.96
N LYS E 167 -17.09 37.64 -9.33
CA LYS E 167 -17.04 37.23 -10.73
C LYS E 167 -18.22 36.39 -11.14
N VAL E 168 -18.74 35.56 -10.24
CA VAL E 168 -19.90 34.74 -10.54
C VAL E 168 -21.14 35.62 -10.63
N ASN E 169 -22.09 35.21 -11.47
CA ASN E 169 -23.31 35.97 -11.68
C ASN E 169 -24.54 35.34 -11.04
N GLU E 170 -24.47 34.09 -10.60
CA GLU E 170 -25.59 33.43 -9.94
C GLU E 170 -25.08 32.77 -8.66
N LYS E 171 -25.69 33.13 -7.52
CA LYS E 171 -25.27 32.64 -6.21
C LYS E 171 -25.02 31.14 -6.18
N SER E 172 -25.85 30.39 -6.91
CA SER E 172 -25.69 28.94 -6.93
C SER E 172 -24.33 28.56 -7.52
N SER E 173 -23.92 29.21 -8.60
CA SER E 173 -22.60 28.95 -9.17
C SER E 173 -21.47 29.43 -8.28
N ALA E 174 -21.73 30.39 -7.40
CA ALA E 174 -20.68 30.89 -6.52
C ALA E 174 -20.18 29.80 -5.58
N ALA E 175 -21.09 28.98 -5.06
CA ALA E 175 -20.69 27.89 -4.17
C ALA E 175 -19.80 26.89 -4.90
N GLY E 176 -20.08 26.63 -6.19
CA GLY E 176 -19.26 25.70 -6.94
C GLY E 176 -17.81 26.12 -7.02
N LEU E 177 -17.57 27.41 -7.24
CA LEU E 177 -16.22 27.94 -7.20
C LEU E 177 -15.74 28.24 -5.79
N ALA E 178 -16.57 27.98 -4.79
CA ALA E 178 -16.18 28.11 -3.39
C ALA E 178 -15.55 26.83 -2.87
N LEU E 179 -16.10 25.68 -3.23
CA LEU E 179 -15.45 24.42 -2.91
C LEU E 179 -14.09 24.31 -3.57
N GLY E 180 -13.99 24.74 -4.83
CA GLY E 180 -12.74 24.69 -5.56
C GLY E 180 -11.58 25.35 -4.83
N VAL E 181 -11.80 26.56 -4.33
CA VAL E 181 -10.78 27.21 -3.53
C VAL E 181 -10.51 26.44 -2.25
N TRP E 182 -11.56 25.95 -1.59
CA TRP E 182 -11.36 25.13 -0.41
C TRP E 182 -10.68 23.81 -0.76
N PHE E 183 -11.07 23.20 -1.88
CA PHE E 183 -10.51 21.92 -2.29
C PHE E 183 -9.03 22.05 -2.62
N LEU E 184 -8.64 23.12 -3.30
CA LEU E 184 -7.25 23.25 -3.74
C LEU E 184 -6.30 23.32 -2.55
N PHE E 185 -6.64 24.11 -1.54
CA PHE E 185 -5.72 24.30 -0.41
C PHE E 185 -5.72 23.11 0.54
N VAL E 186 -6.86 22.43 0.69
CA VAL E 186 -6.96 21.32 1.63
C VAL E 186 -6.37 20.05 1.05
N LEU E 187 -6.85 19.64 -0.13
CA LEU E 187 -6.40 18.41 -0.78
C LEU E 187 -5.30 18.65 -1.79
N VAL E 188 -5.56 19.48 -2.81
CA VAL E 188 -4.71 19.50 -4.00
C VAL E 188 -3.29 19.92 -3.65
N PHE E 189 -3.14 20.96 -2.83
CA PHE E 189 -1.81 21.51 -2.59
C PHE E 189 -0.89 20.49 -1.93
N ASP E 190 -1.32 19.91 -0.82
CA ASP E 190 -0.46 18.97 -0.11
C ASP E 190 -0.16 17.74 -0.94
N LEU E 191 -1.20 17.15 -1.55
CA LEU E 191 -1.02 15.93 -2.34
C LEU E 191 -0.11 16.18 -3.53
N VAL E 192 -0.37 17.25 -4.28
CA VAL E 192 0.44 17.53 -5.47
C VAL E 192 1.87 17.87 -5.08
N LEU E 193 2.05 18.65 -4.01
CA LEU E 193 3.40 18.97 -3.56
C LEU E 193 4.17 17.72 -3.16
N LEU E 194 3.52 16.82 -2.42
CA LEU E 194 4.18 15.59 -2.00
C LEU E 194 4.55 14.73 -3.19
N ALA E 195 3.62 14.61 -4.16
CA ALA E 195 3.91 13.82 -5.36
C ALA E 195 5.05 14.43 -6.16
N LEU E 196 5.08 15.76 -6.28
CA LEU E 196 6.17 16.41 -7.00
C LEU E 196 7.51 16.17 -6.30
N LEU E 197 7.52 16.18 -4.96
CA LEU E 197 8.73 15.82 -4.25
C LEU E 197 9.13 14.38 -4.53
N VAL E 198 8.15 13.47 -4.60
CA VAL E 198 8.46 12.06 -4.86
C VAL E 198 8.98 11.89 -6.29
N LEU E 199 8.39 12.62 -7.25
CA LEU E 199 8.90 12.56 -8.62
C LEU E 199 10.35 13.00 -8.71
N SER E 200 10.71 14.07 -8.01
CA SER E 200 12.08 14.57 -8.03
C SER E 200 12.83 13.96 -6.86
N GLU E 201 13.41 12.78 -7.11
CA GLU E 201 14.14 12.10 -6.05
C GLU E 201 15.46 12.81 -5.80
N GLY E 202 15.51 13.64 -4.76
CA GLY E 202 16.74 14.28 -4.35
C GLY E 202 17.13 15.51 -5.13
N LYS E 203 16.38 15.86 -6.18
CA LYS E 203 16.72 16.98 -7.03
C LYS E 203 15.72 18.14 -6.92
N PHE E 204 14.78 18.07 -5.97
CA PHE E 204 13.79 19.12 -5.83
C PHE E 204 14.41 20.43 -5.33
N ASN E 205 15.68 20.39 -4.89
CA ASN E 205 16.34 21.54 -4.29
C ASN E 205 15.65 21.93 -2.98
N PRO E 206 15.83 21.13 -1.92
CA PRO E 206 15.07 21.33 -0.68
C PRO E 206 15.21 22.71 -0.05
N GLU E 207 16.13 23.55 -0.52
CA GLU E 207 16.23 24.88 0.06
C GLU E 207 14.98 25.72 -0.20
N LEU E 208 14.24 25.40 -1.26
CA LEU E 208 13.05 26.15 -1.64
C LEU E 208 11.75 25.39 -1.38
N LEU E 209 11.78 24.41 -0.48
CA LEU E 209 10.51 23.77 -0.10
C LEU E 209 9.78 24.58 0.96
N PRO E 210 10.45 25.03 2.04
CA PRO E 210 9.74 25.86 3.03
C PRO E 210 9.02 27.05 2.42
N TRP E 211 9.64 27.69 1.43
CA TRP E 211 9.00 28.83 0.78
C TRP E 211 7.78 28.40 -0.03
N LEU E 212 7.84 27.23 -0.67
CA LEU E 212 6.66 26.71 -1.34
C LEU E 212 5.55 26.40 -0.34
N LEU E 213 5.90 26.08 0.90
CA LEU E 213 4.87 25.91 1.92
C LEU E 213 4.16 27.23 2.22
N LEU E 214 4.85 28.36 2.04
CA LEU E 214 4.22 29.66 2.26
C LEU E 214 3.05 29.88 1.31
N LEU E 215 3.10 29.29 0.13
CA LEU E 215 2.10 29.52 -0.91
C LEU E 215 0.73 28.88 -0.56
N ASN E 216 0.57 28.32 0.63
CA ASN E 216 -0.70 27.75 1.08
C ASN E 216 -1.03 28.35 2.44
N PRO E 217 -2.15 29.06 2.58
CA PRO E 217 -2.50 29.60 3.90
C PRO E 217 -2.68 28.54 4.97
N THR E 218 -3.17 27.35 4.59
CA THR E 218 -3.33 26.27 5.57
C THR E 218 -1.99 25.84 6.14
N ASP E 219 -0.96 25.72 5.29
CA ASP E 219 0.37 25.36 5.77
C ASP E 219 0.92 26.44 6.70
N ILE E 220 0.70 27.71 6.36
CA ILE E 220 1.13 28.80 7.24
C ILE E 220 0.45 28.70 8.59
N TYR E 221 -0.86 28.41 8.59
CA TYR E 221 -1.59 28.35 9.85
C TYR E 221 -1.13 27.16 10.69
N ARG E 222 -0.79 26.05 10.04
CA ARG E 222 -0.31 24.89 10.80
C ARG E 222 1.12 25.09 11.31
N LEU E 223 1.96 25.81 10.58
CA LEU E 223 3.26 26.18 11.12
C LEU E 223 3.14 27.07 12.36
N ILE E 224 2.17 27.98 12.34
CA ILE E 224 2.05 28.95 13.43
C ILE E 224 1.78 28.23 14.75
N ASN E 225 0.87 27.27 14.75
CA ASN E 225 0.55 26.54 15.98
C ASN E 225 1.36 25.25 16.10
N LEU E 226 2.65 25.33 15.79
CA LEU E 226 3.53 24.18 15.94
C LEU E 226 4.89 24.62 16.47
N SER E 227 4.92 25.50 17.47
CA SER E 227 6.17 26.05 17.98
C SER E 227 6.36 25.83 19.47
N GLY E 228 5.49 25.07 20.13
CA GLY E 228 5.66 24.77 21.53
C GLY E 228 6.96 24.03 21.82
N PHE E 229 7.73 24.52 22.78
CA PHE E 229 9.03 23.93 23.09
C PHE E 229 9.33 24.03 24.59
N LEU E 245 12.99 26.62 12.79
CA LEU E 245 12.54 26.55 11.40
C LEU E 245 13.13 27.69 10.58
N PRO E 246 13.42 27.41 9.30
CA PRO E 246 14.04 28.45 8.46
C PRO E 246 13.24 29.74 8.37
N VAL E 247 11.92 29.58 8.30
CA VAL E 247 11.05 30.76 8.10
C VAL E 247 10.75 31.48 9.44
N PRO E 248 11.16 32.76 9.69
CA PRO E 248 10.90 33.41 10.97
C PRO E 248 9.42 33.40 11.30
N ALA E 249 9.12 33.40 12.60
CA ALA E 249 7.72 33.52 13.03
C ALA E 249 7.11 34.82 12.55
N ALA E 250 7.85 35.92 12.64
CA ALA E 250 7.34 37.20 12.17
C ALA E 250 7.07 37.16 10.67
N VAL E 251 7.96 36.57 9.89
CA VAL E 251 7.69 36.38 8.47
C VAL E 251 6.55 35.39 8.27
N LEU E 252 6.43 34.41 9.17
CA LEU E 252 5.33 33.45 9.07
C LEU E 252 3.98 34.12 9.29
N TRP E 253 3.96 35.26 9.99
CA TRP E 253 2.74 36.06 10.12
C TRP E 253 2.58 36.99 8.92
N LEU E 254 3.64 37.74 8.60
CA LEU E 254 3.65 38.69 7.50
C LEU E 254 3.21 38.05 6.19
N CYS E 255 3.53 36.78 5.97
CA CYS E 255 3.13 36.14 4.71
C CYS E 255 1.62 35.93 4.66
N LEU E 256 1.01 35.52 5.77
CA LEU E 256 -0.44 35.38 5.81
C LEU E 256 -1.11 36.75 5.67
N LEU E 257 -0.52 37.78 6.28
CA LEU E 257 -1.03 39.13 6.11
C LEU E 257 -0.96 39.57 4.65
N ALA E 258 0.14 39.22 3.97
CA ALA E 258 0.27 39.54 2.55
C ALA E 258 -0.75 38.78 1.73
N TRP E 259 -1.03 37.53 2.10
CA TRP E 259 -2.11 36.79 1.44
C TRP E 259 -3.43 37.53 1.57
N ILE E 260 -3.74 38.02 2.76
CA ILE E 260 -4.98 38.77 2.96
C ILE E 260 -4.97 40.03 2.11
N GLY E 261 -3.85 40.75 2.09
CA GLY E 261 -3.78 41.99 1.34
C GLY E 261 -3.98 41.80 -0.15
N VAL E 262 -3.27 40.82 -0.73
CA VAL E 262 -3.40 40.59 -2.16
C VAL E 262 -4.77 40.04 -2.50
N SER E 263 -5.35 39.21 -1.63
CA SER E 263 -6.70 38.70 -1.89
C SER E 263 -7.71 39.84 -1.90
N LEU E 264 -7.61 40.76 -0.93
CA LEU E 264 -8.53 41.89 -0.92
C LEU E 264 -8.29 42.82 -2.10
N LEU E 265 -7.04 43.00 -2.51
CA LEU E 265 -6.75 43.82 -3.68
C LEU E 265 -7.39 43.21 -4.93
N LEU E 266 -7.26 41.89 -5.10
CA LEU E 266 -7.87 41.23 -6.24
C LEU E 266 -9.39 41.30 -6.17
N ALA E 267 -9.97 41.16 -4.97
CA ALA E 267 -11.41 41.25 -4.84
C ALA E 267 -11.92 42.63 -5.21
N TYR E 268 -11.23 43.68 -4.75
CA TYR E 268 -11.58 45.04 -5.15
C TYR E 268 -11.43 45.24 -6.65
N ALA E 269 -10.37 44.69 -7.24
CA ALA E 269 -10.17 44.83 -8.67
C ALA E 269 -11.27 44.16 -9.47
N ILE E 270 -11.67 42.96 -9.08
CA ILE E 270 -12.75 42.26 -9.79
C ILE E 270 -14.08 42.96 -9.56
N PHE E 271 -14.31 43.47 -8.35
CA PHE E 271 -15.60 44.08 -8.04
C PHE E 271 -15.85 45.33 -8.86
N ARG E 272 -14.79 46.10 -9.17
CA ARG E 272 -14.96 47.34 -9.91
C ARG E 272 -15.63 47.12 -11.26
N ARG E 273 -15.38 45.96 -11.88
CA ARG E 273 -15.95 45.63 -13.19
C ARG E 273 -17.05 44.58 -13.07
N ARG E 274 -17.83 44.64 -11.98
CA ARG E 274 -18.87 43.65 -11.77
C ARG E 274 -19.95 43.74 -12.84
N LEU E 275 -20.39 44.94 -13.17
CA LEU E 275 -21.48 45.12 -14.13
C LEU E 275 -20.94 45.42 -15.52
N GLN F 58 19.59 -10.21 -18.84
CA GLN F 58 19.87 -11.56 -19.31
C GLN F 58 18.61 -12.42 -19.32
N LYS F 59 18.76 -13.70 -18.99
CA LYS F 59 17.65 -14.65 -18.96
C LYS F 59 17.67 -15.37 -17.62
N ILE F 60 16.99 -14.76 -16.64
CA ILE F 60 16.92 -15.33 -15.31
C ILE F 60 16.16 -16.65 -15.27
N HIS F 61 15.34 -16.93 -16.28
CA HIS F 61 14.47 -18.09 -16.30
C HIS F 61 14.78 -18.97 -17.50
N VAL F 62 15.09 -20.22 -17.23
CA VAL F 62 15.05 -21.27 -18.26
C VAL F 62 13.76 -22.04 -18.03
N GLY F 63 12.74 -21.72 -18.81
CA GLY F 63 11.45 -22.35 -18.66
C GLY F 63 11.41 -23.69 -19.37
N PRO F 64 10.22 -24.29 -19.44
CA PRO F 64 10.09 -25.54 -20.20
C PRO F 64 10.45 -25.33 -21.66
N GLY F 65 11.11 -26.31 -22.24
CA GLY F 65 11.55 -26.22 -23.62
C GLY F 65 12.92 -25.60 -23.76
N GLU F 66 13.12 -24.45 -23.13
CA GLU F 66 14.43 -23.83 -23.13
C GLU F 66 15.43 -24.70 -22.36
N LEU F 67 16.68 -24.64 -22.79
CA LEU F 67 17.73 -25.44 -22.18
C LEU F 67 18.65 -24.54 -21.37
N ASP F 68 19.34 -25.14 -20.41
CA ASP F 68 20.25 -24.38 -19.56
C ASP F 68 21.49 -24.00 -20.35
N ASP F 69 22.24 -23.04 -19.83
CA ASP F 69 23.34 -22.44 -20.58
C ASP F 69 24.71 -22.91 -20.11
N TYR F 70 24.86 -23.23 -18.83
CA TYR F 70 26.14 -23.68 -18.28
C TYR F 70 25.97 -24.93 -17.43
N TYR F 71 26.97 -25.80 -17.48
CA TYR F 71 27.11 -26.84 -16.47
C TYR F 71 27.76 -26.27 -15.22
N GLY F 72 27.17 -26.55 -14.06
CA GLY F 72 27.76 -26.15 -12.81
C GLY F 72 28.04 -27.34 -11.92
N PHE F 73 29.30 -27.59 -11.62
CA PHE F 73 29.71 -28.74 -10.82
C PHE F 73 29.92 -28.28 -9.38
N TRP F 74 28.82 -28.08 -8.67
CA TRP F 74 28.91 -28.03 -7.21
C TRP F 74 29.37 -29.36 -6.66
N SER F 75 30.05 -29.29 -5.53
CA SER F 75 30.49 -30.49 -4.84
C SER F 75 29.29 -31.07 -4.10
N GLY F 76 29.51 -32.10 -3.30
CA GLY F 76 28.44 -32.63 -2.49
C GLY F 76 28.73 -32.23 -1.07
N GLY F 77 29.82 -31.49 -0.92
CA GLY F 77 30.22 -31.07 0.40
C GLY F 77 30.47 -32.29 1.26
N HIS F 78 29.78 -32.32 2.39
CA HIS F 78 30.07 -33.35 3.38
C HIS F 78 29.38 -34.66 3.04
N GLN F 79 28.39 -34.62 2.15
CA GLN F 79 27.81 -35.87 1.65
C GLN F 79 28.81 -36.67 0.84
N GLY F 80 29.62 -35.99 0.01
CA GLY F 80 30.66 -36.61 -0.76
C GLY F 80 30.39 -36.67 -2.25
N GLU F 81 29.13 -36.53 -2.66
CA GLU F 81 28.76 -36.63 -4.06
C GLU F 81 29.22 -35.38 -4.82
N VAL F 82 28.89 -35.33 -6.11
CA VAL F 82 29.06 -34.14 -6.93
C VAL F 82 27.73 -33.82 -7.58
N ARG F 83 27.32 -32.56 -7.54
CA ARG F 83 26.05 -32.15 -8.11
C ARG F 83 26.29 -31.34 -9.37
N VAL F 84 25.73 -31.83 -10.47
CA VAL F 84 25.76 -31.16 -11.76
C VAL F 84 24.43 -30.43 -11.93
N LEU F 85 24.49 -29.12 -12.00
CA LEU F 85 23.33 -28.24 -12.08
C LEU F 85 23.34 -27.53 -13.42
N GLY F 86 22.17 -27.02 -13.82
CA GLY F 86 22.09 -26.23 -15.02
C GLY F 86 21.95 -24.75 -14.73
N VAL F 87 23.05 -24.00 -14.90
CA VAL F 87 23.05 -22.56 -14.71
C VAL F 87 22.41 -21.92 -15.94
N PRO F 88 21.51 -20.93 -15.78
CA PRO F 88 21.06 -20.31 -14.52
C PRO F 88 19.81 -20.93 -13.91
N SER F 89 19.32 -22.04 -14.46
CA SER F 89 18.15 -22.68 -13.86
C SER F 89 18.44 -23.21 -12.47
N MET F 90 19.69 -23.60 -12.21
CA MET F 90 20.16 -23.95 -10.88
C MET F 90 19.41 -25.13 -10.28
N ARG F 91 19.03 -26.09 -11.13
CA ARG F 91 18.31 -27.28 -10.70
C ARG F 91 19.21 -28.50 -10.85
N GLU F 92 18.92 -29.54 -10.06
CA GLU F 92 19.79 -30.72 -10.02
C GLU F 92 19.62 -31.55 -11.29
N LEU F 93 20.57 -31.39 -12.21
CA LEU F 93 20.57 -32.22 -13.40
C LEU F 93 21.05 -33.62 -13.10
N MET F 94 22.08 -33.76 -12.26
CA MET F 94 22.62 -35.09 -12.02
C MET F 94 23.40 -35.10 -10.71
N ARG F 95 23.43 -36.27 -10.07
CA ARG F 95 24.20 -36.49 -8.85
C ARG F 95 25.20 -37.62 -9.11
N ILE F 96 26.47 -37.27 -9.21
CA ILE F 96 27.55 -38.23 -9.39
C ILE F 96 28.05 -38.72 -8.04
N PRO F 97 27.75 -39.96 -7.64
CA PRO F 97 28.34 -40.48 -6.39
C PRO F 97 29.83 -40.66 -6.55
N VAL F 98 30.58 -40.12 -5.59
CA VAL F 98 32.04 -40.22 -5.64
C VAL F 98 32.55 -40.99 -4.42
N PHE F 99 32.19 -40.51 -3.23
CA PHE F 99 32.66 -41.10 -1.98
C PHE F 99 31.55 -41.79 -1.20
N ASN F 100 30.34 -41.26 -1.21
CA ASN F 100 29.26 -41.92 -0.49
C ASN F 100 28.85 -43.21 -1.20
N VAL F 101 28.22 -44.10 -0.44
CA VAL F 101 27.70 -45.34 -0.99
C VAL F 101 26.28 -45.04 -1.47
N ASP F 102 26.13 -44.84 -2.77
CA ASP F 102 24.86 -44.45 -3.36
C ASP F 102 24.08 -45.70 -3.74
N SER F 103 22.90 -45.86 -3.16
CA SER F 103 22.02 -46.96 -3.55
C SER F 103 21.45 -46.80 -4.94
N ALA F 104 21.50 -45.59 -5.50
CA ALA F 104 20.91 -45.36 -6.81
C ALA F 104 21.71 -46.05 -7.90
N THR F 105 22.96 -45.65 -8.10
CA THR F 105 23.81 -46.23 -9.11
C THR F 105 24.63 -47.40 -8.59
N GLY F 106 24.44 -47.79 -7.34
CA GLY F 106 25.18 -48.91 -6.79
C GLY F 106 26.61 -48.60 -6.43
N TRP F 107 27.00 -47.33 -6.45
CA TRP F 107 28.37 -46.96 -6.14
C TRP F 107 28.72 -47.39 -4.73
N GLY F 108 29.87 -48.06 -4.58
CA GLY F 108 30.26 -48.62 -3.32
C GLY F 108 29.75 -50.03 -3.06
N LEU F 109 28.82 -50.52 -3.87
CA LEU F 109 28.32 -51.88 -3.79
C LEU F 109 28.63 -52.71 -5.01
N THR F 110 28.60 -52.12 -6.20
CA THR F 110 28.98 -52.83 -7.40
C THR F 110 30.48 -53.14 -7.38
N ASN F 111 30.85 -54.23 -8.05
CA ASN F 111 32.24 -54.69 -8.00
C ASN F 111 33.19 -53.68 -8.61
N GLU F 112 32.80 -53.06 -9.72
CA GLU F 112 33.70 -52.09 -10.35
C GLU F 112 33.92 -50.87 -9.48
N SER F 113 32.88 -50.42 -8.78
CA SER F 113 33.04 -49.27 -7.89
C SER F 113 33.97 -49.61 -6.73
N ARG F 114 33.80 -50.78 -6.12
CA ARG F 114 34.68 -51.17 -5.03
C ARG F 114 36.11 -51.37 -5.53
N HIS F 115 36.27 -51.89 -6.75
CA HIS F 115 37.61 -52.02 -7.32
C HIS F 115 38.25 -50.67 -7.54
N ILE F 116 37.48 -49.69 -8.00
CA ILE F 116 37.99 -48.33 -8.17
C ILE F 116 38.39 -47.76 -6.83
N MET F 117 37.57 -47.97 -5.79
CA MET F 117 37.88 -47.48 -4.46
C MET F 117 39.15 -48.13 -3.92
N GLY F 118 39.35 -49.41 -4.18
CA GLY F 118 40.50 -50.11 -3.62
C GLY F 118 40.17 -50.61 -2.23
N ASP F 119 41.01 -50.23 -1.27
CA ASP F 119 40.76 -50.54 0.13
C ASP F 119 39.98 -49.45 0.84
N SER F 120 39.63 -48.38 0.14
CA SER F 120 38.81 -47.31 0.72
C SER F 120 37.34 -47.71 0.82
N ALA F 121 36.97 -48.87 0.30
CA ALA F 121 35.56 -49.27 0.31
C ALA F 121 35.03 -49.41 1.73
N LYS F 122 35.91 -49.70 2.69
CA LYS F 122 35.50 -49.88 4.08
C LYS F 122 34.86 -48.62 4.63
N PHE F 123 35.09 -47.49 3.97
CA PHE F 123 34.66 -46.19 4.46
C PHE F 123 33.36 -45.77 3.78
N LEU F 124 32.39 -45.35 4.60
CA LEU F 124 31.07 -45.01 4.12
C LEU F 124 30.88 -43.52 3.92
N ASN F 125 31.87 -42.70 4.24
CA ASN F 125 31.72 -41.26 4.19
C ASN F 125 32.83 -40.62 3.37
N GLY F 126 32.62 -39.35 3.07
CA GLY F 126 33.61 -38.55 2.39
C GLY F 126 33.31 -37.09 2.64
N ASP F 127 34.27 -36.24 2.30
CA ASP F 127 34.06 -34.80 2.47
C ASP F 127 34.78 -34.11 1.31
N CYS F 128 34.04 -33.85 0.24
CA CYS F 128 34.59 -33.24 -0.95
C CYS F 128 34.36 -31.74 -0.93
N HIS F 129 35.42 -30.99 -1.24
CA HIS F 129 35.37 -29.53 -1.12
C HIS F 129 35.49 -28.83 -2.47
N HIS F 130 36.55 -29.08 -3.23
CA HIS F 130 36.84 -28.28 -4.41
C HIS F 130 36.83 -29.14 -5.66
N PRO F 131 35.83 -29.00 -6.53
CA PRO F 131 35.87 -29.67 -7.82
C PRO F 131 36.52 -28.79 -8.88
N HIS F 132 37.27 -29.43 -9.78
CA HIS F 132 37.95 -28.70 -10.85
C HIS F 132 37.97 -29.54 -12.11
N ILE F 133 38.02 -28.86 -13.25
CA ILE F 133 37.95 -29.48 -14.56
C ILE F 133 39.31 -29.36 -15.23
N SER F 134 39.75 -30.44 -15.87
CA SER F 134 41.06 -30.46 -16.50
C SER F 134 41.16 -29.38 -17.56
N MET F 135 42.33 -28.75 -17.66
CA MET F 135 42.52 -27.59 -18.51
C MET F 135 43.57 -27.90 -19.56
N THR F 136 43.25 -27.61 -20.82
CA THR F 136 44.20 -27.71 -21.92
C THR F 136 44.47 -26.29 -22.45
N ASP F 137 45.75 -25.93 -22.50
CA ASP F 137 46.16 -24.61 -22.97
CA ASP F 137 46.16 -24.61 -22.97
C ASP F 137 45.45 -23.50 -22.19
N GLY F 138 45.32 -23.70 -20.88
CA GLY F 138 44.65 -22.73 -20.05
C GLY F 138 43.17 -22.63 -20.25
N LYS F 139 42.56 -23.60 -20.92
CA LYS F 139 41.13 -23.59 -21.20
C LYS F 139 40.55 -24.95 -20.81
N TYR F 140 39.31 -24.93 -20.32
CA TYR F 140 38.63 -26.18 -19.97
C TYR F 140 38.46 -27.03 -21.22
N ASP F 141 38.77 -28.32 -21.11
CA ASP F 141 38.54 -29.25 -22.20
C ASP F 141 37.48 -30.29 -21.89
N GLY F 142 36.99 -30.34 -20.65
CA GLY F 142 35.94 -31.29 -20.33
C GLY F 142 36.36 -32.74 -20.35
N LYS F 143 37.66 -33.02 -20.15
CA LYS F 143 38.16 -34.38 -20.25
C LYS F 143 38.01 -35.13 -18.94
N TYR F 144 38.57 -34.59 -17.85
CA TYR F 144 38.40 -35.16 -16.53
C TYR F 144 38.03 -34.06 -15.54
N LEU F 145 37.41 -34.48 -14.44
CA LEU F 145 37.09 -33.58 -13.33
C LEU F 145 37.67 -34.16 -12.05
N PHE F 146 38.52 -33.40 -11.37
CA PHE F 146 39.20 -33.86 -10.18
C PHE F 146 38.55 -33.25 -8.94
N ILE F 147 38.31 -34.08 -7.92
CA ILE F 147 37.76 -33.61 -6.66
C ILE F 147 38.52 -34.24 -5.52
N ASN F 148 38.44 -33.61 -4.35
CA ASN F 148 39.19 -34.03 -3.17
C ASN F 148 38.28 -34.67 -2.14
N ASP F 149 38.90 -35.20 -1.09
CA ASP F 149 38.17 -35.79 0.03
C ASP F 149 39.01 -35.54 1.28
N LYS F 150 38.62 -34.53 2.06
CA LYS F 150 39.35 -34.16 3.27
C LYS F 150 39.16 -35.20 4.37
N ALA F 151 37.95 -35.77 4.47
CA ALA F 151 37.67 -36.69 5.57
C ALA F 151 38.58 -37.90 5.54
N ASN F 152 38.84 -38.45 4.35
CA ASN F 152 39.63 -39.66 4.21
C ASN F 152 40.89 -39.45 3.39
N SER F 153 41.21 -38.20 3.03
CA SER F 153 42.42 -37.85 2.28
C SER F 153 42.49 -38.64 0.97
N ARG F 154 41.52 -38.37 0.11
CA ARG F 154 41.45 -39.04 -1.18
C ARG F 154 41.38 -38.00 -2.30
N VAL F 155 41.75 -38.42 -3.50
CA VAL F 155 41.58 -37.62 -4.71
C VAL F 155 40.92 -38.49 -5.75
N ALA F 156 39.80 -38.01 -6.31
CA ALA F 156 39.01 -38.78 -7.25
C ALA F 156 38.95 -38.08 -8.60
N ARG F 157 38.90 -38.89 -9.65
CA ARG F 157 38.78 -38.43 -11.02
C ARG F 157 37.49 -38.96 -11.62
N ILE F 158 36.71 -38.04 -12.19
CA ILE F 158 35.43 -38.30 -12.81
C ILE F 158 35.58 -38.06 -14.30
N ARG F 159 35.30 -39.08 -15.12
CA ARG F 159 35.26 -38.87 -16.55
C ARG F 159 34.00 -38.10 -16.90
N LEU F 160 34.17 -36.96 -17.60
CA LEU F 160 33.04 -36.10 -17.87
C LEU F 160 32.21 -36.55 -19.06
N ASP F 161 32.64 -37.58 -19.79
CA ASP F 161 31.83 -38.11 -20.87
C ASP F 161 30.93 -39.25 -20.42
N ILE F 162 31.02 -39.66 -19.15
CA ILE F 162 30.13 -40.66 -18.60
C ILE F 162 29.55 -40.16 -17.28
N MET F 163 30.08 -39.06 -16.77
CA MET F 163 29.63 -38.49 -15.50
C MET F 163 29.71 -39.51 -14.38
N LYS F 164 30.80 -40.26 -14.34
CA LYS F 164 31.05 -41.21 -13.27
C LYS F 164 32.54 -41.19 -12.92
N CYS F 165 32.83 -41.39 -11.64
CA CYS F 165 34.21 -41.41 -11.18
C CYS F 165 34.91 -42.65 -11.68
N ASP F 166 36.05 -42.47 -12.36
CA ASP F 166 36.83 -43.62 -12.80
C ASP F 166 38.01 -43.90 -11.89
N LYS F 167 38.62 -42.88 -11.28
CA LYS F 167 39.85 -43.10 -10.53
C LYS F 167 39.71 -42.57 -9.12
N MET F 168 40.45 -43.18 -8.20
CA MET F 168 40.33 -42.83 -6.79
C MET F 168 41.62 -43.25 -6.11
N ILE F 169 42.41 -42.28 -5.65
CA ILE F 169 43.71 -42.55 -5.05
C ILE F 169 43.71 -42.03 -3.62
N THR F 170 44.13 -42.87 -2.68
CA THR F 170 44.28 -42.48 -1.28
C THR F 170 45.72 -42.04 -1.10
N VAL F 171 45.93 -40.73 -1.00
CA VAL F 171 47.30 -40.20 -0.88
C VAL F 171 47.91 -40.67 0.44
N PRO F 172 49.16 -41.10 0.46
CA PRO F 172 49.73 -41.69 1.68
C PRO F 172 50.45 -40.69 2.56
N ASN F 173 50.57 -41.04 3.85
CA ASN F 173 51.41 -40.32 4.80
C ASN F 173 51.03 -38.84 4.92
N VAL F 174 49.76 -38.53 4.68
CA VAL F 174 49.21 -37.20 4.88
C VAL F 174 47.78 -37.36 5.38
N GLN F 175 47.25 -36.28 5.94
CA GLN F 175 45.90 -36.29 6.50
C GLN F 175 45.14 -35.06 6.04
N ALA F 176 43.84 -35.21 5.79
CA ALA F 176 42.96 -34.10 5.51
C ALA F 176 43.35 -33.30 4.27
N ILE F 177 43.18 -33.89 3.09
CA ILE F 177 43.44 -33.20 1.83
C ILE F 177 42.37 -32.14 1.63
N HIS F 178 42.73 -30.88 1.85
CA HIS F 178 41.79 -29.77 1.69
C HIS F 178 41.96 -29.06 0.36
N GLY F 179 43.14 -28.50 0.12
CA GLY F 179 43.37 -27.77 -1.11
C GLY F 179 43.44 -28.71 -2.29
N LEU F 180 43.01 -28.21 -3.45
CA LEU F 180 43.07 -29.01 -4.67
C LEU F 180 42.92 -28.07 -5.86
N ARG F 181 43.90 -28.10 -6.77
CA ARG F 181 43.78 -27.35 -8.01
C ARG F 181 44.61 -28.01 -9.10
N LEU F 182 44.36 -27.56 -10.34
CA LEU F 182 44.91 -28.20 -11.53
C LEU F 182 45.90 -27.27 -12.21
N GLN F 183 46.99 -27.86 -12.71
CA GLN F 183 47.94 -27.12 -13.53
C GLN F 183 47.27 -26.69 -14.83
N LYS F 184 47.50 -25.44 -15.23
CA LYS F 184 46.79 -24.87 -16.37
C LYS F 184 47.60 -24.86 -17.66
N VAL F 185 48.92 -24.84 -17.59
CA VAL F 185 49.76 -24.77 -18.79
C VAL F 185 50.89 -25.78 -18.65
N PRO F 186 51.18 -26.60 -19.69
CA PRO F 186 50.51 -26.60 -20.99
C PRO F 186 49.20 -27.37 -20.99
N HIS F 187 49.00 -28.20 -19.97
CA HIS F 187 47.78 -28.98 -19.83
C HIS F 187 47.73 -29.49 -18.39
N THR F 188 46.64 -30.18 -18.07
CA THR F 188 46.48 -30.74 -16.72
C THR F 188 47.39 -31.97 -16.64
N LYS F 189 48.66 -31.72 -16.34
CA LYS F 189 49.63 -32.79 -16.18
C LYS F 189 49.77 -33.22 -14.73
N TYR F 190 49.76 -32.27 -13.80
CA TYR F 190 49.78 -32.56 -12.38
C TYR F 190 48.58 -31.92 -11.71
N VAL F 191 48.07 -32.59 -10.68
CA VAL F 191 47.02 -32.07 -9.82
C VAL F 191 47.60 -31.89 -8.42
N PHE F 192 47.45 -30.70 -7.86
CA PHE F 192 48.09 -30.33 -6.61
C PHE F 192 47.06 -30.38 -5.49
N ALA F 193 47.45 -30.95 -4.35
CA ALA F 193 46.58 -31.11 -3.20
C ALA F 193 47.33 -30.71 -1.93
N ASN F 194 46.56 -30.28 -0.92
CA ASN F 194 47.11 -29.79 0.33
C ASN F 194 46.60 -30.65 1.48
N ALA F 195 47.51 -31.10 2.33
CA ALA F 195 47.14 -31.78 3.56
C ALA F 195 47.02 -30.74 4.67
N GLU F 196 45.80 -30.54 5.16
CA GLU F 196 45.53 -29.43 6.08
C GLU F 196 46.06 -29.68 7.49
N PHE F 197 46.18 -30.94 7.91
CA PHE F 197 46.54 -31.23 9.29
C PHE F 197 47.92 -31.87 9.37
N ILE F 198 48.67 -31.47 10.39
CA ILE F 198 50.04 -31.90 10.59
C ILE F 198 50.04 -33.20 11.37
N ILE F 199 50.84 -34.17 10.91
CA ILE F 199 50.98 -35.45 11.60
C ILE F 199 52.46 -35.76 11.75
N PRO F 200 52.86 -36.53 12.77
CA PRO F 200 54.26 -36.95 12.87
C PRO F 200 54.61 -37.99 11.82
N HIS F 201 55.90 -38.08 11.54
CA HIS F 201 56.41 -39.06 10.57
C HIS F 201 57.62 -39.79 11.17
N PRO F 202 57.58 -41.11 11.28
CA PRO F 202 56.42 -41.92 10.89
C PRO F 202 55.32 -41.90 11.94
N ASN F 203 54.07 -41.99 11.51
CA ASN F 203 52.93 -41.97 12.42
C ASN F 203 52.64 -43.36 12.96
N ASP F 204 53.63 -43.92 13.65
CA ASP F 204 53.54 -45.26 14.20
C ASP F 204 53.13 -45.27 15.66
N GLY F 205 52.78 -44.11 16.22
CA GLY F 205 52.45 -44.01 17.62
C GLY F 205 53.63 -43.77 18.54
N LYS F 206 54.85 -43.73 18.02
CA LYS F 206 56.03 -43.51 18.85
C LYS F 206 55.96 -42.17 19.57
N VAL F 207 55.94 -41.07 18.80
CA VAL F 207 55.97 -39.72 19.36
C VAL F 207 54.76 -38.97 18.85
N PHE F 208 53.98 -38.41 19.77
CA PHE F 208 52.80 -37.63 19.45
C PHE F 208 53.06 -36.13 19.42
N ASP F 209 54.28 -35.69 19.71
CA ASP F 209 54.57 -34.27 19.74
C ASP F 209 54.41 -33.67 18.34
N LEU F 210 53.75 -32.52 18.28
CA LEU F 210 53.55 -31.83 17.02
C LEU F 210 54.60 -30.77 16.74
N GLN F 211 55.45 -30.45 17.71
CA GLN F 211 56.52 -29.48 17.53
C GLN F 211 57.86 -30.14 17.20
N ASP F 212 57.87 -31.45 16.98
CA ASP F 212 59.08 -32.18 16.66
C ASP F 212 59.53 -31.84 15.24
N GLU F 213 60.79 -32.13 14.93
CA GLU F 213 61.29 -31.86 13.59
C GLU F 213 60.56 -32.70 12.55
N ASN F 214 60.12 -33.90 12.93
CA ASN F 214 59.44 -34.82 12.03
C ASN F 214 57.92 -34.66 12.06
N SER F 215 57.42 -33.47 12.41
CA SER F 215 55.98 -33.18 12.38
C SER F 215 55.77 -32.09 11.34
N TYR F 216 55.12 -32.45 10.24
CA TYR F 216 55.06 -31.60 9.07
C TYR F 216 53.98 -32.09 8.12
N THR F 217 53.70 -31.28 7.10
CA THR F 217 52.74 -31.61 6.06
C THR F 217 53.38 -31.40 4.70
N MET F 218 52.80 -32.04 3.68
CA MET F 218 53.37 -32.04 2.35
C MET F 218 52.36 -31.60 1.30
N TYR F 219 52.86 -30.85 0.31
CA TYR F 219 52.14 -30.38 -0.86
C TYR F 219 52.09 -31.52 -1.87
N ASN F 220 51.04 -32.34 -1.81
CA ASN F 220 50.95 -33.49 -2.69
C ASN F 220 50.77 -33.05 -4.13
N ALA F 221 51.35 -33.81 -5.05
CA ALA F 221 51.17 -33.58 -6.47
C ALA F 221 51.05 -34.94 -7.16
N ILE F 222 49.92 -35.15 -7.84
CA ILE F 222 49.54 -36.44 -8.41
C ILE F 222 49.53 -36.30 -9.92
N ASP F 223 50.05 -37.30 -10.61
CA ASP F 223 49.96 -37.29 -12.07
C ASP F 223 48.50 -37.41 -12.49
N ALA F 224 48.12 -36.57 -13.46
CA ALA F 224 46.70 -36.47 -13.81
C ALA F 224 46.24 -37.68 -14.60
N GLU F 225 47.04 -38.14 -15.56
CA GLU F 225 46.60 -39.22 -16.44
C GLU F 225 46.72 -40.57 -15.77
N THR F 226 47.89 -40.90 -15.25
CA THR F 226 48.11 -42.23 -14.68
C THR F 226 47.58 -42.36 -13.26
N MET F 227 47.23 -41.25 -12.60
CA MET F 227 46.74 -41.24 -11.23
C MET F 227 47.62 -42.07 -10.31
N GLU F 228 48.92 -41.85 -10.44
CA GLU F 228 49.91 -42.33 -9.48
C GLU F 228 50.67 -41.12 -8.98
N MET F 229 50.83 -41.01 -7.66
CA MET F 229 51.40 -39.80 -7.09
C MET F 229 52.77 -39.52 -7.70
N ALA F 230 52.99 -38.27 -8.07
CA ALA F 230 54.22 -37.86 -8.72
C ALA F 230 55.25 -37.33 -7.75
N PHE F 231 54.89 -36.36 -6.90
CA PHE F 231 55.84 -35.91 -5.90
C PHE F 231 55.11 -35.32 -4.71
N GLN F 232 55.85 -35.15 -3.62
CA GLN F 232 55.36 -34.55 -2.40
C GLN F 232 56.46 -33.65 -1.85
N VAL F 233 56.08 -32.45 -1.41
CA VAL F 233 57.03 -31.43 -0.99
C VAL F 233 56.75 -31.07 0.46
N ILE F 234 57.73 -31.26 1.33
CA ILE F 234 57.58 -30.96 2.75
C ILE F 234 57.57 -29.45 2.94
N VAL F 235 56.59 -28.95 3.70
CA VAL F 235 56.50 -27.52 3.97
C VAL F 235 56.30 -27.30 5.46
N ASP F 236 56.68 -26.11 5.92
CA ASP F 236 56.41 -25.67 7.27
C ASP F 236 54.95 -25.25 7.41
N GLY F 237 54.42 -25.38 8.61
CA GLY F 237 53.04 -25.04 8.83
C GLY F 237 52.13 -26.04 8.12
N ASN F 238 50.88 -25.63 7.94
CA ASN F 238 49.89 -26.44 7.24
C ASN F 238 49.28 -25.65 6.09
N LEU F 239 48.96 -26.35 5.00
CA LEU F 239 48.43 -25.72 3.80
C LEU F 239 46.91 -25.82 3.76
N ASP F 240 46.24 -24.71 3.45
CA ASP F 240 44.78 -24.70 3.41
C ASP F 240 44.31 -24.76 1.98
N ASN F 241 44.58 -23.76 1.15
CA ASN F 241 44.16 -23.78 -0.25
C ASN F 241 45.35 -23.60 -1.17
N THR F 242 45.23 -24.15 -2.38
CA THR F 242 46.30 -24.13 -3.37
C THR F 242 45.78 -23.54 -4.68
N ASP F 243 46.72 -23.10 -5.51
CA ASP F 243 46.39 -22.50 -6.79
C ASP F 243 47.63 -22.56 -7.68
N ALA F 244 47.40 -22.47 -8.98
CA ALA F 244 48.48 -22.53 -9.96
C ALA F 244 48.36 -21.35 -10.92
N ASP F 245 49.49 -20.95 -11.48
CA ASP F 245 49.55 -19.81 -12.39
C ASP F 245 49.27 -20.26 -13.82
N TYR F 246 49.52 -19.36 -14.78
CA TYR F 246 49.35 -19.64 -16.19
C TYR F 246 50.69 -19.82 -16.91
N THR F 247 51.77 -20.03 -16.16
CA THR F 247 53.06 -20.34 -16.74
C THR F 247 53.47 -21.80 -16.53
N GLY F 248 52.75 -22.54 -15.69
CA GLY F 248 53.09 -23.92 -15.39
C GLY F 248 54.28 -24.08 -14.48
N ARG F 249 54.83 -22.99 -13.96
CA ARG F 249 56.06 -23.03 -13.17
C ARG F 249 55.82 -22.86 -11.68
N PHE F 250 55.07 -21.84 -11.27
CA PHE F 250 54.91 -21.49 -9.87
C PHE F 250 53.51 -21.84 -9.42
N ALA F 251 53.41 -22.69 -8.40
CA ALA F 251 52.14 -23.01 -7.78
C ALA F 251 52.19 -22.64 -6.31
N ALA F 252 51.17 -21.93 -5.81
CA ALA F 252 51.26 -21.37 -4.49
C ALA F 252 50.07 -21.80 -3.64
N ALA F 253 50.33 -21.92 -2.34
CA ALA F 253 49.31 -22.35 -1.39
C ALA F 253 49.45 -21.57 -0.11
N THR F 254 48.32 -21.26 0.52
CA THR F 254 48.31 -20.46 1.73
C THR F 254 48.60 -21.33 2.93
N CYS F 255 49.39 -20.80 3.86
CA CYS F 255 49.76 -21.49 5.09
C CYS F 255 49.34 -20.57 6.23
N TYR F 256 48.41 -21.14 7.03
CA TYR F 256 47.74 -20.43 8.16
C TYR F 256 48.18 -20.85 9.57
N ASN F 257 48.51 -22.12 9.82
CA ASN F 257 49.03 -22.51 11.17
C ASN F 257 50.55 -22.42 11.17
N SER F 258 51.12 -21.30 10.75
CA SER F 258 52.58 -21.11 10.82
C SER F 258 52.96 -21.15 12.29
N GLU F 259 52.09 -20.61 13.13
CA GLU F 259 52.35 -20.61 14.56
C GLU F 259 52.74 -22.02 15.00
N LYS F 260 52.18 -23.06 14.37
CA LYS F 260 52.46 -24.44 14.76
C LYS F 260 52.01 -24.70 16.19
N ALA F 261 50.71 -24.47 16.42
CA ALA F 261 50.09 -24.64 17.72
C ALA F 261 48.93 -25.61 17.60
N PHE F 262 48.88 -26.60 18.49
CA PHE F 262 47.77 -27.53 18.52
C PHE F 262 46.53 -26.89 19.14
N ASP F 263 46.72 -26.01 20.13
CA ASP F 263 45.62 -25.52 20.94
C ASP F 263 44.70 -24.58 20.14
N LEU F 264 43.67 -24.11 20.82
CA LEU F 264 42.63 -23.31 20.17
C LEU F 264 43.17 -21.97 19.70
N GLY F 265 43.51 -21.09 20.63
CA GLY F 265 43.85 -19.72 20.27
C GLY F 265 45.18 -19.61 19.56
N GLY F 266 46.08 -20.56 19.78
CA GLY F 266 47.46 -20.41 19.35
C GLY F 266 47.63 -20.17 17.87
N MET F 267 46.69 -20.63 17.06
CA MET F 267 46.89 -20.54 15.59
C MET F 267 46.84 -19.11 15.08
N MET F 268 46.53 -18.16 15.94
CA MET F 268 46.42 -16.76 15.50
C MET F 268 47.50 -15.94 16.22
N ARG F 269 48.46 -16.61 16.84
CA ARG F 269 49.53 -15.90 17.55
C ARG F 269 50.26 -14.94 16.61
N ASN F 270 50.75 -15.46 15.49
CA ASN F 270 51.55 -14.64 14.59
C ASN F 270 50.69 -13.64 13.85
N GLU F 271 51.24 -12.44 13.65
CA GLU F 271 50.52 -11.40 12.91
C GLU F 271 50.37 -11.78 11.44
N ARG F 272 51.45 -12.27 10.84
CA ARG F 272 51.41 -12.67 9.41
C ARG F 272 51.75 -14.15 9.23
N ASP F 273 50.89 -14.93 8.57
CA ASP F 273 51.13 -16.37 8.28
C ASP F 273 51.36 -16.49 6.78
N TRP F 274 52.40 -17.16 6.30
CA TRP F 274 52.79 -17.11 4.86
C TRP F 274 51.98 -17.84 3.79
N VAL F 275 52.21 -17.54 2.50
CA VAL F 275 51.72 -18.22 1.31
C VAL F 275 52.94 -18.80 0.58
N VAL F 276 53.15 -20.11 0.72
CA VAL F 276 54.29 -20.75 0.10
C VAL F 276 54.12 -20.78 -1.40
N VAL F 277 55.24 -20.67 -2.13
CA VAL F 277 55.24 -20.74 -3.58
C VAL F 277 56.24 -21.83 -3.98
N PHE F 278 55.81 -22.73 -4.86
CA PHE F 278 56.58 -23.87 -5.30
C PHE F 278 57.04 -23.65 -6.73
N ASP F 279 58.33 -23.92 -6.98
CA ASP F 279 58.91 -23.92 -8.32
C ASP F 279 58.77 -25.32 -8.88
N ILE F 280 57.75 -25.54 -9.71
CA ILE F 280 57.46 -26.88 -10.21
C ILE F 280 58.56 -27.38 -11.12
N HIS F 281 59.16 -26.48 -11.92
CA HIS F 281 60.25 -26.88 -12.80
C HIS F 281 61.44 -27.39 -12.00
N ALA F 282 61.78 -26.69 -10.92
CA ALA F 282 62.85 -27.16 -10.04
C ALA F 282 62.50 -28.50 -9.42
N VAL F 283 61.23 -28.70 -9.06
CA VAL F 283 60.81 -29.97 -8.48
C VAL F 283 60.98 -31.09 -9.49
N GLU F 284 60.58 -30.86 -10.74
CA GLU F 284 60.75 -31.89 -11.76
C GLU F 284 62.23 -32.18 -12.00
N ALA F 285 63.07 -31.14 -12.01
CA ALA F 285 64.50 -31.36 -12.17
C ALA F 285 65.05 -32.21 -11.03
N ALA F 286 64.61 -31.93 -9.80
CA ALA F 286 65.06 -32.71 -8.66
C ALA F 286 64.59 -34.16 -8.75
N VAL F 287 63.34 -34.38 -9.15
CA VAL F 287 62.81 -35.74 -9.26
C VAL F 287 63.58 -36.51 -10.33
N LYS F 288 63.87 -35.87 -11.46
CA LYS F 288 64.68 -36.51 -12.48
C LYS F 288 66.07 -36.83 -11.96
N ALA F 289 66.68 -35.91 -11.21
CA ALA F 289 67.99 -36.15 -10.64
C ALA F 289 67.99 -37.27 -9.60
N GLY F 290 66.84 -37.54 -8.98
CA GLY F 290 66.72 -38.66 -8.07
C GLY F 290 67.13 -38.38 -6.64
N ASP F 291 67.36 -37.13 -6.27
CA ASP F 291 67.69 -36.79 -4.88
C ASP F 291 66.40 -36.56 -4.06
N PHE F 292 65.55 -37.57 -4.06
CA PHE F 292 64.27 -37.54 -3.37
C PHE F 292 64.22 -38.63 -2.31
N ILE F 293 63.76 -38.28 -1.12
CA ILE F 293 63.59 -39.24 -0.04
C ILE F 293 62.23 -39.91 -0.17
N THR F 294 62.00 -40.96 0.63
CA THR F 294 60.73 -41.67 0.63
C THR F 294 60.36 -42.06 2.04
N LEU F 295 59.07 -42.27 2.26
CA LEU F 295 58.54 -42.65 3.57
C LEU F 295 57.71 -43.91 3.44
N GLY F 296 57.54 -44.59 4.58
CA GLY F 296 56.69 -45.76 4.70
C GLY F 296 56.84 -46.79 3.60
N ASP F 297 55.72 -47.33 3.13
CA ASP F 297 55.71 -48.32 2.06
C ASP F 297 55.42 -47.71 0.69
N SER F 298 55.27 -46.40 0.60
CA SER F 298 54.96 -45.73 -0.65
C SER F 298 56.25 -45.17 -1.25
N LYS F 299 56.50 -45.52 -2.51
CA LYS F 299 57.67 -45.04 -3.23
C LYS F 299 57.48 -43.66 -3.82
N THR F 300 56.44 -42.95 -3.40
CA THR F 300 56.17 -41.60 -3.90
C THR F 300 57.34 -40.68 -3.60
N PRO F 301 57.91 -40.03 -4.61
CA PRO F 301 59.01 -39.09 -4.35
C PRO F 301 58.59 -38.01 -3.37
N VAL F 302 59.41 -37.83 -2.32
CA VAL F 302 59.17 -36.81 -1.31
C VAL F 302 60.35 -35.85 -1.33
N LEU F 303 60.05 -34.56 -1.43
CA LEU F 303 61.06 -33.52 -1.48
C LEU F 303 61.03 -32.71 -0.19
N ASP F 304 61.92 -31.73 -0.08
CA ASP F 304 62.04 -30.91 1.12
C ASP F 304 61.98 -29.45 0.74
N GLY F 305 60.95 -28.76 1.21
CA GLY F 305 60.85 -27.33 1.04
C GLY F 305 60.90 -26.60 2.37
N ARG F 306 61.17 -27.37 3.43
CA ARG F 306 61.30 -26.80 4.75
C ARG F 306 62.50 -25.85 4.82
N LYS F 307 62.37 -24.79 5.60
CA LYS F 307 63.50 -23.92 5.85
C LYS F 307 64.57 -24.66 6.63
N LYS F 308 65.82 -24.21 6.49
CA LYS F 308 66.96 -24.84 7.16
C LYS F 308 67.88 -23.74 7.69
N ASP F 309 67.68 -23.38 8.95
CA ASP F 309 68.48 -22.35 9.61
C ASP F 309 68.47 -21.05 8.81
N GLY F 310 67.30 -20.69 8.30
CA GLY F 310 67.14 -19.49 7.50
C GLY F 310 67.50 -19.63 6.04
N LYS F 311 68.01 -20.78 5.61
CA LYS F 311 68.35 -21.00 4.21
C LYS F 311 67.11 -21.52 3.49
N ASP F 312 66.56 -20.72 2.58
CA ASP F 312 65.38 -21.14 1.84
C ASP F 312 65.71 -22.32 0.94
N SER F 313 64.74 -23.21 0.78
CA SER F 313 64.91 -24.37 -0.09
C SER F 313 64.88 -23.95 -1.56
N LYS F 314 65.54 -24.74 -2.39
CA LYS F 314 65.53 -24.50 -3.83
C LYS F 314 64.14 -24.67 -4.41
N PHE F 315 63.25 -25.36 -3.71
CA PHE F 315 61.93 -25.72 -4.22
C PHE F 315 60.84 -24.74 -3.81
N THR F 316 60.92 -24.18 -2.61
CA THR F 316 59.86 -23.36 -2.05
C THR F 316 60.39 -21.99 -1.65
N ARG F 317 59.52 -21.00 -1.72
CA ARG F 317 59.78 -19.67 -1.19
C ARG F 317 58.59 -19.23 -0.37
N TYR F 318 58.87 -18.61 0.79
CA TYR F 318 57.83 -18.22 1.72
C TYR F 318 57.59 -16.73 1.62
N VAL F 319 56.35 -16.34 1.34
CA VAL F 319 55.96 -14.94 1.22
C VAL F 319 54.97 -14.64 2.33
N PRO F 320 55.32 -13.81 3.31
CA PRO F 320 54.39 -13.53 4.41
C PRO F 320 53.13 -12.81 3.93
N VAL F 321 52.00 -13.21 4.52
CA VAL F 321 50.68 -12.66 4.23
C VAL F 321 49.88 -12.63 5.53
N PRO F 322 49.25 -11.51 5.88
CA PRO F 322 48.35 -11.50 7.04
C PRO F 322 46.90 -11.65 6.63
N LYS F 323 46.09 -12.36 7.41
CA LYS F 323 46.51 -13.07 8.60
C LYS F 323 45.72 -14.37 8.68
N ASN F 324 46.33 -15.52 8.58
CA ASN F 324 45.54 -16.76 8.50
C ASN F 324 44.90 -16.82 7.11
N PRO F 325 45.60 -16.58 5.97
CA PRO F 325 44.88 -16.53 4.70
C PRO F 325 44.15 -17.83 4.43
N HIS F 326 43.02 -17.71 3.74
CA HIS F 326 42.18 -18.85 3.39
C HIS F 326 42.16 -19.13 1.90
N GLY F 327 41.87 -18.12 1.08
CA GLY F 327 41.80 -18.32 -0.35
C GLY F 327 43.09 -18.00 -1.08
N CYS F 328 43.19 -18.49 -2.31
CA CYS F 328 44.34 -18.21 -3.16
C CYS F 328 43.95 -18.51 -4.60
N ASN F 329 44.10 -17.51 -5.48
CA ASN F 329 43.66 -17.64 -6.86
C ASN F 329 44.66 -16.96 -7.78
N THR F 330 44.57 -17.26 -9.07
CA THR F 330 45.43 -16.68 -10.10
C THR F 330 44.60 -15.79 -11.01
N SER F 331 45.12 -14.62 -11.34
CA SER F 331 44.42 -13.68 -12.20
C SER F 331 44.11 -14.32 -13.55
N SER F 332 43.02 -13.86 -14.16
CA SER F 332 42.61 -14.43 -15.44
C SER F 332 43.70 -14.30 -16.48
N ASP F 333 44.33 -13.13 -16.57
CA ASP F 333 45.50 -12.99 -17.44
C ASP F 333 46.70 -13.74 -16.91
N GLY F 334 46.70 -14.13 -15.64
CA GLY F 334 47.82 -14.83 -15.06
C GLY F 334 48.89 -13.95 -14.46
N LYS F 335 48.56 -12.71 -14.10
CA LYS F 335 49.55 -11.76 -13.60
C LYS F 335 49.64 -11.69 -12.08
N TYR F 336 48.53 -11.84 -11.37
CA TYR F 336 48.49 -11.63 -9.93
C TYR F 336 47.94 -12.85 -9.22
N PHE F 337 48.74 -13.43 -8.32
CA PHE F 337 48.19 -14.26 -7.27
C PHE F 337 47.42 -13.36 -6.31
N ILE F 338 46.20 -13.73 -5.97
CA ILE F 338 45.44 -13.01 -4.95
C ILE F 338 45.09 -13.98 -3.83
N ALA F 339 45.48 -13.62 -2.62
CA ALA F 339 45.29 -14.45 -1.43
C ALA F 339 44.42 -13.70 -0.43
N ALA F 340 43.37 -14.36 0.05
CA ALA F 340 42.47 -13.74 1.01
C ALA F 340 43.18 -13.54 2.35
N GLY F 341 42.46 -13.00 3.31
CA GLY F 341 43.00 -12.88 4.67
C GLY F 341 41.84 -12.98 5.62
N LYS F 342 41.49 -14.18 6.06
CA LYS F 342 40.25 -14.33 6.83
C LYS F 342 40.26 -13.39 8.02
N LEU F 343 41.39 -13.17 8.67
CA LEU F 343 41.31 -12.40 9.92
C LEU F 343 41.89 -11.01 9.75
N SER F 344 42.50 -10.73 8.61
CA SER F 344 42.91 -9.32 8.36
C SER F 344 41.90 -8.73 7.43
N PRO F 345 41.65 -7.43 7.43
CA PRO F 345 40.77 -6.90 6.47
C PRO F 345 41.57 -6.58 5.22
N THR F 346 42.23 -7.56 4.60
CA THR F 346 43.08 -7.22 3.44
C THR F 346 43.30 -8.43 2.55
N CYS F 347 43.66 -8.22 1.29
CA CYS F 347 43.99 -9.29 0.36
C CYS F 347 45.39 -9.04 -0.19
N SER F 348 46.22 -10.06 -0.17
CA SER F 348 47.56 -9.92 -0.73
C SER F 348 47.55 -10.19 -2.24
N MET F 349 48.40 -9.46 -2.94
CA MET F 349 48.38 -9.41 -4.40
C MET F 349 49.83 -9.49 -4.87
N ILE F 350 50.21 -10.68 -5.35
CA ILE F 350 51.59 -11.02 -5.69
C ILE F 350 51.74 -10.99 -7.20
N ALA F 351 52.72 -10.24 -7.69
CA ALA F 351 53.01 -10.22 -9.11
C ALA F 351 53.68 -11.53 -9.49
N ILE F 352 52.97 -12.35 -10.28
CA ILE F 352 53.50 -13.65 -10.67
C ILE F 352 54.76 -13.48 -11.51
N ASP F 353 54.78 -12.48 -12.38
CA ASP F 353 55.96 -12.24 -13.21
C ASP F 353 57.20 -11.89 -12.39
N LYS F 354 57.03 -11.48 -11.13
CA LYS F 354 58.17 -11.23 -10.26
C LYS F 354 58.68 -12.48 -9.56
N LEU F 355 57.92 -13.57 -9.58
CA LEU F 355 58.38 -14.80 -8.93
C LEU F 355 59.69 -15.37 -9.48
N PRO F 356 59.92 -15.47 -10.82
CA PRO F 356 61.22 -15.96 -11.30
C PRO F 356 62.41 -15.30 -10.62
N ASP F 357 62.40 -13.96 -10.55
CA ASP F 357 63.49 -13.25 -9.89
C ASP F 357 63.58 -13.63 -8.42
N LEU F 358 62.42 -13.82 -7.78
CA LEU F 358 62.41 -14.20 -6.36
C LEU F 358 63.12 -15.53 -6.13
N PHE F 359 62.81 -16.53 -6.96
CA PHE F 359 63.46 -17.83 -6.81
C PHE F 359 64.93 -17.78 -7.24
N ALA F 360 65.26 -16.97 -8.25
CA ALA F 360 66.63 -16.92 -8.73
C ALA F 360 67.58 -16.44 -7.64
N GLY F 361 67.00 -15.71 -6.69
CA GLY F 361 67.88 -15.15 -5.67
C GLY F 361 68.38 -13.80 -6.16
N LYS F 362 67.65 -13.19 -7.09
CA LYS F 362 68.04 -11.83 -7.55
C LYS F 362 67.09 -10.81 -6.91
N LEU F 363 66.28 -11.22 -5.93
CA LEU F 363 65.28 -10.28 -5.37
C LEU F 363 65.48 -10.14 -3.87
N ALA F 364 64.97 -9.05 -3.26
CA ALA F 364 65.25 -8.78 -1.84
C ALA F 364 64.33 -9.54 -0.88
N ASP F 365 63.64 -8.80 0.00
CA ASP F 365 62.83 -9.44 1.06
C ASP F 365 61.67 -10.21 0.45
N PRO F 366 61.19 -11.29 1.09
CA PRO F 366 60.21 -12.11 0.47
C PRO F 366 59.00 -11.28 0.11
N ARG F 367 58.61 -10.35 0.94
CA ARG F 367 57.36 -9.61 0.66
C ARG F 367 57.52 -8.65 -0.50
N ASP F 368 58.74 -8.37 -0.98
CA ASP F 368 58.84 -7.33 -2.03
C ASP F 368 57.96 -7.72 -3.19
N VAL F 369 57.63 -9.00 -3.32
CA VAL F 369 56.81 -9.53 -4.40
C VAL F 369 55.34 -9.16 -4.25
N ILE F 370 54.96 -8.62 -3.09
CA ILE F 370 53.61 -8.08 -2.94
C ILE F 370 53.53 -6.77 -3.71
N VAL F 371 52.73 -6.77 -4.77
CA VAL F 371 52.48 -5.54 -5.52
C VAL F 371 51.15 -4.91 -5.20
N GLY F 372 50.34 -5.56 -4.37
CA GLY F 372 49.13 -4.91 -3.90
C GLY F 372 48.61 -5.49 -2.61
N GLU F 373 48.09 -4.65 -1.72
CA GLU F 373 47.39 -5.14 -0.54
C GLU F 373 46.09 -4.35 -0.42
N PRO F 374 45.10 -4.67 -1.24
CA PRO F 374 43.81 -4.00 -1.13
C PRO F 374 43.16 -4.25 0.23
N GLU F 375 42.55 -3.19 0.76
CA GLU F 375 41.69 -3.29 1.93
C GLU F 375 40.25 -3.35 1.43
N LEU F 376 39.56 -4.45 1.71
CA LEU F 376 38.22 -4.66 1.21
C LEU F 376 37.18 -4.64 2.32
N GLY F 377 37.37 -5.44 3.34
CA GLY F 377 36.44 -5.46 4.44
C GLY F 377 36.73 -6.62 5.35
N LEU F 378 35.72 -7.00 6.13
CA LEU F 378 35.92 -7.92 7.23
C LEU F 378 35.75 -9.36 6.75
N GLY F 379 36.85 -10.11 6.77
CA GLY F 379 36.84 -11.51 6.42
C GLY F 379 36.76 -11.80 4.93
N PRO F 380 37.80 -11.43 4.17
CA PRO F 380 37.88 -11.90 2.78
C PRO F 380 38.20 -13.39 2.75
N LEU F 381 37.45 -14.14 1.95
CA LEU F 381 37.59 -15.58 1.93
C LEU F 381 38.03 -16.13 0.58
N HIS F 382 37.38 -15.72 -0.49
CA HIS F 382 37.66 -16.26 -1.82
C HIS F 382 37.59 -15.12 -2.84
N THR F 383 38.18 -15.36 -4.00
CA THR F 383 38.31 -14.31 -5.01
C THR F 383 38.02 -14.93 -6.38
N THR F 384 36.94 -14.51 -7.02
CA THR F 384 36.55 -15.02 -8.32
C THR F 384 36.68 -13.91 -9.36
N PHE F 385 37.15 -14.28 -10.54
CA PHE F 385 37.54 -13.30 -11.55
C PHE F 385 36.52 -13.26 -12.68
N ASP F 386 36.34 -12.06 -13.25
CA ASP F 386 35.39 -11.86 -14.33
C ASP F 386 36.06 -11.56 -15.66
N GLY F 387 37.38 -11.72 -15.75
CA GLY F 387 38.09 -11.57 -17.00
C GLY F 387 38.08 -10.19 -17.61
N ARG F 388 37.35 -9.25 -17.04
CA ARG F 388 37.30 -7.88 -17.53
C ARG F 388 38.20 -6.94 -16.75
N GLY F 389 39.14 -7.49 -15.99
CA GLY F 389 40.03 -6.68 -15.18
C GLY F 389 39.59 -6.50 -13.74
N ASN F 390 38.60 -7.24 -13.28
CA ASN F 390 38.02 -7.05 -11.96
C ASN F 390 38.10 -8.35 -11.16
N ALA F 391 37.83 -8.24 -9.86
CA ALA F 391 37.79 -9.36 -8.95
C ALA F 391 36.63 -9.19 -7.99
N TYR F 392 36.12 -10.33 -7.50
CA TYR F 392 34.95 -10.36 -6.64
C TYR F 392 35.32 -11.18 -5.41
N THR F 393 35.25 -10.57 -4.22
CA THR F 393 35.64 -11.27 -3.00
C THR F 393 34.52 -11.27 -1.98
N THR F 394 34.33 -12.40 -1.30
CA THR F 394 33.33 -12.49 -0.24
C THR F 394 33.91 -11.95 1.05
N LEU F 395 33.20 -11.00 1.64
CA LEU F 395 33.51 -10.43 2.95
C LEU F 395 32.72 -11.23 3.97
N PHE F 396 33.39 -12.17 4.65
CA PHE F 396 32.66 -13.11 5.49
C PHE F 396 32.04 -12.40 6.70
N ILE F 397 32.89 -11.77 7.53
CA ILE F 397 32.39 -11.11 8.73
C ILE F 397 31.48 -9.96 8.37
N ASP F 398 31.84 -9.20 7.33
CA ASP F 398 30.97 -8.16 6.82
C ASP F 398 29.74 -8.74 6.13
N SER F 399 29.82 -10.00 5.68
CA SER F 399 28.71 -10.71 5.03
C SER F 399 28.26 -10.00 3.76
N GLN F 400 29.23 -9.76 2.86
CA GLN F 400 28.94 -9.11 1.60
C GLN F 400 29.77 -9.78 0.51
N VAL F 401 29.62 -9.28 -0.71
CA VAL F 401 30.50 -9.60 -1.83
C VAL F 401 30.94 -8.27 -2.41
N VAL F 402 32.24 -8.00 -2.37
CA VAL F 402 32.78 -6.70 -2.76
C VAL F 402 33.52 -6.85 -4.08
N LYS F 403 33.14 -6.00 -5.04
CA LYS F 403 33.82 -5.82 -6.30
C LYS F 403 35.08 -4.99 -6.10
N TRP F 404 36.09 -5.25 -6.94
CA TRP F 404 37.24 -4.36 -6.99
C TRP F 404 37.99 -4.58 -8.29
N ASN F 405 38.98 -3.72 -8.53
CA ASN F 405 39.70 -3.68 -9.79
C ASN F 405 41.18 -3.88 -9.48
N MET F 406 41.75 -4.98 -9.99
CA MET F 406 43.14 -5.31 -9.68
C MET F 406 44.09 -4.16 -9.96
N GLU F 407 44.00 -3.59 -11.17
CA GLU F 407 44.96 -2.56 -11.56
C GLU F 407 44.79 -1.31 -10.71
N GLU F 408 43.55 -0.92 -10.41
CA GLU F 408 43.32 0.21 -9.53
C GLU F 408 43.84 -0.08 -8.13
N ALA F 409 43.70 -1.32 -7.67
CA ALA F 409 44.26 -1.69 -6.37
C ALA F 409 45.77 -1.55 -6.36
N VAL F 410 46.44 -1.96 -7.44
CA VAL F 410 47.89 -1.81 -7.51
C VAL F 410 48.27 -0.34 -7.52
N ARG F 411 47.57 0.47 -8.31
CA ARG F 411 47.87 1.90 -8.36
C ARG F 411 47.68 2.55 -7.01
N ALA F 412 46.65 2.12 -6.26
CA ALA F 412 46.48 2.61 -4.90
C ALA F 412 47.62 2.17 -4.01
N TYR F 413 48.07 0.92 -4.16
CA TYR F 413 49.18 0.42 -3.35
C TYR F 413 50.47 1.18 -3.63
N LYS F 414 50.62 1.76 -4.82
CA LYS F 414 51.81 2.54 -5.11
C LYS F 414 51.72 3.97 -4.58
N GLY F 415 50.54 4.42 -4.15
CA GLY F 415 50.43 5.73 -3.53
C GLY F 415 49.31 6.60 -4.06
N GLU F 416 49.04 6.51 -5.36
CA GLU F 416 47.96 7.30 -5.95
C GLU F 416 46.62 6.96 -5.32
N LYS F 417 45.86 7.99 -4.96
CA LYS F 417 44.57 7.77 -4.33
C LYS F 417 43.54 7.36 -5.37
N VAL F 418 42.98 6.16 -5.21
CA VAL F 418 41.94 5.64 -6.09
C VAL F 418 41.03 4.77 -5.22
N ASN F 419 39.73 4.79 -5.52
CA ASN F 419 38.77 3.91 -4.85
C ASN F 419 38.59 2.67 -5.70
N TYR F 420 39.40 1.65 -5.43
CA TYR F 420 39.32 0.40 -6.18
C TYR F 420 38.06 -0.40 -5.85
N ILE F 421 37.32 -0.01 -4.82
CA ILE F 421 36.16 -0.77 -4.37
C ILE F 421 34.96 -0.28 -5.18
N LYS F 422 34.58 -1.03 -6.20
CA LYS F 422 33.49 -0.60 -7.08
C LYS F 422 32.12 -0.73 -6.41
N GLN F 423 31.86 -1.85 -5.75
CA GLN F 423 30.51 -2.14 -5.28
C GLN F 423 30.57 -3.13 -4.14
N LYS F 424 29.54 -3.10 -3.29
CA LYS F 424 29.33 -4.11 -2.27
C LYS F 424 27.88 -4.60 -2.36
N LEU F 425 27.70 -5.91 -2.43
CA LEU F 425 26.38 -6.52 -2.55
C LEU F 425 26.13 -7.42 -1.35
N ASP F 426 25.01 -7.22 -0.67
CA ASP F 426 24.71 -7.93 0.56
C ASP F 426 24.22 -9.34 0.23
N VAL F 427 25.15 -10.30 0.19
CA VAL F 427 24.75 -11.71 -0.02
C VAL F 427 24.15 -12.17 1.28
N HIS F 428 23.37 -13.23 1.27
CA HIS F 428 22.66 -13.60 2.51
C HIS F 428 22.76 -15.09 2.74
N TYR F 429 23.40 -15.57 3.81
CA TYR F 429 24.25 -14.82 4.77
C TYR F 429 25.51 -15.64 5.11
N GLN F 430 26.66 -15.04 5.48
CA GLN F 430 27.91 -15.72 5.90
C GLN F 430 28.57 -16.31 4.64
N PRO F 431 28.85 -15.58 3.55
CA PRO F 431 29.33 -16.23 2.33
C PRO F 431 30.63 -16.96 2.57
N GLY F 432 30.84 -18.00 1.76
CA GLY F 432 32.09 -18.73 1.76
C GLY F 432 32.85 -18.47 0.47
N HIS F 433 33.04 -19.51 -0.35
CA HIS F 433 33.65 -19.31 -1.65
C HIS F 433 32.63 -18.74 -2.62
N LEU F 434 33.14 -18.15 -3.71
CA LEU F 434 32.31 -17.63 -4.77
C LEU F 434 33.05 -17.87 -6.08
N HIS F 435 32.28 -18.14 -7.14
CA HIS F 435 32.87 -18.57 -8.40
C HIS F 435 32.15 -17.89 -9.55
N ALA F 436 32.91 -17.19 -10.40
CA ALA F 436 32.39 -16.65 -11.64
C ALA F 436 32.64 -17.63 -12.78
N SER F 437 31.78 -17.57 -13.79
CA SER F 437 31.86 -18.53 -14.88
C SER F 437 33.19 -18.45 -15.60
N LEU F 438 33.80 -19.61 -15.82
CA LEU F 438 35.07 -19.72 -16.54
C LEU F 438 36.16 -18.85 -15.91
N CYS F 439 36.14 -18.74 -14.58
CA CYS F 439 37.12 -17.89 -13.91
C CYS F 439 38.51 -18.49 -13.98
N GLU F 440 38.63 -19.80 -13.81
CA GLU F 440 39.95 -20.44 -13.84
C GLU F 440 40.58 -20.42 -15.22
N THR F 441 39.81 -20.12 -16.26
CA THR F 441 40.33 -20.06 -17.61
C THR F 441 40.87 -18.68 -17.91
N ASN F 442 41.67 -18.58 -18.96
CA ASN F 442 42.00 -17.28 -19.54
C ASN F 442 40.92 -16.78 -20.48
N GLU F 443 39.75 -17.44 -20.47
CA GLU F 443 38.62 -17.07 -21.29
C GLU F 443 37.39 -16.76 -20.43
N ALA F 444 37.62 -16.12 -19.29
CA ALA F 444 36.51 -15.77 -18.41
C ALA F 444 35.55 -14.81 -19.13
N ASP F 445 34.26 -15.07 -18.95
CA ASP F 445 33.23 -14.26 -19.59
C ASP F 445 32.52 -13.32 -18.62
N GLY F 446 32.50 -13.63 -17.34
CA GLY F 446 31.88 -12.74 -16.37
C GLY F 446 30.40 -12.51 -16.62
N LYS F 447 29.66 -13.57 -16.97
CA LYS F 447 28.23 -13.45 -17.16
C LYS F 447 27.42 -13.95 -15.98
N TRP F 448 28.02 -14.70 -15.06
CA TRP F 448 27.32 -15.15 -13.87
C TRP F 448 28.30 -15.25 -12.71
N LEU F 449 27.76 -15.15 -11.49
CA LEU F 449 28.50 -15.45 -10.27
C LEU F 449 27.63 -16.35 -9.41
N VAL F 450 28.24 -17.32 -8.74
CA VAL F 450 27.57 -18.12 -7.72
C VAL F 450 28.33 -17.94 -6.42
N ALA F 451 27.64 -17.46 -5.39
CA ALA F 451 28.22 -17.30 -4.07
C ALA F 451 27.53 -18.24 -3.09
N LEU F 452 28.32 -18.94 -2.29
CA LEU F 452 27.79 -20.01 -1.45
C LEU F 452 27.80 -19.56 0.00
N SER F 453 26.70 -18.98 0.45
CA SER F 453 26.53 -18.62 1.85
C SER F 453 26.25 -19.88 2.66
N LYS F 454 26.83 -19.94 3.86
CA LYS F 454 26.85 -21.17 4.62
C LYS F 454 25.70 -21.27 5.62
N PHE F 455 24.95 -20.18 5.76
CA PHE F 455 23.77 -20.25 6.64
C PHE F 455 22.61 -19.68 5.85
N SER F 456 21.44 -20.27 5.99
CA SER F 456 20.23 -19.81 5.30
C SER F 456 19.34 -19.12 6.31
N LYS F 457 19.43 -19.51 7.57
CA LYS F 457 18.63 -18.84 8.62
C LYS F 457 17.22 -18.92 8.11
N ASP F 458 16.56 -17.79 7.84
CA ASP F 458 15.12 -17.85 7.46
C ASP F 458 14.90 -17.75 5.95
N ARG F 459 15.94 -17.62 5.16
CA ARG F 459 15.74 -17.41 3.71
C ARG F 459 14.96 -18.53 3.04
N PHE F 460 14.60 -19.61 3.73
CA PHE F 460 13.80 -20.67 3.14
C PHE F 460 12.82 -21.19 4.17
N LEU F 461 11.99 -22.13 3.76
CA LEU F 461 11.01 -22.70 4.67
C LEU F 461 11.72 -23.42 5.82
N PRO F 462 11.17 -23.37 7.03
CA PRO F 462 11.80 -24.10 8.14
C PRO F 462 11.77 -25.59 7.88
N VAL F 463 12.96 -26.20 7.92
CA VAL F 463 13.10 -27.62 7.61
C VAL F 463 13.70 -28.34 8.81
N GLY F 464 13.43 -27.83 10.00
CA GLY F 464 13.93 -28.44 11.21
C GLY F 464 15.21 -27.82 11.70
N PRO F 465 15.82 -28.43 12.71
CA PRO F 465 17.04 -27.84 13.31
C PRO F 465 18.18 -27.68 12.34
N LEU F 466 18.31 -28.57 11.38
CA LEU F 466 19.36 -28.47 10.37
C LEU F 466 18.85 -27.64 9.20
N HIS F 467 19.69 -26.75 8.70
CA HIS F 467 19.26 -25.88 7.61
C HIS F 467 20.18 -26.02 6.41
N PRO F 468 19.64 -25.85 5.20
CA PRO F 468 20.47 -25.92 4.00
C PRO F 468 21.28 -24.65 3.80
N GLU F 469 22.42 -24.80 3.14
CA GLU F 469 23.17 -23.63 2.73
C GLU F 469 22.54 -22.98 1.51
N ASN F 470 22.92 -21.73 1.25
CA ASN F 470 22.23 -20.90 0.27
C ASN F 470 23.22 -20.51 -0.82
N ASP F 471 23.02 -21.04 -2.03
CA ASP F 471 23.82 -20.60 -3.16
C ASP F 471 23.04 -19.55 -3.94
N GLN F 472 23.70 -18.43 -4.20
CA GLN F 472 23.06 -17.25 -4.75
C GLN F 472 23.68 -16.92 -6.10
N LEU F 473 22.81 -16.60 -7.06
CA LEU F 473 23.23 -16.32 -8.42
C LEU F 473 23.19 -14.81 -8.64
N ILE F 474 24.29 -14.26 -9.11
CA ILE F 474 24.48 -12.81 -9.23
C ILE F 474 24.86 -12.54 -10.68
N ASP F 475 23.95 -11.95 -11.44
CA ASP F 475 24.28 -11.48 -12.77
C ASP F 475 25.38 -10.44 -12.70
N ILE F 476 26.46 -10.68 -13.44
CA ILE F 476 27.61 -9.78 -13.44
C ILE F 476 27.98 -9.42 -14.86
N SER F 477 27.06 -9.67 -15.80
CA SER F 477 27.31 -9.33 -17.19
C SER F 477 27.49 -7.84 -17.36
N GLY F 478 26.62 -7.05 -16.75
CA GLY F 478 26.75 -5.61 -16.76
C GLY F 478 27.72 -5.15 -15.70
N ASP F 479 27.68 -3.83 -15.44
CA ASP F 479 28.56 -3.26 -14.43
C ASP F 479 27.98 -3.36 -13.03
N GLU F 480 26.73 -3.80 -12.87
CA GLU F 480 26.06 -3.80 -11.58
C GLU F 480 25.74 -5.23 -11.16
N MET F 481 26.24 -5.61 -9.98
CA MET F 481 25.92 -6.90 -9.41
C MET F 481 24.51 -6.89 -8.83
N LYS F 482 23.72 -7.90 -9.17
CA LYS F 482 22.34 -8.00 -8.71
C LYS F 482 22.02 -9.47 -8.44
N LEU F 483 21.35 -9.74 -7.33
CA LEU F 483 20.93 -11.11 -7.05
C LEU F 483 19.89 -11.54 -8.07
N VAL F 484 19.90 -12.84 -8.39
CA VAL F 484 18.97 -13.39 -9.36
C VAL F 484 18.17 -14.53 -8.74
N HIS F 485 18.87 -15.46 -8.10
CA HIS F 485 18.24 -16.70 -7.66
C HIS F 485 18.88 -17.17 -6.36
N ASP F 486 18.04 -17.58 -5.41
CA ASP F 486 18.49 -18.17 -4.15
C ASP F 486 18.10 -19.64 -4.14
N GLY F 487 19.08 -20.52 -3.98
CA GLY F 487 18.82 -21.93 -3.98
C GLY F 487 19.32 -22.61 -2.74
N PRO F 488 18.47 -23.41 -2.11
CA PRO F 488 18.94 -24.24 -1.00
C PRO F 488 19.75 -25.42 -1.53
N THR F 489 20.83 -25.74 -0.82
CA THR F 489 21.65 -26.89 -1.14
C THR F 489 21.98 -27.62 0.16
N PHE F 490 21.90 -28.94 0.11
CA PHE F 490 22.14 -29.77 1.28
C PHE F 490 23.62 -30.16 1.36
N ALA F 491 24.07 -30.44 2.58
CA ALA F 491 25.39 -30.99 2.86
C ALA F 491 26.51 -30.02 2.51
N GLU F 492 26.22 -28.73 2.41
CA GLU F 492 27.24 -27.69 2.38
C GLU F 492 28.24 -27.84 1.23
N PRO F 493 27.84 -27.56 0.00
CA PRO F 493 28.85 -27.36 -1.05
C PRO F 493 29.78 -26.24 -0.63
N HIS F 494 31.07 -26.44 -0.85
CA HIS F 494 32.07 -25.48 -0.39
C HIS F 494 32.67 -24.70 -1.56
N ASP F 495 32.38 -25.10 -2.79
CA ASP F 495 32.91 -24.43 -3.98
C ASP F 495 32.21 -25.03 -5.19
N CYS F 496 32.29 -24.31 -6.31
CA CYS F 496 31.67 -24.76 -7.54
C CYS F 496 32.53 -24.32 -8.72
N ILE F 497 32.24 -24.91 -9.87
CA ILE F 497 32.93 -24.60 -11.12
C ILE F 497 31.88 -24.58 -12.23
N MET F 498 32.03 -23.66 -13.17
CA MET F 498 31.06 -23.57 -14.26
C MET F 498 31.76 -23.64 -15.61
N ALA F 499 31.15 -24.37 -16.53
CA ALA F 499 31.66 -24.54 -17.88
C ALA F 499 30.54 -24.36 -18.88
N ARG F 500 30.90 -23.94 -20.09
CA ARG F 500 29.91 -23.72 -21.12
C ARG F 500 29.36 -25.05 -21.63
N ARG F 501 28.16 -24.99 -22.21
CA ARG F 501 27.51 -26.19 -22.73
C ARG F 501 28.22 -26.77 -23.95
N ASP F 502 29.04 -25.98 -24.64
CA ASP F 502 29.79 -26.45 -25.79
C ASP F 502 31.17 -26.95 -25.42
N GLN F 503 31.50 -26.97 -24.13
CA GLN F 503 32.81 -27.38 -23.65
C GLN F 503 32.83 -28.78 -23.06
N ILE F 504 31.71 -29.28 -22.59
CA ILE F 504 31.61 -30.58 -21.95
C ILE F 504 30.96 -31.52 -22.95
N LYS F 505 31.78 -32.29 -23.68
CA LYS F 505 31.23 -33.33 -24.54
C LYS F 505 30.73 -34.49 -23.69
N THR F 506 29.70 -35.16 -24.18
CA THR F 506 29.00 -36.18 -23.42
C THR F 506 28.75 -37.39 -24.31
N LYS F 507 28.61 -38.56 -23.68
CA LYS F 507 28.28 -39.80 -24.38
C LYS F 507 26.92 -40.28 -23.89
N LYS F 508 25.98 -40.44 -24.81
CA LYS F 508 24.65 -40.90 -24.45
C LYS F 508 24.66 -42.38 -24.05
N ILE F 509 25.39 -43.20 -24.78
CA ILE F 509 25.45 -44.64 -24.53
C ILE F 509 26.90 -45.04 -24.34
N TRP F 510 27.13 -45.99 -23.44
CA TRP F 510 28.47 -46.46 -23.15
C TRP F 510 29.11 -47.06 -24.40
N ASP F 511 30.44 -47.09 -24.39
CA ASP F 511 31.21 -47.81 -25.40
C ASP F 511 31.72 -49.11 -24.80
N ARG F 512 31.61 -50.19 -25.56
CA ARG F 512 31.78 -51.53 -25.00
C ARG F 512 33.22 -51.82 -24.56
N ASN F 513 34.18 -50.99 -24.95
CA ASN F 513 35.57 -51.17 -24.55
C ASN F 513 36.05 -50.12 -23.55
N ASP F 514 35.14 -49.60 -22.74
CA ASP F 514 35.50 -48.54 -21.79
C ASP F 514 36.33 -49.12 -20.64
N PRO F 515 37.35 -48.40 -20.17
CA PRO F 515 38.16 -48.89 -19.05
C PRO F 515 37.44 -48.87 -17.71
N PHE F 516 36.25 -48.27 -17.62
CA PHE F 516 35.53 -48.24 -16.36
C PHE F 516 35.24 -49.64 -15.84
N PHE F 517 34.65 -50.48 -16.70
CA PHE F 517 34.29 -51.85 -16.36
C PHE F 517 35.18 -52.89 -17.04
N ALA F 518 36.42 -52.50 -17.39
CA ALA F 518 37.34 -53.46 -17.99
C ALA F 518 37.66 -54.65 -17.09
N PRO F 519 37.83 -54.50 -15.76
CA PRO F 519 38.07 -55.70 -14.94
C PRO F 519 36.99 -56.76 -15.06
N THR F 520 35.72 -56.34 -15.14
CA THR F 520 34.64 -57.31 -15.30
C THR F 520 34.75 -58.04 -16.63
N VAL F 521 35.09 -57.32 -17.70
CA VAL F 521 35.21 -57.96 -19.00
C VAL F 521 36.38 -58.92 -19.02
N GLU F 522 37.47 -58.58 -18.33
CA GLU F 522 38.60 -59.50 -18.22
C GLU F 522 38.20 -60.76 -17.45
N MET F 523 37.46 -60.58 -16.35
CA MET F 523 36.96 -61.74 -15.60
C MET F 523 36.01 -62.57 -16.46
N ALA F 524 35.34 -61.93 -17.42
CA ALA F 524 34.47 -62.67 -18.32
C ALA F 524 35.27 -63.48 -19.33
N LYS F 525 36.33 -62.90 -19.89
CA LYS F 525 37.21 -63.69 -20.75
C LYS F 525 37.80 -64.86 -19.99
N LYS F 526 38.12 -64.65 -18.71
CA LYS F 526 38.64 -65.75 -17.90
C LYS F 526 37.67 -66.91 -17.83
N ASP F 527 36.37 -66.62 -17.82
CA ASP F 527 35.34 -67.65 -17.81
C ASP F 527 34.76 -67.92 -19.19
N GLY F 528 35.35 -67.34 -20.23
CA GLY F 528 34.93 -67.58 -21.60
C GLY F 528 33.49 -67.21 -21.89
N ILE F 529 33.06 -66.04 -21.41
CA ILE F 529 31.70 -65.55 -21.60
C ILE F 529 31.76 -64.30 -22.46
N ASN F 530 31.06 -64.35 -23.60
CA ASN F 530 30.89 -63.16 -24.44
C ASN F 530 29.71 -62.37 -23.90
N LEU F 531 30.02 -61.45 -22.99
CA LEU F 531 29.03 -60.66 -22.25
C LEU F 531 27.94 -60.09 -23.15
N ASP F 532 28.28 -59.83 -24.41
CA ASP F 532 27.35 -59.17 -25.31
C ASP F 532 26.10 -60.01 -25.54
N THR F 533 26.25 -61.34 -25.69
CA THR F 533 25.14 -62.18 -26.11
C THR F 533 25.11 -63.52 -25.38
N ASP F 534 25.57 -63.58 -24.13
CA ASP F 534 25.59 -64.83 -23.38
C ASP F 534 24.93 -64.65 -22.02
N ASN F 535 24.00 -65.56 -21.69
CA ASN F 535 23.38 -65.63 -20.38
C ASN F 535 23.62 -67.03 -19.81
N LYS F 536 24.40 -67.12 -18.75
CA LYS F 536 24.81 -68.40 -18.21
C LYS F 536 25.11 -68.26 -16.73
N VAL F 537 25.21 -69.41 -16.06
CA VAL F 537 25.55 -69.51 -14.66
C VAL F 537 26.81 -70.36 -14.53
N ILE F 538 27.80 -69.83 -13.82
CA ILE F 538 29.07 -70.53 -13.60
C ILE F 538 29.21 -70.78 -12.11
N ARG F 539 29.50 -72.03 -11.74
CA ARG F 539 29.60 -72.43 -10.34
C ARG F 539 30.99 -73.02 -10.10
N ASP F 540 31.85 -72.26 -9.44
CA ASP F 540 33.18 -72.73 -9.09
C ASP F 540 33.36 -72.64 -7.58
N GLY F 541 33.62 -73.78 -6.94
CA GLY F 541 33.66 -73.80 -5.49
C GLY F 541 32.32 -73.34 -4.93
N ASN F 542 32.37 -72.37 -4.03
CA ASN F 542 31.17 -71.74 -3.49
C ASN F 542 30.87 -70.40 -4.15
N LYS F 543 31.54 -70.09 -5.25
CA LYS F 543 31.35 -68.83 -5.96
C LYS F 543 30.47 -69.07 -7.19
N VAL F 544 29.29 -68.47 -7.18
CA VAL F 544 28.36 -68.50 -8.29
C VAL F 544 28.41 -67.17 -9.01
N ARG F 545 28.60 -67.20 -10.33
CA ARG F 545 28.67 -66.01 -11.16
C ARG F 545 27.62 -66.12 -12.25
N VAL F 546 26.66 -65.20 -12.26
CA VAL F 546 25.58 -65.19 -13.23
C VAL F 546 25.84 -64.06 -14.21
N TYR F 547 26.04 -64.41 -15.48
CA TYR F 547 26.24 -63.42 -16.54
C TYR F 547 24.96 -63.36 -17.36
N MET F 548 24.35 -62.18 -17.44
CA MET F 548 23.13 -62.03 -18.22
C MET F 548 23.21 -60.75 -19.04
N THR F 549 22.32 -60.76 -20.02
CA THR F 549 22.14 -59.53 -20.78
C THR F 549 20.86 -58.97 -20.18
N SER F 550 20.54 -57.71 -20.40
CA SER F 550 19.24 -57.18 -19.94
C SER F 550 18.64 -56.32 -21.03
N MET F 551 17.36 -56.51 -21.35
CA MET F 551 16.70 -55.66 -22.33
C MET F 551 15.25 -55.61 -21.91
N ALA F 552 14.65 -54.44 -21.92
CA ALA F 552 13.26 -54.34 -21.42
C ALA F 552 12.36 -55.18 -22.32
N PRO F 553 11.32 -55.79 -21.77
CA PRO F 553 11.07 -55.69 -20.37
C PRO F 553 11.22 -57.07 -19.72
N ALA F 554 12.40 -57.67 -19.79
CA ALA F 554 12.63 -58.96 -19.12
C ALA F 554 14.11 -59.08 -18.73
N PHE F 555 14.45 -59.95 -17.79
CA PHE F 555 15.89 -60.14 -17.51
C PHE F 555 16.30 -61.44 -18.16
N GLY F 556 17.53 -61.55 -18.65
CA GLY F 556 17.93 -62.76 -19.40
C GLY F 556 17.87 -64.03 -18.59
N VAL F 557 18.36 -64.01 -17.36
CA VAL F 557 18.19 -65.21 -16.50
C VAL F 557 17.10 -64.84 -15.51
N GLN F 558 16.08 -65.66 -15.44
CA GLN F 558 14.96 -65.32 -14.55
C GLN F 558 15.03 -66.31 -13.41
N GLU F 559 16.11 -67.07 -13.32
CA GLU F 559 16.27 -67.98 -12.16
C GLU F 559 17.61 -68.71 -12.13
N PHE F 560 18.07 -69.08 -10.95
CA PHE F 560 19.30 -69.81 -10.67
C PHE F 560 19.35 -70.24 -9.21
N THR F 561 19.50 -71.54 -8.98
CA THR F 561 19.53 -72.09 -7.63
C THR F 561 20.96 -72.10 -7.13
N VAL F 562 21.18 -71.57 -5.92
CA VAL F 562 22.50 -71.52 -5.31
C VAL F 562 22.41 -72.09 -3.90
N LYS F 563 23.55 -72.52 -3.38
CA LYS F 563 23.62 -73.11 -2.06
C LYS F 563 23.82 -72.00 -1.01
N GLN F 564 23.31 -72.24 0.18
CA GLN F 564 23.39 -71.25 1.25
C GLN F 564 24.84 -70.90 1.56
N GLY F 565 25.11 -69.61 1.69
CA GLY F 565 26.46 -69.13 1.96
C GLY F 565 27.29 -68.82 0.73
N ASP F 566 26.77 -69.08 -0.46
CA ASP F 566 27.54 -68.83 -1.68
C ASP F 566 27.71 -67.34 -1.93
N GLU F 567 28.89 -66.98 -2.43
CA GLU F 567 29.17 -65.59 -2.81
C GLU F 567 28.70 -65.40 -4.24
N VAL F 568 27.40 -65.09 -4.38
CA VAL F 568 26.80 -64.92 -5.70
C VAL F 568 27.29 -63.62 -6.32
N THR F 569 27.64 -63.66 -7.60
CA THR F 569 28.13 -62.50 -8.34
C THR F 569 27.29 -62.33 -9.60
N VAL F 570 26.41 -61.35 -9.59
CA VAL F 570 25.51 -61.10 -10.70
C VAL F 570 26.12 -60.04 -11.60
N THR F 571 26.31 -60.39 -12.88
CA THR F 571 26.80 -59.47 -13.90
C THR F 571 25.70 -59.24 -14.93
N ILE F 572 25.40 -57.97 -15.21
CA ILE F 572 24.31 -57.60 -16.10
C ILE F 572 24.85 -56.66 -17.17
N THR F 573 24.53 -56.98 -18.42
CA THR F 573 24.88 -56.15 -19.59
C THR F 573 23.60 -55.63 -20.21
N ASN F 574 23.48 -54.30 -20.33
CA ASN F 574 22.32 -53.67 -20.96
C ASN F 574 22.64 -53.40 -22.42
N ILE F 575 22.32 -54.36 -23.30
CA ILE F 575 22.67 -54.22 -24.70
C ILE F 575 21.76 -53.26 -25.47
N ASP F 576 20.68 -52.79 -24.86
CA ASP F 576 19.78 -51.86 -25.56
C ASP F 576 20.55 -50.66 -26.08
N GLN F 577 20.32 -50.33 -27.35
CA GLN F 577 21.00 -49.21 -27.99
C GLN F 577 20.17 -47.93 -27.96
N ILE F 578 19.03 -47.95 -27.28
CA ILE F 578 18.19 -46.76 -27.18
C ILE F 578 18.73 -45.86 -26.08
N GLU F 579 18.55 -44.56 -26.26
CA GLU F 579 18.99 -43.60 -25.25
C GLU F 579 18.04 -43.61 -24.06
N ASP F 580 18.61 -43.50 -22.86
CA ASP F 580 17.95 -43.22 -21.60
C ASP F 580 17.22 -44.48 -21.08
N VAL F 581 17.29 -45.60 -21.78
CA VAL F 581 16.64 -46.83 -21.31
C VAL F 581 17.62 -47.50 -20.36
N SER F 582 17.50 -47.17 -19.08
CA SER F 582 18.41 -47.64 -18.05
C SER F 582 17.67 -48.63 -17.16
N HIS F 583 18.30 -49.78 -16.90
CA HIS F 583 17.69 -50.81 -16.07
C HIS F 583 18.25 -50.73 -14.66
N GLY F 584 17.58 -51.41 -13.74
CA GLY F 584 18.09 -51.56 -12.39
C GLY F 584 18.06 -53.01 -11.98
N PHE F 585 18.72 -53.31 -10.87
CA PHE F 585 18.74 -54.67 -10.36
C PHE F 585 18.85 -54.60 -8.85
N VAL F 586 17.75 -54.90 -8.15
CA VAL F 586 17.69 -54.88 -6.70
C VAL F 586 17.25 -56.25 -6.20
N VAL F 587 18.00 -56.80 -5.27
CA VAL F 587 17.66 -58.06 -4.61
C VAL F 587 17.04 -57.73 -3.26
N VAL F 588 15.84 -58.26 -3.01
CA VAL F 588 15.12 -57.94 -1.79
C VAL F 588 15.84 -58.54 -0.59
N ASN F 589 16.01 -57.73 0.45
CA ASN F 589 16.51 -58.13 1.76
C ASN F 589 17.96 -58.58 1.75
N HIS F 590 18.71 -58.32 0.67
CA HIS F 590 20.10 -58.70 0.60
C HIS F 590 21.04 -57.52 0.46
N GLY F 591 20.52 -56.30 0.50
CA GLY F 591 21.38 -55.13 0.37
C GLY F 591 22.10 -55.07 -0.96
N VAL F 592 21.42 -55.42 -2.04
CA VAL F 592 22.01 -55.53 -3.37
C VAL F 592 21.23 -54.62 -4.31
N SER F 593 21.86 -53.55 -4.76
CA SER F 593 21.23 -52.64 -5.72
C SER F 593 22.26 -52.16 -6.73
N MET F 594 21.86 -52.09 -7.99
CA MET F 594 22.71 -51.47 -9.00
C MET F 594 21.82 -50.85 -10.07
N GLU F 595 22.44 -49.99 -10.88
CA GLU F 595 21.87 -49.50 -12.12
C GLU F 595 22.72 -50.01 -13.27
N ILE F 596 22.07 -50.38 -14.36
CA ILE F 596 22.74 -50.88 -15.55
C ILE F 596 22.33 -49.95 -16.70
N SER F 597 23.22 -49.06 -17.10
CA SER F 597 22.98 -48.15 -18.21
C SER F 597 23.19 -48.86 -19.54
N PRO F 598 22.68 -48.29 -20.63
CA PRO F 598 22.85 -48.93 -21.95
C PRO F 598 24.31 -49.20 -22.27
N GLN F 599 24.57 -50.39 -22.82
CA GLN F 599 25.88 -50.90 -23.23
C GLN F 599 26.83 -51.08 -22.05
N GLN F 600 26.41 -50.75 -20.83
CA GLN F 600 27.23 -50.95 -19.64
C GLN F 600 26.96 -52.32 -19.05
N THR F 601 28.03 -53.02 -18.70
CA THR F 601 27.94 -54.25 -17.92
C THR F 601 28.53 -54.01 -16.54
N SER F 602 27.83 -54.46 -15.51
CA SER F 602 28.30 -54.26 -14.15
CA SER F 602 28.29 -54.26 -14.15
C SER F 602 27.92 -55.48 -13.31
N SER F 603 28.74 -55.74 -12.29
CA SER F 603 28.56 -56.91 -11.45
C SER F 603 28.56 -56.52 -9.98
N ILE F 604 27.86 -57.31 -9.18
CA ILE F 604 27.88 -57.18 -7.73
C ILE F 604 28.12 -58.56 -7.14
N THR F 605 28.79 -58.60 -5.99
CA THR F 605 28.96 -59.82 -5.23
C THR F 605 28.27 -59.67 -3.89
N PHE F 606 27.69 -60.76 -3.39
CA PHE F 606 27.02 -60.75 -2.11
C PHE F 606 26.83 -62.18 -1.62
N VAL F 607 26.77 -62.32 -0.31
CA VAL F 607 26.65 -63.64 0.31
C VAL F 607 25.18 -63.98 0.44
N ALA F 608 24.79 -65.11 -0.15
CA ALA F 608 23.40 -65.58 -0.06
C ALA F 608 23.26 -66.41 1.22
N ASP F 609 23.16 -65.69 2.34
CA ASP F 609 23.10 -66.32 3.65
C ASP F 609 21.68 -66.58 4.13
N LYS F 610 20.67 -66.22 3.34
CA LYS F 610 19.29 -66.45 3.74
C LYS F 610 18.68 -67.54 2.88
N PRO F 611 18.52 -68.76 3.39
CA PRO F 611 17.96 -69.84 2.57
C PRO F 611 16.49 -69.59 2.27
N GLY F 612 16.07 -70.09 1.11
CA GLY F 612 14.68 -70.01 0.71
C GLY F 612 14.53 -69.34 -0.64
N LEU F 613 13.31 -68.89 -0.91
CA LEU F 613 13.01 -68.20 -2.15
C LEU F 613 13.14 -66.70 -1.93
N HIS F 614 13.83 -66.04 -2.85
CA HIS F 614 14.03 -64.60 -2.80
C HIS F 614 13.67 -64.00 -4.15
N TRP F 615 13.08 -62.83 -4.11
CA TRP F 615 12.67 -62.14 -5.32
C TRP F 615 13.55 -60.91 -5.53
N TYR F 616 13.97 -60.70 -6.77
CA TYR F 616 14.71 -59.52 -7.18
C TYR F 616 13.99 -58.81 -8.31
N TYR F 617 13.87 -57.49 -8.20
CA TYR F 617 13.15 -56.66 -9.16
C TYR F 617 14.09 -55.67 -9.81
N CYS F 618 13.63 -55.06 -10.90
CA CYS F 618 14.32 -53.88 -11.44
C CYS F 618 13.78 -52.63 -10.78
N SER F 619 14.67 -51.68 -10.52
CA SER F 619 14.31 -50.47 -9.79
C SER F 619 14.07 -49.30 -10.72
N TRP F 620 15.03 -48.96 -11.57
CA TRP F 620 14.79 -47.87 -12.53
C TRP F 620 13.60 -48.27 -13.41
N PHE F 621 12.86 -47.32 -13.96
CA PHE F 621 11.62 -47.69 -14.70
C PHE F 621 11.98 -47.99 -16.14
N CYS F 622 12.17 -49.26 -16.49
CA CYS F 622 12.65 -49.64 -17.85
C CYS F 622 11.57 -49.45 -18.91
N HIS F 623 10.33 -49.80 -18.62
CA HIS F 623 9.26 -49.78 -19.65
C HIS F 623 7.97 -49.77 -18.87
N ALA F 624 6.82 -49.75 -19.55
CA ALA F 624 5.53 -49.62 -18.83
C ALA F 624 5.35 -50.76 -17.84
N LEU F 625 5.97 -51.91 -18.13
CA LEU F 625 5.73 -53.09 -17.28
C LEU F 625 6.99 -53.38 -16.46
N HIS F 626 7.60 -52.38 -15.83
CA HIS F 626 8.77 -52.68 -14.97
C HIS F 626 8.30 -53.54 -13.80
N MET F 627 7.12 -53.25 -13.29
CA MET F 627 6.59 -54.01 -12.15
C MET F 627 6.52 -55.46 -12.59
N GLU F 628 6.72 -55.72 -13.88
CA GLU F 628 6.79 -57.12 -14.36
C GLU F 628 8.22 -57.68 -14.45
N MET F 629 9.23 -56.92 -14.87
CA MET F 629 10.60 -57.50 -14.90
C MET F 629 10.97 -57.96 -13.51
N VAL F 630 11.18 -59.24 -13.28
CA VAL F 630 11.47 -59.75 -11.91
C VAL F 630 12.23 -61.06 -12.02
N GLY F 631 12.70 -61.60 -10.90
CA GLY F 631 13.41 -62.88 -10.89
C GLY F 631 13.37 -63.63 -9.56
N ARG F 632 13.51 -64.94 -9.57
CA ARG F 632 13.51 -65.84 -8.43
C ARG F 632 14.94 -66.36 -8.24
N MET F 633 15.59 -65.96 -7.14
CA MET F 633 16.93 -66.46 -6.79
C MET F 633 16.76 -67.51 -5.69
N MET F 634 16.70 -68.78 -6.09
CA MET F 634 16.44 -69.85 -5.14
C MET F 634 17.71 -70.21 -4.40
N VAL F 635 17.62 -70.27 -3.07
CA VAL F 635 18.72 -70.68 -2.21
C VAL F 635 18.31 -71.94 -1.49
N GLU F 636 19.11 -72.98 -1.61
CA GLU F 636 18.80 -74.27 -1.02
C GLU F 636 19.60 -74.48 0.26
N PRO F 637 18.98 -74.96 1.33
CA PRO F 637 19.70 -75.12 2.60
C PRO F 637 20.84 -76.11 2.49
N ALA F 638 21.88 -75.88 3.28
CA ALA F 638 23.05 -76.76 3.28
C ALA F 638 22.69 -78.14 3.81
N GLN G 58 -0.41 -18.98 -9.84
CA GLN G 58 -0.09 -18.50 -11.18
C GLN G 58 1.37 -18.06 -11.27
N LYS G 59 1.75 -17.14 -10.40
CA LYS G 59 3.12 -16.63 -10.39
C LYS G 59 4.09 -17.72 -9.97
N ILE G 60 5.20 -17.83 -10.69
CA ILE G 60 6.14 -18.94 -10.49
C ILE G 60 7.47 -18.48 -9.90
N HIS G 61 7.84 -17.22 -10.08
CA HIS G 61 9.13 -16.73 -9.60
C HIS G 61 9.06 -16.45 -8.10
N VAL G 62 9.83 -17.20 -7.33
CA VAL G 62 10.00 -16.95 -5.90
C VAL G 62 11.36 -16.27 -5.75
N GLY G 63 11.34 -14.95 -5.60
CA GLY G 63 12.55 -14.18 -5.61
C GLY G 63 13.31 -14.32 -4.31
N PRO G 64 14.51 -13.73 -4.27
CA PRO G 64 15.28 -13.71 -3.03
C PRO G 64 14.51 -13.01 -1.91
N GLY G 65 14.61 -13.56 -0.72
CA GLY G 65 13.95 -12.99 0.45
C GLY G 65 12.52 -13.40 0.65
N GLU G 66 11.91 -14.11 -0.30
CA GLU G 66 10.56 -14.62 -0.14
C GLU G 66 10.61 -16.09 0.26
N LEU G 67 9.44 -16.61 0.65
CA LEU G 67 9.31 -18.00 1.07
C LEU G 67 8.29 -18.70 0.20
N ASP G 68 8.49 -20.00 0.02
CA ASP G 68 7.56 -20.79 -0.75
C ASP G 68 6.27 -21.02 0.03
N ASP G 69 5.24 -21.47 -0.69
CA ASP G 69 3.93 -21.66 -0.08
C ASP G 69 3.63 -23.10 0.29
N TYR G 70 4.21 -24.07 -0.39
CA TYR G 70 3.88 -25.47 -0.14
C TYR G 70 5.14 -26.30 0.08
N TYR G 71 5.09 -27.16 1.09
CA TYR G 71 6.08 -28.22 1.26
C TYR G 71 5.77 -29.37 0.33
N GLY G 72 6.78 -29.87 -0.36
CA GLY G 72 6.62 -31.06 -1.17
C GLY G 72 7.58 -32.15 -0.77
N PHE G 73 7.06 -33.27 -0.28
CA PHE G 73 7.90 -34.37 0.18
C PHE G 73 8.00 -35.45 -0.90
N TRP G 74 8.78 -35.14 -1.94
CA TRP G 74 9.15 -36.19 -2.88
C TRP G 74 9.97 -37.28 -2.21
N SER G 75 9.76 -38.51 -2.65
CA SER G 75 10.64 -39.58 -2.23
C SER G 75 11.92 -39.53 -3.05
N GLY G 76 12.95 -40.22 -2.56
CA GLY G 76 14.21 -40.27 -3.27
C GLY G 76 14.36 -41.47 -4.19
N GLY G 77 13.33 -42.30 -4.33
CA GLY G 77 13.44 -43.46 -5.18
C GLY G 77 14.55 -44.37 -4.71
N HIS G 78 15.47 -44.65 -5.62
CA HIS G 78 16.60 -45.53 -5.30
C HIS G 78 17.55 -44.87 -4.30
N GLN G 79 17.56 -43.54 -4.24
CA GLN G 79 18.42 -42.84 -3.29
C GLN G 79 18.14 -43.27 -1.85
N GLY G 80 16.89 -43.64 -1.55
CA GLY G 80 16.52 -44.05 -0.22
C GLY G 80 16.17 -42.93 0.72
N GLU G 81 16.24 -41.68 0.26
CA GLU G 81 15.99 -40.50 1.09
C GLU G 81 14.61 -39.93 0.81
N VAL G 82 14.20 -39.00 1.66
CA VAL G 82 13.01 -38.19 1.43
C VAL G 82 13.45 -36.76 1.19
N ARG G 83 13.03 -36.20 0.07
CA ARG G 83 13.49 -34.89 -0.40
C ARG G 83 12.40 -33.87 -0.18
N VAL G 84 12.67 -32.92 0.73
CA VAL G 84 11.78 -31.79 0.96
C VAL G 84 12.11 -30.68 -0.03
N LEU G 85 11.12 -30.28 -0.82
CA LEU G 85 11.28 -29.32 -1.89
C LEU G 85 10.23 -28.23 -1.71
N GLY G 86 10.51 -27.05 -2.26
CA GLY G 86 9.61 -25.94 -2.05
C GLY G 86 8.75 -25.57 -3.25
N VAL G 87 7.47 -25.92 -3.20
CA VAL G 87 6.54 -25.58 -4.27
C VAL G 87 6.04 -24.15 -4.06
N PRO G 88 6.01 -23.30 -5.10
CA PRO G 88 6.29 -23.60 -6.50
C PRO G 88 7.74 -23.42 -6.95
N SER G 89 8.63 -22.98 -6.06
CA SER G 89 10.02 -22.76 -6.47
C SER G 89 10.73 -24.06 -6.82
N MET G 90 10.25 -25.20 -6.33
CA MET G 90 10.86 -26.50 -6.58
C MET G 90 12.37 -26.49 -6.39
N ARG G 91 12.81 -26.16 -5.18
CA ARG G 91 14.22 -26.13 -4.84
C ARG G 91 14.40 -26.99 -3.59
N GLU G 92 15.56 -27.65 -3.49
CA GLU G 92 15.76 -28.68 -2.48
C GLU G 92 15.94 -28.01 -1.12
N LEU G 93 14.84 -27.86 -0.39
CA LEU G 93 14.93 -27.33 0.96
C LEU G 93 15.74 -28.25 1.85
N MET G 94 15.51 -29.56 1.76
CA MET G 94 16.22 -30.48 2.64
C MET G 94 16.24 -31.86 1.99
N ARG G 95 17.21 -32.68 2.42
CA ARG G 95 17.36 -34.05 1.95
C ARG G 95 17.43 -34.92 3.20
N ILE G 96 16.26 -35.28 3.73
CA ILE G 96 16.18 -36.15 4.90
C ILE G 96 16.72 -37.51 4.52
N PRO G 97 17.72 -38.03 5.22
CA PRO G 97 18.15 -39.40 4.97
C PRO G 97 17.32 -40.40 5.76
N VAL G 98 16.96 -41.49 5.08
CA VAL G 98 16.05 -42.46 5.67
C VAL G 98 16.70 -43.84 5.64
N PHE G 99 17.01 -44.31 4.43
CA PHE G 99 17.47 -45.67 4.20
C PHE G 99 18.91 -45.77 3.74
N ASN G 100 19.42 -44.73 3.08
CA ASN G 100 20.80 -44.72 2.64
C ASN G 100 21.74 -44.54 3.82
N VAL G 101 23.03 -44.69 3.54
CA VAL G 101 24.08 -44.39 4.50
C VAL G 101 24.59 -43.00 4.16
N ASP G 102 24.09 -41.99 4.86
CA ASP G 102 24.44 -40.62 4.57
C ASP G 102 25.77 -40.26 5.21
N SER G 103 26.44 -39.27 4.62
CA SER G 103 27.72 -38.80 5.11
C SER G 103 27.65 -37.38 5.66
N ALA G 104 26.51 -36.70 5.53
CA ALA G 104 26.35 -35.35 6.03
C ALA G 104 25.76 -35.35 7.44
N THR G 105 24.58 -35.94 7.61
CA THR G 105 23.96 -36.05 8.92
C THR G 105 24.49 -37.22 9.73
N GLY G 106 25.44 -37.98 9.20
CA GLY G 106 25.93 -39.15 9.89
C GLY G 106 24.93 -40.27 10.02
N TRP G 107 23.81 -40.19 9.30
CA TRP G 107 22.79 -41.22 9.39
C TRP G 107 23.35 -42.56 8.92
N GLY G 108 23.09 -43.61 9.70
CA GLY G 108 23.65 -44.91 9.43
C GLY G 108 24.98 -45.18 10.11
N LEU G 109 25.66 -44.14 10.58
CA LEU G 109 26.93 -44.29 11.30
C LEU G 109 26.77 -44.09 12.80
N THR G 110 25.99 -43.09 13.20
CA THR G 110 25.81 -42.79 14.63
C THR G 110 25.10 -43.93 15.34
N ASN G 111 25.32 -44.02 16.65
CA ASN G 111 24.68 -45.06 17.44
C ASN G 111 23.16 -44.90 17.43
N GLU G 112 22.67 -43.67 17.51
CA GLU G 112 21.22 -43.45 17.51
C GLU G 112 20.57 -43.92 16.22
N SER G 113 21.21 -43.67 15.07
CA SER G 113 20.62 -44.08 13.81
C SER G 113 20.69 -45.59 13.61
N ARG G 114 21.81 -46.21 14.00
CA ARG G 114 21.92 -47.65 13.92
C ARG G 114 20.92 -48.33 14.85
N HIS G 115 20.72 -47.78 16.04
CA HIS G 115 19.73 -48.32 16.96
C HIS G 115 18.32 -48.17 16.41
N ILE G 116 18.05 -47.03 15.74
CA ILE G 116 16.75 -46.86 15.10
C ILE G 116 16.55 -47.89 14.01
N MET G 117 17.57 -48.12 13.18
CA MET G 117 17.46 -49.12 12.13
C MET G 117 17.27 -50.51 12.71
N GLY G 118 17.93 -50.81 13.82
CA GLY G 118 17.85 -52.14 14.39
C GLY G 118 18.81 -53.08 13.71
N ASP G 119 18.32 -54.24 13.31
CA ASP G 119 19.15 -55.25 12.65
C ASP G 119 19.21 -55.07 11.15
N SER G 120 18.56 -54.05 10.60
CA SER G 120 18.60 -53.77 9.18
C SER G 120 19.68 -52.77 8.80
N ALA G 121 20.51 -52.36 9.75
CA ALA G 121 21.59 -51.42 9.45
C ALA G 121 22.63 -52.00 8.50
N LYS G 122 22.71 -53.32 8.39
CA LYS G 122 23.65 -53.92 7.45
C LYS G 122 23.38 -53.49 6.03
N PHE G 123 22.12 -53.21 5.70
CA PHE G 123 21.73 -52.86 4.34
C PHE G 123 22.14 -51.43 4.04
N LEU G 124 23.07 -51.26 3.11
CA LEU G 124 23.54 -49.95 2.69
C LEU G 124 22.63 -49.31 1.65
N ASN G 125 21.63 -50.04 1.15
CA ASN G 125 20.78 -49.56 0.08
C ASN G 125 19.34 -49.38 0.56
N GLY G 126 18.55 -48.72 -0.28
CA GLY G 126 17.13 -48.59 -0.03
C GLY G 126 16.43 -48.16 -1.29
N ASP G 127 15.11 -48.34 -1.29
CA ASP G 127 14.27 -47.88 -2.40
C ASP G 127 12.95 -47.42 -1.83
N CYS G 128 12.66 -46.14 -1.95
CA CYS G 128 11.48 -45.53 -1.34
C CYS G 128 10.57 -44.98 -2.43
N HIS G 129 9.29 -45.35 -2.37
CA HIS G 129 8.35 -45.03 -3.45
C HIS G 129 7.29 -44.04 -3.02
N HIS G 130 6.49 -44.35 -2.00
CA HIS G 130 5.33 -43.53 -1.69
C HIS G 130 5.42 -42.92 -0.30
N PRO G 131 5.66 -41.62 -0.17
CA PRO G 131 5.56 -40.95 1.13
C PRO G 131 4.17 -40.40 1.39
N HIS G 132 3.65 -40.55 2.60
CA HIS G 132 2.34 -39.99 2.93
C HIS G 132 2.34 -39.49 4.37
N ILE G 133 1.91 -38.25 4.56
CA ILE G 133 1.92 -37.59 5.87
C ILE G 133 0.78 -38.12 6.72
N SER G 134 1.03 -38.26 8.02
CA SER G 134 0.00 -38.70 8.94
C SER G 134 -1.04 -37.60 9.12
N MET G 135 -2.31 -38.00 9.17
CA MET G 135 -3.42 -37.06 9.21
C MET G 135 -4.41 -37.45 10.30
N THR G 136 -5.07 -36.46 10.89
CA THR G 136 -6.13 -36.65 11.86
C THR G 136 -7.44 -36.12 11.28
N ASP G 137 -8.49 -36.94 11.33
CA ASP G 137 -9.82 -36.57 10.82
C ASP G 137 -9.76 -36.15 9.36
N GLY G 138 -9.02 -36.91 8.56
CA GLY G 138 -8.90 -36.59 7.15
C GLY G 138 -8.20 -35.29 6.87
N LYS G 139 -7.43 -34.76 7.82
CA LYS G 139 -6.72 -33.51 7.65
C LYS G 139 -5.31 -33.67 8.18
N TYR G 140 -4.33 -33.11 7.47
CA TYR G 140 -2.95 -33.18 7.93
C TYR G 140 -2.78 -32.44 9.24
N ASP G 141 -2.07 -33.07 10.17
CA ASP G 141 -1.65 -32.42 11.40
C ASP G 141 -0.14 -32.27 11.47
N GLY G 142 0.58 -32.64 10.42
CA GLY G 142 2.02 -32.42 10.37
C GLY G 142 2.78 -33.10 11.49
N LYS G 143 2.43 -34.33 11.81
CA LYS G 143 3.07 -35.06 12.89
C LYS G 143 4.12 -36.05 12.39
N TYR G 144 3.71 -36.99 11.53
CA TYR G 144 4.61 -38.03 11.07
C TYR G 144 4.44 -38.20 9.56
N LEU G 145 5.52 -38.62 8.91
CA LEU G 145 5.48 -38.97 7.50
C LEU G 145 6.04 -40.38 7.34
N PHE G 146 5.25 -41.28 6.76
CA PHE G 146 5.63 -42.68 6.64
C PHE G 146 6.07 -42.95 5.20
N ILE G 147 7.23 -43.57 5.06
CA ILE G 147 7.82 -43.85 3.75
C ILE G 147 8.16 -45.33 3.69
N ASN G 148 8.06 -45.91 2.50
CA ASN G 148 8.24 -47.34 2.34
C ASN G 148 9.63 -47.65 1.80
N ASP G 149 10.04 -48.90 1.95
CA ASP G 149 11.30 -49.41 1.43
C ASP G 149 11.05 -50.74 0.77
N LYS G 150 11.31 -50.80 -0.54
CA LYS G 150 11.10 -51.99 -1.35
C LYS G 150 12.34 -52.88 -1.37
N ALA G 151 13.53 -52.28 -1.39
CA ALA G 151 14.75 -53.06 -1.45
C ALA G 151 14.92 -53.95 -0.22
N ASN G 152 14.52 -53.46 0.95
CA ASN G 152 14.73 -54.19 2.18
C ASN G 152 13.44 -54.45 2.96
N SER G 153 12.28 -54.16 2.36
CA SER G 153 10.98 -54.46 2.97
C SER G 153 10.83 -53.78 4.33
N ARG G 154 10.84 -52.46 4.30
CA ARG G 154 10.81 -51.68 5.54
C ARG G 154 9.76 -50.59 5.45
N VAL G 155 9.34 -50.09 6.61
CA VAL G 155 8.49 -48.91 6.70
C VAL G 155 9.12 -47.98 7.71
N ALA G 156 9.46 -46.77 7.29
CA ALA G 156 10.08 -45.79 8.16
C ALA G 156 9.11 -44.65 8.47
N ARG G 157 9.43 -43.95 9.55
CA ARG G 157 8.65 -42.82 10.05
C ARG G 157 9.57 -41.62 10.16
N ILE G 158 9.02 -40.44 9.91
CA ILE G 158 9.78 -39.20 9.92
C ILE G 158 9.01 -38.15 10.68
N ARG G 159 9.46 -37.81 11.88
CA ARG G 159 8.90 -36.66 12.58
C ARG G 159 9.10 -35.41 11.76
N LEU G 160 8.01 -34.70 11.48
CA LEU G 160 8.07 -33.52 10.63
C LEU G 160 8.42 -32.26 11.40
N ASP G 161 8.79 -32.37 12.67
CA ASP G 161 9.35 -31.23 13.40
C ASP G 161 10.86 -31.21 13.23
N ILE G 162 11.53 -32.30 13.58
CA ILE G 162 12.97 -32.40 13.39
C ILE G 162 13.35 -32.72 11.96
N MET G 163 12.41 -33.21 11.15
CA MET G 163 12.70 -33.62 9.77
C MET G 163 13.80 -34.68 9.71
N LYS G 164 13.72 -35.67 10.59
CA LYS G 164 14.65 -36.79 10.54
C LYS G 164 13.93 -38.05 11.00
N CYS G 165 14.38 -39.19 10.50
CA CYS G 165 13.63 -40.44 10.61
C CYS G 165 13.62 -40.93 12.06
N ASP G 166 12.44 -41.00 12.66
CA ASP G 166 12.33 -41.44 14.04
C ASP G 166 12.54 -42.95 14.17
N LYS G 167 11.79 -43.74 13.42
CA LYS G 167 11.75 -45.18 13.65
C LYS G 167 11.65 -45.91 12.32
N MET G 168 12.03 -47.18 12.34
CA MET G 168 12.02 -48.03 11.17
C MET G 168 11.60 -49.43 11.58
N ILE G 169 10.68 -50.03 10.84
CA ILE G 169 10.21 -51.37 11.14
C ILE G 169 10.37 -52.25 9.89
N THR G 170 11.10 -53.34 10.03
CA THR G 170 11.06 -54.41 9.03
C THR G 170 9.77 -55.19 9.20
N VAL G 171 9.17 -55.58 8.08
CA VAL G 171 7.86 -56.25 8.09
C VAL G 171 8.10 -57.75 7.97
N PRO G 172 7.85 -58.53 9.02
CA PRO G 172 8.12 -59.97 8.96
C PRO G 172 7.31 -60.67 7.88
N ASN G 173 7.90 -61.75 7.35
CA ASN G 173 7.22 -62.72 6.50
C ASN G 173 6.79 -62.15 5.15
N VAL G 174 7.41 -61.06 4.70
CA VAL G 174 7.12 -60.49 3.39
C VAL G 174 8.42 -60.09 2.73
N GLN G 175 8.36 -59.88 1.41
CA GLN G 175 9.48 -59.38 0.63
C GLN G 175 8.99 -58.26 -0.26
N ALA G 176 9.58 -57.08 -0.17
CA ALA G 176 9.22 -55.91 -0.99
C ALA G 176 7.93 -55.23 -0.54
N ILE G 177 7.99 -53.97 -0.09
CA ILE G 177 6.81 -53.20 0.23
C ILE G 177 6.67 -52.10 -0.82
N HIS G 178 5.60 -52.15 -1.60
CA HIS G 178 5.43 -51.22 -2.72
C HIS G 178 4.43 -50.11 -2.46
N GLY G 179 3.30 -50.41 -1.85
CA GLY G 179 2.28 -49.39 -1.65
C GLY G 179 1.97 -49.14 -0.19
N LEU G 180 2.07 -47.87 0.22
CA LEU G 180 1.87 -47.47 1.60
C LEU G 180 0.91 -46.29 1.64
N ARG G 181 -0.20 -46.46 2.36
CA ARG G 181 -1.15 -45.37 2.55
C ARG G 181 -1.67 -45.39 3.97
N LEU G 182 -2.15 -44.24 4.43
CA LEU G 182 -2.49 -44.06 5.83
C LEU G 182 -3.99 -44.01 6.02
N GLN G 183 -4.47 -44.61 7.10
CA GLN G 183 -5.87 -44.47 7.47
C GLN G 183 -6.18 -43.00 7.73
N LYS G 184 -7.34 -42.55 7.26
CA LYS G 184 -7.62 -41.12 7.21
C LYS G 184 -8.62 -40.64 8.25
N VAL G 185 -9.43 -41.53 8.83
CA VAL G 185 -10.36 -41.13 9.90
C VAL G 185 -10.42 -42.21 10.97
N PRO G 186 -10.61 -41.86 12.25
CA PRO G 186 -10.64 -40.46 12.71
C PRO G 186 -9.23 -39.92 12.98
N HIS G 187 -8.23 -40.80 12.93
CA HIS G 187 -6.80 -40.40 13.08
C HIS G 187 -5.98 -41.52 12.46
N THR G 188 -4.69 -41.32 12.16
CA THR G 188 -3.89 -42.35 11.47
C THR G 188 -3.48 -43.40 12.47
N LYS G 189 -4.35 -44.37 12.73
CA LYS G 189 -4.06 -45.38 13.76
C LYS G 189 -3.39 -46.55 13.09
N TYR G 190 -3.64 -46.76 11.81
CA TYR G 190 -2.93 -47.82 11.11
C TYR G 190 -2.26 -47.28 9.85
N VAL G 191 -1.09 -47.82 9.54
CA VAL G 191 -0.38 -47.54 8.29
C VAL G 191 -0.42 -48.80 7.45
N PHE G 192 -0.95 -48.70 6.23
CA PHE G 192 -1.18 -49.85 5.37
C PHE G 192 -0.04 -49.97 4.37
N ALA G 193 0.54 -51.16 4.29
CA ALA G 193 1.67 -51.45 3.42
C ALA G 193 1.37 -52.66 2.56
N ASN G 194 1.71 -52.58 1.28
CA ASN G 194 1.50 -53.67 0.34
C ASN G 194 2.79 -54.45 0.17
N ALA G 195 2.81 -55.70 0.61
CA ALA G 195 3.84 -56.61 0.15
C ALA G 195 3.48 -57.07 -1.25
N GLU G 196 4.50 -57.18 -2.11
CA GLU G 196 4.26 -57.43 -3.52
C GLU G 196 4.66 -58.83 -3.94
N PHE G 197 5.91 -59.22 -3.73
CA PHE G 197 6.36 -60.51 -4.23
C PHE G 197 5.81 -61.64 -3.36
N ILE G 198 5.50 -62.75 -4.00
CA ILE G 198 4.85 -63.88 -3.35
C ILE G 198 5.93 -64.86 -2.90
N ILE G 199 5.87 -65.28 -1.64
CA ILE G 199 6.90 -66.14 -1.06
C ILE G 199 6.24 -67.24 -0.25
N PRO G 200 6.93 -68.38 -0.08
CA PRO G 200 6.39 -69.46 0.74
C PRO G 200 6.33 -69.09 2.22
N HIS G 201 5.50 -69.83 2.93
CA HIS G 201 5.38 -69.67 4.39
C HIS G 201 5.24 -71.06 5.00
N PRO G 202 6.30 -71.56 5.65
CA PRO G 202 7.50 -70.79 5.98
C PRO G 202 8.57 -70.84 4.89
N ASN G 203 9.24 -69.70 4.70
CA ASN G 203 10.25 -69.57 3.65
C ASN G 203 11.59 -70.14 4.14
N ASP G 204 11.58 -71.45 4.36
CA ASP G 204 12.75 -72.17 4.83
C ASP G 204 13.49 -72.93 3.74
N GLY G 205 13.07 -72.80 2.49
CA GLY G 205 13.78 -73.38 1.38
C GLY G 205 13.35 -74.76 0.94
N LYS G 206 12.38 -75.37 1.61
CA LYS G 206 11.92 -76.69 1.18
C LYS G 206 11.11 -76.62 -0.10
N VAL G 207 10.47 -75.49 -0.38
CA VAL G 207 9.58 -75.34 -1.53
C VAL G 207 9.94 -74.05 -2.27
N PHE G 208 9.96 -74.13 -3.61
CA PHE G 208 10.15 -72.98 -4.46
C PHE G 208 8.97 -72.70 -5.37
N ASP G 209 7.94 -73.55 -5.36
CA ASP G 209 6.77 -73.36 -6.22
C ASP G 209 5.87 -72.29 -5.61
N LEU G 210 5.40 -71.38 -6.46
CA LEU G 210 4.55 -70.28 -6.02
C LEU G 210 3.08 -70.54 -6.31
N GLN G 211 2.71 -71.80 -6.56
CA GLN G 211 1.32 -72.18 -6.79
C GLN G 211 0.78 -73.10 -5.71
N ASP G 212 1.42 -73.14 -4.54
CA ASP G 212 1.05 -74.04 -3.47
C ASP G 212 0.01 -73.34 -2.60
N GLU G 213 -0.38 -73.95 -1.47
CA GLU G 213 -1.30 -73.31 -0.54
C GLU G 213 -0.59 -72.41 0.45
N ASN G 214 0.73 -72.52 0.57
CA ASN G 214 1.53 -71.68 1.45
C ASN G 214 2.24 -70.56 0.69
N SER G 215 1.84 -70.30 -0.54
CA SER G 215 2.47 -69.27 -1.38
C SER G 215 1.49 -68.10 -1.51
N TYR G 216 1.80 -67.00 -0.85
CA TYR G 216 0.96 -65.81 -0.89
C TYR G 216 1.72 -64.62 -0.34
N THR G 217 1.21 -63.43 -0.66
CA THR G 217 1.68 -62.19 -0.06
C THR G 217 0.81 -61.85 1.16
N MET G 218 0.95 -60.63 1.70
CA MET G 218 0.19 -60.22 2.87
C MET G 218 0.04 -58.70 2.95
N TYR G 219 -1.21 -58.23 3.00
CA TYR G 219 -1.47 -56.83 3.30
C TYR G 219 -1.12 -56.56 4.75
N ASN G 220 -0.29 -55.53 4.99
CA ASN G 220 0.26 -55.27 6.31
C ASN G 220 -0.35 -53.99 6.87
N ALA G 221 -0.66 -54.00 8.16
CA ALA G 221 -1.07 -52.80 8.87
C ALA G 221 -0.21 -52.67 10.11
N ILE G 222 0.44 -51.52 10.24
CA ILE G 222 1.38 -51.23 11.32
C ILE G 222 0.78 -50.14 12.19
N ASP G 223 0.83 -50.34 13.51
CA ASP G 223 0.38 -49.28 14.41
C ASP G 223 1.25 -48.06 14.18
N ALA G 224 0.63 -46.92 13.89
CA ALA G 224 1.39 -45.75 13.47
C ALA G 224 2.14 -45.11 14.63
N GLU G 225 1.51 -45.05 15.80
CA GLU G 225 2.13 -44.35 16.92
C GLU G 225 3.32 -45.13 17.48
N THR G 226 3.11 -46.41 17.77
CA THR G 226 4.13 -47.20 18.45
C THR G 226 5.00 -48.02 17.51
N MET G 227 4.59 -48.17 16.26
CA MET G 227 5.39 -48.85 15.22
C MET G 227 5.75 -50.29 15.61
N GLU G 228 4.75 -51.05 16.06
CA GLU G 228 4.80 -52.50 16.01
C GLU G 228 3.71 -52.97 15.07
N MET G 229 3.97 -54.08 14.38
CA MET G 229 3.02 -54.59 13.41
C MET G 229 1.67 -54.85 14.07
N ALA G 230 0.61 -54.29 13.49
CA ALA G 230 -0.72 -54.44 14.05
C ALA G 230 -1.36 -55.73 13.56
N PHE G 231 -1.44 -55.91 12.24
CA PHE G 231 -1.97 -57.15 11.72
C PHE G 231 -1.51 -57.37 10.29
N GLN G 232 -1.60 -58.61 9.83
CA GLN G 232 -1.31 -58.97 8.45
C GLN G 232 -2.44 -59.85 7.94
N VAL G 233 -2.96 -59.53 6.77
CA VAL G 233 -4.05 -60.27 6.15
C VAL G 233 -3.52 -60.95 4.89
N ILE G 234 -3.61 -62.28 4.85
CA ILE G 234 -3.23 -63.02 3.66
C ILE G 234 -4.17 -62.67 2.53
N VAL G 235 -3.61 -62.44 1.34
CA VAL G 235 -4.40 -62.06 0.18
C VAL G 235 -4.04 -62.98 -0.98
N ASP G 236 -5.03 -63.70 -1.50
CA ASP G 236 -4.83 -64.40 -2.75
C ASP G 236 -4.55 -63.38 -3.84
N GLY G 237 -3.48 -63.60 -4.59
CA GLY G 237 -2.95 -62.61 -5.50
C GLY G 237 -1.76 -61.91 -4.86
N ASN G 238 -1.28 -60.87 -5.54
CA ASN G 238 -0.21 -60.03 -5.02
C ASN G 238 -0.61 -58.56 -5.13
N LEU G 239 -0.29 -57.79 -4.11
CA LEU G 239 -0.74 -56.41 -4.01
C LEU G 239 0.30 -55.45 -4.58
N ASP G 240 -0.18 -54.36 -5.17
CA ASP G 240 0.71 -53.37 -5.74
C ASP G 240 0.61 -52.02 -5.02
N ASN G 241 -0.59 -51.44 -5.03
CA ASN G 241 -0.88 -50.19 -4.34
C ASN G 241 -2.13 -50.35 -3.48
N THR G 242 -2.37 -49.36 -2.63
CA THR G 242 -3.55 -49.37 -1.78
C THR G 242 -4.03 -47.95 -1.56
N ASP G 243 -5.10 -47.84 -0.77
CA ASP G 243 -5.60 -46.57 -0.24
C ASP G 243 -6.71 -46.95 0.74
N ALA G 244 -7.24 -45.95 1.44
CA ALA G 244 -8.34 -46.17 2.38
C ALA G 244 -9.35 -45.04 2.24
N ASP G 245 -10.60 -45.34 2.57
CA ASP G 245 -11.67 -44.36 2.44
C ASP G 245 -11.73 -43.45 3.67
N TYR G 246 -12.53 -42.39 3.56
CA TYR G 246 -12.75 -41.49 4.68
C TYR G 246 -13.93 -41.96 5.54
N THR G 247 -13.92 -43.26 5.84
CA THR G 247 -14.92 -43.84 6.72
C THR G 247 -14.22 -44.65 7.81
N GLY G 248 -13.00 -45.11 7.51
CA GLY G 248 -12.23 -45.87 8.46
C GLY G 248 -12.60 -47.33 8.56
N ARG G 249 -13.43 -47.83 7.64
CA ARG G 249 -13.89 -49.21 7.70
C ARG G 249 -13.50 -50.03 6.47
N PHE G 250 -13.30 -49.40 5.32
CA PHE G 250 -12.85 -50.09 4.12
C PHE G 250 -11.47 -49.61 3.70
N ALA G 251 -10.64 -50.56 3.29
CA ALA G 251 -9.37 -50.28 2.64
C ALA G 251 -9.33 -51.04 1.31
N ALA G 252 -8.65 -50.49 0.32
CA ALA G 252 -8.63 -51.12 -0.99
C ALA G 252 -7.20 -51.22 -1.48
N ALA G 253 -6.93 -52.30 -2.22
CA ALA G 253 -5.60 -52.52 -2.79
C ALA G 253 -5.72 -53.20 -4.13
N THR G 254 -4.96 -52.73 -5.12
CA THR G 254 -5.07 -53.23 -6.48
C THR G 254 -4.08 -54.37 -6.70
N CYS G 255 -4.60 -55.53 -7.09
CA CYS G 255 -3.78 -56.69 -7.43
C CYS G 255 -3.68 -56.81 -8.95
N TYR G 256 -2.50 -57.32 -9.39
CA TYR G 256 -2.18 -57.52 -10.83
C TYR G 256 -1.72 -58.95 -11.19
N ASN G 257 -0.82 -59.58 -10.44
CA ASN G 257 -0.40 -60.94 -10.88
C ASN G 257 -1.41 -61.90 -10.31
N SER G 258 -2.68 -61.75 -10.70
CA SER G 258 -3.72 -62.62 -10.09
C SER G 258 -3.38 -64.04 -10.47
N GLU G 259 -2.90 -64.19 -11.69
CA GLU G 259 -2.61 -65.52 -12.21
C GLU G 259 -1.52 -66.22 -11.39
N LYS G 260 -0.95 -65.55 -10.37
CA LYS G 260 0.14 -66.09 -9.56
C LYS G 260 1.25 -66.69 -10.41
N ALA G 261 1.47 -66.17 -11.60
CA ALA G 261 2.35 -66.80 -12.57
C ALA G 261 3.74 -66.18 -12.55
N PHE G 262 4.77 -66.84 -13.07
CA PHE G 262 6.12 -66.23 -12.93
C PHE G 262 6.50 -65.46 -14.18
N ASP G 263 6.08 -65.95 -15.35
CA ASP G 263 6.54 -65.35 -16.63
C ASP G 263 5.93 -63.97 -16.88
N LEU G 264 6.57 -63.17 -17.73
CA LEU G 264 6.01 -61.84 -18.10
C LEU G 264 4.67 -62.12 -18.79
N GLY G 265 4.62 -63.14 -19.64
CA GLY G 265 3.34 -63.53 -20.25
C GLY G 265 2.37 -63.97 -19.16
N GLY G 266 2.87 -64.64 -18.13
CA GLY G 266 2.01 -65.15 -17.05
C GLY G 266 1.29 -64.04 -16.34
N MET G 267 1.90 -62.87 -16.27
CA MET G 267 1.26 -61.72 -15.59
C MET G 267 0.10 -61.21 -16.43
N MET G 268 -0.03 -61.66 -17.69
CA MET G 268 -1.09 -61.10 -18.54
C MET G 268 -2.10 -62.17 -18.98
N ARG G 269 -1.92 -63.43 -18.59
CA ARG G 269 -2.81 -64.53 -19.09
C ARG G 269 -4.28 -64.43 -18.66
N ASN G 270 -4.64 -64.11 -17.42
CA ASN G 270 -6.09 -64.02 -17.10
C ASN G 270 -6.60 -62.68 -17.64
N GLU G 271 -7.70 -62.69 -18.40
CA GLU G 271 -8.03 -61.42 -19.04
C GLU G 271 -8.23 -60.31 -18.01
N ARG G 272 -8.88 -60.61 -16.90
CA ARG G 272 -9.17 -59.61 -15.88
C ARG G 272 -8.57 -60.03 -14.54
N ASP G 273 -8.04 -59.02 -13.85
CA ASP G 273 -7.43 -59.23 -12.52
C ASP G 273 -8.41 -58.63 -11.51
N TRP G 274 -8.15 -58.71 -10.23
CA TRP G 274 -9.04 -58.22 -9.19
C TRP G 274 -8.39 -57.15 -8.32
N VAL G 275 -9.23 -56.37 -7.66
CA VAL G 275 -8.84 -55.42 -6.62
C VAL G 275 -9.51 -55.83 -5.31
N VAL G 276 -8.72 -55.91 -4.25
CA VAL G 276 -9.19 -56.45 -2.97
C VAL G 276 -9.68 -55.31 -2.10
N VAL G 277 -10.68 -55.59 -1.27
CA VAL G 277 -11.21 -54.65 -0.30
C VAL G 277 -11.25 -55.34 1.06
N PHE G 278 -10.67 -54.69 2.07
CA PHE G 278 -10.62 -55.19 3.43
C PHE G 278 -11.58 -54.41 4.31
N ASP G 279 -12.35 -55.15 5.11
CA ASP G 279 -13.22 -54.55 6.14
C ASP G 279 -12.41 -54.42 7.41
N ILE G 280 -11.77 -53.25 7.57
CA ILE G 280 -10.86 -53.03 8.68
C ILE G 280 -11.55 -53.25 10.02
N HIS G 281 -12.82 -52.85 10.14
CA HIS G 281 -13.57 -53.09 11.36
C HIS G 281 -13.67 -54.58 11.66
N ALA G 282 -13.89 -55.39 10.62
CA ALA G 282 -13.92 -56.83 10.83
C ALA G 282 -12.56 -57.35 11.29
N VAL G 283 -11.48 -56.78 10.76
CA VAL G 283 -10.14 -57.19 11.18
C VAL G 283 -9.90 -56.86 12.63
N GLU G 284 -10.30 -55.66 13.06
CA GLU G 284 -10.15 -55.29 14.47
C GLU G 284 -10.99 -56.20 15.36
N ALA G 285 -12.22 -56.51 14.93
CA ALA G 285 -13.06 -57.42 15.70
C ALA G 285 -12.40 -58.79 15.83
N ALA G 286 -11.78 -59.27 14.75
CA ALA G 286 -11.13 -60.58 14.79
C ALA G 286 -9.93 -60.56 15.73
N VAL G 287 -9.05 -59.56 15.60
CA VAL G 287 -7.84 -59.54 16.41
C VAL G 287 -8.18 -59.38 17.89
N LYS G 288 -9.17 -58.53 18.21
CA LYS G 288 -9.63 -58.46 19.59
C LYS G 288 -10.21 -59.79 20.04
N ALA G 289 -11.01 -60.43 19.19
CA ALA G 289 -11.57 -61.74 19.53
C ALA G 289 -10.48 -62.78 19.67
N GLY G 290 -9.44 -62.70 18.85
CA GLY G 290 -8.34 -63.64 18.90
C GLY G 290 -8.40 -64.79 17.92
N ASP G 291 -9.30 -64.73 16.94
CA ASP G 291 -9.40 -65.77 15.91
C ASP G 291 -8.37 -65.48 14.81
N PHE G 292 -7.10 -65.68 15.18
CA PHE G 292 -5.99 -65.40 14.29
C PHE G 292 -4.96 -66.51 14.38
N ILE G 293 -4.04 -66.53 13.42
CA ILE G 293 -2.94 -67.46 13.38
C ILE G 293 -1.64 -66.68 13.24
N THR G 294 -0.52 -67.40 13.33
CA THR G 294 0.79 -66.78 13.28
C THR G 294 1.72 -67.63 12.42
N LEU G 295 2.67 -66.97 11.76
CA LEU G 295 3.61 -67.62 10.87
C LEU G 295 5.03 -67.18 11.22
N GLY G 296 5.95 -68.13 11.19
CA GLY G 296 7.35 -67.87 11.42
C GLY G 296 7.64 -67.45 12.85
N ASP G 297 8.74 -66.71 13.00
CA ASP G 297 9.21 -66.34 14.33
C ASP G 297 8.30 -65.30 14.99
N SER G 298 7.85 -64.31 14.21
CA SER G 298 7.10 -63.20 14.78
C SER G 298 5.70 -63.64 15.21
N LYS G 299 5.16 -62.93 16.21
CA LYS G 299 3.85 -63.20 16.77
C LYS G 299 2.77 -62.27 16.22
N THR G 300 3.08 -61.53 15.17
CA THR G 300 2.13 -60.63 14.54
C THR G 300 0.87 -61.39 14.13
N PRO G 301 -0.32 -60.91 14.48
CA PRO G 301 -1.55 -61.60 14.05
C PRO G 301 -1.64 -61.68 12.53
N VAL G 302 -1.95 -62.88 12.04
CA VAL G 302 -2.10 -63.13 10.61
C VAL G 302 -3.52 -63.63 10.38
N LEU G 303 -4.20 -63.04 9.40
CA LEU G 303 -5.60 -63.36 9.11
C LEU G 303 -5.72 -63.87 7.69
N ASP G 304 -6.38 -65.01 7.53
CA ASP G 304 -6.59 -65.58 6.20
C ASP G 304 -7.61 -64.76 5.41
N GLY G 305 -7.33 -64.56 4.12
CA GLY G 305 -8.21 -63.79 3.27
C GLY G 305 -8.31 -64.35 1.87
N ARG G 306 -7.68 -65.51 1.65
CA ARG G 306 -7.78 -66.17 0.37
C ARG G 306 -9.20 -66.66 0.14
N LYS G 307 -9.65 -66.60 -1.10
CA LYS G 307 -10.93 -67.20 -1.46
C LYS G 307 -10.78 -68.71 -1.43
N LYS G 308 -11.55 -69.36 -0.56
CA LYS G 308 -11.38 -70.78 -0.29
C LYS G 308 -12.65 -71.53 -0.65
N ASP G 309 -12.51 -72.62 -1.41
CA ASP G 309 -13.64 -73.46 -1.82
C ASP G 309 -14.68 -72.60 -2.54
N GLY G 310 -14.20 -71.66 -3.35
CA GLY G 310 -15.09 -70.79 -4.10
C GLY G 310 -16.03 -69.98 -3.25
N LYS G 311 -15.58 -69.54 -2.07
CA LYS G 311 -16.39 -68.73 -1.17
C LYS G 311 -15.52 -67.66 -0.56
N ASP G 312 -15.99 -66.41 -0.61
CA ASP G 312 -15.21 -65.31 -0.06
C ASP G 312 -15.22 -65.37 1.46
N SER G 313 -14.23 -64.69 2.05
CA SER G 313 -14.10 -64.61 3.50
C SER G 313 -14.73 -63.33 4.01
N LYS G 314 -14.97 -63.30 5.33
CA LYS G 314 -15.53 -62.14 5.97
C LYS G 314 -14.58 -60.94 5.95
N PHE G 315 -13.33 -61.15 5.59
CA PHE G 315 -12.31 -60.10 5.68
C PHE G 315 -12.06 -59.39 4.37
N THR G 316 -12.12 -60.10 3.25
CA THR G 316 -11.73 -59.56 1.95
C THR G 316 -12.83 -59.80 0.94
N ARG G 317 -13.06 -58.80 0.08
CA ARG G 317 -14.00 -58.89 -1.03
C ARG G 317 -13.27 -58.56 -2.31
N TYR G 318 -13.47 -59.35 -3.35
CA TYR G 318 -12.74 -59.22 -4.61
C TYR G 318 -13.64 -58.52 -5.62
N VAL G 319 -13.17 -57.39 -6.16
CA VAL G 319 -13.88 -56.66 -7.21
C VAL G 319 -13.13 -56.91 -8.52
N PRO G 320 -13.73 -57.58 -9.50
CA PRO G 320 -13.06 -57.75 -10.80
C PRO G 320 -12.85 -56.40 -11.48
N VAL G 321 -11.63 -56.19 -11.95
CA VAL G 321 -11.21 -54.94 -12.60
C VAL G 321 -10.65 -55.40 -13.94
N PRO G 322 -10.38 -54.54 -14.92
CA PRO G 322 -9.65 -54.99 -16.10
C PRO G 322 -8.18 -55.25 -15.79
N LYS G 323 -7.47 -55.71 -16.83
CA LYS G 323 -6.19 -56.38 -16.64
C LYS G 323 -5.15 -55.49 -15.97
N ASN G 324 -4.24 -56.15 -15.25
CA ASN G 324 -3.10 -55.50 -14.55
C ASN G 324 -3.36 -54.05 -14.19
N PRO G 325 -4.12 -53.73 -13.13
CA PRO G 325 -4.21 -52.31 -12.74
C PRO G 325 -2.99 -51.87 -11.97
N HIS G 326 -2.73 -50.57 -12.02
CA HIS G 326 -1.63 -50.00 -11.25
C HIS G 326 -2.11 -49.03 -10.17
N GLY G 327 -2.82 -47.98 -10.57
CA GLY G 327 -3.14 -46.91 -9.65
C GLY G 327 -4.22 -47.28 -8.66
N CYS G 328 -4.28 -46.48 -7.59
CA CYS G 328 -5.39 -46.54 -6.65
C CYS G 328 -5.48 -45.19 -5.95
N ASN G 329 -6.70 -44.79 -5.60
CA ASN G 329 -6.90 -43.55 -4.88
C ASN G 329 -8.30 -43.52 -4.29
N THR G 330 -8.56 -42.52 -3.47
CA THR G 330 -9.88 -42.25 -2.92
C THR G 330 -10.23 -40.80 -3.25
N SER G 331 -11.43 -40.59 -3.78
CA SER G 331 -11.82 -39.27 -4.27
C SER G 331 -11.69 -38.23 -3.16
N SER G 332 -11.44 -36.99 -3.58
CA SER G 332 -11.25 -35.91 -2.60
C SER G 332 -12.48 -35.76 -1.72
N ASP G 333 -13.67 -35.88 -2.30
CA ASP G 333 -14.87 -35.96 -1.49
C ASP G 333 -14.86 -37.19 -0.61
N GLY G 334 -14.40 -38.32 -1.15
CA GLY G 334 -14.35 -39.56 -0.42
C GLY G 334 -15.36 -40.60 -0.82
N LYS G 335 -15.84 -40.61 -2.06
CA LYS G 335 -16.91 -41.50 -2.48
C LYS G 335 -16.46 -42.59 -3.44
N TYR G 336 -15.42 -42.35 -4.25
CA TYR G 336 -14.97 -43.30 -5.26
C TYR G 336 -13.55 -43.79 -4.99
N PHE G 337 -13.34 -45.09 -5.24
CA PHE G 337 -12.02 -45.70 -5.34
C PHE G 337 -11.64 -45.78 -6.81
N ILE G 338 -10.93 -44.79 -7.32
CA ILE G 338 -10.58 -44.78 -8.73
C ILE G 338 -9.27 -45.53 -8.93
N ALA G 339 -9.35 -46.69 -9.57
CA ALA G 339 -8.18 -47.51 -9.87
C ALA G 339 -7.83 -47.39 -11.34
N ALA G 340 -6.53 -47.33 -11.63
CA ALA G 340 -6.05 -47.14 -12.98
C ALA G 340 -6.06 -48.47 -13.74
N GLY G 341 -5.68 -48.41 -15.01
CA GLY G 341 -5.74 -49.58 -15.85
C GLY G 341 -4.43 -50.06 -16.41
N LYS G 342 -3.47 -49.15 -16.63
CA LYS G 342 -2.19 -49.47 -17.27
C LYS G 342 -2.54 -50.10 -18.62
N LEU G 343 -2.15 -51.35 -18.89
CA LEU G 343 -2.53 -52.07 -20.09
C LEU G 343 -4.01 -51.91 -20.41
N SER G 344 -4.85 -51.89 -19.38
CA SER G 344 -6.30 -51.65 -19.61
C SER G 344 -6.48 -50.25 -20.17
N PRO G 345 -7.41 -50.00 -21.09
CA PRO G 345 -7.60 -48.66 -21.55
C PRO G 345 -8.70 -48.03 -20.69
N THR G 346 -9.15 -48.70 -19.62
CA THR G 346 -10.30 -48.18 -18.85
C THR G 346 -10.11 -48.09 -17.34
N CYS G 347 -9.98 -46.89 -16.76
CA CYS G 347 -9.97 -46.77 -15.31
C CYS G 347 -11.29 -47.27 -14.76
N SER G 348 -11.26 -47.85 -13.55
CA SER G 348 -12.43 -48.52 -12.99
C SER G 348 -12.73 -47.99 -11.60
N MET G 349 -13.53 -46.92 -11.55
CA MET G 349 -13.98 -46.37 -10.29
C MET G 349 -14.88 -47.36 -9.57
N ILE G 350 -14.64 -47.53 -8.27
CA ILE G 350 -15.50 -48.32 -7.39
C ILE G 350 -16.24 -47.30 -6.53
N ALA G 351 -17.33 -47.70 -5.88
CA ALA G 351 -18.13 -46.80 -5.07
C ALA G 351 -18.07 -47.22 -3.63
N ILE G 352 -17.64 -46.29 -2.77
CA ILE G 352 -17.48 -46.60 -1.34
C ILE G 352 -18.84 -46.86 -0.70
N ASP G 353 -19.82 -46.04 -1.04
CA ASP G 353 -21.14 -46.15 -0.42
C ASP G 353 -21.73 -47.55 -0.64
N LYS G 354 -21.45 -48.15 -1.80
CA LYS G 354 -22.00 -49.47 -2.10
C LYS G 354 -21.26 -50.60 -1.41
N LEU G 355 -20.07 -50.36 -0.85
CA LEU G 355 -19.30 -51.45 -0.25
C LEU G 355 -19.97 -52.10 0.95
N PRO G 356 -20.47 -51.37 1.99
CA PRO G 356 -21.08 -52.05 3.14
C PRO G 356 -22.07 -53.13 2.75
N ASP G 357 -23.04 -52.78 1.89
CA ASP G 357 -24.02 -53.75 1.43
C ASP G 357 -23.34 -54.94 0.77
N LEU G 358 -22.27 -54.69 0.01
CA LEU G 358 -21.53 -55.77 -0.61
C LEU G 358 -20.93 -56.70 0.44
N PHE G 359 -20.40 -56.14 1.53
CA PHE G 359 -19.81 -56.97 2.56
C PHE G 359 -20.83 -57.80 3.32
N ALA G 360 -22.09 -57.40 3.30
CA ALA G 360 -23.15 -58.13 3.99
C ALA G 360 -23.81 -59.18 3.12
N GLY G 361 -23.37 -59.33 1.87
CA GLY G 361 -23.93 -60.32 0.97
C GLY G 361 -25.21 -59.90 0.29
N LYS G 362 -25.61 -58.63 0.39
CA LYS G 362 -26.83 -58.17 -0.26
C LYS G 362 -26.65 -58.01 -1.77
N LEU G 363 -25.47 -57.60 -2.21
CA LEU G 363 -25.19 -57.47 -3.64
C LEU G 363 -24.73 -58.83 -4.17
N ALA G 364 -25.51 -59.39 -5.10
CA ALA G 364 -25.23 -60.75 -5.58
C ALA G 364 -23.93 -60.82 -6.36
N ASP G 365 -23.69 -59.84 -7.25
CA ASP G 365 -22.54 -59.93 -8.15
C ASP G 365 -21.44 -58.98 -7.70
N PRO G 366 -20.21 -59.46 -7.56
CA PRO G 366 -19.12 -58.56 -7.13
C PRO G 366 -18.90 -57.38 -8.05
N ARG G 367 -19.11 -57.57 -9.35
CA ARG G 367 -18.85 -56.51 -10.32
C ARG G 367 -19.84 -55.35 -10.19
N ASP G 368 -20.99 -55.59 -9.55
CA ASP G 368 -22.03 -54.56 -9.47
C ASP G 368 -21.52 -53.27 -8.84
N VAL G 369 -20.57 -53.37 -7.90
CA VAL G 369 -20.13 -52.20 -7.16
C VAL G 369 -19.53 -51.15 -8.09
N ILE G 370 -18.96 -51.59 -9.22
CA ILE G 370 -18.43 -50.66 -10.21
C ILE G 370 -19.52 -49.69 -10.62
N VAL G 371 -19.19 -48.39 -10.61
CA VAL G 371 -20.13 -47.35 -11.02
C VAL G 371 -19.67 -46.58 -12.24
N GLY G 372 -18.42 -46.75 -12.66
CA GLY G 372 -17.97 -46.08 -13.87
C GLY G 372 -16.68 -46.68 -14.37
N GLU G 373 -16.48 -46.57 -15.68
CA GLU G 373 -15.23 -46.98 -16.33
C GLU G 373 -14.94 -46.10 -17.54
N PRO G 374 -14.53 -44.86 -17.34
CA PRO G 374 -14.20 -43.99 -18.47
C PRO G 374 -12.96 -44.48 -19.21
N GLU G 375 -13.04 -44.44 -20.55
CA GLU G 375 -11.93 -44.83 -21.42
C GLU G 375 -11.01 -43.64 -21.69
N LEU G 376 -10.23 -43.30 -20.66
CA LEU G 376 -9.41 -42.09 -20.72
C LEU G 376 -8.46 -42.11 -21.90
N GLY G 377 -7.68 -43.18 -22.02
CA GLY G 377 -6.67 -43.27 -23.05
C GLY G 377 -5.77 -44.45 -22.79
N LEU G 378 -4.69 -44.53 -23.58
CA LEU G 378 -3.74 -45.60 -23.41
C LEU G 378 -2.92 -45.42 -22.15
N GLY G 379 -2.82 -46.48 -21.36
CA GLY G 379 -1.89 -46.56 -20.26
C GLY G 379 -2.08 -45.54 -19.14
N PRO G 380 -3.24 -45.56 -18.49
CA PRO G 380 -3.39 -44.79 -17.26
C PRO G 380 -2.67 -45.44 -16.07
N LEU G 381 -2.01 -44.60 -15.27
CA LEU G 381 -1.16 -45.12 -14.20
C LEU G 381 -1.50 -44.59 -12.81
N HIS G 382 -2.05 -43.39 -12.67
CA HIS G 382 -2.31 -42.86 -11.35
C HIS G 382 -3.36 -41.77 -11.47
N THR G 383 -4.08 -41.54 -10.37
CA THR G 383 -5.19 -40.59 -10.35
C THR G 383 -5.03 -39.64 -9.18
N THR G 384 -5.13 -38.35 -9.45
CA THR G 384 -5.07 -37.32 -8.42
C THR G 384 -6.28 -36.41 -8.54
N PHE G 385 -6.61 -35.71 -7.46
CA PHE G 385 -7.82 -34.91 -7.37
C PHE G 385 -7.49 -33.49 -6.94
N ASP G 386 -7.93 -32.52 -7.76
CA ASP G 386 -7.74 -31.12 -7.39
C ASP G 386 -8.62 -30.73 -6.21
N GLY G 387 -9.81 -31.31 -6.12
CA GLY G 387 -10.76 -30.96 -5.09
C GLY G 387 -11.87 -30.03 -5.53
N ARG G 388 -11.85 -29.59 -6.79
CA ARG G 388 -12.92 -28.77 -7.34
C ARG G 388 -13.99 -29.60 -8.03
N GLY G 389 -13.85 -30.92 -8.05
CA GLY G 389 -14.83 -31.78 -8.71
C GLY G 389 -14.29 -32.39 -9.99
N ASN G 390 -13.00 -32.71 -10.02
CA ASN G 390 -12.36 -33.25 -11.21
C ASN G 390 -11.36 -34.32 -10.79
N ALA G 391 -10.87 -35.07 -11.78
CA ALA G 391 -9.85 -36.08 -11.58
C ALA G 391 -8.84 -35.96 -12.71
N TYR G 392 -7.56 -35.93 -12.35
CA TYR G 392 -6.46 -35.84 -13.29
C TYR G 392 -5.74 -37.17 -13.31
N THR G 393 -5.68 -37.80 -14.47
CA THR G 393 -4.93 -39.04 -14.61
C THR G 393 -3.86 -38.91 -15.69
N THR G 394 -2.76 -39.62 -15.49
CA THR G 394 -1.72 -39.66 -16.52
C THR G 394 -1.96 -40.83 -17.46
N LEU G 395 -1.46 -40.66 -18.68
CA LEU G 395 -1.52 -41.67 -19.73
C LEU G 395 -0.08 -41.86 -20.21
N PHE G 396 0.50 -43.02 -19.88
CA PHE G 396 1.92 -43.23 -20.13
C PHE G 396 2.20 -43.35 -21.61
N ILE G 397 1.57 -44.33 -22.27
CA ILE G 397 1.80 -44.53 -23.70
C ILE G 397 1.33 -43.30 -24.48
N ASP G 398 0.16 -42.78 -24.14
CA ASP G 398 -0.27 -41.52 -24.73
C ASP G 398 0.55 -40.34 -24.24
N SER G 399 1.18 -40.47 -23.07
CA SER G 399 2.04 -39.44 -22.49
C SER G 399 1.31 -38.10 -22.35
N GLN G 400 0.19 -38.12 -21.63
CA GLN G 400 -0.61 -36.92 -21.43
C GLN G 400 -1.17 -36.92 -20.02
N VAL G 401 -1.67 -35.76 -19.59
CA VAL G 401 -2.41 -35.65 -18.34
C VAL G 401 -3.81 -35.17 -18.69
N VAL G 402 -4.82 -35.93 -18.27
CA VAL G 402 -6.20 -35.69 -18.65
C VAL G 402 -7.03 -35.30 -17.43
N LYS G 403 -7.67 -34.14 -17.54
CA LYS G 403 -8.68 -33.68 -16.59
C LYS G 403 -10.06 -34.12 -17.03
N TRP G 404 -10.80 -34.76 -16.12
CA TRP G 404 -12.12 -35.29 -16.41
C TRP G 404 -12.97 -35.32 -15.15
N ASN G 405 -14.24 -34.96 -15.27
CA ASN G 405 -15.15 -34.94 -14.14
C ASN G 405 -15.62 -36.34 -13.79
N MET G 406 -15.66 -36.64 -12.49
CA MET G 406 -16.05 -37.97 -12.04
C MET G 406 -17.54 -38.21 -12.21
N GLU G 407 -18.36 -37.22 -11.84
CA GLU G 407 -19.82 -37.38 -11.94
C GLU G 407 -20.24 -37.55 -13.39
N GLU G 408 -19.66 -36.79 -14.30
CA GLU G 408 -19.97 -36.95 -15.71
C GLU G 408 -19.57 -38.34 -16.20
N ALA G 409 -18.44 -38.86 -15.71
CA ALA G 409 -18.05 -40.22 -16.09
C ALA G 409 -19.03 -41.26 -15.58
N VAL G 410 -19.52 -41.09 -14.35
CA VAL G 410 -20.50 -42.03 -13.82
C VAL G 410 -21.79 -41.97 -14.63
N ARG G 411 -22.24 -40.77 -14.98
CA ARG G 411 -23.43 -40.64 -15.81
C ARG G 411 -23.20 -41.28 -17.18
N ALA G 412 -22.01 -41.10 -17.75
CA ALA G 412 -21.69 -41.70 -19.04
C ALA G 412 -21.75 -43.21 -18.96
N TYR G 413 -21.43 -43.76 -17.79
CA TYR G 413 -21.52 -45.22 -17.62
C TYR G 413 -22.95 -45.59 -17.29
N LYS G 414 -23.79 -44.62 -16.96
CA LYS G 414 -25.22 -44.97 -16.76
C LYS G 414 -26.00 -44.63 -18.04
N GLY G 415 -25.30 -44.34 -19.14
CA GLY G 415 -25.97 -44.16 -20.43
C GLY G 415 -26.27 -42.75 -20.86
N GLU G 416 -25.79 -41.73 -20.15
CA GLU G 416 -25.99 -40.36 -20.69
C GLU G 416 -24.77 -40.00 -21.54
N LYS G 417 -24.85 -40.12 -22.87
CA LYS G 417 -23.68 -39.90 -23.76
C LYS G 417 -23.14 -38.47 -23.65
N VAL G 418 -22.11 -38.27 -22.84
CA VAL G 418 -21.48 -36.96 -22.64
C VAL G 418 -19.97 -37.16 -22.66
N ASN G 419 -19.21 -36.10 -22.89
CA ASN G 419 -17.71 -36.21 -22.84
C ASN G 419 -17.19 -35.98 -21.41
N TYR G 420 -16.88 -37.06 -20.68
CA TYR G 420 -16.27 -36.92 -19.34
C TYR G 420 -14.89 -36.29 -19.50
N ILE G 421 -14.11 -36.76 -20.47
CA ILE G 421 -12.75 -36.20 -20.71
C ILE G 421 -12.97 -34.75 -21.08
N LYS G 422 -12.35 -33.85 -20.35
CA LYS G 422 -12.61 -32.43 -20.57
C LYS G 422 -11.37 -31.88 -21.25
N GLN G 423 -10.20 -32.16 -20.69
CA GLN G 423 -8.99 -31.71 -21.35
C GLN G 423 -7.90 -32.77 -21.26
N LYS G 424 -6.99 -32.76 -22.25
CA LYS G 424 -5.86 -33.68 -22.30
C LYS G 424 -4.61 -32.86 -22.65
N LEU G 425 -3.98 -32.30 -21.63
CA LEU G 425 -2.71 -31.61 -21.83
C LEU G 425 -1.61 -32.61 -22.13
N ASP G 426 -0.64 -32.19 -22.93
CA ASP G 426 0.52 -33.02 -23.21
C ASP G 426 1.60 -32.74 -22.17
N VAL G 427 2.23 -33.82 -21.69
CA VAL G 427 3.38 -33.73 -20.78
C VAL G 427 4.49 -34.59 -21.33
N HIS G 428 5.72 -34.24 -20.96
CA HIS G 428 6.92 -34.76 -21.61
C HIS G 428 7.74 -35.54 -20.61
N TYR G 429 8.00 -36.82 -20.92
CA TYR G 429 7.59 -37.43 -22.17
C TYR G 429 6.91 -38.77 -21.96
N GLN G 430 6.87 -39.24 -20.71
CA GLN G 430 6.21 -40.50 -20.36
C GLN G 430 5.89 -40.50 -18.88
N PRO G 431 4.84 -39.78 -18.47
CA PRO G 431 4.53 -39.59 -17.05
C PRO G 431 4.28 -40.87 -16.27
N GLY G 432 4.32 -40.77 -14.95
CA GLY G 432 3.97 -41.86 -14.05
C GLY G 432 2.96 -41.40 -13.02
N HIS G 433 3.25 -41.61 -11.74
CA HIS G 433 2.38 -41.07 -10.70
C HIS G 433 2.38 -39.55 -10.74
N LEU G 434 1.21 -38.96 -10.57
CA LEU G 434 1.05 -37.51 -10.52
C LEU G 434 0.31 -37.16 -9.25
N HIS G 435 0.55 -35.97 -8.73
CA HIS G 435 -0.02 -35.58 -7.46
C HIS G 435 -0.59 -34.17 -7.56
N ALA G 436 -1.61 -33.89 -6.76
CA ALA G 436 -2.17 -32.56 -6.65
C ALA G 436 -1.99 -32.06 -5.23
N SER G 437 -1.96 -30.73 -5.08
CA SER G 437 -1.77 -30.14 -3.76
C SER G 437 -2.87 -30.59 -2.81
N LEU G 438 -2.45 -31.22 -1.72
CA LEU G 438 -3.37 -31.67 -0.67
C LEU G 438 -4.44 -32.62 -1.23
N CYS G 439 -4.04 -33.44 -2.20
CA CYS G 439 -5.01 -34.31 -2.86
C CYS G 439 -5.39 -35.52 -2.03
N GLU G 440 -4.74 -35.77 -0.90
CA GLU G 440 -5.06 -36.90 -0.05
C GLU G 440 -6.05 -36.55 1.05
N THR G 441 -6.37 -35.28 1.24
CA THR G 441 -7.27 -34.83 2.29
C THR G 441 -8.57 -34.32 1.69
N ASN G 442 -9.49 -33.94 2.56
CA ASN G 442 -10.74 -33.32 2.14
C ASN G 442 -10.60 -31.81 1.94
N GLU G 443 -9.41 -31.26 2.14
CA GLU G 443 -9.15 -29.85 1.93
C GLU G 443 -8.40 -29.60 0.62
N ALA G 444 -8.50 -30.52 -0.33
CA ALA G 444 -7.84 -30.36 -1.61
C ALA G 444 -8.28 -29.08 -2.29
N ASP G 445 -7.31 -28.37 -2.88
CA ASP G 445 -7.58 -27.09 -3.52
C ASP G 445 -7.21 -27.04 -4.99
N GLY G 446 -6.37 -27.96 -5.47
CA GLY G 446 -5.97 -27.93 -6.86
C GLY G 446 -5.22 -26.68 -7.27
N LYS G 447 -4.44 -26.10 -6.37
CA LYS G 447 -3.65 -24.93 -6.72
C LYS G 447 -2.49 -25.32 -7.62
N TRP G 448 -1.82 -26.43 -7.32
CA TRP G 448 -0.68 -26.90 -8.09
C TRP G 448 -0.80 -28.40 -8.33
N LEU G 449 -0.18 -28.87 -9.41
CA LEU G 449 -0.11 -30.29 -9.70
C LEU G 449 1.29 -30.63 -10.19
N VAL G 450 1.79 -31.80 -9.82
CA VAL G 450 3.09 -32.27 -10.25
C VAL G 450 2.91 -33.54 -11.05
N ALA G 451 3.49 -33.58 -12.24
CA ALA G 451 3.45 -34.73 -13.14
C ALA G 451 4.85 -35.30 -13.23
N LEU G 452 5.01 -36.55 -12.79
CA LEU G 452 6.31 -37.20 -12.72
C LEU G 452 6.52 -38.04 -13.98
N SER G 453 7.44 -37.61 -14.85
CA SER G 453 7.74 -38.33 -16.09
C SER G 453 9.13 -38.95 -16.01
N LYS G 454 9.18 -40.27 -16.18
CA LYS G 454 10.42 -41.00 -15.94
C LYS G 454 11.50 -40.65 -16.95
N PHE G 455 11.11 -40.30 -18.17
CA PHE G 455 12.07 -40.00 -19.23
C PHE G 455 12.10 -38.50 -19.49
N SER G 456 13.31 -37.96 -19.66
CA SER G 456 13.50 -36.54 -19.91
C SER G 456 13.93 -36.22 -21.34
N LYS G 457 14.45 -37.20 -22.08
CA LYS G 457 14.88 -36.98 -23.46
C LYS G 457 15.83 -35.79 -23.55
N ASP G 458 15.46 -34.78 -24.34
CA ASP G 458 16.27 -33.59 -24.52
C ASP G 458 15.76 -32.39 -23.72
N ARG G 459 14.85 -32.62 -22.77
CA ARG G 459 14.32 -31.51 -21.97
C ARG G 459 15.41 -30.84 -21.15
N PHE G 460 16.38 -31.62 -20.67
CA PHE G 460 17.45 -31.13 -19.81
C PHE G 460 18.80 -31.51 -20.41
N LEU G 461 19.79 -30.64 -20.22
CA LEU G 461 21.14 -30.78 -20.74
C LEU G 461 21.68 -32.19 -20.52
N PRO G 462 22.43 -32.73 -21.48
CA PRO G 462 22.94 -34.10 -21.33
C PRO G 462 23.81 -34.25 -20.10
N VAL G 463 23.57 -35.31 -19.34
CA VAL G 463 24.34 -35.59 -18.13
C VAL G 463 24.90 -37.00 -18.19
N GLY G 464 25.14 -37.50 -19.39
CA GLY G 464 25.71 -38.83 -19.57
C GLY G 464 24.66 -39.87 -19.83
N PRO G 465 25.01 -41.14 -19.62
CA PRO G 465 24.05 -42.22 -19.78
C PRO G 465 22.81 -42.01 -18.93
N LEU G 466 23.04 -41.77 -17.64
CA LEU G 466 21.95 -41.56 -16.71
C LEU G 466 21.14 -40.35 -17.13
N HIS G 467 19.81 -40.46 -17.09
CA HIS G 467 19.01 -39.29 -17.37
C HIS G 467 18.01 -39.04 -16.26
N PRO G 468 17.93 -37.81 -15.76
CA PRO G 468 17.06 -37.51 -14.62
C PRO G 468 15.59 -37.63 -14.97
N GLU G 469 14.77 -37.93 -13.95
CA GLU G 469 13.33 -37.81 -14.08
C GLU G 469 12.95 -36.35 -14.23
N ASN G 470 11.91 -36.07 -15.01
CA ASN G 470 11.39 -34.71 -15.13
C ASN G 470 10.08 -34.62 -14.35
N ASP G 471 10.06 -33.78 -13.33
CA ASP G 471 8.83 -33.51 -12.59
C ASP G 471 8.34 -32.12 -12.97
N GLN G 472 7.13 -32.07 -13.50
CA GLN G 472 6.59 -30.89 -14.14
C GLN G 472 5.51 -30.27 -13.26
N LEU G 473 5.64 -28.98 -12.99
CA LEU G 473 4.66 -28.26 -12.18
C LEU G 473 3.67 -27.57 -13.11
N ILE G 474 2.39 -27.93 -12.96
CA ILE G 474 1.29 -27.45 -13.79
C ILE G 474 0.30 -26.74 -12.87
N ASP G 475 -0.05 -25.50 -13.22
CA ASP G 475 -1.08 -24.78 -12.49
C ASP G 475 -2.45 -25.26 -12.97
N ILE G 476 -3.22 -25.84 -12.06
CA ILE G 476 -4.57 -26.33 -12.38
C ILE G 476 -5.65 -25.54 -11.69
N SER G 477 -5.32 -24.41 -11.04
CA SER G 477 -6.35 -23.56 -10.46
C SER G 477 -7.27 -23.02 -11.55
N GLY G 478 -6.68 -22.56 -12.66
CA GLY G 478 -7.48 -22.16 -13.80
C GLY G 478 -8.18 -23.36 -14.42
N ASP G 479 -9.26 -23.08 -15.15
CA ASP G 479 -10.03 -24.16 -15.75
C ASP G 479 -9.17 -24.98 -16.71
N GLU G 480 -8.35 -24.32 -17.51
CA GLU G 480 -7.40 -25.01 -18.37
C GLU G 480 -6.13 -25.36 -17.58
N MET G 481 -5.32 -26.24 -18.16
CA MET G 481 -4.04 -26.59 -17.58
C MET G 481 -2.95 -25.73 -18.22
N LYS G 482 -2.11 -25.13 -17.38
CA LYS G 482 -0.95 -24.40 -17.86
C LYS G 482 0.29 -24.96 -17.18
N LEU G 483 1.25 -25.43 -17.98
CA LEU G 483 2.45 -26.07 -17.46
C LEU G 483 3.44 -24.97 -17.10
N VAL G 484 3.52 -24.63 -15.82
CA VAL G 484 4.26 -23.45 -15.42
C VAL G 484 5.77 -23.72 -15.42
N HIS G 485 6.20 -24.87 -14.92
CA HIS G 485 7.64 -25.01 -14.72
C HIS G 485 8.03 -26.48 -14.85
N ASP G 486 9.31 -26.73 -15.13
CA ASP G 486 9.86 -28.07 -15.21
C ASP G 486 11.02 -28.21 -14.23
N GLY G 487 11.24 -29.43 -13.74
CA GLY G 487 12.37 -29.68 -12.88
C GLY G 487 13.01 -31.03 -13.13
N PRO G 488 14.33 -31.12 -12.99
CA PRO G 488 14.99 -32.43 -12.97
C PRO G 488 15.13 -32.95 -11.56
N THR G 489 14.74 -34.21 -11.35
CA THR G 489 14.92 -34.91 -10.09
C THR G 489 15.64 -36.22 -10.35
N PHE G 490 16.67 -36.49 -9.56
CA PHE G 490 17.52 -37.66 -9.78
C PHE G 490 16.97 -38.88 -9.05
N ALA G 491 17.27 -40.05 -9.59
CA ALA G 491 16.96 -41.35 -8.97
C ALA G 491 15.45 -41.60 -8.86
N GLU G 492 14.68 -41.11 -9.83
CA GLU G 492 13.24 -41.36 -9.91
C GLU G 492 12.47 -41.23 -8.60
N PRO G 493 12.16 -40.02 -8.17
CA PRO G 493 11.08 -39.87 -7.20
C PRO G 493 9.81 -40.51 -7.72
N HIS G 494 9.39 -41.64 -7.14
CA HIS G 494 8.23 -42.35 -7.67
C HIS G 494 6.94 -41.58 -7.40
N ASP G 495 6.84 -40.92 -6.26
CA ASP G 495 5.59 -40.29 -5.86
C ASP G 495 5.93 -39.02 -5.09
N CYS G 496 4.89 -38.23 -4.80
CA CYS G 496 5.06 -36.97 -4.09
C CYS G 496 3.85 -36.74 -3.19
N ILE G 497 4.06 -35.95 -2.15
CA ILE G 497 2.98 -35.49 -1.28
C ILE G 497 3.19 -34.00 -1.04
N MET G 498 2.10 -33.30 -0.74
CA MET G 498 2.14 -31.86 -0.59
C MET G 498 1.47 -31.45 0.71
N ALA G 499 1.93 -30.34 1.28
CA ALA G 499 1.31 -29.77 2.47
C ALA G 499 1.47 -28.25 2.41
N ARG G 500 0.61 -27.56 3.14
CA ARG G 500 0.75 -26.11 3.21
C ARG G 500 1.81 -25.74 4.24
N ARG G 501 2.29 -24.50 4.14
CA ARG G 501 3.27 -24.01 5.10
C ARG G 501 2.68 -24.01 6.51
N ASP G 502 1.40 -23.66 6.64
CA ASP G 502 0.75 -23.64 7.94
C ASP G 502 0.65 -25.03 8.53
N GLN G 503 0.44 -26.04 7.67
CA GLN G 503 0.18 -27.39 8.16
C GLN G 503 1.39 -27.98 8.88
N ILE G 504 2.60 -27.67 8.39
CA ILE G 504 3.82 -28.27 8.92
C ILE G 504 4.48 -27.30 9.87
N LYS G 505 4.68 -27.71 11.11
CA LYS G 505 5.39 -26.94 12.12
C LYS G 505 6.63 -27.70 12.56
N THR G 506 7.74 -26.99 12.68
CA THR G 506 9.04 -27.59 12.95
C THR G 506 9.61 -27.06 14.26
N LYS G 507 10.86 -27.43 14.54
CA LYS G 507 11.57 -26.98 15.73
C LYS G 507 12.87 -26.33 15.29
N LYS G 508 13.06 -25.06 15.66
CA LYS G 508 14.27 -24.35 15.26
C LYS G 508 15.51 -25.00 15.85
N ILE G 509 15.46 -25.37 17.12
CA ILE G 509 16.53 -26.09 17.79
C ILE G 509 15.93 -27.28 18.51
N TRP G 510 16.76 -28.30 18.75
CA TRP G 510 16.29 -29.49 19.44
C TRP G 510 15.90 -29.16 20.88
N ASP G 511 15.11 -30.04 21.46
CA ASP G 511 14.94 -30.10 22.89
C ASP G 511 15.86 -31.18 23.43
N ARG G 512 15.92 -31.31 24.75
CA ARG G 512 16.75 -32.33 25.37
C ARG G 512 15.93 -33.40 26.05
N ASN G 513 14.61 -33.33 25.95
CA ASN G 513 13.71 -34.42 26.30
C ASN G 513 13.30 -35.24 25.08
N ASP G 514 13.86 -34.92 23.91
CA ASP G 514 13.43 -35.53 22.67
C ASP G 514 13.71 -37.03 22.70
N PRO G 515 12.72 -37.86 22.33
CA PRO G 515 12.96 -39.31 22.30
C PRO G 515 14.06 -39.74 21.35
N PHE G 516 14.30 -38.98 20.27
CA PHE G 516 15.24 -39.38 19.22
C PHE G 516 16.57 -39.89 19.74
N PHE G 517 17.12 -39.22 20.76
CA PHE G 517 18.38 -39.62 21.36
C PHE G 517 18.20 -39.89 22.85
N ALA G 518 17.01 -40.34 23.23
CA ALA G 518 16.80 -40.81 24.59
C ALA G 518 17.68 -42.00 24.96
N PRO G 519 17.91 -42.98 24.08
CA PRO G 519 18.89 -44.04 24.43
C PRO G 519 20.24 -43.51 24.87
N THR G 520 20.84 -42.60 24.09
CA THR G 520 22.17 -42.11 24.43
C THR G 520 22.16 -41.40 25.79
N VAL G 521 21.13 -40.59 26.04
CA VAL G 521 21.01 -39.94 27.34
C VAL G 521 20.94 -40.99 28.43
N GLU G 522 20.21 -42.08 28.19
CA GLU G 522 20.15 -43.15 29.17
C GLU G 522 21.54 -43.72 29.43
N MET G 523 22.34 -43.88 28.37
CA MET G 523 23.71 -44.32 28.55
C MET G 523 24.46 -43.37 29.47
N ALA G 524 24.22 -42.07 29.33
CA ALA G 524 24.86 -41.10 30.21
C ALA G 524 24.44 -41.32 31.65
N LYS G 525 23.18 -41.69 31.88
CA LYS G 525 22.76 -42.01 33.24
C LYS G 525 23.50 -43.24 33.75
N LYS G 526 23.77 -44.21 32.87
CA LYS G 526 24.49 -45.41 33.26
C LYS G 526 25.88 -45.08 33.79
N ASP G 527 26.43 -43.93 33.43
CA ASP G 527 27.74 -43.51 33.90
C ASP G 527 27.69 -42.33 34.86
N GLY G 528 26.51 -41.79 35.16
CA GLY G 528 26.40 -40.61 35.99
C GLY G 528 27.05 -39.39 35.37
N ILE G 529 26.77 -39.17 34.09
CA ILE G 529 27.36 -38.08 33.32
C ILE G 529 26.25 -37.15 32.87
N ASN G 530 26.40 -35.86 33.16
CA ASN G 530 25.48 -34.85 32.67
C ASN G 530 26.01 -34.36 31.33
N LEU G 531 25.32 -34.70 30.24
CA LEU G 531 25.78 -34.33 28.92
C LEU G 531 25.81 -32.82 28.72
N ASP G 532 25.03 -32.08 29.52
CA ASP G 532 24.88 -30.65 29.29
C ASP G 532 26.18 -29.90 29.55
N THR G 533 26.94 -30.27 30.57
CA THR G 533 28.12 -29.51 30.94
C THR G 533 29.40 -30.33 31.08
N ASP G 534 29.33 -31.64 31.26
CA ASP G 534 30.53 -32.42 31.50
C ASP G 534 31.31 -32.65 30.20
N ASN G 535 32.63 -32.76 30.35
CA ASN G 535 33.54 -33.09 29.26
C ASN G 535 34.54 -34.09 29.84
N LYS G 536 34.23 -35.37 29.73
CA LYS G 536 35.01 -36.42 30.38
C LYS G 536 35.28 -37.57 29.44
N VAL G 537 36.33 -38.31 29.76
CA VAL G 537 36.66 -39.56 29.08
C VAL G 537 36.60 -40.68 30.10
N ILE G 538 35.83 -41.72 29.80
CA ILE G 538 35.77 -42.93 30.61
C ILE G 538 36.43 -44.05 29.81
N ARG G 539 37.05 -44.99 30.53
CA ARG G 539 37.78 -46.07 29.87
C ARG G 539 37.66 -47.32 30.74
N ASP G 540 36.89 -48.30 30.25
CA ASP G 540 36.69 -49.56 30.94
C ASP G 540 37.11 -50.68 30.00
N GLY G 541 38.19 -51.38 30.36
CA GLY G 541 38.67 -52.45 29.51
C GLY G 541 39.08 -51.92 28.15
N ASN G 542 38.51 -52.53 27.10
CA ASN G 542 38.76 -52.11 25.74
C ASN G 542 37.64 -51.24 25.19
N LYS G 543 36.81 -50.67 26.05
CA LYS G 543 35.75 -49.75 25.64
C LYS G 543 36.02 -48.39 26.26
N VAL G 544 36.31 -47.40 25.42
CA VAL G 544 36.52 -46.03 25.84
C VAL G 544 35.36 -45.19 25.33
N ARG G 545 34.75 -44.43 26.23
CA ARG G 545 33.68 -43.50 25.88
C ARG G 545 34.17 -42.08 26.13
N VAL G 546 33.81 -41.16 25.22
CA VAL G 546 34.25 -39.79 25.37
C VAL G 546 33.03 -38.88 25.37
N TYR G 547 32.50 -38.59 26.54
CA TYR G 547 31.39 -37.64 26.62
C TYR G 547 31.94 -36.23 26.54
N MET G 548 31.28 -35.38 25.75
CA MET G 548 31.79 -34.03 25.57
C MET G 548 30.67 -33.10 25.14
N THR G 549 30.93 -31.82 25.30
CA THR G 549 30.06 -30.76 24.82
C THR G 549 30.79 -30.01 23.71
N SER G 550 30.05 -29.54 22.72
CA SER G 550 30.66 -28.82 21.62
C SER G 550 29.87 -27.55 21.38
N MET G 551 30.55 -26.41 21.49
CA MET G 551 29.98 -25.13 21.12
C MET G 551 30.98 -24.44 20.21
N ALA G 552 30.46 -23.81 19.16
CA ALA G 552 31.32 -23.19 18.18
C ALA G 552 32.24 -22.18 18.86
N PRO G 553 33.54 -22.16 18.53
CA PRO G 553 34.30 -22.99 17.62
C PRO G 553 35.29 -23.93 18.29
N ALA G 554 34.91 -24.59 19.38
CA ALA G 554 35.87 -25.37 20.13
C ALA G 554 35.19 -26.58 20.76
N PHE G 555 35.79 -27.75 20.56
CA PHE G 555 35.30 -28.96 21.20
C PHE G 555 35.58 -28.91 22.69
N GLY G 556 34.67 -29.48 23.49
CA GLY G 556 34.88 -29.53 24.92
C GLY G 556 36.11 -30.33 25.31
N VAL G 557 36.33 -31.46 24.65
CA VAL G 557 37.52 -32.27 24.83
C VAL G 557 38.34 -32.18 23.55
N GLN G 558 39.52 -31.58 23.63
CA GLN G 558 40.37 -31.40 22.47
C GLN G 558 41.50 -32.41 22.40
N GLU G 559 41.50 -33.41 23.29
CA GLU G 559 42.46 -34.49 23.26
C GLU G 559 42.00 -35.64 24.15
N PHE G 560 41.92 -36.84 23.59
CA PHE G 560 41.67 -38.03 24.39
C PHE G 560 42.62 -39.13 23.95
N THR G 561 43.26 -39.78 24.93
CA THR G 561 44.28 -40.79 24.66
C THR G 561 43.67 -42.17 24.83
N VAL G 562 43.71 -42.96 23.76
CA VAL G 562 43.19 -44.32 23.76
C VAL G 562 44.26 -45.25 23.23
N LYS G 563 44.20 -46.50 23.65
CA LYS G 563 45.11 -47.52 23.15
C LYS G 563 44.48 -48.24 21.97
N GLN G 564 45.34 -48.78 21.11
CA GLN G 564 44.88 -49.41 19.88
C GLN G 564 43.93 -50.56 20.18
N GLY G 565 42.95 -50.73 19.29
CA GLY G 565 42.02 -51.84 19.41
C GLY G 565 40.84 -51.59 20.32
N ASP G 566 40.64 -50.35 20.77
CA ASP G 566 39.51 -50.03 21.64
C ASP G 566 38.37 -49.44 20.82
N GLU G 567 37.16 -49.93 21.08
CA GLU G 567 35.98 -49.32 20.50
C GLU G 567 35.71 -48.02 21.23
N VAL G 568 36.04 -46.90 20.60
CA VAL G 568 35.86 -45.58 21.19
C VAL G 568 34.50 -45.05 20.75
N THR G 569 33.69 -44.65 21.73
CA THR G 569 32.32 -44.20 21.50
C THR G 569 32.30 -42.70 21.77
N VAL G 570 32.53 -41.91 20.73
CA VAL G 570 32.50 -40.46 20.90
C VAL G 570 31.05 -40.02 21.04
N THR G 571 30.70 -39.50 22.22
CA THR G 571 29.37 -38.97 22.49
C THR G 571 29.51 -37.47 22.69
N ILE G 572 28.96 -36.71 21.75
CA ILE G 572 29.18 -35.27 21.67
C ILE G 572 27.83 -34.57 21.64
N THR G 573 27.68 -33.55 22.50
CA THR G 573 26.45 -32.80 22.69
C THR G 573 26.68 -31.34 22.29
N ASN G 574 25.65 -30.71 21.75
CA ASN G 574 25.70 -29.31 21.34
C ASN G 574 25.09 -28.46 22.45
N ILE G 575 25.89 -27.57 23.03
CA ILE G 575 25.42 -26.70 24.10
C ILE G 575 25.16 -25.31 23.53
N ASP G 576 24.91 -25.22 22.23
CA ASP G 576 24.71 -23.96 21.53
C ASP G 576 23.23 -23.79 21.28
N GLN G 577 22.69 -22.62 21.64
CA GLN G 577 21.25 -22.37 21.53
C GLN G 577 20.91 -21.42 20.39
N ILE G 578 21.86 -21.09 19.54
CA ILE G 578 21.60 -20.24 18.37
C ILE G 578 21.19 -21.12 17.20
N GLU G 579 20.07 -20.76 16.59
CA GLU G 579 19.52 -21.51 15.47
C GLU G 579 20.50 -21.53 14.30
N ASP G 580 20.53 -22.65 13.57
CA ASP G 580 21.24 -22.91 12.33
C ASP G 580 22.73 -23.12 12.60
N VAL G 581 23.22 -22.82 13.80
CA VAL G 581 24.62 -23.07 14.10
C VAL G 581 24.78 -24.55 14.41
N SER G 582 25.11 -25.34 13.40
CA SER G 582 25.31 -26.77 13.52
C SER G 582 26.79 -27.10 13.41
N HIS G 583 27.23 -28.09 14.16
CA HIS G 583 28.61 -28.53 14.13
C HIS G 583 28.70 -29.92 13.53
N GLY G 584 29.93 -30.33 13.23
CA GLY G 584 30.17 -31.66 12.73
C GLY G 584 31.33 -32.32 13.45
N PHE G 585 31.34 -33.64 13.39
CA PHE G 585 32.42 -34.43 13.95
C PHE G 585 32.90 -35.39 12.86
N VAL G 586 34.11 -35.14 12.34
CA VAL G 586 34.70 -35.98 11.31
C VAL G 586 36.09 -36.39 11.76
N VAL G 587 36.29 -37.69 11.90
CA VAL G 587 37.61 -38.23 12.23
C VAL G 587 38.31 -38.58 10.94
N VAL G 588 39.53 -38.07 10.77
CA VAL G 588 40.23 -38.22 9.51
C VAL G 588 40.72 -39.67 9.35
N ASN G 589 40.39 -40.28 8.22
CA ASN G 589 40.79 -41.64 7.83
C ASN G 589 40.20 -42.73 8.71
N HIS G 590 39.11 -42.46 9.43
CA HIS G 590 38.43 -43.50 10.20
C HIS G 590 36.99 -43.71 9.76
N GLY G 591 36.55 -43.05 8.68
CA GLY G 591 35.19 -43.23 8.23
C GLY G 591 34.15 -42.85 9.25
N VAL G 592 34.36 -41.74 9.95
CA VAL G 592 33.50 -41.30 11.03
C VAL G 592 33.07 -39.87 10.75
N SER G 593 31.79 -39.68 10.48
CA SER G 593 31.22 -38.35 10.25
C SER G 593 29.84 -38.28 10.87
N MET G 594 29.58 -37.20 11.61
CA MET G 594 28.23 -36.92 12.10
C MET G 594 27.96 -35.42 12.02
N GLU G 595 26.68 -35.10 11.93
CA GLU G 595 26.13 -33.76 12.09
C GLU G 595 25.54 -33.61 13.48
N ILE G 596 25.61 -32.39 14.00
CA ILE G 596 25.14 -32.10 15.36
C ILE G 596 24.39 -30.78 15.31
N SER G 597 23.07 -30.84 15.33
CA SER G 597 22.27 -29.66 15.40
C SER G 597 22.34 -29.09 16.81
N PRO G 598 21.95 -27.82 17.00
CA PRO G 598 21.94 -27.26 18.35
C PRO G 598 21.11 -28.11 19.30
N GLN G 599 21.62 -28.27 20.52
CA GLN G 599 20.98 -29.05 21.57
C GLN G 599 20.81 -30.52 21.21
N GLN G 600 21.61 -31.04 20.28
CA GLN G 600 21.55 -32.44 19.89
C GLN G 600 22.71 -33.21 20.50
N THR G 601 22.47 -34.49 20.75
CA THR G 601 23.48 -35.41 21.25
C THR G 601 23.65 -36.54 20.25
N SER G 602 24.89 -36.78 19.82
CA SER G 602 25.15 -37.87 18.88
C SER G 602 26.38 -38.64 19.32
N SER G 603 26.33 -39.96 19.17
CA SER G 603 27.41 -40.83 19.60
C SER G 603 27.73 -41.83 18.50
N ILE G 604 29.01 -41.93 18.14
CA ILE G 604 29.45 -42.89 17.14
C ILE G 604 30.53 -43.78 17.74
N THR G 605 30.40 -45.08 17.53
CA THR G 605 31.41 -46.05 17.92
C THR G 605 32.31 -46.36 16.73
N PHE G 606 33.62 -46.25 16.92
CA PHE G 606 34.56 -46.70 15.89
C PHE G 606 35.79 -47.30 16.55
N VAL G 607 36.55 -48.06 15.77
CA VAL G 607 37.73 -48.76 16.26
C VAL G 607 38.98 -48.01 15.83
N ALA G 608 39.89 -47.80 16.77
CA ALA G 608 41.15 -47.10 16.51
C ALA G 608 42.20 -48.08 16.00
N ASP G 609 41.99 -48.57 14.78
CA ASP G 609 42.86 -49.61 14.23
C ASP G 609 44.28 -49.09 14.01
N LYS G 610 44.44 -47.87 13.50
CA LYS G 610 45.75 -47.35 13.16
C LYS G 610 46.32 -46.55 14.33
N PRO G 611 47.43 -46.96 14.92
CA PRO G 611 48.00 -46.20 16.04
C PRO G 611 48.68 -44.92 15.55
N GLY G 612 48.53 -43.86 16.33
CA GLY G 612 49.20 -42.62 16.02
C GLY G 612 48.37 -41.41 16.37
N LEU G 613 48.69 -40.29 15.75
CA LEU G 613 48.00 -39.03 15.98
C LEU G 613 47.02 -38.81 14.84
N HIS G 614 45.74 -38.76 15.15
CA HIS G 614 44.69 -38.58 14.14
C HIS G 614 43.90 -37.32 14.45
N TRP G 615 44.09 -36.31 13.61
CA TRP G 615 43.26 -35.11 13.70
C TRP G 615 41.82 -35.44 13.37
N TYR G 616 40.89 -34.85 14.12
CA TYR G 616 39.47 -34.84 13.79
C TYR G 616 38.99 -33.40 13.79
N TYR G 617 38.27 -33.01 12.75
CA TYR G 617 37.85 -31.63 12.58
C TYR G 617 36.33 -31.53 12.62
N CYS G 618 35.83 -30.34 12.33
CA CYS G 618 34.39 -30.09 12.30
C CYS G 618 33.96 -29.96 10.84
N SER G 619 32.86 -30.63 10.49
CA SER G 619 32.45 -30.63 9.10
C SER G 619 31.58 -29.43 8.77
N TRP G 620 30.45 -29.28 9.45
CA TRP G 620 29.55 -28.17 9.15
C TRP G 620 30.15 -26.86 9.62
N PHE G 621 30.35 -25.95 8.68
CA PHE G 621 30.88 -24.63 9.01
C PHE G 621 29.94 -23.92 9.96
N CYS G 622 30.48 -23.44 11.08
CA CYS G 622 29.65 -22.94 12.16
C CYS G 622 30.14 -21.65 12.79
N HIS G 623 31.35 -21.20 12.49
CA HIS G 623 31.92 -20.06 13.18
C HIS G 623 33.01 -19.49 12.28
N ALA G 624 33.40 -18.25 12.56
CA ALA G 624 34.42 -17.61 11.75
C ALA G 624 35.74 -18.36 11.83
N LEU G 625 36.22 -18.61 13.05
CA LEU G 625 37.42 -19.40 13.26
C LEU G 625 37.08 -20.89 13.25
N HIS G 626 36.48 -21.31 12.13
CA HIS G 626 36.19 -22.73 11.94
C HIS G 626 37.47 -23.54 11.83
N MET G 627 38.52 -22.93 11.28
CA MET G 627 39.86 -23.48 11.20
C MET G 627 40.32 -24.16 12.50
N GLU G 628 39.99 -23.62 13.65
CA GLU G 628 40.55 -24.18 14.90
C GLU G 628 39.57 -25.07 15.60
N MET G 629 38.42 -25.37 15.00
CA MET G 629 37.52 -26.35 15.63
C MET G 629 38.05 -27.76 15.34
N VAL G 630 39.30 -27.98 15.74
CA VAL G 630 39.98 -29.24 15.52
C VAL G 630 40.35 -29.86 16.86
N GLY G 631 40.50 -31.16 16.85
CA GLY G 631 40.97 -31.89 18.02
C GLY G 631 41.88 -33.00 17.55
N ARG G 632 42.77 -33.42 18.42
CA ARG G 632 43.76 -34.44 18.10
C ARG G 632 43.50 -35.67 18.95
N MET G 633 43.33 -36.83 18.31
CA MET G 633 43.13 -38.09 19.01
C MET G 633 44.45 -38.84 19.03
N MET G 634 44.91 -39.15 20.24
CA MET G 634 46.23 -39.73 20.49
C MET G 634 46.05 -41.21 20.75
N VAL G 635 46.27 -42.04 19.73
CA VAL G 635 46.02 -43.47 19.84
C VAL G 635 47.36 -44.16 20.11
N GLU G 636 47.46 -44.82 21.26
CA GLU G 636 48.71 -45.41 21.72
C GLU G 636 48.99 -46.70 20.96
N PRO G 637 50.23 -46.92 20.52
CA PRO G 637 50.55 -48.19 19.85
C PRO G 637 50.37 -49.36 20.80
N ALA G 638 49.98 -50.49 20.23
CA ALA G 638 49.77 -51.71 21.01
C ALA G 638 51.10 -52.23 21.57
MG MG H . -38.36 51.50 -16.28
PG ATP I . -39.82 50.37 -18.93
O1G ATP I . -40.65 50.67 -20.13
O2G ATP I . -40.33 49.22 -18.14
O3G ATP I . -39.55 51.56 -18.08
PB ATP I . -37.12 50.44 -18.70
O1B ATP I . -36.92 51.87 -19.06
O2B ATP I . -37.30 50.05 -17.28
O3B ATP I . -38.41 49.94 -19.49
PA ATP I . -35.00 50.19 -20.48
O1A ATP I . -35.95 50.73 -21.49
O2A ATP I . -34.01 51.10 -19.86
O3A ATP I . -35.92 49.60 -19.33
O5' ATP I . -34.26 48.92 -21.10
C5' ATP I . -33.89 49.09 -22.48
C4' ATP I . -33.59 47.75 -23.12
O4' ATP I . -32.31 47.28 -22.62
C3' ATP I . -34.59 46.62 -22.85
O3' ATP I . -34.59 45.73 -23.95
C2' ATP I . -33.93 45.89 -21.69
O2' ATP I . -34.39 44.56 -21.60
C1' ATP I . -32.47 45.98 -22.10
N9 ATP I . -31.54 45.85 -21.00
C8 ATP I . -31.59 46.48 -19.79
N7 ATP I . -30.58 46.15 -19.01
C5 ATP I . -29.84 45.25 -19.77
C6 ATP I . -28.66 44.53 -19.51
N6 ATP I . -27.98 44.62 -18.37
N1 ATP I . -28.19 43.73 -20.49
C2 ATP I . -28.88 43.64 -21.63
N3 ATP I . -30.00 44.27 -21.99
C4 ATP I . -30.43 45.06 -21.00
MG MG J . -50.75 44.89 -3.39
PG ATP K . -50.56 47.52 -2.04
O1G ATP K . -51.93 47.61 -2.64
O2G ATP K . -50.02 48.85 -1.68
O3G ATP K . -49.63 46.67 -2.85
PB ATP K . -51.88 45.67 -0.47
O1B ATP K . -53.07 46.37 0.06
O2B ATP K . -51.99 44.89 -1.72
O3B ATP K . -50.73 46.73 -0.70
PA ATP K . -52.05 44.05 1.80
O1A ATP K . -52.80 45.10 2.54
O2A ATP K . -52.81 42.96 1.13
O3A ATP K . -51.22 44.77 0.67
O5' ATP K . -50.94 43.43 2.75
C5' ATP K . -50.40 44.37 3.72
C4' ATP K . -51.03 44.12 5.06
O4' ATP K . -50.99 42.70 5.33
C3' ATP K . -50.25 44.72 6.23
O3' ATP K . -51.06 44.78 7.39
C2' ATP K . -49.15 43.68 6.37
O2' ATP K . -48.47 43.74 7.61
C1' ATP K . -49.98 42.42 6.26
N9 ATP K . -49.25 41.25 5.81
C8 ATP K . -49.15 40.76 4.53
N7 ATP K . -48.41 39.69 4.46
C5 ATP K . -47.98 39.47 5.76
C6 ATP K . -47.16 38.49 6.34
N6 ATP K . -46.60 37.50 5.66
N1 ATP K . -46.95 38.57 7.68
C2 ATP K . -47.52 39.57 8.36
N3 ATP K . -48.31 40.55 7.92
C4 ATP K . -48.50 40.44 6.59
CA CA L . 48.22 -18.10 11.86
CA CA M . -2.67 -60.05 -14.31
#